data_6BT3
#
_entry.id   6BT3
#
loop_
_entity.id
_entity.type
_entity.pdbx_description
1 polymer 'V5 Fab Light-chain'
2 polymer 'V5 Fab Heavy-chain'
3 polymer 'Major capsid protein L1'
#
loop_
_entity_poly.entity_id
_entity_poly.type
_entity_poly.pdbx_seq_one_letter_code
_entity_poly.pdbx_strand_id
1 'polypeptide(L)'
;DIVMTQSPSSLAMSVGQKVTMSCKSSQSLLDSRNQKNYLAWYQQKPGQSPKLLVYFASTRESGVPDRFIGSGSGTDFTLT
ISSVQAEDLADYFCQQHYSTPLTFGAGTKLELKRADAAPTVSIFPPSSEQLTSGGASVVCFLNNFYPKDINVKWAIDGAE
RAGGVLNSFTGQDSKDSTYSMSSTLTLTKDEYERHASYTCEATHKTSTAPIVKSFNRGAA
;
A,C,E,G
2 'polypeptide(L)'
;EVKLEQSGAELARPGASVKLSCKASGYTFASYWMQWVKQRPGQGLEWIGAIYPGDGDTWYTQKFKGKATLTADKSSSTAY
MQLSSLASEDSAVYYCARPPYYYGTTYYFDYWGQGTTLTVSGAKTTAPSVYPLAPAAGAAGAGSSVTLGCLVKGYFPEPV
TLTWNSGSLSSGVHTFPAVLADLYTLSSSVTVTSSTWPAESITCNVAHPASSTKVDKKIEPRG
;
B,D,F,H
3 'polypeptide(L)'
;MSLWLPSEATVYLPPVPVSKVVSTDEYVARTNIYYHAGTSRLLAVGHPYFPIKKPNNNKILVPKVSGLQYRVFRIHLPDP
NKFGFPDTSFYNPDTQRLVWACVGVEVGRGQPLGVGISGHPLLNKLDDTENASAYAANAGVDNRECISMDYKQTQLCLIG
CKPPIGEHWGKGSPCTNVAVNPGDCPPLELINTVIQDGDMVDTGFGAMDFTTLQANKSEVPLDICTSICKYPDYIKMVSE
PYGDSLFFYLRREQMFVRHLFNRAGAVGENVPDDLYIKGSGSTANLASSNYFPTPSGSMVTSDAQIFNKPYWLQRAQGHN
NGICWGNQLFVTVVDTTRSTNMSLCAAISTSETTYKNTNFKEYLRHGEEYDLQFIFQLCKITLTADVMTYIHSMNSTILE
DWNFGLQPPPGGTLEDTYRFVTSQAIACQKHTPPAPKEDPLKKYTFWEVNLKEKFSADLDQFPLGRKFLLQAGLKAKPKF
TLGKRKATPTTSSTSTTAKRKKR
;
I,J,K,L,M,N
#
# COMPACT_ATOMS: atom_id res chain seq x y z
N ASP A 1 -20.62 37.02 -13.24
CA ASP A 1 -21.44 38.18 -12.91
C ASP A 1 -20.61 39.20 -12.13
N ILE A 2 -19.34 38.90 -11.96
CA ILE A 2 -18.43 39.80 -11.28
C ILE A 2 -18.04 40.91 -12.26
N VAL A 3 -17.29 41.90 -11.80
CA VAL A 3 -16.92 43.06 -12.60
C VAL A 3 -15.43 43.31 -12.45
N MET A 4 -14.79 43.66 -13.55
CA MET A 4 -13.38 44.01 -13.59
C MET A 4 -13.23 45.50 -13.84
N THR A 5 -12.28 46.12 -13.17
CA THR A 5 -11.95 47.53 -13.38
C THR A 5 -10.54 47.62 -13.94
N GLN A 6 -10.41 48.23 -15.10
CA GLN A 6 -9.15 48.32 -15.82
C GLN A 6 -8.70 49.77 -15.82
N SER A 7 -7.63 50.06 -15.11
CA SER A 7 -7.11 51.42 -15.02
C SER A 7 -5.58 51.43 -15.05
N PRO A 8 -4.98 52.58 -15.38
CA PRO A 8 -5.54 53.85 -15.85
C PRO A 8 -5.94 53.81 -17.31
N SER A 9 -6.74 54.79 -17.74
CA SER A 9 -7.20 54.81 -19.12
C SER A 9 -6.04 54.93 -20.10
N SER A 10 -5.18 55.94 -19.91
CA SER A 10 -4.10 56.18 -20.86
C SER A 10 -2.91 56.81 -20.15
N LEU A 11 -1.71 56.47 -20.63
CA LEU A 11 -0.48 57.01 -20.07
C LEU A 11 0.50 57.35 -21.19
N ALA A 12 0.93 58.61 -21.24
CA ALA A 12 2.08 58.99 -22.05
C ALA A 12 3.38 58.66 -21.31
N MET A 13 4.44 58.45 -22.06
CA MET A 13 5.67 57.92 -21.48
C MET A 13 6.83 58.17 -22.42
N SER A 14 7.98 57.59 -22.09
CA SER A 14 9.18 57.70 -22.90
C SER A 14 9.87 56.34 -22.98
N VAL A 15 10.84 56.23 -23.88
CA VAL A 15 11.46 54.93 -24.15
C VAL A 15 12.07 54.37 -22.88
N GLY A 16 12.01 53.05 -22.76
CA GLY A 16 12.67 52.35 -21.68
C GLY A 16 12.06 52.54 -20.31
N GLN A 17 11.07 53.42 -20.18
CA GLN A 17 10.51 53.70 -18.86
C GLN A 17 9.75 52.48 -18.34
N LYS A 18 9.58 52.46 -17.03
CA LYS A 18 8.88 51.38 -16.34
C LYS A 18 7.51 51.91 -15.92
N VAL A 19 6.47 51.42 -16.58
CA VAL A 19 5.11 51.90 -16.33
C VAL A 19 4.25 50.72 -15.92
N THR A 20 3.26 51.01 -15.08
CA THR A 20 2.42 49.98 -14.49
C THR A 20 0.95 50.37 -14.58
N MET A 21 0.18 49.63 -15.36
CA MET A 21 -1.27 49.71 -15.31
C MET A 21 -1.81 48.90 -14.14
N SER A 22 -3.02 49.22 -13.72
CA SER A 22 -3.63 48.61 -12.56
C SER A 22 -4.76 47.68 -12.96
N CYS A 23 -4.99 46.66 -12.12
CA CYS A 23 -6.09 45.72 -12.29
C CYS A 23 -6.94 45.76 -11.03
N LYS A 24 -8.26 45.84 -11.21
CA LYS A 24 -9.16 45.93 -10.06
C LYS A 24 -10.44 45.14 -10.33
N SER A 25 -10.90 44.42 -9.31
CA SER A 25 -12.12 43.63 -9.45
C SER A 25 -12.73 43.36 -8.08
N SER A 26 -14.01 43.01 -8.10
CA SER A 26 -14.79 42.76 -6.90
C SER A 26 -14.21 41.65 -6.04
N GLN A 27 -14.32 40.40 -6.49
CA GLN A 27 -13.95 39.24 -5.70
C GLN A 27 -12.50 38.85 -5.96
N SER A 28 -12.11 37.67 -5.49
CA SER A 28 -10.74 37.19 -5.61
C SER A 28 -10.61 36.32 -6.84
N LEU A 29 -9.76 36.74 -7.78
CA LEU A 29 -9.28 35.84 -8.80
C LEU A 29 -8.44 34.71 -8.23
N LEU A 30 -8.13 34.77 -6.95
CA LEU A 30 -7.11 33.93 -6.35
C LEU A 30 -7.64 33.34 -5.06
N ASP A 31 -7.57 32.01 -4.96
CA ASP A 31 -7.59 31.31 -3.69
C ASP A 31 -6.46 30.31 -3.71
N SER A 32 -5.97 29.93 -2.53
CA SER A 32 -4.77 29.10 -2.45
C SER A 32 -5.18 27.67 -2.19
N ARG A 33 -5.13 26.86 -3.24
CA ARG A 33 -4.92 25.42 -3.17
C ARG A 33 -3.92 25.12 -4.27
N ASN A 34 -4.34 25.34 -5.50
CA ASN A 34 -3.44 25.52 -6.61
C ASN A 34 -3.05 26.98 -6.79
N GLN A 35 -3.51 27.85 -5.91
CA GLN A 35 -3.19 29.27 -5.95
C GLN A 35 -3.44 29.84 -7.34
N LYS A 36 -4.63 29.53 -7.86
CA LYS A 36 -4.96 29.97 -9.21
C LYS A 36 -5.28 31.44 -9.24
N ASN A 37 -4.57 32.18 -10.09
CA ASN A 37 -4.92 33.54 -10.43
C ASN A 37 -5.58 33.53 -11.80
N TYR A 38 -6.72 34.20 -11.91
CA TYR A 38 -7.51 34.15 -13.13
C TYR A 38 -7.32 35.36 -14.03
N LEU A 39 -6.44 36.28 -13.67
CA LEU A 39 -6.18 37.42 -14.53
C LEU A 39 -5.59 36.96 -15.86
N ALA A 40 -5.89 37.72 -16.90
CA ALA A 40 -5.35 37.51 -18.23
C ALA A 40 -4.74 38.80 -18.74
N TRP A 41 -3.98 38.70 -19.82
CA TRP A 41 -3.41 39.87 -20.45
C TRP A 41 -3.44 39.72 -21.96
N TYR A 42 -3.96 40.74 -22.64
CA TYR A 42 -4.05 40.75 -24.09
C TYR A 42 -3.55 42.07 -24.64
N GLN A 43 -2.76 41.99 -25.70
CA GLN A 43 -2.25 43.14 -26.41
C GLN A 43 -2.97 43.25 -27.74
N GLN A 44 -3.46 44.44 -28.05
CA GLN A 44 -4.07 44.70 -29.35
C GLN A 44 -3.52 46.01 -29.88
N LYS A 45 -2.80 45.92 -30.99
CA LYS A 45 -2.53 47.17 -31.71
C LYS A 45 -3.73 47.47 -32.60
N PRO A 46 -4.03 48.76 -32.80
CA PRO A 46 -5.28 49.14 -33.48
C PRO A 46 -5.39 48.48 -34.85
N GLY A 47 -6.57 47.97 -35.14
CA GLY A 47 -6.89 47.45 -36.45
C GLY A 47 -6.44 46.03 -36.71
N GLN A 48 -5.50 45.50 -35.95
CA GLN A 48 -5.04 44.15 -36.16
C GLN A 48 -5.67 43.23 -35.13
N SER A 49 -5.37 41.95 -35.26
CA SER A 49 -5.94 40.94 -34.37
C SER A 49 -5.32 41.08 -32.97
N PRO A 50 -6.11 40.98 -31.89
CA PRO A 50 -5.53 40.88 -30.56
C PRO A 50 -4.72 39.62 -30.38
N LYS A 51 -4.10 39.47 -29.21
CA LYS A 51 -3.24 38.32 -28.98
C LYS A 51 -3.15 38.10 -27.48
N LEU A 52 -2.66 36.91 -27.12
CA LEU A 52 -2.46 36.56 -25.72
C LEU A 52 -1.15 37.11 -25.20
N LEU A 53 -1.18 37.64 -23.98
CA LEU A 53 0.05 38.09 -23.33
C LEU A 53 0.37 37.21 -22.13
N VAL A 54 -0.33 37.36 -21.03
CA VAL A 54 -0.03 36.66 -19.79
C VAL A 54 -1.34 36.29 -19.12
N TYR A 55 -1.42 35.06 -18.65
CA TYR A 55 -2.54 34.62 -17.83
C TYR A 55 -2.05 34.36 -16.41
N PHE A 56 -2.97 33.89 -15.56
CA PHE A 56 -2.67 33.74 -14.15
C PHE A 56 -2.11 35.02 -13.58
N ALA A 57 -0.91 34.93 -13.03
CA ALA A 57 -0.15 36.08 -12.58
C ALA A 57 1.24 35.99 -13.17
N SER A 58 1.95 34.92 -12.84
CA SER A 58 3.35 34.78 -13.16
C SER A 58 3.60 34.11 -14.51
N THR A 59 2.56 33.87 -15.29
CA THR A 59 2.76 33.30 -16.62
C THR A 59 3.68 34.19 -17.45
N ARG A 60 4.54 33.56 -18.25
CA ARG A 60 5.26 34.25 -19.32
C ARG A 60 5.04 33.46 -20.60
N GLU A 61 4.31 34.05 -21.54
CA GLU A 61 3.97 33.33 -22.76
C GLU A 61 5.18 33.27 -23.68
N SER A 62 5.22 32.22 -24.49
CA SER A 62 6.33 32.05 -25.43
C SER A 62 6.40 33.22 -26.40
N GLY A 63 7.57 33.85 -26.47
CA GLY A 63 7.79 34.97 -27.35
C GLY A 63 7.63 36.34 -26.73
N VAL A 64 7.57 36.43 -25.41
CA VAL A 64 7.45 37.75 -24.76
C VAL A 64 8.67 38.00 -23.89
N PRO A 65 9.48 39.00 -24.21
CA PRO A 65 10.59 39.38 -23.33
C PRO A 65 10.08 39.92 -22.01
N ASP A 66 11.02 40.05 -21.07
CA ASP A 66 10.72 40.57 -19.74
C ASP A 66 10.25 42.02 -19.76
N ARG A 67 10.27 42.68 -20.93
CA ARG A 67 9.59 43.97 -21.04
C ARG A 67 8.15 43.86 -20.53
N PHE A 68 7.54 42.70 -20.70
CA PHE A 68 6.29 42.36 -20.03
C PHE A 68 6.58 41.29 -18.99
N ILE A 69 6.32 41.62 -17.72
CA ILE A 69 6.30 40.64 -16.65
C ILE A 69 5.07 40.92 -15.80
N GLY A 70 4.37 39.87 -15.41
CA GLY A 70 3.18 40.04 -14.62
C GLY A 70 3.47 40.59 -13.25
N SER A 71 2.41 41.03 -12.59
CA SER A 71 2.51 41.54 -11.23
C SER A 71 1.12 41.50 -10.61
N GLY A 72 1.00 42.07 -9.42
CA GLY A 72 -0.25 41.98 -8.69
C GLY A 72 -0.32 40.74 -7.83
N SER A 73 -1.10 40.84 -6.75
CA SER A 73 -1.27 39.73 -5.83
C SER A 73 -2.60 39.91 -5.12
N GLY A 74 -3.07 38.83 -4.49
CA GLY A 74 -4.35 38.89 -3.82
C GLY A 74 -5.51 39.02 -4.78
N THR A 75 -6.31 40.07 -4.61
CA THR A 75 -7.47 40.29 -5.49
C THR A 75 -7.07 41.15 -6.69
N ASP A 76 -6.87 42.43 -6.46
CA ASP A 76 -6.63 43.38 -7.54
C ASP A 76 -5.15 43.44 -7.87
N PHE A 77 -4.85 43.57 -9.15
CA PHE A 77 -3.49 43.32 -9.63
C PHE A 77 -2.90 44.48 -10.41
N THR A 78 -1.71 44.26 -10.97
CA THR A 78 -0.99 45.24 -11.76
C THR A 78 -0.26 44.53 -12.88
N LEU A 79 0.25 45.31 -13.83
CA LEU A 79 1.19 44.81 -14.82
C LEU A 79 2.50 45.59 -14.74
N THR A 80 3.60 44.88 -14.57
CA THR A 80 4.91 45.49 -14.64
C THR A 80 5.39 45.49 -16.08
N ILE A 81 5.91 46.63 -16.52
CA ILE A 81 6.53 46.76 -17.84
C ILE A 81 7.93 47.31 -17.65
N SER A 82 8.91 46.62 -18.22
CA SER A 82 10.30 46.92 -17.90
C SER A 82 10.79 48.15 -18.66
N SER A 83 11.05 48.00 -19.95
CA SER A 83 11.58 49.08 -20.77
C SER A 83 10.84 49.06 -22.09
N VAL A 84 10.29 50.19 -22.48
CA VAL A 84 9.38 50.28 -23.60
C VAL A 84 10.08 50.88 -24.80
N GLN A 85 9.86 50.27 -25.95
CA GLN A 85 10.25 50.85 -27.23
C GLN A 85 8.98 51.18 -28.01
N ALA A 86 9.19 51.68 -29.23
CA ALA A 86 8.07 52.14 -30.05
C ALA A 86 7.07 51.01 -30.30
N GLU A 87 7.57 49.81 -30.59
CA GLU A 87 6.68 48.70 -30.90
C GLU A 87 5.79 48.31 -29.74
N ASP A 88 6.11 48.77 -28.52
CA ASP A 88 5.30 48.41 -27.37
C ASP A 88 3.98 49.17 -27.31
N LEU A 89 3.82 50.24 -28.09
CA LEU A 89 2.57 50.97 -28.07
C LEU A 89 1.46 50.11 -28.66
N ALA A 90 0.31 50.09 -27.97
CA ALA A 90 -0.79 49.20 -28.32
C ALA A 90 -1.94 49.40 -27.35
N ASP A 91 -3.03 48.66 -27.55
CA ASP A 91 -4.18 48.69 -26.67
C ASP A 91 -4.29 47.36 -25.94
N TYR A 92 -3.98 47.38 -24.64
CA TYR A 92 -3.97 46.20 -23.78
C TYR A 92 -5.35 45.85 -23.24
N PHE A 93 -5.51 44.57 -22.89
CA PHE A 93 -6.70 44.08 -22.19
C PHE A 93 -6.30 43.07 -21.12
N CYS A 94 -7.01 43.12 -20.00
CA CYS A 94 -6.85 42.14 -18.94
C CYS A 94 -8.23 41.67 -18.52
N GLN A 95 -8.39 40.36 -18.38
CA GLN A 95 -9.70 39.78 -18.14
C GLN A 95 -9.55 38.51 -17.31
N GLN A 96 -10.63 37.74 -17.24
CA GLN A 96 -10.79 36.70 -16.24
C GLN A 96 -11.09 35.32 -16.81
N HIS A 97 -10.52 34.28 -16.21
CA HIS A 97 -10.89 32.92 -16.58
C HIS A 97 -11.41 32.18 -15.34
N TYR A 98 -12.70 32.37 -15.05
CA TYR A 98 -13.30 31.89 -13.82
C TYR A 98 -14.76 32.28 -13.68
N SER A 99 -15.58 31.36 -13.17
CA SER A 99 -16.97 31.65 -12.83
C SER A 99 -17.77 32.13 -14.04
N THR A 100 -18.04 31.18 -14.92
CA THR A 100 -18.84 31.44 -16.11
C THR A 100 -20.14 32.13 -15.75
N PRO A 101 -20.62 33.05 -16.60
CA PRO A 101 -20.01 33.46 -17.87
C PRO A 101 -18.79 34.34 -17.70
N LEU A 102 -18.17 34.70 -18.80
CA LEU A 102 -16.88 35.37 -18.75
C LEU A 102 -17.03 36.85 -18.40
N THR A 103 -15.95 37.41 -17.86
CA THR A 103 -15.89 38.81 -17.47
C THR A 103 -14.60 39.43 -18.00
N PHE A 104 -14.69 40.68 -18.42
CA PHE A 104 -13.59 41.36 -19.08
C PHE A 104 -13.21 42.64 -18.35
N GLY A 105 -12.03 43.16 -18.68
CA GLY A 105 -11.66 44.49 -18.28
C GLY A 105 -12.12 45.55 -19.26
N ALA A 106 -12.20 46.79 -18.78
CA ALA A 106 -12.64 47.90 -19.63
C ALA A 106 -11.76 48.07 -20.86
N GLY A 107 -10.53 48.55 -20.66
CA GLY A 107 -9.59 48.72 -21.73
C GLY A 107 -8.31 49.37 -21.24
N THR A 108 -7.21 49.18 -21.97
CA THR A 108 -5.95 49.84 -21.66
C THR A 108 -5.37 50.40 -22.95
N LYS A 109 -5.26 51.72 -23.02
CA LYS A 109 -4.72 52.39 -24.19
C LYS A 109 -3.49 53.19 -23.80
N LEU A 110 -2.34 52.79 -24.31
CA LEU A 110 -1.10 53.49 -24.01
C LEU A 110 -1.03 54.77 -24.83
N GLU A 111 -0.46 55.82 -24.24
CA GLU A 111 -0.21 57.07 -24.93
C GLU A 111 1.30 57.25 -25.11
N LEU A 112 1.67 57.95 -26.18
CA LEU A 112 3.04 57.76 -26.66
C LEU A 112 4.09 58.54 -25.86
N LYS A 113 4.26 59.84 -26.14
CA LYS A 113 5.52 60.48 -25.76
C LYS A 113 5.39 62.00 -25.79
N ARG A 114 6.54 62.65 -25.60
CA ARG A 114 6.93 64.06 -25.71
C ARG A 114 5.99 64.98 -24.91
N ALA A 115 5.78 66.21 -25.40
CA ALA A 115 5.08 67.22 -24.62
C ALA A 115 4.21 68.07 -25.54
N ASP A 116 2.92 68.08 -25.25
CA ASP A 116 1.92 69.07 -25.64
C ASP A 116 2.01 69.41 -27.13
N ALA A 117 1.76 70.67 -27.45
CA ALA A 117 1.69 71.24 -28.79
C ALA A 117 1.17 72.66 -28.69
N ALA A 118 1.05 73.35 -29.82
CA ALA A 118 0.29 74.59 -29.72
C ALA A 118 -1.00 74.48 -30.53
N PRO A 119 -2.09 75.08 -30.07
CA PRO A 119 -3.36 74.97 -30.80
C PRO A 119 -3.34 75.75 -32.09
N THR A 120 -3.86 75.13 -33.14
CA THR A 120 -3.95 75.75 -34.46
C THR A 120 -5.42 75.76 -34.90
N VAL A 121 -6.00 76.95 -34.97
CA VAL A 121 -7.43 77.12 -35.24
C VAL A 121 -7.60 78.00 -36.47
N SER A 122 -8.36 77.50 -37.43
CA SER A 122 -8.81 78.29 -38.57
C SER A 122 -10.32 78.14 -38.70
N ILE A 123 -10.90 78.86 -39.65
CA ILE A 123 -12.33 78.81 -39.93
C ILE A 123 -12.54 78.97 -41.42
N PHE A 124 -13.47 78.19 -41.98
CA PHE A 124 -13.86 78.27 -43.38
C PHE A 124 -15.37 78.49 -43.41
N PRO A 125 -15.83 79.73 -43.45
CA PRO A 125 -17.26 79.99 -43.50
C PRO A 125 -17.91 79.29 -44.69
N PRO A 126 -19.21 79.03 -44.62
CA PRO A 126 -19.85 78.16 -45.60
C PRO A 126 -19.68 78.68 -47.02
N SER A 127 -19.31 77.76 -47.92
CA SER A 127 -19.34 78.05 -49.34
C SER A 127 -20.78 78.04 -49.84
N SER A 128 -21.01 78.77 -50.94
CA SER A 128 -22.37 78.96 -51.43
C SER A 128 -23.00 77.66 -51.91
N GLU A 129 -22.20 76.75 -52.46
CA GLU A 129 -22.73 75.44 -52.83
C GLU A 129 -23.38 74.75 -51.65
N GLN A 130 -22.86 74.96 -50.45
CA GLN A 130 -23.54 74.48 -49.25
C GLN A 130 -24.88 75.18 -49.07
N LEU A 131 -24.86 76.51 -49.10
CA LEU A 131 -26.09 77.26 -49.06
C LEU A 131 -26.93 77.05 -50.31
N THR A 132 -26.30 76.61 -51.41
CA THR A 132 -27.08 76.14 -52.55
C THR A 132 -27.85 74.88 -52.20
N SER A 133 -27.21 73.97 -51.47
CA SER A 133 -27.86 72.73 -51.07
C SER A 133 -29.05 72.98 -50.14
N GLY A 134 -29.06 74.11 -49.44
CA GLY A 134 -30.15 74.46 -48.54
C GLY A 134 -29.82 74.42 -47.06
N GLY A 135 -28.67 73.88 -46.67
CA GLY A 135 -28.26 73.90 -45.30
C GLY A 135 -27.17 74.92 -45.04
N ALA A 136 -26.89 75.15 -43.76
CA ALA A 136 -25.77 75.97 -43.32
C ALA A 136 -24.79 75.05 -42.60
N SER A 137 -23.65 74.80 -43.23
CA SER A 137 -22.65 73.88 -42.71
C SER A 137 -21.46 74.69 -42.21
N VAL A 138 -21.28 74.73 -40.90
CA VAL A 138 -20.18 75.47 -40.29
C VAL A 138 -19.32 74.48 -39.52
N VAL A 139 -18.10 74.27 -40.01
CA VAL A 139 -17.15 73.41 -39.33
C VAL A 139 -16.08 74.28 -38.68
N CYS A 140 -15.10 73.64 -38.03
CA CYS A 140 -13.94 74.34 -37.52
C CYS A 140 -12.78 73.36 -37.49
N PHE A 141 -11.57 73.86 -37.71
CA PHE A 141 -10.40 73.01 -37.85
C PHE A 141 -9.41 73.29 -36.73
N LEU A 142 -8.97 72.22 -36.07
CA LEU A 142 -7.88 72.28 -35.11
C LEU A 142 -6.93 71.14 -35.45
N ASN A 143 -5.70 71.50 -35.82
CA ASN A 143 -4.72 70.54 -36.30
C ASN A 143 -3.42 70.67 -35.51
N ASN A 144 -2.73 69.54 -35.38
CA ASN A 144 -1.44 69.47 -34.70
C ASN A 144 -1.52 70.10 -33.30
N PHE A 145 -2.26 69.39 -32.45
CA PHE A 145 -2.42 69.75 -31.05
C PHE A 145 -2.28 68.51 -30.21
N TYR A 146 -1.68 68.67 -29.04
CA TYR A 146 -1.50 67.56 -28.13
C TYR A 146 -1.52 68.11 -26.70
N PRO A 147 -2.07 67.33 -25.76
CA PRO A 147 -2.94 66.15 -25.92
C PRO A 147 -4.35 66.50 -26.39
N LYS A 148 -5.25 65.50 -26.33
CA LYS A 148 -6.57 65.61 -26.92
C LYS A 148 -7.41 66.74 -26.35
N ASP A 149 -7.08 67.26 -25.17
CA ASP A 149 -8.03 68.09 -24.44
C ASP A 149 -8.35 69.37 -25.21
N ILE A 150 -9.66 69.61 -25.40
CA ILE A 150 -10.12 70.80 -26.08
C ILE A 150 -11.57 71.05 -25.66
N ASN A 151 -12.02 72.28 -25.77
CA ASN A 151 -13.40 72.66 -25.49
C ASN A 151 -13.96 73.41 -26.68
N VAL A 152 -15.24 73.18 -26.96
CA VAL A 152 -15.92 73.76 -28.11
C VAL A 152 -17.19 74.44 -27.65
N LYS A 153 -17.46 75.62 -28.20
CA LYS A 153 -18.70 76.32 -27.94
C LYS A 153 -19.08 77.13 -29.16
N TRP A 154 -20.38 77.36 -29.34
CA TRP A 154 -20.91 78.07 -30.49
C TRP A 154 -21.83 79.18 -30.01
N ALA A 155 -21.45 80.43 -30.27
CA ALA A 155 -22.25 81.59 -29.92
C ALA A 155 -22.80 82.22 -31.19
N ILE A 156 -24.12 82.20 -31.34
CA ILE A 156 -24.80 82.74 -32.51
C ILE A 156 -25.19 84.17 -32.19
N ASP A 157 -24.54 85.14 -32.85
CA ASP A 157 -24.74 86.55 -32.56
C ASP A 157 -24.68 86.81 -31.05
N GLY A 158 -23.80 86.06 -30.37
CA GLY A 158 -23.71 86.07 -28.93
C GLY A 158 -24.55 85.03 -28.24
N ALA A 159 -25.61 84.53 -28.87
CA ALA A 159 -26.45 83.52 -28.26
C ALA A 159 -25.81 82.16 -28.40
N GLU A 160 -25.65 81.46 -27.29
CA GLU A 160 -24.93 80.18 -27.30
C GLU A 160 -25.78 79.10 -27.96
N ARG A 161 -25.11 78.27 -28.77
CA ARG A 161 -25.75 77.17 -29.48
C ARG A 161 -25.52 75.89 -28.68
N ALA A 162 -26.59 75.32 -28.13
CA ALA A 162 -26.52 74.10 -27.34
C ALA A 162 -27.24 73.00 -28.09
N GLY A 163 -26.48 72.00 -28.54
CA GLY A 163 -27.01 70.90 -29.32
C GLY A 163 -26.61 70.99 -30.78
N GLY A 164 -26.90 69.90 -31.49
CA GLY A 164 -26.61 69.81 -32.91
C GLY A 164 -25.13 69.86 -33.24
N VAL A 165 -24.29 69.78 -32.22
CA VAL A 165 -22.85 69.86 -32.41
C VAL A 165 -22.33 68.50 -32.86
N LEU A 166 -21.41 68.50 -33.83
CA LEU A 166 -20.82 67.27 -34.33
C LEU A 166 -19.31 67.36 -34.28
N ASN A 167 -18.67 66.23 -34.02
CA ASN A 167 -17.23 66.17 -33.88
C ASN A 167 -16.70 64.86 -34.42
N SER A 168 -15.40 64.84 -34.71
CA SER A 168 -14.66 63.63 -35.04
C SER A 168 -13.20 63.91 -34.78
N PHE A 169 -12.41 62.85 -34.65
CA PHE A 169 -11.04 62.99 -34.19
C PHE A 169 -10.12 62.02 -34.91
N THR A 170 -8.86 62.40 -35.02
CA THR A 170 -7.79 61.55 -35.52
C THR A 170 -6.63 61.58 -34.55
N GLY A 171 -6.01 60.42 -34.34
CA GLY A 171 -5.02 60.25 -33.30
C GLY A 171 -3.66 60.81 -33.66
N GLN A 172 -2.64 60.27 -33.00
CA GLN A 172 -1.27 60.74 -33.19
C GLN A 172 -0.78 60.45 -34.59
N ASP A 173 0.27 61.18 -34.98
CA ASP A 173 1.10 60.81 -36.09
C ASP A 173 2.50 60.56 -35.57
N SER A 174 3.28 59.82 -36.34
CA SER A 174 4.58 59.33 -35.87
C SER A 174 5.46 60.49 -35.39
N LYS A 175 5.71 61.46 -36.28
CA LYS A 175 6.54 62.61 -35.91
C LYS A 175 5.93 63.39 -34.75
N ASP A 176 4.75 63.97 -34.98
CA ASP A 176 4.28 65.07 -34.13
C ASP A 176 3.81 64.58 -32.77
N SER A 177 3.15 63.41 -32.72
CA SER A 177 2.39 62.92 -31.58
C SER A 177 1.17 63.77 -31.31
N THR A 178 0.99 64.86 -32.05
CA THR A 178 -0.12 65.76 -31.84
C THR A 178 -1.33 65.25 -32.61
N TYR A 179 -2.39 66.05 -32.68
CA TYR A 179 -3.68 65.56 -33.11
C TYR A 179 -4.33 66.51 -34.10
N SER A 180 -5.38 66.01 -34.74
CA SER A 180 -6.28 66.81 -35.56
C SER A 180 -7.70 66.38 -35.23
N MET A 181 -8.50 67.31 -34.72
CA MET A 181 -9.89 67.04 -34.39
C MET A 181 -10.78 67.97 -35.19
N SER A 182 -11.89 67.43 -35.69
CA SER A 182 -12.83 68.18 -36.51
C SER A 182 -14.08 68.49 -35.68
N SER A 183 -14.49 69.76 -35.70
CA SER A 183 -15.70 70.20 -35.03
C SER A 183 -16.68 70.72 -36.07
N THR A 184 -17.97 70.49 -35.83
CA THR A 184 -18.98 70.82 -36.82
C THR A 184 -20.25 71.33 -36.15
N LEU A 185 -20.79 72.43 -36.70
CA LEU A 185 -22.12 72.92 -36.38
C LEU A 185 -22.85 73.16 -37.69
N THR A 186 -23.90 72.39 -37.96
CA THR A 186 -24.56 72.43 -39.26
C THR A 186 -26.07 72.49 -39.07
N LEU A 187 -26.68 73.55 -39.60
CA LEU A 187 -28.12 73.74 -39.57
C LEU A 187 -28.61 74.15 -40.96
N THR A 188 -29.89 74.50 -41.10
CA THR A 188 -30.39 74.97 -42.37
C THR A 188 -29.87 76.38 -42.66
N LYS A 189 -29.91 76.76 -43.93
CA LYS A 189 -29.41 78.05 -44.35
C LYS A 189 -30.26 79.22 -43.86
N ASP A 190 -31.44 78.95 -43.30
CA ASP A 190 -32.36 80.02 -42.94
C ASP A 190 -31.73 81.01 -41.98
N GLU A 191 -31.02 80.52 -40.96
CA GLU A 191 -30.43 81.41 -39.96
C GLU A 191 -29.13 82.03 -40.44
N TYR A 192 -28.38 81.33 -41.30
CA TYR A 192 -27.02 81.75 -41.61
C TYR A 192 -26.97 83.15 -42.19
N GLU A 193 -27.67 83.38 -43.30
CA GLU A 193 -27.72 84.71 -43.89
C GLU A 193 -28.55 85.69 -43.06
N ARG A 194 -29.22 85.21 -42.02
CA ARG A 194 -29.97 86.09 -41.15
C ARG A 194 -29.10 86.53 -39.99
N HIS A 195 -28.78 85.57 -39.11
CA HIS A 195 -27.95 85.86 -37.95
C HIS A 195 -26.53 86.10 -38.42
N ALA A 196 -25.98 87.24 -37.99
CA ALA A 196 -24.69 87.70 -38.50
C ALA A 196 -23.53 86.90 -37.92
N SER A 197 -22.97 87.41 -36.83
CA SER A 197 -21.72 86.90 -36.32
C SER A 197 -21.89 85.58 -35.58
N TYR A 198 -20.91 84.69 -35.75
CA TYR A 198 -20.88 83.42 -35.05
C TYR A 198 -19.52 83.28 -34.36
N THR A 199 -19.50 82.50 -33.28
CA THR A 199 -18.33 82.43 -32.41
C THR A 199 -18.04 80.98 -32.03
N CYS A 200 -16.80 80.54 -32.27
CA CYS A 200 -16.37 79.20 -31.92
C CYS A 200 -15.07 79.31 -31.12
N GLU A 201 -15.13 78.93 -29.85
CA GLU A 201 -14.00 79.06 -28.94
C GLU A 201 -13.39 77.70 -28.64
N ALA A 202 -12.06 77.66 -28.61
CA ALA A 202 -11.31 76.44 -28.34
C ALA A 202 -10.49 76.62 -27.07
N THR A 203 -10.62 75.67 -26.14
CA THR A 203 -9.91 75.74 -24.88
C THR A 203 -9.00 74.54 -24.67
N HIS A 204 -7.71 74.72 -24.96
CA HIS A 204 -6.70 73.72 -24.71
C HIS A 204 -6.02 74.17 -23.42
N LYS A 205 -5.39 73.24 -22.71
CA LYS A 205 -4.58 73.64 -21.57
C LYS A 205 -3.37 74.40 -22.07
N THR A 206 -2.86 74.00 -23.24
CA THR A 206 -1.90 74.83 -23.94
C THR A 206 -2.59 76.12 -24.38
N SER A 207 -1.97 77.25 -24.06
CA SER A 207 -2.59 78.57 -24.19
C SER A 207 -3.86 78.64 -23.33
N THR A 208 -3.62 78.71 -22.01
CA THR A 208 -4.70 78.79 -21.04
C THR A 208 -5.60 80.00 -21.26
N ALA A 209 -5.14 80.98 -22.03
CA ALA A 209 -5.99 82.11 -22.37
C ALA A 209 -7.18 81.63 -23.20
N PRO A 210 -8.37 82.18 -22.97
CA PRO A 210 -9.56 81.68 -23.67
C PRO A 210 -9.53 82.02 -25.15
N ILE A 211 -8.75 81.28 -25.93
CA ILE A 211 -8.60 81.56 -27.35
C ILE A 211 -9.94 81.35 -28.05
N VAL A 212 -10.40 82.38 -28.76
CA VAL A 212 -11.71 82.40 -29.39
C VAL A 212 -11.53 82.55 -30.90
N LYS A 213 -12.38 81.89 -31.67
CA LYS A 213 -12.41 82.05 -33.13
C LYS A 213 -13.83 82.38 -33.56
N SER A 214 -14.03 83.58 -34.09
CA SER A 214 -15.35 84.03 -34.52
C SER A 214 -15.32 84.38 -36.01
N PHE A 215 -16.46 84.83 -36.51
CA PHE A 215 -16.65 85.22 -37.90
C PHE A 215 -18.08 85.74 -38.05
N ASN A 216 -18.36 86.26 -39.25
CA ASN A 216 -19.66 86.83 -39.57
C ASN A 216 -20.07 86.34 -40.95
N ARG A 217 -21.35 86.53 -41.28
CA ARG A 217 -21.82 86.23 -42.63
C ARG A 217 -21.40 87.35 -43.57
N GLY A 218 -20.91 86.96 -44.75
CA GLY A 218 -20.44 87.92 -45.73
C GLY A 218 -19.09 88.54 -45.43
N ALA A 219 -18.56 88.34 -44.23
CA ALA A 219 -17.27 88.86 -43.82
C ALA A 219 -16.45 87.70 -43.28
N ALA A 220 -15.13 87.93 -43.15
CA ALA A 220 -14.20 86.91 -42.72
C ALA A 220 -14.56 86.33 -41.34
N GLU B 1 -1.23 24.97 -39.82
CA GLU B 1 -1.55 24.49 -38.49
C GLU B 1 -2.80 25.15 -37.95
N VAL B 2 -2.67 25.81 -36.81
CA VAL B 2 -3.81 26.50 -36.22
C VAL B 2 -4.29 27.55 -37.22
N LYS B 3 -5.53 27.44 -37.64
CA LYS B 3 -6.05 28.38 -38.62
C LYS B 3 -7.55 28.46 -38.51
N LEU B 4 -8.08 29.66 -38.70
CA LEU B 4 -9.52 29.89 -38.78
C LEU B 4 -9.79 30.82 -39.95
N GLU B 5 -10.88 30.56 -40.66
CA GLU B 5 -11.34 31.47 -41.71
C GLU B 5 -12.59 32.15 -41.19
N GLN B 6 -12.45 33.40 -40.79
CA GLN B 6 -13.57 34.22 -40.34
C GLN B 6 -13.88 35.17 -41.48
N SER B 7 -14.95 34.91 -42.19
CA SER B 7 -15.12 35.42 -43.54
C SER B 7 -16.38 36.24 -43.68
N GLY B 8 -16.44 37.00 -44.76
CA GLY B 8 -17.62 37.75 -45.12
C GLY B 8 -17.71 39.11 -44.44
N ALA B 9 -18.65 39.90 -44.94
CA ALA B 9 -19.11 41.10 -44.27
C ALA B 9 -20.52 41.36 -44.80
N GLU B 10 -21.35 42.02 -43.99
CA GLU B 10 -22.74 42.12 -44.41
C GLU B 10 -23.39 43.37 -43.86
N LEU B 11 -24.34 43.88 -44.66
CA LEU B 11 -25.27 44.90 -44.24
C LEU B 11 -26.66 44.40 -44.61
N ALA B 12 -27.61 44.54 -43.69
CA ALA B 12 -28.94 44.00 -43.92
C ALA B 12 -29.99 44.89 -43.28
N ARG B 13 -31.24 44.52 -43.49
CA ARG B 13 -32.40 45.27 -43.06
C ARG B 13 -32.72 45.00 -41.60
N PRO B 14 -33.55 45.83 -40.98
CA PRO B 14 -34.00 45.53 -39.62
C PRO B 14 -34.78 44.23 -39.59
N GLY B 15 -34.74 43.55 -38.45
CA GLY B 15 -35.55 42.38 -38.24
C GLY B 15 -35.19 41.19 -39.12
N ALA B 16 -34.09 41.32 -39.87
CA ALA B 16 -33.71 40.29 -40.83
C ALA B 16 -32.88 39.20 -40.13
N SER B 17 -32.30 38.30 -40.91
CA SER B 17 -31.46 37.24 -40.40
C SER B 17 -30.05 37.36 -40.99
N VAL B 18 -29.09 36.77 -40.28
CA VAL B 18 -27.69 36.87 -40.64
C VAL B 18 -27.03 35.51 -40.57
N LYS B 19 -25.80 35.44 -41.07
CA LYS B 19 -25.07 34.20 -41.19
C LYS B 19 -23.60 34.47 -40.97
N LEU B 20 -22.89 33.54 -40.34
CA LEU B 20 -21.46 33.68 -40.12
C LEU B 20 -20.78 32.33 -40.32
N SER B 21 -19.48 32.37 -40.53
CA SER B 21 -18.73 31.13 -40.74
C SER B 21 -17.30 31.26 -40.24
N CYS B 22 -16.81 30.20 -39.60
CA CYS B 22 -15.42 30.06 -39.21
C CYS B 22 -15.00 28.62 -39.41
N LYS B 23 -13.88 28.40 -40.07
CA LYS B 23 -13.51 27.09 -40.59
C LYS B 23 -12.21 26.62 -39.97
N ALA B 24 -11.97 25.32 -40.05
CA ALA B 24 -10.97 24.61 -39.26
C ALA B 24 -9.76 24.21 -40.09
N SER B 25 -8.61 24.20 -39.44
CA SER B 25 -7.43 23.55 -39.99
C SER B 25 -6.54 23.05 -38.87
N GLY B 26 -5.98 21.86 -39.07
CA GLY B 26 -4.94 21.35 -38.18
C GLY B 26 -5.37 20.81 -36.85
N TYR B 27 -6.54 20.17 -36.78
CA TYR B 27 -7.10 19.60 -35.55
C TYR B 27 -8.44 19.00 -35.87
N THR B 28 -9.12 18.45 -34.87
CA THR B 28 -10.48 17.97 -35.07
C THR B 28 -11.48 19.08 -34.79
N PHE B 29 -12.29 19.40 -35.78
CA PHE B 29 -13.18 20.55 -35.69
C PHE B 29 -14.18 20.42 -34.56
N ALA B 30 -14.69 19.21 -34.32
CA ALA B 30 -15.82 19.02 -33.44
C ALA B 30 -15.43 18.63 -32.01
N SER B 31 -14.15 18.60 -31.70
CA SER B 31 -13.70 18.02 -30.44
C SER B 31 -13.61 19.01 -29.30
N TYR B 32 -14.02 20.25 -29.47
CA TYR B 32 -13.86 21.21 -28.39
C TYR B 32 -15.00 22.21 -28.37
N TRP B 33 -14.96 23.07 -27.37
CA TRP B 33 -15.85 24.22 -27.34
C TRP B 33 -15.36 25.28 -28.33
N MET B 34 -16.26 26.18 -28.68
CA MET B 34 -15.93 27.28 -29.57
C MET B 34 -16.57 28.55 -29.05
N GLN B 35 -16.15 29.68 -29.59
CA GLN B 35 -16.56 30.97 -29.07
C GLN B 35 -17.10 31.90 -30.15
N TRP B 36 -17.87 32.87 -29.70
CA TRP B 36 -18.29 34.02 -30.49
C TRP B 36 -18.20 35.24 -29.59
N VAL B 37 -17.49 36.26 -30.05
CA VAL B 37 -17.23 37.46 -29.25
C VAL B 37 -17.59 38.68 -30.08
N LYS B 38 -18.43 39.55 -29.51
CA LYS B 38 -18.90 40.75 -30.20
C LYS B 38 -17.97 41.90 -29.90
N GLN B 39 -17.48 42.56 -30.96
CA GLN B 39 -16.53 43.66 -30.86
C GLN B 39 -17.22 44.93 -31.28
N ARG B 40 -17.54 45.79 -30.32
CA ARG B 40 -18.20 47.07 -30.58
C ARG B 40 -17.34 48.21 -30.06
N PRO B 41 -16.83 49.08 -30.93
CA PRO B 41 -15.96 50.15 -30.48
C PRO B 41 -16.59 50.97 -29.36
N GLY B 42 -15.76 51.36 -28.39
CA GLY B 42 -16.23 52.02 -27.19
C GLY B 42 -16.76 51.08 -26.14
N GLN B 43 -17.13 49.86 -26.53
CA GLN B 43 -17.48 48.79 -25.62
C GLN B 43 -16.60 47.58 -25.89
N GLY B 44 -16.67 47.03 -27.10
CA GLY B 44 -15.73 46.01 -27.50
C GLY B 44 -16.01 44.66 -26.89
N LEU B 45 -14.99 44.07 -26.30
CA LEU B 45 -14.99 42.65 -25.98
C LEU B 45 -16.19 42.28 -25.13
N GLU B 46 -16.95 41.30 -25.61
CA GLU B 46 -18.04 40.71 -24.85
C GLU B 46 -18.18 39.26 -25.26
N TRP B 47 -18.45 38.39 -24.30
CA TRP B 47 -18.51 36.96 -24.53
C TRP B 47 -19.96 36.54 -24.74
N ILE B 48 -20.29 36.19 -25.98
CA ILE B 48 -21.63 35.71 -26.28
C ILE B 48 -21.91 34.43 -25.52
N GLY B 49 -21.24 33.37 -25.93
CA GLY B 49 -21.60 32.04 -25.47
C GLY B 49 -20.59 31.05 -25.98
N ALA B 50 -20.98 29.77 -25.99
CA ALA B 50 -20.08 28.75 -26.48
C ALA B 50 -20.89 27.56 -26.96
N ILE B 51 -20.27 26.76 -27.83
CA ILE B 51 -20.93 25.60 -28.40
C ILE B 51 -19.91 24.50 -28.59
N TYR B 52 -20.32 23.28 -28.29
CA TYR B 52 -19.44 22.12 -28.41
C TYR B 52 -19.98 21.18 -29.49
N PRO B 53 -19.35 21.16 -30.66
CA PRO B 53 -19.94 20.45 -31.80
C PRO B 53 -20.19 18.98 -31.58
N GLY B 54 -19.64 18.38 -30.53
CA GLY B 54 -19.81 16.95 -30.39
C GLY B 54 -21.27 16.58 -30.42
N ASP B 55 -22.05 17.11 -29.49
CA ASP B 55 -23.49 17.14 -29.65
C ASP B 55 -24.01 18.50 -30.07
N GLY B 56 -23.17 19.52 -30.09
CA GLY B 56 -23.69 20.86 -30.29
C GLY B 56 -24.42 21.40 -29.08
N ASP B 57 -23.92 21.13 -27.88
CA ASP B 57 -24.52 21.73 -26.71
C ASP B 57 -24.18 23.21 -26.66
N THR B 58 -25.01 23.96 -25.93
CA THR B 58 -25.02 25.40 -26.06
C THR B 58 -24.81 26.07 -24.72
N TRP B 59 -24.40 27.34 -24.79
CA TRP B 59 -24.40 28.23 -23.64
C TRP B 59 -24.84 29.60 -24.10
N TYR B 60 -25.87 30.13 -23.46
CA TYR B 60 -26.44 31.41 -23.85
C TYR B 60 -26.48 32.30 -22.62
N THR B 61 -25.68 33.35 -22.65
CA THR B 61 -25.65 34.29 -21.54
C THR B 61 -26.96 35.06 -21.49
N GLN B 62 -27.27 35.56 -20.30
CA GLN B 62 -28.53 36.28 -20.07
C GLN B 62 -28.80 37.31 -21.14
N LYS B 63 -27.77 38.05 -21.54
CA LYS B 63 -27.90 39.04 -22.59
C LYS B 63 -28.50 38.44 -23.86
N PHE B 64 -27.81 37.48 -24.44
CA PHE B 64 -28.17 36.94 -25.74
C PHE B 64 -29.16 35.81 -25.65
N LYS B 65 -29.70 35.53 -24.46
CA LYS B 65 -30.79 34.57 -24.36
C LYS B 65 -31.87 34.95 -25.34
N GLY B 66 -32.59 33.96 -25.85
CA GLY B 66 -33.42 34.25 -26.99
C GLY B 66 -32.59 34.44 -28.25
N LYS B 67 -32.63 35.64 -28.81
CA LYS B 67 -32.26 35.93 -30.20
C LYS B 67 -31.03 35.20 -30.70
N ALA B 68 -30.01 35.08 -29.88
CA ALA B 68 -28.80 34.41 -30.34
C ALA B 68 -29.04 32.91 -30.50
N THR B 69 -28.43 32.33 -31.53
CA THR B 69 -28.56 30.90 -31.79
C THR B 69 -27.29 30.39 -32.44
N LEU B 70 -26.87 29.19 -32.06
CA LEU B 70 -25.59 28.65 -32.52
C LEU B 70 -25.71 27.19 -32.89
N THR B 71 -25.22 26.86 -34.09
CA THR B 71 -25.06 25.49 -34.54
C THR B 71 -23.80 25.41 -35.39
N ALA B 72 -23.36 24.20 -35.68
CA ALA B 72 -22.28 23.99 -36.63
C ALA B 72 -22.34 22.56 -37.16
N ASP B 73 -21.62 22.34 -38.25
CA ASP B 73 -21.45 21.00 -38.81
C ASP B 73 -19.99 20.72 -39.06
N LYS B 74 -19.55 19.54 -38.64
CA LYS B 74 -18.14 19.19 -38.72
C LYS B 74 -17.72 18.69 -40.10
N SER B 75 -18.61 18.02 -40.81
CA SER B 75 -18.31 17.69 -42.20
C SER B 75 -17.97 18.95 -42.98
N SER B 76 -18.65 20.04 -42.66
CA SER B 76 -18.22 21.34 -43.15
C SER B 76 -16.95 21.80 -42.45
N SER B 77 -16.73 21.35 -41.22
CA SER B 77 -15.60 21.81 -40.41
C SER B 77 -15.63 23.33 -40.30
N THR B 78 -16.82 23.89 -40.22
CA THR B 78 -16.97 25.34 -40.23
C THR B 78 -18.03 25.76 -39.23
N ALA B 79 -17.70 26.77 -38.44
CA ALA B 79 -18.63 27.31 -37.46
C ALA B 79 -19.78 28.03 -38.16
N TYR B 80 -20.89 28.14 -37.45
CA TYR B 80 -22.00 28.97 -37.87
C TYR B 80 -22.47 29.82 -36.70
N MET B 81 -23.06 30.97 -37.02
CA MET B 81 -23.82 31.74 -36.05
C MET B 81 -25.08 32.23 -36.72
N GLN B 82 -26.22 31.83 -36.18
CA GLN B 82 -27.52 32.18 -36.74
C GLN B 82 -28.18 33.18 -35.80
N LEU B 83 -28.41 34.39 -36.31
CA LEU B 83 -29.12 35.40 -35.56
C LEU B 83 -30.19 36.00 -36.44
N SER B 84 -31.33 36.33 -35.85
CA SER B 84 -32.48 36.85 -36.58
C SER B 84 -33.06 38.03 -35.83
N SER B 85 -33.95 38.76 -36.52
CA SER B 85 -34.63 39.93 -35.96
C SER B 85 -33.60 40.97 -35.50
N LEU B 86 -33.00 41.59 -36.51
CA LEU B 86 -31.84 42.45 -36.32
C LEU B 86 -32.23 43.74 -35.60
N ALA B 87 -31.27 44.65 -35.50
CA ALA B 87 -31.44 45.90 -34.76
C ALA B 87 -30.19 46.74 -35.00
N SER B 88 -30.32 48.03 -34.67
CA SER B 88 -29.27 48.98 -35.02
C SER B 88 -27.98 48.67 -34.28
N GLU B 89 -28.04 48.63 -32.95
CA GLU B 89 -26.84 48.37 -32.17
C GLU B 89 -26.22 47.02 -32.47
N ASP B 90 -26.95 46.14 -33.16
CA ASP B 90 -26.37 44.88 -33.60
C ASP B 90 -25.13 45.11 -34.45
N SER B 91 -25.08 46.23 -35.17
CA SER B 91 -23.93 46.52 -36.00
C SER B 91 -22.68 46.57 -35.15
N ALA B 92 -21.69 45.76 -35.52
CA ALA B 92 -20.43 45.66 -34.81
C ALA B 92 -19.57 44.60 -35.47
N VAL B 93 -18.37 44.41 -34.94
CA VAL B 93 -17.52 43.30 -35.34
C VAL B 93 -17.86 42.09 -34.48
N TYR B 94 -18.13 40.97 -35.13
CA TYR B 94 -18.18 39.68 -34.45
C TYR B 94 -16.85 39.01 -34.71
N TYR B 95 -16.04 38.93 -33.67
CA TYR B 95 -14.64 38.57 -33.80
C TYR B 95 -14.41 37.41 -32.85
N CYS B 96 -14.18 36.23 -33.40
CA CYS B 96 -14.23 35.01 -32.61
C CYS B 96 -13.07 34.09 -32.97
N ALA B 97 -12.82 33.16 -32.07
CA ALA B 97 -11.76 32.20 -32.20
C ALA B 97 -12.12 30.99 -31.36
N ARG B 98 -11.19 30.07 -31.19
CA ARG B 98 -11.42 28.93 -30.34
C ARG B 98 -10.44 28.86 -29.17
N PRO B 99 -10.94 28.90 -27.94
CA PRO B 99 -10.08 28.65 -26.79
C PRO B 99 -9.67 27.19 -26.76
N PRO B 100 -8.52 26.89 -26.18
CA PRO B 100 -8.31 25.54 -25.67
C PRO B 100 -9.04 25.39 -24.35
N TYR B 101 -9.65 24.21 -24.14
CA TYR B 101 -10.56 23.95 -23.02
C TYR B 101 -10.17 22.63 -22.36
N TYR B 102 -10.37 21.56 -23.11
CA TYR B 102 -9.40 20.49 -23.14
C TYR B 102 -8.25 21.08 -23.97
N TYR B 103 -7.28 20.25 -24.40
CA TYR B 103 -5.97 20.69 -24.89
C TYR B 103 -4.94 20.75 -23.75
N GLY B 104 -5.32 20.29 -22.56
CA GLY B 104 -4.37 20.29 -21.47
C GLY B 104 -4.30 21.66 -20.88
N THR B 105 -5.48 22.19 -20.66
CA THR B 105 -5.68 23.59 -20.37
C THR B 105 -7.09 23.74 -19.81
N THR B 106 -7.52 24.98 -19.69
CA THR B 106 -8.85 25.39 -19.29
C THR B 106 -9.14 26.67 -20.07
N TYR B 107 -10.01 27.50 -19.55
CA TYR B 107 -10.49 28.67 -20.27
C TYR B 107 -9.39 29.70 -20.54
N TYR B 108 -9.79 30.93 -20.83
CA TYR B 108 -9.11 31.99 -21.60
C TYR B 108 -8.80 31.45 -23.00
N PHE B 109 -7.72 31.89 -23.63
CA PHE B 109 -7.63 31.70 -25.08
C PHE B 109 -6.19 31.61 -25.56
N ASP B 110 -5.97 30.73 -26.55
CA ASP B 110 -4.69 30.62 -27.25
C ASP B 110 -4.69 31.32 -28.60
N TYR B 111 -5.81 31.89 -29.02
CA TYR B 111 -5.91 32.24 -30.42
C TYR B 111 -6.99 33.29 -30.63
N TRP B 112 -6.88 34.00 -31.74
CA TRP B 112 -7.88 34.94 -32.22
C TRP B 112 -8.04 34.75 -33.71
N GLY B 113 -9.29 34.75 -34.17
CA GLY B 113 -9.59 34.47 -35.56
C GLY B 113 -9.29 35.64 -36.49
N GLN B 114 -9.82 35.52 -37.70
CA GLN B 114 -9.58 36.53 -38.72
C GLN B 114 -10.29 37.83 -38.39
N GLY B 115 -11.53 37.74 -37.95
CA GLY B 115 -12.37 38.90 -37.79
C GLY B 115 -13.40 39.02 -38.89
N THR B 116 -14.57 39.53 -38.54
CA THR B 116 -15.62 39.81 -39.49
C THR B 116 -16.50 40.92 -38.93
N THR B 117 -17.03 41.76 -39.81
CA THR B 117 -17.80 42.93 -39.41
C THR B 117 -19.19 42.87 -40.00
N LEU B 118 -20.17 43.21 -39.17
CA LEU B 118 -21.57 43.23 -39.57
C LEU B 118 -22.16 44.59 -39.27
N THR B 119 -22.95 45.10 -40.22
CA THR B 119 -23.59 46.40 -40.10
C THR B 119 -25.08 46.24 -40.38
N VAL B 120 -25.91 46.80 -39.51
CA VAL B 120 -27.35 46.79 -39.65
C VAL B 120 -27.85 48.09 -39.02
N SER B 121 -28.81 48.77 -39.64
CA SER B 121 -29.43 48.37 -40.89
C SER B 121 -28.94 49.18 -42.07
N GLY B 122 -29.42 48.83 -43.27
CA GLY B 122 -28.96 49.42 -44.50
C GLY B 122 -29.93 50.35 -45.18
N ALA B 123 -29.48 50.87 -46.31
CA ALA B 123 -30.25 51.63 -47.26
C ALA B 123 -29.79 51.21 -48.65
N LYS B 124 -30.22 51.93 -49.68
CA LYS B 124 -29.72 51.65 -51.01
C LYS B 124 -28.54 52.56 -51.33
N THR B 125 -27.60 52.02 -52.10
CA THR B 125 -26.36 52.72 -52.41
C THR B 125 -26.62 54.09 -53.01
N THR B 126 -25.87 55.10 -52.55
CA THR B 126 -25.99 56.46 -53.02
C THR B 126 -24.62 56.98 -53.44
N ALA B 127 -24.63 58.08 -54.18
CA ALA B 127 -23.42 58.70 -54.69
C ALA B 127 -22.86 59.70 -53.69
N PRO B 128 -21.56 59.99 -53.75
CA PRO B 128 -20.97 60.96 -52.85
C PRO B 128 -21.56 62.35 -53.02
N SER B 129 -21.34 63.20 -52.02
CA SER B 129 -21.67 64.61 -52.07
C SER B 129 -20.46 65.39 -51.55
N VAL B 130 -19.90 66.25 -52.39
CA VAL B 130 -18.65 66.93 -52.07
C VAL B 130 -18.82 68.44 -52.21
N TYR B 131 -18.73 69.14 -51.09
CA TYR B 131 -18.65 70.60 -51.09
C TYR B 131 -17.36 71.07 -50.42
N PRO B 132 -16.40 71.61 -51.15
CA PRO B 132 -15.22 72.21 -50.51
C PRO B 132 -15.55 73.54 -49.84
N LEU B 133 -14.63 73.97 -48.97
CA LEU B 133 -14.80 75.19 -48.19
C LEU B 133 -13.64 76.14 -48.40
N ALA B 134 -13.89 77.42 -48.11
CA ALA B 134 -12.88 78.46 -48.18
C ALA B 134 -13.25 79.53 -47.18
N PRO B 135 -12.39 80.54 -46.99
CA PRO B 135 -12.77 81.67 -46.14
C PRO B 135 -13.74 82.62 -46.84
N ALA B 136 -14.47 83.37 -46.02
CA ALA B 136 -15.42 84.35 -46.52
C ALA B 136 -14.70 85.58 -47.06
N ALA B 137 -15.43 86.37 -47.85
CA ALA B 137 -14.93 87.63 -48.41
C ALA B 137 -13.77 87.40 -49.36
N GLY B 138 -13.71 86.22 -49.96
CA GLY B 138 -12.72 85.95 -51.00
C GLY B 138 -11.40 85.48 -50.42
N ALA B 139 -10.72 84.63 -51.18
CA ALA B 139 -9.39 84.13 -50.83
C ALA B 139 -8.50 84.22 -52.05
N ALA B 140 -7.48 85.07 -51.96
CA ALA B 140 -6.44 85.16 -53.00
C ALA B 140 -5.18 84.40 -52.63
N GLY B 141 -5.16 83.72 -51.49
CA GLY B 141 -3.95 83.13 -50.97
C GLY B 141 -3.29 83.92 -49.86
N ALA B 142 -3.99 84.87 -49.25
CA ALA B 142 -3.42 85.68 -48.19
C ALA B 142 -3.12 84.84 -46.95
N GLY B 143 -2.24 85.37 -46.11
CA GLY B 143 -1.85 84.70 -44.89
C GLY B 143 -0.49 84.03 -45.01
N SER B 144 -0.02 83.51 -43.87
CA SER B 144 1.26 82.82 -43.85
C SER B 144 1.22 81.60 -44.76
N SER B 145 0.31 80.66 -44.48
CA SER B 145 0.08 79.52 -45.36
C SER B 145 -1.42 79.33 -45.48
N VAL B 146 -1.95 79.46 -46.70
CA VAL B 146 -3.38 79.36 -46.90
C VAL B 146 -3.81 77.91 -46.75
N THR B 147 -4.99 77.71 -46.15
CA THR B 147 -5.54 76.39 -45.93
C THR B 147 -6.90 76.29 -46.62
N LEU B 148 -7.16 75.14 -47.24
CA LEU B 148 -8.44 74.85 -47.85
C LEU B 148 -8.78 73.40 -47.57
N GLY B 149 -10.04 73.04 -47.84
CA GLY B 149 -10.45 71.67 -47.62
C GLY B 149 -11.68 71.32 -48.42
N CYS B 150 -11.84 70.02 -48.67
CA CYS B 150 -13.02 69.48 -49.31
C CYS B 150 -13.45 68.24 -48.56
N LEU B 151 -14.76 68.07 -48.38
CA LEU B 151 -15.31 66.96 -47.63
C LEU B 151 -16.18 66.10 -48.53
N VAL B 152 -16.36 64.85 -48.11
CA VAL B 152 -17.18 63.88 -48.82
C VAL B 152 -18.33 63.49 -47.91
N LYS B 153 -19.55 63.74 -48.36
CA LYS B 153 -20.74 63.43 -47.58
C LYS B 153 -21.82 62.88 -48.50
N GLY B 154 -23.01 62.70 -47.95
CA GLY B 154 -24.16 62.27 -48.71
C GLY B 154 -23.96 60.97 -49.46
N TYR B 155 -23.02 60.14 -49.01
CA TYR B 155 -22.70 58.90 -49.70
C TYR B 155 -23.09 57.71 -48.85
N PHE B 156 -23.65 56.71 -49.52
CA PHE B 156 -23.91 55.43 -48.89
C PHE B 156 -23.79 54.33 -49.92
N PRO B 157 -23.29 53.16 -49.52
CA PRO B 157 -22.62 52.89 -48.25
C PRO B 157 -21.13 53.18 -48.33
N GLU B 158 -20.40 52.75 -47.30
CA GLU B 158 -18.95 52.83 -47.26
C GLU B 158 -18.33 52.02 -48.39
N PRO B 159 -17.04 52.28 -48.72
CA PRO B 159 -16.18 53.41 -48.37
C PRO B 159 -16.09 54.50 -49.44
N VAL B 160 -15.31 55.54 -49.14
CA VAL B 160 -14.94 56.59 -50.10
C VAL B 160 -13.48 56.95 -49.88
N THR B 161 -12.91 57.68 -50.84
CA THR B 161 -11.52 58.09 -50.75
C THR B 161 -11.34 59.44 -51.46
N LEU B 162 -10.48 60.29 -50.89
CA LEU B 162 -10.16 61.59 -51.46
C LEU B 162 -8.64 61.76 -51.51
N THR B 163 -8.15 62.31 -52.62
CA THR B 163 -6.72 62.57 -52.80
C THR B 163 -6.54 63.97 -53.39
N TRP B 164 -5.64 64.75 -52.80
CA TRP B 164 -5.38 66.11 -53.27
C TRP B 164 -4.30 66.08 -54.34
N ASN B 165 -4.66 66.49 -55.56
CA ASN B 165 -3.75 66.53 -56.70
C ASN B 165 -3.08 65.18 -56.91
N SER B 166 -3.90 64.12 -56.93
CA SER B 166 -3.43 62.75 -57.02
C SER B 166 -2.45 62.43 -55.88
N GLY B 167 -2.79 62.91 -54.68
CA GLY B 167 -1.93 62.71 -53.53
C GLY B 167 -0.61 63.44 -53.61
N SER B 168 -0.52 64.50 -54.42
CA SER B 168 0.75 65.20 -54.58
C SER B 168 1.16 65.95 -53.32
N LEU B 169 0.24 66.19 -52.40
CA LEU B 169 0.53 66.95 -51.20
C LEU B 169 -0.05 66.24 -49.99
N SER B 170 0.81 65.87 -49.05
CA SER B 170 0.38 65.27 -47.80
C SER B 170 0.14 66.29 -46.70
N SER B 171 0.51 67.54 -46.92
CA SER B 171 0.37 68.56 -45.90
C SER B 171 -1.10 68.90 -45.67
N GLY B 172 -1.54 68.82 -44.43
CA GLY B 172 -2.91 69.06 -44.09
C GLY B 172 -3.84 67.88 -44.28
N VAL B 173 -3.39 66.84 -44.96
CA VAL B 173 -4.22 65.66 -45.17
C VAL B 173 -4.55 65.05 -43.82
N HIS B 174 -5.65 65.50 -43.25
CA HIS B 174 -6.11 65.01 -41.97
C HIS B 174 -7.57 64.63 -42.13
N THR B 175 -7.83 63.73 -43.07
CA THR B 175 -9.18 63.24 -43.33
C THR B 175 -9.77 62.63 -42.07
N PHE B 176 -10.87 63.20 -41.61
CA PHE B 176 -11.46 62.78 -40.36
C PHE B 176 -12.41 61.59 -40.57
N PRO B 177 -12.55 60.75 -39.55
CA PRO B 177 -13.31 59.50 -39.73
C PRO B 177 -14.75 59.73 -40.11
N ALA B 178 -15.30 58.78 -40.86
CA ALA B 178 -16.65 58.87 -41.38
C ALA B 178 -17.69 58.62 -40.29
N VAL B 179 -18.91 59.07 -40.55
CA VAL B 179 -20.04 58.81 -39.66
C VAL B 179 -21.30 58.82 -40.51
N LEU B 180 -22.31 58.08 -40.05
CA LEU B 180 -23.57 57.97 -40.77
C LEU B 180 -24.53 59.07 -40.34
N ALA B 181 -24.92 59.91 -41.29
CA ALA B 181 -25.90 60.96 -41.08
C ALA B 181 -27.32 60.55 -41.47
N ASP B 182 -27.52 59.26 -41.76
CA ASP B 182 -28.48 58.65 -42.68
C ASP B 182 -27.86 58.57 -44.07
N LEU B 183 -26.76 59.28 -44.29
CA LEU B 183 -25.83 59.02 -45.37
C LEU B 183 -24.45 59.19 -44.77
N TYR B 184 -23.56 58.23 -45.03
CA TYR B 184 -22.22 58.31 -44.48
C TYR B 184 -21.57 59.62 -44.88
N THR B 185 -20.80 60.19 -43.96
CA THR B 185 -20.11 61.44 -44.22
C THR B 185 -18.78 61.45 -43.49
N LEU B 186 -17.80 62.11 -44.10
CA LEU B 186 -16.53 62.38 -43.47
C LEU B 186 -16.09 63.77 -43.86
N SER B 187 -14.90 64.16 -43.41
CA SER B 187 -14.32 65.44 -43.76
C SER B 187 -12.85 65.26 -44.05
N SER B 188 -12.29 66.21 -44.78
CA SER B 188 -10.87 66.18 -45.12
C SER B 188 -10.37 67.61 -45.31
N SER B 189 -9.07 67.79 -45.11
CA SER B 189 -8.43 69.09 -45.24
C SER B 189 -7.08 68.92 -45.93
N VAL B 190 -6.51 70.03 -46.35
CA VAL B 190 -5.18 70.06 -46.94
C VAL B 190 -4.55 71.40 -46.61
N THR B 191 -3.24 71.40 -46.36
CA THR B 191 -2.49 72.61 -46.05
C THR B 191 -1.59 72.92 -47.24
N VAL B 192 -1.88 74.02 -47.93
CA VAL B 192 -1.13 74.39 -49.12
C VAL B 192 -0.33 75.65 -48.85
N THR B 193 0.46 76.09 -49.83
CA THR B 193 1.31 77.25 -49.67
C THR B 193 0.55 78.51 -50.09
N SER B 194 0.65 79.54 -49.25
CA SER B 194 -0.03 80.80 -49.54
C SER B 194 0.35 81.33 -50.91
N SER B 195 1.62 81.21 -51.28
CA SER B 195 2.07 81.76 -52.56
C SER B 195 1.56 80.93 -53.73
N THR B 196 1.77 79.60 -53.67
CA THR B 196 1.44 78.77 -54.82
C THR B 196 -0.05 78.70 -55.10
N TRP B 197 -0.90 79.22 -54.22
CA TRP B 197 -2.32 79.19 -54.48
C TRP B 197 -2.83 80.62 -54.60
N PRO B 198 -3.79 80.85 -55.52
CA PRO B 198 -4.47 79.92 -56.43
C PRO B 198 -3.61 79.32 -57.54
N ALA B 199 -2.43 79.90 -57.75
CA ALA B 199 -1.57 79.58 -58.90
C ALA B 199 -1.44 78.08 -59.13
N GLU B 200 -0.79 77.38 -58.20
CA GLU B 200 -0.60 75.94 -58.35
C GLU B 200 -1.94 75.23 -58.22
N SER B 201 -2.11 74.16 -59.00
CA SER B 201 -3.40 73.51 -59.13
C SER B 201 -3.76 72.71 -57.88
N ILE B 202 -5.01 72.84 -57.44
CA ILE B 202 -5.52 72.12 -56.29
C ILE B 202 -6.74 71.32 -56.73
N THR B 203 -6.64 69.99 -56.65
CA THR B 203 -7.71 69.11 -57.08
C THR B 203 -7.83 67.93 -56.13
N CYS B 204 -9.05 67.66 -55.67
CA CYS B 204 -9.34 66.52 -54.81
C CYS B 204 -10.08 65.47 -55.63
N ASN B 205 -9.72 64.20 -55.44
CA ASN B 205 -10.20 63.11 -56.27
C ASN B 205 -11.04 62.16 -55.44
N VAL B 206 -12.33 62.08 -55.74
CA VAL B 206 -13.26 61.23 -55.00
C VAL B 206 -13.11 59.79 -55.48
N ALA B 207 -13.26 58.85 -54.56
CA ALA B 207 -13.21 57.43 -54.90
C ALA B 207 -14.15 56.61 -54.02
N HIS B 208 -15.34 56.33 -54.53
CA HIS B 208 -16.36 55.62 -53.78
C HIS B 208 -16.73 54.34 -54.54
N PRO B 209 -15.99 53.25 -54.31
CA PRO B 209 -16.19 51.97 -54.99
C PRO B 209 -17.59 51.41 -54.80
N ALA B 210 -18.19 51.61 -53.62
CA ALA B 210 -19.54 51.12 -53.38
C ALA B 210 -20.50 51.64 -54.45
N SER B 211 -20.67 52.96 -54.50
CA SER B 211 -21.38 53.55 -55.62
C SER B 211 -20.58 53.48 -56.91
N SER B 212 -19.32 53.06 -56.83
CA SER B 212 -18.42 53.04 -57.99
C SER B 212 -18.31 54.43 -58.62
N THR B 213 -18.41 55.47 -57.79
CA THR B 213 -18.41 56.85 -58.25
C THR B 213 -17.05 57.47 -57.96
N LYS B 214 -16.39 57.98 -59.00
CA LYS B 214 -15.12 58.66 -58.88
C LYS B 214 -15.23 60.04 -59.52
N VAL B 215 -14.88 61.07 -58.76
CA VAL B 215 -15.00 62.45 -59.20
C VAL B 215 -13.71 63.19 -58.83
N ASP B 216 -13.12 63.87 -59.81
CA ASP B 216 -11.93 64.68 -59.59
C ASP B 216 -12.36 66.14 -59.54
N LYS B 217 -12.28 66.74 -58.35
CA LYS B 217 -12.79 68.08 -58.11
C LYS B 217 -11.63 69.03 -57.89
N LYS B 218 -11.48 69.99 -58.81
CA LYS B 218 -10.44 71.01 -58.71
C LYS B 218 -10.88 72.12 -57.77
N ILE B 219 -9.92 72.67 -57.03
CA ILE B 219 -10.19 73.71 -56.03
C ILE B 219 -9.54 75.00 -56.51
N GLU B 220 -10.34 76.04 -56.65
CA GLU B 220 -9.89 77.34 -57.14
C GLU B 220 -10.58 78.43 -56.34
N PRO B 221 -10.02 79.64 -56.34
CA PRO B 221 -10.52 80.68 -55.42
C PRO B 221 -11.96 81.08 -55.72
N ARG B 222 -12.61 81.62 -54.70
CA ARG B 222 -14.01 82.03 -54.80
C ARG B 222 -14.28 83.08 -53.74
N GLY B 223 -15.37 83.81 -53.95
CA GLY B 223 -15.76 84.86 -53.02
C GLY B 223 -16.29 84.32 -51.71
N ASP C 1 -8.36 34.00 29.21
CA ASP C 1 -8.03 34.58 30.51
C ASP C 1 -6.63 35.13 30.49
N ILE C 2 -5.95 34.97 29.36
CA ILE C 2 -4.58 35.41 29.22
C ILE C 2 -4.59 36.94 29.09
N VAL C 3 -3.41 37.55 29.07
CA VAL C 3 -3.31 39.00 29.08
C VAL C 3 -2.28 39.43 28.05
N MET C 4 -2.60 40.49 27.32
CA MET C 4 -1.72 41.09 26.34
C MET C 4 -1.16 42.39 26.87
N THR C 5 0.09 42.69 26.54
CA THR C 5 0.72 43.96 26.91
C THR C 5 1.13 44.67 25.63
N GLN C 6 0.66 45.90 25.48
CA GLN C 6 0.82 46.67 24.26
C GLN C 6 1.69 47.88 24.58
N SER C 7 2.88 47.93 24.01
CA SER C 7 3.79 49.04 24.26
C SER C 7 4.56 49.41 22.99
N PRO C 8 5.13 50.62 22.93
CA PRO C 8 5.07 51.74 23.87
C PRO C 8 3.78 52.52 23.74
N SER C 9 3.46 53.35 24.74
CA SER C 9 2.22 54.11 24.69
C SER C 9 2.18 55.06 23.51
N SER C 10 3.20 55.89 23.36
CA SER C 10 3.20 56.89 22.29
C SER C 10 4.62 57.18 21.83
N LEU C 11 4.76 57.46 20.54
CA LEU C 11 6.04 57.81 19.95
C LEU C 11 5.85 58.94 18.95
N ALA C 12 6.55 60.06 19.17
CA ALA C 12 6.69 61.07 18.13
C ALA C 12 7.77 60.65 17.14
N MET C 13 7.68 61.16 15.92
CA MET C 13 8.55 60.67 14.88
C MET C 13 8.57 61.66 13.71
N SER C 14 9.17 61.26 12.61
CA SER C 14 9.27 62.08 11.42
C SER C 14 9.08 61.21 10.18
N VAL C 15 8.91 61.86 9.03
CA VAL C 15 8.58 61.14 7.81
C VAL C 15 9.67 60.12 7.47
N GLY C 16 9.24 59.01 6.88
CA GLY C 16 10.14 57.99 6.41
C GLY C 16 10.83 57.19 7.48
N GLN C 17 10.68 57.56 8.76
CA GLN C 17 11.41 56.87 9.81
C GLN C 17 10.86 55.47 10.03
N LYS C 18 11.72 54.61 10.56
CA LYS C 18 11.37 53.23 10.86
C LYS C 18 11.12 53.12 12.36
N VAL C 19 9.87 52.90 12.73
CA VAL C 19 9.47 52.83 14.13
C VAL C 19 8.84 51.48 14.39
N THR C 20 9.05 50.97 15.61
CA THR C 20 8.59 49.64 15.98
C THR C 20 7.91 49.67 17.34
N MET C 21 6.62 49.41 17.36
CA MET C 21 5.90 49.13 18.60
C MET C 21 6.12 47.68 19.01
N SER C 22 5.90 47.42 20.30
CA SER C 22 6.15 46.11 20.88
C SER C 22 4.85 45.40 21.24
N CYS C 23 4.90 44.08 21.21
CA CYS C 23 3.79 43.22 21.60
C CYS C 23 4.26 42.28 22.69
N LYS C 24 3.47 42.18 23.76
CA LYS C 24 3.87 41.36 24.90
C LYS C 24 2.66 40.66 25.50
N SER C 25 2.85 39.39 25.87
CA SER C 25 1.77 38.62 26.46
C SER C 25 2.32 37.46 27.26
N SER C 26 1.47 36.93 28.14
CA SER C 26 1.82 35.86 29.05
C SER C 26 2.28 34.59 28.33
N GLN C 27 1.36 33.88 27.69
CA GLN C 27 1.65 32.58 27.12
C GLN C 27 2.11 32.71 25.67
N SER C 28 2.18 31.59 24.97
CA SER C 28 2.65 31.56 23.60
C SER C 28 1.48 31.66 22.65
N LEU C 29 1.45 32.73 21.86
CA LEU C 29 0.60 32.77 20.68
C LEU C 29 1.00 31.74 19.65
N LEU C 30 2.13 31.06 19.87
CA LEU C 30 2.79 30.29 18.83
C LEU C 30 3.21 28.95 19.39
N ASP C 31 2.70 27.88 18.79
CA ASP C 31 3.33 26.58 18.86
C ASP C 31 3.44 26.06 17.44
N SER C 32 4.41 25.19 17.20
CA SER C 32 4.73 24.80 15.84
C SER C 32 4.11 23.44 15.55
N ARG C 33 3.02 23.47 14.79
CA ARG C 33 2.61 22.39 13.92
C ARG C 33 2.26 23.05 12.61
N ASN C 34 1.23 23.88 12.65
CA ASN C 34 1.01 24.90 11.65
C ASN C 34 1.77 26.18 11.96
N GLN C 35 2.52 26.21 13.05
CA GLN C 35 3.31 27.37 13.45
C GLN C 35 2.43 28.61 13.51
N LYS C 36 1.28 28.45 14.15
CA LYS C 36 0.27 29.50 14.16
C LYS C 36 0.63 30.58 15.16
N ASN C 37 0.56 31.82 14.70
CA ASN C 37 0.66 32.98 15.57
C ASN C 37 -0.70 33.66 15.61
N TYR C 38 -1.14 33.99 16.81
CA TYR C 38 -2.49 34.51 17.02
C TYR C 38 -2.53 36.02 17.17
N LEU C 39 -1.41 36.69 16.99
CA LEU C 39 -1.40 38.14 17.05
C LEU C 39 -2.24 38.73 15.93
N ALA C 40 -2.86 39.86 16.24
CA ALA C 40 -3.65 40.63 15.29
C ALA C 40 -3.09 42.05 15.19
N TRP C 41 -3.51 42.76 14.15
CA TRP C 41 -3.13 44.16 14.02
C TRP C 41 -4.32 44.94 13.50
N TYR C 42 -4.60 46.06 14.15
CA TYR C 42 -5.72 46.92 13.79
C TYR C 42 -5.31 48.37 13.81
N GLN C 43 -5.75 49.09 12.80
CA GLN C 43 -5.55 50.53 12.70
C GLN C 43 -6.88 51.22 12.91
N GLN C 44 -6.89 52.23 13.78
CA GLN C 44 -8.06 53.06 13.99
C GLN C 44 -7.62 54.52 13.97
N LYS C 45 -8.07 55.25 12.98
CA LYS C 45 -7.91 56.68 13.11
C LYS C 45 -9.04 57.25 13.96
N PRO C 46 -8.79 58.31 14.71
CA PRO C 46 -9.75 58.76 15.72
C PRO C 46 -11.14 58.97 15.14
N GLY C 47 -12.14 58.40 15.81
CA GLY C 47 -13.52 58.66 15.50
C GLY C 47 -14.10 57.87 14.35
N GLN C 48 -13.25 57.31 13.48
CA GLN C 48 -13.76 56.54 12.36
C GLN C 48 -13.78 55.06 12.74
N SER C 49 -14.11 54.23 11.77
CA SER C 49 -14.26 52.81 12.02
C SER C 49 -12.92 52.09 11.98
N PRO C 50 -12.60 51.25 12.98
CA PRO C 50 -11.37 50.46 12.90
C PRO C 50 -11.32 49.55 11.69
N LYS C 51 -10.18 48.88 11.52
CA LYS C 51 -10.00 48.03 10.35
C LYS C 51 -8.92 47.01 10.65
N LEU C 52 -8.87 45.98 9.83
CA LEU C 52 -7.88 44.93 9.97
C LEU C 52 -6.57 45.30 9.30
N LEU C 53 -5.47 45.04 9.98
CA LEU C 53 -4.14 45.26 9.41
C LEU C 53 -3.45 43.93 9.09
N VAL C 54 -2.96 43.24 10.11
CA VAL C 54 -2.21 42.00 9.93
C VAL C 54 -2.56 41.05 11.06
N TYR C 55 -2.77 39.79 10.71
CA TYR C 55 -2.94 38.73 11.69
C TYR C 55 -1.77 37.77 11.59
N PHE C 56 -1.84 36.68 12.35
CA PHE C 56 -0.70 35.78 12.45
C PHE C 56 0.56 36.54 12.82
N ALA C 57 1.56 36.39 11.97
CA ALA C 57 2.77 37.20 12.03
C ALA C 57 3.04 37.76 10.64
N SER C 58 3.27 36.86 9.69
CA SER C 58 3.73 37.23 8.35
C SER C 58 2.59 37.61 7.42
N THR C 59 1.35 37.65 7.90
CA THR C 59 0.24 38.04 7.04
C THR C 59 0.48 39.40 6.42
N ARG C 60 0.11 39.55 5.15
CA ARG C 60 0.01 40.86 4.51
C ARG C 60 -1.38 40.98 3.91
N GLU C 61 -2.17 41.88 4.47
CA GLU C 61 -3.54 42.04 4.03
C GLU C 61 -3.60 42.83 2.73
N SER C 62 -4.61 42.53 1.91
CA SER C 62 -4.80 43.24 0.65
C SER C 62 -5.07 44.72 0.92
N GLY C 63 -4.28 45.58 0.27
CA GLY C 63 -4.40 47.01 0.44
C GLY C 63 -3.38 47.63 1.36
N VAL C 64 -2.40 46.87 1.81
CA VAL C 64 -1.40 47.41 2.73
C VAL C 64 -0.02 47.36 2.08
N PRO C 65 0.57 48.52 1.80
CA PRO C 65 1.98 48.54 1.35
C PRO C 65 2.91 48.06 2.44
N ASP C 66 4.15 47.79 2.03
CA ASP C 66 5.17 47.30 2.94
C ASP C 66 5.50 48.31 4.04
N ARG C 67 4.95 49.53 3.98
CA ARG C 67 5.07 50.44 5.11
C ARG C 67 4.64 49.76 6.41
N PHE C 68 3.74 48.79 6.30
CA PHE C 68 3.43 47.88 7.40
C PHE C 68 3.89 46.49 7.02
N ILE C 69 4.83 45.95 7.79
CA ILE C 69 5.23 44.55 7.69
C ILE C 69 5.33 43.98 9.10
N GLY C 70 4.84 42.76 9.27
CA GLY C 70 4.80 42.17 10.58
C GLY C 70 6.16 41.74 11.06
N SER C 71 6.24 41.52 12.37
CA SER C 71 7.49 41.11 13.00
C SER C 71 7.15 40.48 14.34
N GLY C 72 8.18 40.10 15.07
CA GLY C 72 7.96 39.35 16.29
C GLY C 72 7.90 37.86 16.04
N SER C 73 8.34 37.10 17.02
CA SER C 73 8.39 35.65 16.92
C SER C 73 8.36 35.08 18.34
N GLY C 74 8.10 33.78 18.43
CA GLY C 74 7.98 33.17 19.73
C GLY C 74 6.74 33.64 20.44
N THR C 75 6.90 34.22 21.63
CA THR C 75 5.74 34.71 22.40
C THR C 75 5.46 36.18 22.09
N ASP C 76 6.30 37.06 22.59
CA ASP C 76 6.04 38.50 22.50
C ASP C 76 6.61 39.06 21.20
N PHE C 77 5.86 39.98 20.60
CA PHE C 77 6.11 40.34 19.20
C PHE C 77 6.32 41.84 19.04
N THR C 78 6.43 42.24 17.78
CA THR C 78 6.70 43.62 17.38
C THR C 78 5.97 43.91 16.07
N LEU C 79 5.92 45.18 15.70
CA LEU C 79 5.54 45.59 14.36
C LEU C 79 6.65 46.42 13.75
N THR C 80 7.14 45.99 12.60
CA THR C 80 8.05 46.82 11.83
C THR C 80 7.25 47.79 10.99
N ILE C 81 7.73 49.04 10.93
CA ILE C 81 7.13 50.07 10.10
C ILE C 81 8.24 50.70 9.28
N SER C 82 8.06 50.74 7.96
CA SER C 82 9.17 51.10 7.07
C SER C 82 9.33 52.62 6.95
N SER C 83 8.44 53.27 6.20
CA SER C 83 8.54 54.70 5.94
C SER C 83 7.17 55.32 6.11
N VAL C 84 7.08 56.28 7.02
CA VAL C 84 5.80 56.82 7.47
C VAL C 84 5.52 58.14 6.78
N GLN C 85 4.31 58.28 6.26
CA GLN C 85 3.80 59.56 5.81
C GLN C 85 2.66 59.99 6.72
N ALA C 86 2.09 61.16 6.40
CA ALA C 86 1.11 61.77 7.30
C ALA C 86 -0.09 60.86 7.51
N GLU C 87 -0.55 60.18 6.46
CA GLU C 87 -1.72 59.33 6.59
C GLU C 87 -1.49 58.18 7.57
N ASP C 88 -0.24 57.85 7.87
CA ASP C 88 0.03 56.71 8.73
C ASP C 88 -0.32 56.99 10.18
N LEU C 89 -0.48 58.25 10.57
CA LEU C 89 -0.87 58.53 11.94
C LEU C 89 -2.24 57.94 12.21
N ALA C 90 -2.35 57.23 13.33
CA ALA C 90 -3.56 56.52 13.70
C ALA C 90 -3.40 55.86 15.06
N ASP C 91 -4.46 55.24 15.56
CA ASP C 91 -4.43 54.55 16.85
C ASP C 91 -4.49 53.06 16.59
N TYR C 92 -3.37 52.38 16.80
CA TYR C 92 -3.21 50.96 16.51
C TYR C 92 -3.68 50.06 17.64
N PHE C 93 -4.02 48.83 17.28
CA PHE C 93 -4.31 47.77 18.24
C PHE C 93 -3.73 46.46 17.77
N CYS C 94 -3.23 45.67 18.72
CA CYS C 94 -2.78 44.31 18.46
C CYS C 94 -3.44 43.39 19.48
N GLN C 95 -4.00 42.28 18.99
CA GLN C 95 -4.79 41.42 19.86
C GLN C 95 -4.66 39.97 19.39
N GLN C 96 -5.51 39.12 19.95
CA GLN C 96 -5.30 37.68 19.94
C GLN C 96 -6.44 36.87 19.39
N HIS C 97 -6.13 35.87 18.56
CA HIS C 97 -7.15 34.95 18.11
C HIS C 97 -6.79 33.54 18.57
N TYR C 98 -7.21 33.20 19.79
CA TYR C 98 -6.83 31.94 20.41
C TYR C 98 -7.44 31.78 21.79
N SER C 99 -7.96 30.59 22.08
CA SER C 99 -8.35 30.21 23.43
C SER C 99 -9.41 31.17 23.98
N THR C 100 -10.61 30.98 23.48
CA THR C 100 -11.78 31.75 23.91
C THR C 100 -11.89 31.76 25.43
N PRO C 101 -12.33 32.90 25.98
CA PRO C 101 -12.73 34.10 25.25
C PRO C 101 -11.56 34.89 24.72
N LEU C 102 -11.86 35.97 24.02
CA LEU C 102 -10.85 36.73 23.32
C LEU C 102 -10.09 37.66 24.27
N THR C 103 -8.88 38.03 23.85
CA THR C 103 -8.04 38.95 24.59
C THR C 103 -7.48 40.00 23.65
N PHE C 104 -7.32 41.21 24.17
CA PHE C 104 -6.93 42.37 23.38
C PHE C 104 -5.68 43.03 23.94
N GLY C 105 -5.09 43.90 23.11
CA GLY C 105 -4.02 44.75 23.59
C GLY C 105 -4.53 46.01 24.24
N ALA C 106 -3.64 46.64 25.01
CA ALA C 106 -3.97 47.90 25.68
C ALA C 106 -4.36 48.98 24.68
N GLY C 107 -3.38 49.48 23.95
CA GLY C 107 -3.63 50.46 22.91
C GLY C 107 -2.32 50.99 22.36
N THR C 108 -2.35 51.53 21.15
CA THR C 108 -1.15 52.11 20.52
C THR C 108 -1.53 53.46 19.92
N LYS C 109 -0.94 54.52 20.44
CA LYS C 109 -1.24 55.87 19.99
C LYS C 109 0.05 56.50 19.45
N LEU C 110 0.09 56.73 18.15
CA LEU C 110 1.25 57.33 17.53
C LEU C 110 1.23 58.84 17.78
N GLU C 111 2.41 59.41 18.01
CA GLU C 111 2.57 60.84 18.19
C GLU C 111 3.32 61.43 17.01
N LEU C 112 3.04 62.70 16.71
CA LEU C 112 3.31 63.14 15.35
C LEU C 112 4.77 63.47 15.08
N LYS C 113 5.23 64.67 15.45
CA LYS C 113 6.46 65.19 14.85
C LYS C 113 7.01 66.35 15.67
N ARG C 114 8.01 67.00 15.10
CA ARG C 114 8.74 68.23 15.44
C ARG C 114 9.22 68.20 16.89
N ALA C 115 9.29 69.38 17.53
CA ALA C 115 9.90 69.51 18.85
C ALA C 115 9.15 70.54 19.68
N ASP C 116 8.65 70.10 20.83
CA ASP C 116 8.24 70.96 21.93
C ASP C 116 7.36 72.14 21.52
N ALA C 117 7.56 73.26 22.23
CA ALA C 117 6.77 74.48 22.10
C ALA C 117 7.18 75.45 23.20
N ALA C 118 6.56 76.63 23.24
CA ALA C 118 6.71 77.34 24.49
C ALA C 118 5.36 77.48 25.17
N PRO C 119 5.31 77.35 26.50
CA PRO C 119 4.01 77.38 27.19
C PRO C 119 3.44 78.78 27.22
N THR C 120 2.13 78.88 27.00
CA THR C 120 1.40 80.15 27.02
C THR C 120 0.29 80.05 28.06
N VAL C 121 0.42 80.81 29.14
CA VAL C 121 -0.54 80.78 30.24
C VAL C 121 -1.16 82.17 30.37
N SER C 122 -2.47 82.21 30.56
CA SER C 122 -3.19 83.43 30.89
C SER C 122 -4.13 83.14 32.05
N ILE C 123 -4.80 84.18 32.54
CA ILE C 123 -5.78 84.01 33.61
C ILE C 123 -6.91 85.00 33.38
N PHE C 124 -8.15 84.53 33.58
CA PHE C 124 -9.35 85.35 33.49
C PHE C 124 -10.10 85.21 34.81
N PRO C 125 -9.88 86.11 35.76
CA PRO C 125 -10.58 86.03 37.05
C PRO C 125 -12.08 86.02 36.86
N PRO C 126 -12.82 85.45 37.81
CA PRO C 126 -14.25 85.22 37.60
C PRO C 126 -15.02 86.49 37.29
N SER C 127 -15.82 86.43 36.23
CA SER C 127 -16.75 87.51 35.93
C SER C 127 -17.87 87.53 36.98
N SER C 128 -18.49 88.69 37.12
CA SER C 128 -19.51 88.87 38.16
C SER C 128 -20.73 88.01 37.89
N GLU C 129 -21.02 87.72 36.63
CA GLU C 129 -22.14 86.83 36.32
C GLU C 129 -21.94 85.44 36.93
N GLN C 130 -20.68 84.98 37.01
CA GLN C 130 -20.41 83.74 37.73
C GLN C 130 -20.66 83.91 39.21
N LEU C 131 -20.18 85.02 39.78
CA LEU C 131 -20.49 85.35 41.16
C LEU C 131 -21.95 85.74 41.33
N THR C 132 -22.61 86.17 40.25
CA THR C 132 -24.06 86.32 40.29
C THR C 132 -24.74 84.97 40.43
N SER C 133 -24.23 83.96 39.72
CA SER C 133 -24.80 82.62 39.80
C SER C 133 -24.65 82.02 41.19
N GLY C 134 -23.70 82.49 41.99
CA GLY C 134 -23.48 81.99 43.33
C GLY C 134 -22.24 81.16 43.49
N GLY C 135 -21.57 80.76 42.40
CA GLY C 135 -20.33 80.03 42.50
C GLY C 135 -19.13 80.92 42.19
N ALA C 136 -17.95 80.37 42.49
CA ALA C 136 -16.67 80.99 42.14
C ALA C 136 -15.98 80.07 41.14
N SER C 137 -15.90 80.52 39.89
CA SER C 137 -15.38 79.71 38.79
C SER C 137 -14.05 80.29 38.35
N VAL C 138 -12.96 79.59 38.63
CA VAL C 138 -11.62 80.00 38.26
C VAL C 138 -11.07 78.96 37.31
N VAL C 139 -10.88 79.34 36.05
CA VAL C 139 -10.24 78.46 35.08
C VAL C 139 -8.84 78.97 34.80
N CYS C 140 -8.09 78.26 33.96
CA CYS C 140 -6.77 78.69 33.54
C CYS C 140 -6.54 78.17 32.14
N PHE C 141 -5.88 78.98 31.31
CA PHE C 141 -5.72 78.68 29.89
C PHE C 141 -4.25 78.47 29.56
N LEU C 142 -3.96 77.33 28.95
CA LEU C 142 -2.64 77.02 28.44
C LEU C 142 -2.81 76.56 27.00
N ASN C 143 -2.24 77.32 26.05
CA ASN C 143 -2.50 77.10 24.64
C ASN C 143 -1.20 77.04 23.86
N ASN C 144 -1.22 76.22 22.81
CA ASN C 144 -0.07 76.01 21.92
C ASN C 144 1.18 75.63 22.70
N PHE C 145 1.12 74.42 23.25
CA PHE C 145 2.21 73.85 24.03
C PHE C 145 2.39 72.41 23.60
N TYR C 146 3.64 71.97 23.56
CA TYR C 146 3.95 70.60 23.20
C TYR C 146 5.22 70.17 23.93
N PRO C 147 5.30 68.88 24.31
CA PRO C 147 4.22 67.91 24.38
C PRO C 147 3.26 68.14 25.55
N LYS C 148 2.39 67.17 25.81
CA LYS C 148 1.29 67.34 26.74
C LYS C 148 1.73 67.66 28.16
N ASP C 149 2.96 67.36 28.53
CA ASP C 149 3.33 67.37 29.94
C ASP C 149 3.12 68.73 30.59
N ILE C 150 2.41 68.74 31.71
CA ILE C 150 2.18 69.97 32.46
C ILE C 150 1.81 69.57 33.89
N ASN C 151 2.00 70.48 34.83
CA ASN C 151 1.59 70.29 36.20
C ASN C 151 0.69 71.45 36.62
N VAL C 152 -0.23 71.16 37.54
CA VAL C 152 -1.21 72.15 37.98
C VAL C 152 -1.29 72.10 39.50
N LYS C 153 -1.26 73.28 40.12
CA LYS C 153 -1.43 73.41 41.56
C LYS C 153 -2.14 74.71 41.84
N TRP C 154 -2.88 74.75 42.95
CA TRP C 154 -3.69 75.91 43.30
C TRP C 154 -3.41 76.29 44.74
N ALA C 155 -2.88 77.50 44.94
CA ALA C 155 -2.57 78.01 46.28
C ALA C 155 -3.54 79.14 46.61
N ILE C 156 -4.34 78.93 47.65
CA ILE C 156 -5.33 79.89 48.09
C ILE C 156 -4.71 80.74 49.19
N ASP C 157 -4.44 82.02 48.88
CA ASP C 157 -3.74 82.91 49.80
C ASP C 157 -2.48 82.23 50.37
N GLY C 158 -1.84 81.40 49.55
CA GLY C 158 -0.74 80.57 49.99
C GLY C 158 -1.11 79.15 50.38
N ALA C 159 -2.38 78.91 50.69
CA ALA C 159 -2.82 77.58 51.10
C ALA C 159 -3.15 76.76 49.86
N GLU C 160 -2.54 75.58 49.74
CA GLU C 160 -2.70 74.77 48.54
C GLU C 160 -4.08 74.15 48.49
N ARG C 161 -4.69 74.16 47.31
CA ARG C 161 -5.99 73.57 47.06
C ARG C 161 -5.80 72.16 46.53
N ALA C 162 -6.23 71.17 47.31
CA ALA C 162 -6.09 69.76 46.96
C ALA C 162 -7.49 69.19 46.74
N GLY C 163 -7.79 68.84 45.49
CA GLY C 163 -9.08 68.31 45.13
C GLY C 163 -9.93 69.34 44.40
N GLY C 164 -11.09 68.86 43.92
CA GLY C 164 -12.03 69.71 43.20
C GLY C 164 -11.49 70.26 41.90
N VAL C 165 -10.33 69.77 41.48
CA VAL C 165 -9.66 70.28 40.29
C VAL C 165 -10.26 69.60 39.06
N LEU C 166 -10.58 70.39 38.05
CA LEU C 166 -11.12 69.89 36.80
C LEU C 166 -10.21 70.26 35.64
N ASN C 167 -10.15 69.37 34.65
CA ASN C 167 -9.28 69.56 33.50
C ASN C 167 -9.92 68.97 32.26
N SER C 168 -9.44 69.43 31.11
CA SER C 168 -9.81 68.87 29.81
C SER C 168 -8.69 69.22 28.84
N PHE C 169 -8.66 68.51 27.72
CA PHE C 169 -7.52 68.64 26.82
C PHE C 169 -7.98 68.49 25.37
N THR C 170 -7.24 69.15 24.48
CA THR C 170 -7.46 69.03 23.04
C THR C 170 -6.15 68.64 22.37
N GLY C 171 -6.23 67.79 21.36
CA GLY C 171 -5.05 67.21 20.75
C GLY C 171 -4.32 68.16 19.83
N GLN C 172 -3.50 67.59 18.97
CA GLN C 172 -2.69 68.36 18.05
C GLN C 172 -3.55 69.09 17.02
N ASP C 173 -2.96 70.11 16.42
CA ASP C 173 -3.44 70.69 15.17
C ASP C 173 -2.37 70.49 14.11
N SER C 174 -2.81 70.53 12.85
CA SER C 174 -1.95 70.13 11.74
C SER C 174 -0.63 70.90 11.74
N LYS C 175 -0.72 72.23 11.69
CA LYS C 175 0.47 73.08 11.72
C LYS C 175 1.28 72.87 12.99
N ASP C 176 0.71 73.27 14.13
CA ASP C 176 1.52 73.49 15.33
C ASP C 176 2.02 72.18 15.92
N SER C 177 1.17 71.15 15.92
CA SER C 177 1.37 69.90 16.65
C SER C 177 1.33 70.15 18.16
N THR C 178 1.22 71.41 18.58
CA THR C 178 1.18 71.74 19.99
C THR C 178 -0.24 71.52 20.49
N TYR C 179 -0.53 71.96 21.71
CA TYR C 179 -1.72 71.52 22.41
C TYR C 179 -2.45 72.68 23.07
N SER C 180 -3.68 72.41 23.47
CA SER C 180 -4.46 73.29 24.32
C SER C 180 -5.12 72.44 25.39
N MET C 181 -4.78 72.69 26.65
CA MET C 181 -5.38 71.99 27.78
C MET C 181 -6.00 73.02 28.71
N SER C 182 -7.20 72.71 29.19
CA SER C 182 -7.94 73.60 30.07
C SER C 182 -7.87 73.09 31.51
N SER C 183 -7.70 74.02 32.44
CA SER C 183 -7.68 73.71 33.87
C SER C 183 -8.77 74.52 34.56
N THR C 184 -9.42 73.92 35.56
CA THR C 184 -10.54 74.57 36.22
C THR C 184 -10.52 74.30 37.71
N LEU C 185 -10.67 75.36 38.51
CA LEU C 185 -10.90 75.26 39.94
C LEU C 185 -12.13 76.09 40.26
N THR C 186 -13.22 75.45 40.67
CA THR C 186 -14.49 76.14 40.83
C THR C 186 -15.17 75.71 42.11
N LEU C 187 -15.53 76.69 42.94
CA LEU C 187 -16.23 76.47 44.19
C LEU C 187 -17.31 77.54 44.31
N THR C 188 -17.93 77.64 45.48
CA THR C 188 -18.89 78.69 45.72
C THR C 188 -18.20 80.04 45.89
N LYS C 189 -18.97 81.11 45.69
CA LYS C 189 -18.44 82.46 45.76
C LYS C 189 -18.05 82.89 47.16
N ASP C 190 -18.42 82.12 48.19
CA ASP C 190 -18.22 82.56 49.57
C ASP C 190 -16.75 82.83 49.86
N GLU C 191 -15.86 81.98 49.33
CA GLU C 191 -14.43 82.15 49.59
C GLU C 191 -13.79 83.20 48.70
N TYR C 192 -14.31 83.40 47.49
CA TYR C 192 -13.62 84.19 46.47
C TYR C 192 -13.41 85.62 46.93
N GLU C 193 -14.50 86.32 47.25
CA GLU C 193 -14.36 87.69 47.77
C GLU C 193 -13.80 87.72 49.17
N ARG C 194 -13.64 86.57 49.82
CA ARG C 194 -13.01 86.52 51.13
C ARG C 194 -11.51 86.32 50.96
N HIS C 195 -11.13 85.15 50.47
CA HIS C 195 -9.73 84.83 50.27
C HIS C 195 -9.21 85.64 49.08
N ALA C 196 -8.16 86.41 49.32
CA ALA C 196 -7.66 87.36 48.33
C ALA C 196 -6.93 86.70 47.17
N SER C 197 -5.61 86.55 47.33
CA SER C 197 -4.76 86.12 46.23
C SER C 197 -4.86 84.61 46.00
N TYR C 198 -4.86 84.23 44.73
CA TYR C 198 -4.85 82.83 44.34
C TYR C 198 -3.68 82.60 43.37
N THR C 199 -3.20 81.36 43.35
CA THR C 199 -1.97 81.02 42.65
C THR C 199 -2.15 79.73 41.86
N CYS C 200 -1.84 79.76 40.57
CA CYS C 200 -1.91 78.59 39.71
C CYS C 200 -0.60 78.46 38.95
N GLU C 201 0.15 77.41 39.24
CA GLU C 201 1.46 77.19 38.63
C GLU C 201 1.36 76.16 37.51
N ALA C 202 2.13 76.38 36.45
CA ALA C 202 2.21 75.48 35.31
C ALA C 202 3.64 75.01 35.14
N THR C 203 3.85 73.70 35.07
CA THR C 203 5.18 73.14 34.93
C THR C 203 5.32 72.30 33.66
N HIS C 204 5.86 72.92 32.62
CA HIS C 204 6.16 72.23 31.38
C HIS C 204 7.65 71.94 31.43
N LYS C 205 8.10 70.93 30.70
CA LYS C 205 9.54 70.67 30.63
C LYS C 205 10.20 71.79 29.86
N THR C 206 9.46 72.36 28.91
CA THR C 206 9.87 73.63 28.34
C THR C 206 9.71 74.71 29.40
N SER C 207 10.72 75.59 29.51
CA SER C 207 10.84 76.55 30.60
C SER C 207 10.85 75.83 31.95
N THR C 208 11.98 75.14 32.20
CA THR C 208 12.16 74.37 33.41
C THR C 208 11.98 75.19 34.68
N ALA C 209 12.15 76.50 34.60
CA ALA C 209 11.92 77.35 35.75
C ALA C 209 10.47 77.24 36.20
N PRO C 210 10.19 77.30 37.49
CA PRO C 210 8.82 77.11 37.97
C PRO C 210 7.92 78.28 37.62
N ILE C 211 7.46 78.33 36.37
CA ILE C 211 6.61 79.43 35.92
C ILE C 211 5.30 79.40 36.71
N VAL C 212 4.97 80.52 37.33
CA VAL C 212 3.82 80.63 38.23
C VAL C 212 2.90 81.73 37.72
N LYS C 213 1.59 81.49 37.80
CA LYS C 213 0.58 82.46 37.40
C LYS C 213 -0.40 82.63 38.55
N SER C 214 -0.44 83.83 39.12
CA SER C 214 -1.29 84.12 40.27
C SER C 214 -2.24 85.27 39.94
N PHE C 215 -3.00 85.67 40.95
CA PHE C 215 -3.96 86.78 40.86
C PHE C 215 -4.61 86.96 42.22
N ASN C 216 -5.41 88.02 42.33
CA ASN C 216 -6.09 88.38 43.57
C ASN C 216 -7.52 88.78 43.22
N ARG C 217 -8.35 88.87 44.25
CA ARG C 217 -9.69 89.40 44.08
C ARG C 217 -9.64 90.93 43.98
N GLY C 218 -10.41 91.48 43.04
CA GLY C 218 -10.41 92.90 42.81
C GLY C 218 -9.21 93.44 42.06
N ALA C 219 -8.17 92.63 41.86
CA ALA C 219 -6.96 93.02 41.14
C ALA C 219 -6.66 91.97 40.08
N ALA C 220 -5.77 92.33 39.17
CA ALA C 220 -5.40 91.46 38.06
C ALA C 220 -4.88 90.11 38.54
N GLU D 1 -22.37 44.71 -1.20
CA GLU D 1 -21.76 43.48 -0.74
C GLU D 1 -21.76 43.39 0.78
N VAL D 2 -20.56 43.25 1.36
CA VAL D 2 -20.46 43.20 2.81
C VAL D 2 -21.00 44.49 3.36
N LYS D 3 -22.03 44.40 4.20
CA LYS D 3 -22.63 45.60 4.76
C LYS D 3 -23.31 45.27 6.07
N LEU D 4 -23.24 46.20 7.01
CA LEU D 4 -23.95 46.13 8.26
C LEU D 4 -24.58 47.48 8.54
N GLU D 5 -25.78 47.47 9.08
CA GLU D 5 -26.42 48.70 9.56
C GLU D 5 -26.41 48.65 11.07
N GLN D 6 -25.51 49.41 11.68
CA GLN D 6 -25.44 49.53 13.13
C GLN D 6 -26.05 50.88 13.46
N SER D 7 -27.26 50.87 14.01
CA SER D 7 -28.12 52.04 13.94
C SER D 7 -28.56 52.48 15.32
N GLY D 8 -29.05 53.71 15.38
CA GLY D 8 -29.63 54.25 16.59
C GLY D 8 -28.62 54.86 17.52
N ALA D 9 -29.14 55.58 18.51
CA ALA D 9 -28.41 56.01 19.68
C ALA D 9 -29.43 56.22 20.78
N GLU D 10 -29.01 56.07 22.03
CA GLU D 10 -30.00 56.11 23.08
C GLU D 10 -29.43 56.61 24.39
N LEU D 11 -30.29 57.27 25.15
CA LEU D 11 -30.07 57.62 26.53
C LEU D 11 -31.28 57.15 27.31
N ALA D 12 -31.06 56.50 28.45
CA ALA D 12 -32.16 55.95 29.21
C ALA D 12 -31.87 56.03 30.71
N ARG D 13 -32.85 55.59 31.47
CA ARG D 13 -32.83 55.68 32.92
C ARG D 13 -32.04 54.52 33.53
N PRO D 14 -31.69 54.62 34.81
CA PRO D 14 -31.05 53.47 35.46
C PRO D 14 -31.99 52.29 35.49
N GLY D 15 -31.41 51.09 35.52
CA GLY D 15 -32.18 49.89 35.68
C GLY D 15 -33.13 49.57 34.54
N ALA D 16 -33.05 50.34 33.46
CA ALA D 16 -33.98 50.21 32.35
C ALA D 16 -33.48 49.13 31.39
N SER D 17 -34.12 49.02 30.23
CA SER D 17 -33.75 48.08 29.19
C SER D 17 -33.39 48.82 27.92
N VAL D 18 -32.60 48.15 27.08
CA VAL D 18 -32.06 48.75 25.86
C VAL D 18 -32.24 47.78 24.69
N LYS D 19 -31.98 48.30 23.50
CA LYS D 19 -32.20 47.56 22.26
C LYS D 19 -31.14 47.97 21.26
N LEU D 20 -30.70 47.01 20.44
CA LEU D 20 -29.72 47.29 19.41
C LEU D 20 -30.06 46.51 18.16
N SER D 21 -29.51 46.95 17.02
CA SER D 21 -29.78 46.27 15.77
C SER D 21 -28.60 46.39 14.81
N CYS D 22 -28.32 45.29 14.11
CA CYS D 22 -27.34 45.25 13.04
C CYS D 22 -27.87 44.33 11.95
N LYS D 23 -27.86 44.81 10.71
CA LYS D 23 -28.59 44.18 9.62
C LYS D 23 -27.63 43.72 8.52
N ALA D 24 -28.12 42.81 7.69
CA ALA D 24 -27.30 42.02 6.79
C ALA D 24 -27.43 42.45 5.35
N SER D 25 -26.34 42.29 4.60
CA SER D 25 -26.39 42.39 3.15
C SER D 25 -25.32 41.51 2.54
N GLY D 26 -25.65 40.83 1.45
CA GLY D 26 -24.66 40.14 0.64
C GLY D 26 -24.14 38.83 1.18
N TYR D 27 -24.99 38.05 1.85
CA TYR D 27 -24.61 36.76 2.43
C TYR D 27 -25.82 36.19 3.15
N THR D 28 -25.68 35.02 3.76
CA THR D 28 -26.74 34.48 4.58
C THR D 28 -26.60 34.96 6.01
N PHE D 29 -27.62 35.63 6.52
CA PHE D 29 -27.54 36.27 7.83
C PHE D 29 -27.32 35.27 8.94
N ALA D 30 -27.91 34.09 8.86
CA ALA D 30 -27.94 33.17 9.98
C ALA D 30 -26.86 32.10 9.93
N SER D 31 -25.95 32.17 8.97
CA SER D 31 -25.03 31.07 8.74
C SER D 31 -23.73 31.17 9.50
N TYR D 32 -23.55 32.14 10.37
CA TYR D 32 -22.27 32.28 11.05
C TYR D 32 -22.44 32.79 12.46
N TRP D 33 -21.33 32.88 13.16
CA TRP D 33 -21.29 33.56 14.44
C TRP D 33 -21.31 35.06 14.23
N MET D 34 -21.67 35.79 15.28
CA MET D 34 -21.69 37.24 15.23
C MET D 34 -21.12 37.77 16.53
N GLN D 35 -20.82 39.07 16.56
CA GLN D 35 -20.11 39.66 17.67
C GLN D 35 -20.80 40.91 18.20
N TRP D 36 -20.48 41.22 19.45
CA TRP D 36 -20.79 42.49 20.07
C TRP D 36 -19.57 42.91 20.87
N VAL D 37 -19.10 44.14 20.63
CA VAL D 37 -17.88 44.63 21.24
C VAL D 37 -18.17 46.00 21.85
N LYS D 38 -17.84 46.16 23.13
CA LYS D 38 -18.09 47.39 23.87
C LYS D 38 -16.88 48.31 23.74
N GLN D 39 -17.13 49.55 23.32
CA GLN D 39 -16.09 50.54 23.10
C GLN D 39 -16.23 51.63 24.13
N ARG D 40 -15.34 51.65 25.11
CA ARG D 40 -15.34 52.66 26.17
C ARG D 40 -14.03 53.42 26.17
N PRO D 41 -14.04 54.72 25.89
CA PRO D 41 -12.78 55.47 25.83
C PRO D 41 -11.95 55.29 27.10
N GLY D 42 -10.64 55.20 26.92
CA GLY D 42 -9.73 54.89 28.00
C GLY D 42 -9.63 53.42 28.32
N GLN D 43 -10.63 52.64 27.93
CA GLN D 43 -10.60 51.19 28.00
C GLN D 43 -10.84 50.60 26.61
N GLY D 44 -11.99 50.89 26.02
CA GLY D 44 -12.21 50.53 24.63
C GLY D 44 -12.48 49.06 24.42
N LEU D 45 -11.74 48.48 23.50
CA LEU D 45 -12.10 47.19 22.93
C LEU D 45 -12.28 46.13 24.01
N GLU D 46 -13.44 45.50 24.00
CA GLU D 46 -13.72 44.37 24.87
C GLU D 46 -14.70 43.45 24.16
N TRP D 47 -14.50 42.15 24.28
CA TRP D 47 -15.30 41.16 23.57
C TRP D 47 -16.40 40.66 24.48
N ILE D 48 -17.64 41.06 24.20
CA ILE D 48 -18.77 40.58 24.98
C ILE D 48 -18.89 39.07 24.83
N GLY D 49 -19.29 38.64 23.65
CA GLY D 49 -19.70 37.26 23.46
C GLY D 49 -19.95 37.01 22.00
N ALA D 50 -20.70 35.95 21.71
CA ALA D 50 -21.01 35.64 20.33
C ALA D 50 -22.30 34.83 20.27
N ILE D 51 -22.95 34.88 19.11
CA ILE D 51 -24.20 34.17 18.92
C ILE D 51 -24.26 33.64 17.50
N TYR D 52 -24.77 32.43 17.34
CA TYR D 52 -24.88 31.79 16.04
C TYR D 52 -26.35 31.61 15.69
N PRO D 53 -26.89 32.42 14.78
CA PRO D 53 -28.33 32.42 14.56
C PRO D 53 -28.92 31.10 14.14
N GLY D 54 -28.12 30.13 13.74
CA GLY D 54 -28.69 28.90 13.25
C GLY D 54 -29.65 28.33 14.27
N ASP D 55 -29.16 28.01 15.45
CA ASP D 55 -30.03 27.82 16.59
C ASP D 55 -30.04 29.01 17.53
N GLY D 56 -29.19 30.00 17.31
CA GLY D 56 -29.05 31.04 18.31
C GLY D 56 -28.32 30.59 19.56
N ASP D 57 -27.29 29.76 19.41
CA ASP D 57 -26.49 29.40 20.56
C ASP D 57 -25.66 30.59 21.01
N THR D 58 -25.24 30.55 22.26
CA THR D 58 -24.75 31.74 22.92
C THR D 58 -23.36 31.50 23.51
N TRP D 59 -22.67 32.61 23.74
CA TRP D 59 -21.45 32.62 24.54
C TRP D 59 -21.44 33.87 25.40
N TYR D 60 -21.29 33.68 26.70
CA TYR D 60 -21.35 34.77 27.65
C TYR D 60 -20.10 34.72 28.50
N THR D 61 -19.25 35.72 28.34
CA THR D 61 -18.02 35.79 29.12
C THR D 61 -18.36 36.08 30.57
N GLN D 62 -17.44 35.68 31.46
CA GLN D 62 -17.64 35.82 32.89
C GLN D 62 -18.14 37.22 33.25
N LYS D 63 -17.57 38.25 32.63
CA LYS D 63 -18.01 39.61 32.88
C LYS D 63 -19.50 39.76 32.67
N PHE D 64 -19.96 39.52 31.46
CA PHE D 64 -21.34 39.80 31.09
C PHE D 64 -22.29 38.66 31.40
N LYS D 65 -21.81 37.62 32.07
CA LYS D 65 -22.70 36.59 32.55
C LYS D 65 -23.85 37.23 33.31
N GLY D 66 -25.02 36.62 33.26
CA GLY D 66 -26.19 37.35 33.70
C GLY D 66 -26.59 38.42 32.71
N LYS D 67 -26.52 39.68 33.13
CA LYS D 67 -27.22 40.81 32.53
C LYS D 67 -27.25 40.81 31.01
N ALA D 68 -26.15 40.44 30.37
CA ALA D 68 -26.12 40.46 28.92
C ALA D 68 -26.98 39.34 28.35
N THR D 69 -27.67 39.63 27.25
CA THR D 69 -28.54 38.66 26.59
C THR D 69 -28.54 38.92 25.10
N LEU D 70 -28.55 37.86 24.30
CA LEU D 70 -28.42 38.00 22.86
C LEU D 70 -29.38 37.06 22.14
N THR D 71 -30.14 37.62 21.19
CA THR D 71 -30.96 36.86 20.26
C THR D 71 -30.95 37.58 18.92
N ALA D 72 -31.44 36.90 17.89
CA ALA D 72 -31.65 37.53 16.61
C ALA D 72 -32.66 36.74 15.81
N ASP D 73 -33.18 37.37 14.75
CA ASP D 73 -34.06 36.70 13.81
C ASP D 73 -33.58 36.95 12.39
N LYS D 74 -33.54 35.89 11.60
CA LYS D 74 -32.99 35.96 10.25
C LYS D 74 -34.00 36.49 9.24
N SER D 75 -35.28 36.20 9.42
CA SER D 75 -36.27 36.84 8.56
C SER D 75 -36.13 38.35 8.63
N SER D 76 -35.80 38.86 9.81
CA SER D 76 -35.38 40.25 9.92
C SER D 76 -34.00 40.46 9.32
N SER D 77 -33.18 39.42 9.32
CA SER D 77 -31.79 39.53 8.88
C SER D 77 -31.08 40.64 9.66
N THR D 78 -31.42 40.78 10.93
CA THR D 78 -30.91 41.87 11.74
C THR D 78 -30.55 41.37 13.12
N ALA D 79 -29.37 41.74 13.59
CA ALA D 79 -28.93 41.39 14.92
C ALA D 79 -29.74 42.11 15.98
N TYR D 80 -29.78 41.54 17.17
CA TYR D 80 -30.32 42.20 18.35
C TYR D 80 -29.36 42.05 19.52
N MET D 81 -29.41 43.00 20.43
CA MET D 81 -28.79 42.86 21.74
C MET D 81 -29.75 43.37 22.79
N GLN D 82 -30.12 42.49 23.71
CA GLN D 82 -31.09 42.82 24.74
C GLN D 82 -30.33 42.90 26.06
N LEU D 83 -30.31 44.08 26.67
CA LEU D 83 -29.72 44.27 27.97
C LEU D 83 -30.69 45.03 28.85
N SER D 84 -30.71 44.69 30.13
CA SER D 84 -31.65 45.28 31.08
C SER D 84 -30.91 45.63 32.36
N SER D 85 -31.59 46.40 33.21
CA SER D 85 -31.05 46.83 34.50
C SER D 85 -29.72 47.58 34.30
N LEU D 86 -29.88 48.79 33.78
CA LEU D 86 -28.77 49.59 33.30
C LEU D 86 -27.91 50.08 34.47
N ALA D 87 -26.94 50.92 34.14
CA ALA D 87 -25.96 51.42 35.11
C ALA D 87 -25.13 52.48 34.42
N SER D 88 -24.41 53.26 35.23
CA SER D 88 -23.70 54.43 34.71
C SER D 88 -22.59 54.02 33.75
N GLU D 89 -21.67 53.18 34.21
CA GLU D 89 -20.56 52.77 33.36
C GLU D 89 -21.02 52.04 32.11
N ASP D 90 -22.29 51.61 32.07
CA ASP D 90 -22.82 51.02 30.85
C ASP D 90 -22.71 51.97 29.68
N SER D 91 -22.74 53.28 29.93
CA SER D 91 -22.60 54.25 28.86
C SER D 91 -21.30 54.04 28.13
N ALA D 92 -21.38 53.85 26.82
CA ALA D 92 -20.23 53.61 25.96
C ALA D 92 -20.70 53.38 24.54
N VAL D 93 -19.76 53.17 23.64
CA VAL D 93 -20.06 52.73 22.28
C VAL D 93 -20.12 51.21 22.27
N TYR D 94 -21.21 50.67 21.76
CA TYR D 94 -21.28 49.25 21.41
C TYR D 94 -21.05 49.18 19.91
N TYR D 95 -19.88 48.68 19.54
CA TYR D 95 -19.38 48.77 18.18
C TYR D 95 -19.04 47.35 17.75
N CYS D 96 -19.83 46.82 16.82
CA CYS D 96 -19.79 45.40 16.54
C CYS D 96 -19.82 45.14 15.05
N ALA D 97 -19.41 43.93 14.69
CA ALA D 97 -19.35 43.50 13.30
C ALA D 97 -19.42 41.98 13.31
N ARG D 98 -19.19 41.37 12.16
CA ARG D 98 -19.16 39.92 12.08
C ARG D 98 -17.82 39.39 11.62
N PRO D 99 -17.16 38.58 12.45
CA PRO D 99 -15.97 37.89 11.99
C PRO D 99 -16.33 36.83 10.97
N PRO D 100 -15.42 36.50 10.08
CA PRO D 100 -15.50 35.19 9.42
C PRO D 100 -14.99 34.14 10.38
N TYR D 101 -15.65 32.97 10.39
CA TYR D 101 -15.42 31.90 11.37
C TYR D 101 -15.28 30.57 10.64
N TYR D 102 -16.38 30.15 10.05
CA TYR D 102 -16.34 29.55 8.74
C TYR D 102 -16.09 30.74 7.80
N TYR D 103 -16.23 30.57 6.49
CA TYR D 103 -15.71 31.47 5.45
C TYR D 103 -14.31 31.06 5.02
N GLY D 104 -13.83 29.91 5.49
CA GLY D 104 -12.51 29.47 5.06
C GLY D 104 -11.47 30.20 5.85
N THR D 105 -11.71 30.22 7.14
CA THR D 105 -11.02 31.09 8.06
C THR D 105 -11.30 30.56 9.46
N THR D 106 -10.92 31.36 10.45
CA THR D 106 -11.16 31.16 11.85
C THR D 106 -11.35 32.55 12.44
N TYR D 107 -11.07 32.70 13.72
CA TYR D 107 -11.37 33.93 14.44
C TYR D 107 -10.56 35.12 13.94
N TYR D 108 -10.47 36.16 14.76
CA TYR D 108 -10.23 37.58 14.46
C TYR D 108 -11.31 38.07 13.51
N PHE D 109 -11.03 39.01 12.61
CA PHE D 109 -12.12 39.75 11.99
C PHE D 109 -11.75 40.27 10.61
N ASP D 110 -12.71 40.23 9.69
CA ASP D 110 -12.61 40.84 8.38
C ASP D 110 -13.30 42.18 8.27
N TYR D 111 -13.97 42.64 9.31
CA TYR D 111 -14.92 43.72 9.12
C TYR D 111 -15.19 44.42 10.43
N TRP D 112 -15.65 45.67 10.32
CA TRP D 112 -16.14 46.46 11.43
C TRP D 112 -17.41 47.17 11.00
N GLY D 113 -18.40 47.18 11.87
CA GLY D 113 -19.70 47.72 11.54
C GLY D 113 -19.74 49.25 11.54
N GLN D 114 -20.97 49.76 11.54
CA GLN D 114 -21.16 51.21 11.48
C GLN D 114 -20.75 51.86 12.79
N GLY D 115 -21.12 51.27 13.91
CA GLY D 115 -20.97 51.89 15.20
C GLY D 115 -22.28 52.42 15.74
N THR D 116 -22.42 52.36 17.06
CA THR D 116 -23.57 52.92 17.74
C THR D 116 -23.16 53.25 19.18
N THR D 117 -23.73 54.31 19.72
CA THR D 117 -23.36 54.81 21.03
C THR D 117 -24.55 54.82 21.95
N LEU D 118 -24.33 54.38 23.18
CA LEU D 118 -25.36 54.33 24.21
C LEU D 118 -24.89 55.08 25.43
N THR D 119 -25.79 55.87 26.02
CA THR D 119 -25.50 56.66 27.21
C THR D 119 -26.56 56.40 28.26
N VAL D 120 -26.12 56.13 29.48
CA VAL D 120 -27.00 55.89 30.62
C VAL D 120 -26.26 56.43 31.84
N SER D 121 -26.94 57.12 32.75
CA SER D 121 -28.36 57.41 32.66
C SER D 121 -28.63 58.86 32.27
N GLY D 122 -29.90 59.18 32.11
CA GLY D 122 -30.31 60.48 31.61
C GLY D 122 -30.95 61.39 32.65
N ALA D 123 -31.31 62.57 32.15
CA ALA D 123 -32.12 63.56 32.85
C ALA D 123 -33.06 64.16 31.81
N LYS D 124 -33.74 65.23 32.17
CA LYS D 124 -34.58 65.93 31.20
C LYS D 124 -33.79 67.07 30.57
N THR D 125 -34.10 67.32 29.29
CA THR D 125 -33.36 68.30 28.51
C THR D 125 -33.37 69.67 29.19
N THR D 126 -32.21 70.33 29.19
CA THR D 126 -32.05 71.65 29.78
C THR D 126 -31.42 72.59 28.77
N ALA D 127 -31.50 73.87 29.07
CA ALA D 127 -30.97 74.92 28.21
C ALA D 127 -29.51 75.22 28.55
N PRO D 128 -28.75 75.75 27.59
CA PRO D 128 -27.36 76.09 27.87
C PRO D 128 -27.22 77.15 28.95
N SER D 129 -26.01 77.25 29.50
CA SER D 129 -25.63 78.31 30.42
C SER D 129 -24.29 78.85 29.97
N VAL D 130 -24.24 80.14 29.65
CA VAL D 130 -23.05 80.74 29.04
C VAL D 130 -22.61 81.96 29.86
N TYR D 131 -21.45 81.86 30.48
CA TYR D 131 -20.79 83.01 31.11
C TYR D 131 -19.42 83.23 30.49
N PRO D 132 -19.21 84.30 29.72
CA PRO D 132 -17.86 84.63 29.25
C PRO D 132 -16.99 85.19 30.36
N LEU D 133 -15.68 85.20 30.11
CA LEU D 133 -14.69 85.65 31.07
C LEU D 133 -13.82 86.76 30.50
N ALA D 134 -13.21 87.52 31.41
CA ALA D 134 -12.28 88.58 31.05
C ALA D 134 -11.29 88.74 32.18
N PRO D 135 -10.28 89.58 32.03
CA PRO D 135 -9.38 89.88 33.14
C PRO D 135 -10.02 90.82 34.16
N ALA D 136 -9.49 90.74 35.38
CA ALA D 136 -9.94 91.60 36.47
C ALA D 136 -9.43 93.03 36.28
N ALA D 137 -10.07 93.95 37.00
CA ALA D 137 -9.69 95.38 37.02
C ALA D 137 -9.87 96.01 35.65
N GLY D 138 -10.77 95.48 34.85
CA GLY D 138 -11.13 96.08 33.57
C GLY D 138 -10.20 95.67 32.45
N ALA D 139 -10.75 95.61 31.24
CA ALA D 139 -10.00 95.29 30.04
C ALA D 139 -10.37 96.29 28.96
N ALA D 140 -9.42 97.11 28.55
CA ALA D 140 -9.58 98.01 27.42
C ALA D 140 -8.96 97.48 26.13
N GLY D 141 -8.40 96.27 26.17
CA GLY D 141 -7.62 95.75 25.06
C GLY D 141 -6.12 95.85 25.25
N ALA D 142 -5.65 96.08 26.47
CA ALA D 142 -4.23 96.21 26.72
C ALA D 142 -3.51 94.87 26.49
N GLY D 143 -2.20 94.97 26.28
CA GLY D 143 -1.37 93.81 26.04
C GLY D 143 -1.01 93.66 24.57
N SER D 144 -0.16 92.67 24.31
CA SER D 144 0.25 92.39 22.94
C SER D 144 -0.95 91.98 22.09
N SER D 145 -1.62 90.91 22.48
CA SER D 145 -2.87 90.49 21.85
C SER D 145 -3.83 90.09 22.95
N VAL D 146 -4.96 90.81 23.04
CA VAL D 146 -5.91 90.55 24.11
C VAL D 146 -6.63 89.24 23.83
N THR D 147 -6.91 88.48 24.89
CA THR D 147 -7.59 87.20 24.78
C THR D 147 -8.86 87.24 25.63
N LEU D 148 -9.94 86.67 25.10
CA LEU D 148 -11.19 86.54 25.82
C LEU D 148 -11.79 85.18 25.49
N GLY D 149 -12.79 84.79 26.26
CA GLY D 149 -13.43 83.51 26.02
C GLY D 149 -14.82 83.46 26.61
N CYS D 150 -15.63 82.57 26.03
CA CYS D 150 -16.96 82.28 26.54
C CYS D 150 -17.15 80.77 26.54
N LEU D 151 -17.80 80.26 27.59
CA LEU D 151 -18.00 78.84 27.77
C LEU D 151 -19.48 78.52 27.77
N VAL D 152 -19.80 77.26 27.46
CA VAL D 152 -21.16 76.77 27.44
C VAL D 152 -21.27 75.68 28.49
N LYS D 153 -22.15 75.87 29.47
CA LYS D 153 -22.33 74.90 30.54
C LYS D 153 -23.81 74.81 30.86
N GLY D 154 -24.11 74.09 31.94
CA GLY D 154 -25.47 73.95 32.43
C GLY D 154 -26.46 73.43 31.41
N TYR D 155 -25.99 72.73 30.40
CA TYR D 155 -26.83 72.26 29.31
C TYR D 155 -26.92 70.75 29.35
N PHE D 156 -28.12 70.24 29.12
CA PHE D 156 -28.34 68.83 28.93
C PHE D 156 -29.50 68.62 27.96
N PRO D 157 -29.43 67.57 27.13
CA PRO D 157 -28.25 66.76 26.85
C PRO D 157 -27.38 67.35 25.75
N GLU D 158 -26.42 66.55 25.29
CA GLU D 158 -25.59 66.91 24.15
C GLU D 158 -26.43 67.09 22.89
N PRO D 159 -25.88 67.76 21.85
CA PRO D 159 -24.68 68.61 21.80
C PRO D 159 -24.97 70.11 21.90
N VAL D 160 -23.89 70.91 21.84
CA VAL D 160 -23.97 72.36 21.74
C VAL D 160 -22.87 72.83 20.78
N THR D 161 -22.97 74.08 20.36
CA THR D 161 -21.99 74.66 19.44
C THR D 161 -21.85 76.15 19.70
N LEU D 162 -20.62 76.65 19.58
CA LEU D 162 -20.31 78.07 19.75
C LEU D 162 -19.47 78.56 18.59
N THR D 163 -19.80 79.75 18.08
CA THR D 163 -19.06 80.37 16.98
C THR D 163 -18.82 81.84 17.30
N TRP D 164 -17.58 82.28 17.13
CA TRP D 164 -17.21 83.66 17.40
C TRP D 164 -17.43 84.51 16.17
N ASN D 165 -18.36 85.48 16.26
CA ASN D 165 -18.70 86.39 15.17
C ASN D 165 -19.06 85.61 13.91
N SER D 166 -19.95 84.63 14.08
CA SER D 166 -20.34 83.72 13.00
C SER D 166 -19.11 83.01 12.43
N GLY D 167 -18.21 82.58 13.31
CA GLY D 167 -16.99 81.93 12.88
C GLY D 167 -16.04 82.82 12.11
N SER D 168 -16.14 84.15 12.28
CA SER D 168 -15.30 85.06 11.53
C SER D 168 -13.84 84.98 11.95
N LEU D 169 -13.55 84.41 13.13
CA LEU D 169 -12.19 84.35 13.63
C LEU D 169 -11.91 82.95 14.16
N SER D 170 -10.92 82.28 13.58
CA SER D 170 -10.48 80.98 14.05
C SER D 170 -9.36 81.07 15.08
N SER D 171 -8.81 82.26 15.30
CA SER D 171 -7.70 82.40 16.23
C SER D 171 -8.18 82.22 17.67
N GLY D 172 -7.53 81.31 18.40
CA GLY D 172 -7.91 80.99 19.75
C GLY D 172 -9.05 80.01 19.89
N VAL D 173 -9.75 79.70 18.80
CA VAL D 173 -10.84 78.74 18.84
C VAL D 173 -10.27 77.39 19.26
N HIS D 174 -10.25 77.16 20.57
CA HIS D 174 -9.76 75.93 21.13
C HIS D 174 -10.81 75.41 22.08
N THR D 175 -12.02 75.22 21.56
CA THR D 175 -13.13 74.71 22.35
C THR D 175 -12.78 73.36 22.96
N PHE D 176 -12.79 73.29 24.27
CA PHE D 176 -12.37 72.09 24.96
C PHE D 176 -13.51 71.09 25.10
N PRO D 177 -13.21 69.80 25.15
CA PRO D 177 -14.25 68.78 25.12
C PRO D 177 -15.21 68.88 26.29
N ALA D 178 -16.45 68.48 26.04
CA ALA D 178 -17.51 68.57 27.03
C ALA D 178 -17.36 67.50 28.11
N VAL D 179 -18.02 67.73 29.24
CA VAL D 179 -18.08 66.76 30.33
C VAL D 179 -19.37 67.01 31.10
N LEU D 180 -19.88 65.95 31.72
CA LEU D 180 -21.13 66.01 32.46
C LEU D 180 -20.85 66.41 33.91
N ALA D 181 -21.42 67.54 34.32
CA ALA D 181 -21.34 68.02 35.69
C ALA D 181 -22.55 67.64 36.52
N ASP D 182 -23.41 66.76 36.00
CA ASP D 182 -24.86 66.64 36.20
C ASP D 182 -25.57 67.54 35.20
N LEU D 183 -24.86 68.46 34.56
CA LEU D 183 -25.26 69.09 33.33
C LEU D 183 -24.02 69.16 32.47
N TYR D 184 -24.14 68.76 31.22
CA TYR D 184 -22.99 68.79 30.32
C TYR D 184 -22.39 70.18 30.28
N THR D 185 -21.06 70.23 30.22
CA THR D 185 -20.36 71.50 30.17
C THR D 185 -19.11 71.35 29.32
N LEU D 186 -18.77 72.44 28.64
CA LEU D 186 -17.51 72.54 27.91
C LEU D 186 -16.97 73.96 28.09
N SER D 187 -15.86 74.24 27.45
CA SER D 187 -15.26 75.57 27.48
C SER D 187 -14.76 75.91 26.08
N SER D 188 -14.61 77.21 25.84
CA SER D 188 -14.11 77.69 24.56
C SER D 188 -13.39 79.01 24.77
N SER D 189 -12.48 79.31 23.85
CA SER D 189 -11.68 80.52 23.91
C SER D 189 -11.54 81.09 22.50
N VAL D 190 -11.08 82.34 22.42
CA VAL D 190 -10.80 82.99 21.16
C VAL D 190 -9.65 83.97 21.38
N THR D 191 -8.79 84.10 20.39
CA THR D 191 -7.64 85.01 20.45
C THR D 191 -7.90 86.15 19.47
N VAL D 192 -8.10 87.35 20.01
CA VAL D 192 -8.42 88.51 19.19
C VAL D 192 -7.27 89.49 19.23
N THR D 193 -7.39 90.58 18.48
CA THR D 193 -6.33 91.58 18.37
C THR D 193 -6.51 92.63 19.46
N SER D 194 -5.42 92.95 20.14
CA SER D 194 -5.46 93.95 21.21
C SER D 194 -6.03 95.26 20.71
N SER D 195 -5.69 95.67 19.49
CA SER D 195 -6.16 96.95 18.97
C SER D 195 -7.64 96.89 18.61
N THR D 196 -8.05 95.88 17.84
CA THR D 196 -9.42 95.84 17.34
C THR D 196 -10.45 95.64 18.43
N TRP D 197 -10.02 95.33 19.66
CA TRP D 197 -10.99 95.16 20.73
C TRP D 197 -10.76 96.23 21.78
N PRO D 198 -11.84 96.75 22.38
CA PRO D 198 -13.27 96.43 22.21
C PRO D 198 -13.86 96.81 20.85
N ALA D 199 -13.16 97.64 20.09
CA ALA D 199 -13.68 98.25 18.87
C ALA D 199 -14.41 97.26 17.97
N GLU D 200 -13.68 96.32 17.41
CA GLU D 200 -14.28 95.33 16.52
C GLU D 200 -15.20 94.41 17.33
N SER D 201 -16.31 94.01 16.71
CA SER D 201 -17.37 93.31 17.42
C SER D 201 -16.97 91.88 17.73
N ILE D 202 -17.26 91.45 18.95
CA ILE D 202 -16.99 90.09 19.40
C ILE D 202 -18.29 89.47 19.88
N THR D 203 -18.74 88.42 19.19
CA THR D 203 -20.00 87.76 19.52
C THR D 203 -19.86 86.26 19.36
N CYS D 204 -20.28 85.52 20.38
CA CYS D 204 -20.29 84.05 20.35
C CYS D 204 -21.72 83.57 20.19
N ASN D 205 -21.91 82.55 19.35
CA ASN D 205 -23.24 82.11 18.96
C ASN D 205 -23.48 80.69 19.47
N VAL D 206 -24.42 80.54 20.39
CA VAL D 206 -24.72 79.25 20.98
C VAL D 206 -25.60 78.45 20.02
N ALA D 207 -25.41 77.14 20.00
CA ALA D 207 -26.23 76.25 19.17
C ALA D 207 -26.42 74.89 19.83
N HIS D 208 -27.54 74.73 20.52
CA HIS D 208 -27.85 73.50 21.25
C HIS D 208 -29.12 72.89 20.71
N PRO D 209 -29.01 72.07 19.66
CA PRO D 209 -30.16 71.43 19.00
C PRO D 209 -31.00 70.59 19.93
N ALA D 210 -30.37 69.91 20.89
CA ALA D 210 -31.12 69.11 21.85
C ALA D 210 -32.19 69.94 22.53
N SER D 211 -31.77 70.96 23.28
CA SER D 211 -32.74 71.92 23.79
C SER D 211 -33.27 72.82 22.69
N SER D 212 -32.73 72.72 21.47
CA SER D 212 -33.11 73.59 20.36
C SER D 212 -32.93 75.05 20.72
N THR D 213 -31.94 75.34 21.57
CA THR D 213 -31.70 76.69 22.07
C THR D 213 -30.50 77.28 21.34
N LYS D 214 -30.70 78.44 20.72
CA LYS D 214 -29.65 79.17 20.04
C LYS D 214 -29.60 80.58 20.57
N VAL D 215 -28.42 81.01 21.02
CA VAL D 215 -28.23 82.32 21.63
C VAL D 215 -26.97 82.95 21.06
N ASP D 216 -27.09 84.18 20.57
CA ASP D 216 -25.94 84.92 20.06
C ASP D 216 -25.52 85.94 21.12
N LYS D 217 -24.35 85.71 21.72
CA LYS D 217 -23.89 86.49 22.85
C LYS D 217 -22.71 87.35 22.42
N LYS D 218 -22.90 88.66 22.47
CA LYS D 218 -21.85 89.61 22.12
C LYS D 218 -20.93 89.82 23.31
N ILE D 219 -19.63 90.01 23.03
CA ILE D 219 -18.62 90.17 24.06
C ILE D 219 -18.08 91.58 23.99
N GLU D 220 -18.17 92.31 25.10
CA GLU D 220 -17.76 93.70 25.19
C GLU D 220 -17.07 93.92 26.53
N PRO D 221 -16.26 94.97 26.65
CA PRO D 221 -15.42 95.12 27.85
C PRO D 221 -16.24 95.31 29.11
N ARG D 222 -15.61 94.97 30.23
CA ARG D 222 -16.25 95.05 31.54
C ARG D 222 -15.18 95.17 32.60
N GLY D 223 -15.60 95.63 33.78
CA GLY D 223 -14.68 95.81 34.89
C GLY D 223 -14.23 94.49 35.49
N ASP E 1 27.94 9.30 30.98
CA ASP E 1 29.30 8.84 31.25
C ASP E 1 30.29 9.48 30.28
N ILE E 2 29.76 10.24 29.33
CA ILE E 2 30.63 10.94 28.38
C ILE E 2 31.21 12.16 29.09
N VAL E 3 32.13 12.87 28.44
CA VAL E 3 32.82 13.99 29.05
C VAL E 3 32.77 15.18 28.09
N MET E 4 32.50 16.35 28.64
CA MET E 4 32.48 17.59 27.89
C MET E 4 33.70 18.43 28.26
N THR E 5 34.29 19.07 27.27
CA THR E 5 35.42 19.96 27.47
C THR E 5 35.00 21.37 27.08
N GLN E 6 35.09 22.29 28.03
CA GLN E 6 34.63 23.66 27.84
C GLN E 6 35.85 24.58 27.85
N SER E 7 36.16 25.17 26.70
CA SER E 7 37.30 26.07 26.57
C SER E 7 36.95 27.25 25.69
N PRO E 8 37.74 28.34 25.77
CA PRO E 8 38.84 28.64 26.70
C PRO E 8 38.34 29.01 28.10
N SER E 9 39.25 29.02 29.06
CA SER E 9 38.87 29.36 30.43
C SER E 9 38.30 30.77 30.51
N SER E 10 39.04 31.76 30.02
CA SER E 10 38.61 33.14 30.13
C SER E 10 39.15 33.95 28.96
N LEU E 11 38.42 34.98 28.57
CA LEU E 11 38.86 35.89 27.51
C LEU E 11 38.51 37.33 27.87
N ALA E 12 39.51 38.20 27.91
CA ALA E 12 39.29 39.63 27.93
C ALA E 12 39.00 40.13 26.53
N MET E 13 38.31 41.26 26.43
CA MET E 13 37.84 41.72 25.14
C MET E 13 37.45 43.19 25.23
N SER E 14 36.82 43.70 24.16
CA SER E 14 36.38 45.08 24.10
C SER E 14 34.97 45.13 23.53
N VAL E 15 34.34 46.30 23.64
CA VAL E 15 32.95 46.44 23.24
C VAL E 15 32.78 46.06 21.78
N GLY E 16 31.65 45.42 21.47
CA GLY E 16 31.30 45.09 20.12
C GLY E 16 32.11 43.99 19.48
N GLN E 17 33.16 43.51 20.14
CA GLN E 17 34.02 42.51 19.51
C GLN E 17 33.29 41.18 19.36
N LYS E 18 33.76 40.38 18.41
CA LYS E 18 33.18 39.09 18.09
C LYS E 18 34.08 38.00 18.66
N VAL E 19 33.61 37.35 19.73
CA VAL E 19 34.40 36.37 20.45
C VAL E 19 33.71 35.01 20.35
N THR E 20 34.52 33.96 20.34
CA THR E 20 34.03 32.60 20.18
C THR E 20 34.66 31.68 21.21
N MET E 21 33.85 31.19 22.14
CA MET E 21 34.25 30.09 23.02
C MET E 21 34.02 28.75 22.32
N SER E 22 34.75 27.74 22.78
CA SER E 22 34.77 26.43 22.13
C SER E 22 34.06 25.38 22.97
N CYS E 23 33.49 24.40 22.27
CA CYS E 23 32.82 23.26 22.87
C CYS E 23 33.52 21.99 22.40
N LYS E 24 33.84 21.09 23.32
CA LYS E 24 34.54 19.86 22.97
C LYS E 24 34.04 18.71 23.81
N SER E 25 33.88 17.55 23.17
CA SER E 25 33.40 16.37 23.87
C SER E 25 33.80 15.12 23.11
N SER E 26 33.75 13.99 23.83
CA SER E 26 34.13 12.70 23.28
C SER E 26 33.30 12.31 22.06
N GLN E 27 32.05 11.96 22.28
CA GLN E 27 31.21 11.37 21.24
C GLN E 27 30.42 12.45 20.51
N SER E 28 29.45 12.02 19.71
CA SER E 28 28.67 12.91 18.86
C SER E 28 27.38 13.30 19.58
N LEU E 29 27.25 14.60 19.87
CA LEU E 29 25.95 15.15 20.23
C LEU E 29 24.95 15.03 19.09
N LEU E 30 25.40 14.62 17.92
CA LEU E 30 24.63 14.78 16.70
C LEU E 30 24.72 13.52 15.86
N ASP E 31 23.56 12.95 15.55
CA ASP E 31 23.41 12.05 14.43
C ASP E 31 22.27 12.59 13.59
N SER E 32 22.23 12.22 12.32
CA SER E 32 21.24 12.79 11.41
C SER E 32 20.12 11.77 11.22
N ARG E 33 19.01 12.03 11.90
CA ARG E 33 17.69 11.61 11.47
C ARG E 33 16.80 12.82 11.70
N ASN E 34 16.61 13.15 12.96
CA ASN E 34 16.16 14.47 13.35
C ASN E 34 17.32 15.44 13.48
N GLN E 35 18.53 14.99 13.19
CA GLN E 35 19.72 15.82 13.27
C GLN E 35 19.78 16.53 14.62
N LYS E 36 19.59 15.76 15.67
CA LYS E 36 19.53 16.33 17.00
C LYS E 36 20.92 16.70 17.49
N ASN E 37 21.07 17.97 17.85
CA ASN E 37 22.25 18.43 18.55
C ASN E 37 21.89 18.61 20.01
N TYR E 38 22.71 18.05 20.89
CA TYR E 38 22.39 18.04 22.31
C TYR E 38 23.12 19.11 23.10
N LEU E 39 23.89 19.98 22.44
CA LEU E 39 24.57 21.04 23.15
C LEU E 39 23.56 21.99 23.77
N ALA E 40 23.92 22.51 24.94
CA ALA E 40 23.13 23.49 25.67
C ALA E 40 23.96 24.74 25.89
N TRP E 41 23.29 25.81 26.27
CA TRP E 41 23.98 27.05 26.60
C TRP E 41 23.29 27.71 27.78
N TYR E 42 24.08 28.10 28.77
CA TYR E 42 23.58 28.75 29.97
C TYR E 42 24.45 29.92 30.34
N GLN E 43 23.80 31.00 30.78
CA GLN E 43 24.45 32.20 31.26
C GLN E 43 24.21 32.35 32.75
N GLN E 44 25.26 32.62 33.49
CA GLN E 44 25.13 32.92 34.91
C GLN E 44 25.97 34.14 35.23
N LYS E 45 25.31 35.22 35.61
CA LYS E 45 26.10 36.27 36.22
C LYS E 45 26.35 35.91 37.68
N PRO E 46 27.51 36.29 38.22
CA PRO E 46 27.89 35.83 39.55
C PRO E 46 26.86 36.20 40.59
N GLY E 47 26.48 35.21 41.40
CA GLY E 47 25.61 35.40 42.53
C GLY E 47 24.14 35.27 42.26
N GLN E 48 23.70 35.46 41.02
CA GLN E 48 22.28 35.36 40.70
C GLN E 48 21.99 33.97 40.16
N SER E 49 20.73 33.77 39.77
CA SER E 49 20.30 32.47 39.24
C SER E 49 20.79 32.30 37.80
N PRO E 50 21.31 31.13 37.43
CA PRO E 50 21.63 30.88 36.03
C PRO E 50 20.39 30.92 35.16
N LYS E 51 20.57 30.77 33.86
CA LYS E 51 19.44 30.87 32.95
C LYS E 51 19.78 30.14 31.67
N LEU E 52 18.75 29.83 30.91
CA LEU E 52 18.91 29.15 29.64
C LEU E 52 19.33 30.13 28.56
N LEU E 53 20.21 29.69 27.66
CA LEU E 53 20.60 30.49 26.52
C LEU E 53 20.19 29.80 25.23
N VAL E 54 20.87 28.74 24.84
CA VAL E 54 20.64 28.08 23.56
C VAL E 54 20.79 26.58 23.77
N TYR E 55 19.88 25.82 23.18
CA TYR E 55 20.03 24.37 23.13
C TYR E 55 20.17 23.96 21.67
N PHE E 56 20.21 22.64 21.44
CA PHE E 56 20.50 22.13 20.11
C PHE E 56 21.77 22.75 19.57
N ALA E 57 21.63 23.37 18.41
CA ALA E 57 22.66 24.22 17.82
C ALA E 57 22.02 25.54 17.45
N SER E 58 21.04 25.48 16.57
CA SER E 58 20.46 26.66 15.95
C SER E 58 19.40 27.32 16.80
N THR E 59 19.15 26.82 18.02
CA THR E 59 18.15 27.44 18.86
C THR E 59 18.47 28.91 19.12
N ARG E 60 17.44 29.74 19.13
CA ARG E 60 17.51 31.08 19.69
C ARG E 60 16.36 31.21 20.67
N GLU E 61 16.67 31.35 21.95
CA GLU E 61 15.61 31.43 22.94
C GLU E 61 14.98 32.82 22.92
N SER E 62 13.69 32.86 23.28
CA SER E 62 12.97 34.12 23.35
C SER E 62 13.65 35.06 24.33
N GLY E 63 13.92 36.29 23.88
CA GLY E 63 14.59 37.27 24.71
C GLY E 63 16.08 37.34 24.51
N VAL E 64 16.63 36.70 23.50
CA VAL E 64 18.07 36.74 23.26
C VAL E 64 18.37 37.39 21.92
N PRO E 65 18.99 38.56 21.92
CA PRO E 65 19.40 39.19 20.66
C PRO E 65 20.45 38.36 19.95
N ASP E 66 20.66 38.70 18.68
CA ASP E 66 21.66 38.04 17.86
C ASP E 66 23.08 38.25 18.38
N ARG E 67 23.25 39.08 19.41
CA ARG E 67 24.51 39.11 20.13
C ARG E 67 24.92 37.71 20.57
N PHE E 68 23.95 36.82 20.77
CA PHE E 68 24.20 35.40 20.95
C PHE E 68 23.56 34.64 19.80
N ILE E 69 24.40 33.97 19.01
CA ILE E 69 23.93 33.07 17.97
C ILE E 69 24.75 31.80 18.03
N GLY E 70 24.09 30.66 17.80
CA GLY E 70 24.76 29.40 17.90
C GLY E 70 25.75 29.18 16.77
N SER E 71 26.61 28.19 16.98
CA SER E 71 27.60 27.79 15.99
C SER E 71 28.09 26.40 16.35
N GLY E 72 29.09 25.92 15.62
CA GLY E 72 29.52 24.55 15.83
C GLY E 72 28.72 23.58 15.02
N SER E 73 29.37 22.47 14.65
CA SER E 73 28.75 21.44 13.84
C SER E 73 29.47 20.13 14.10
N GLY E 74 28.82 19.04 13.71
CA GLY E 74 29.40 17.72 13.94
C GLY E 74 29.47 17.39 15.42
N THR E 75 30.66 17.09 15.92
CA THR E 75 30.82 16.74 17.34
C THR E 75 31.08 18.00 18.16
N ASP E 76 32.28 18.53 18.08
CA ASP E 76 32.68 19.64 18.93
C ASP E 76 32.24 20.96 18.31
N PHE E 77 31.77 21.87 19.15
CA PHE E 77 31.05 23.06 18.71
C PHE E 77 31.71 24.32 19.24
N THR E 78 31.06 25.45 18.95
CA THR E 78 31.51 26.77 19.34
C THR E 78 30.29 27.62 19.66
N LEU E 79 30.52 28.79 20.25
CA LEU E 79 29.51 29.82 20.35
C LEU E 79 29.97 31.06 19.61
N THR E 80 29.11 31.59 18.74
CA THR E 80 29.37 32.86 18.11
C THR E 80 28.71 33.97 18.91
N ILE E 81 29.44 35.05 19.14
CA ILE E 81 28.93 36.24 19.81
C ILE E 81 29.18 37.43 18.91
N SER E 82 28.13 38.22 18.68
CA SER E 82 28.23 39.26 17.65
C SER E 82 28.95 40.50 18.16
N SER E 83 28.26 41.29 18.99
CA SER E 83 28.82 42.53 19.51
C SER E 83 28.50 42.62 20.98
N VAL E 84 29.51 42.69 21.79
CA VAL E 84 29.35 42.60 23.24
C VAL E 84 29.25 44.00 23.82
N GLN E 85 28.39 44.14 24.81
CA GLN E 85 28.36 45.32 25.67
C GLN E 85 28.64 44.90 27.10
N ALA E 86 28.58 45.86 28.02
CA ALA E 86 28.95 45.60 29.40
C ALA E 86 28.07 44.53 30.01
N GLU E 87 26.75 44.57 29.74
CA GLU E 87 25.84 43.62 30.34
C GLU E 87 26.11 42.19 29.90
N ASP E 88 26.86 42.00 28.82
CA ASP E 88 27.13 40.65 28.37
C ASP E 88 28.13 39.92 29.25
N LEU E 89 28.79 40.62 30.16
CA LEU E 89 29.73 39.94 31.05
C LEU E 89 28.95 39.02 31.98
N ALA E 90 29.42 37.78 32.08
CA ALA E 90 28.75 36.74 32.85
C ALA E 90 29.57 35.47 32.79
N ASP E 91 29.13 34.42 33.49
CA ASP E 91 29.82 33.14 33.49
C ASP E 91 28.95 32.13 32.75
N TYR E 92 29.38 31.76 31.55
CA TYR E 92 28.61 30.90 30.66
C TYR E 92 28.78 29.43 31.00
N PHE E 93 27.80 28.63 30.58
CA PHE E 93 27.87 27.18 30.64
C PHE E 93 27.27 26.56 29.39
N CYS E 94 27.89 25.49 28.92
CA CYS E 94 27.35 24.69 27.84
C CYS E 94 27.37 23.23 28.28
N GLN E 95 26.30 22.50 27.95
CA GLN E 95 26.15 21.14 28.45
C GLN E 95 25.28 20.35 27.49
N GLN E 96 24.86 19.17 27.92
CA GLN E 96 24.32 18.14 27.05
C GLN E 96 22.94 17.67 27.46
N HIS E 97 22.11 17.34 26.47
CA HIS E 97 20.85 16.67 26.75
C HIS E 97 20.81 15.36 25.96
N TYR E 98 21.42 14.33 26.54
CA TYR E 98 21.57 13.05 25.86
C TYR E 98 22.23 12.00 26.73
N SER E 99 21.75 10.76 26.64
CA SER E 99 22.40 9.60 27.23
C SER E 99 22.58 9.77 28.75
N THR E 100 21.47 9.64 29.43
CA THR E 100 21.44 9.72 30.87
C THR E 100 22.49 8.81 31.47
N PRO E 101 23.10 9.23 32.58
CA PRO E 101 22.84 10.49 33.27
C PRO E 101 23.42 11.69 32.56
N LEU E 102 23.19 12.87 33.12
CA LEU E 102 23.52 14.10 32.43
C LEU E 102 25.00 14.43 32.55
N THR E 103 25.50 15.16 31.56
CA THR E 103 26.90 15.58 31.52
C THR E 103 26.95 17.08 31.28
N PHE E 104 27.97 17.72 31.85
CA PHE E 104 28.08 19.16 31.86
C PHE E 104 29.41 19.62 31.25
N GLY E 105 29.47 20.91 30.92
CA GLY E 105 30.72 21.52 30.55
C GLY E 105 31.48 22.06 31.76
N ALA E 106 32.79 22.24 31.57
CA ALA E 106 33.65 22.73 32.65
C ALA E 106 33.20 24.08 33.17
N GLY E 107 33.43 25.13 32.38
CA GLY E 107 32.97 26.46 32.71
C GLY E 107 33.44 27.50 31.71
N THR E 108 32.72 28.61 31.60
CA THR E 108 33.12 29.72 30.75
C THR E 108 32.97 31.01 31.52
N LYS E 109 34.10 31.68 31.77
CA LYS E 109 34.14 32.91 32.53
C LYS E 109 34.71 34.00 31.65
N LEU E 110 33.90 35.01 31.35
CA LEU E 110 34.34 36.09 30.48
C LEU E 110 35.18 37.10 31.25
N GLU E 111 36.24 37.57 30.63
CA GLU E 111 37.12 38.58 31.21
C GLU E 111 36.91 39.91 30.48
N LEU E 112 37.10 41.01 31.20
CA LEU E 112 36.47 42.24 30.75
C LEU E 112 37.22 42.94 29.63
N LYS E 113 38.26 43.71 29.95
CA LYS E 113 38.70 44.75 29.02
C LYS E 113 40.10 45.24 29.36
N ARG E 114 40.50 46.30 28.66
CA ARG E 114 41.64 47.22 28.78
C ARG E 114 42.97 46.47 28.86
N ALA E 115 43.95 47.06 29.56
CA ALA E 115 45.33 46.57 29.51
C ALA E 115 45.97 46.66 30.88
N ASP E 116 46.32 45.49 31.43
CA ASP E 116 47.25 45.33 32.54
C ASP E 116 47.01 46.28 33.70
N ALA E 117 48.11 46.71 34.31
CA ALA E 117 48.14 47.55 35.51
C ALA E 117 49.59 47.65 36.00
N ALA E 118 49.79 48.38 37.06
CA ALA E 118 51.09 48.18 37.68
C ALA E 118 50.93 47.54 39.05
N PRO E 119 51.85 46.68 39.46
CA PRO E 119 51.75 46.04 40.77
C PRO E 119 52.01 47.04 41.89
N THR E 120 51.16 46.99 42.92
CA THR E 120 51.28 47.85 44.09
C THR E 120 51.47 46.95 45.31
N VAL E 121 52.68 47.00 45.89
CA VAL E 121 53.06 46.10 46.97
C VAL E 121 53.41 46.92 48.20
N SER E 122 52.81 46.57 49.34
CA SER E 122 53.19 47.11 50.63
C SER E 122 53.37 45.95 51.60
N ILE E 123 53.80 46.27 52.83
CA ILE E 123 53.96 45.27 53.87
C ILE E 123 53.63 45.91 55.20
N PHE E 124 52.93 45.17 56.05
CA PHE E 124 52.58 45.59 57.41
C PHE E 124 53.08 44.51 58.36
N PRO E 125 54.29 44.64 58.90
CA PRO E 125 54.80 43.66 59.85
C PRO E 125 53.87 43.52 61.04
N PRO E 126 53.93 42.40 61.75
CA PRO E 126 52.93 42.10 62.77
C PRO E 126 52.85 43.16 63.85
N SER E 127 51.63 43.57 64.17
CA SER E 127 51.39 44.39 65.34
C SER E 127 51.53 43.53 66.60
N SER E 128 51.77 44.21 67.73
CA SER E 128 52.03 43.49 68.98
C SER E 128 50.83 42.68 69.43
N GLU E 129 49.61 43.17 69.18
CA GLU E 129 48.42 42.42 69.58
C GLU E 129 48.41 41.03 68.96
N GLN E 130 48.91 40.91 67.72
CA GLN E 130 49.07 39.59 67.12
C GLN E 130 50.11 38.78 67.88
N LEU E 131 51.26 39.38 68.15
CA LEU E 131 52.25 38.72 68.99
C LEU E 131 51.77 38.61 70.44
N THR E 132 50.77 39.41 70.82
CA THR E 132 50.13 39.21 72.12
C THR E 132 49.33 37.92 72.14
N SER E 133 48.57 37.66 71.07
CA SER E 133 47.77 36.46 70.99
C SER E 133 48.62 35.20 70.96
N GLY E 134 49.90 35.31 70.59
CA GLY E 134 50.80 34.17 70.56
C GLY E 134 51.22 33.72 69.19
N GLY E 135 50.56 34.17 68.12
CA GLY E 135 50.94 33.81 66.78
C GLY E 135 51.74 34.90 66.10
N ALA E 136 52.35 34.52 64.98
CA ALA E 136 53.07 35.46 64.13
C ALA E 136 52.31 35.55 62.81
N SER E 137 51.66 36.68 62.58
CA SER E 137 50.77 36.86 61.43
C SER E 137 51.43 37.83 60.47
N VAL E 138 51.87 37.31 59.33
CA VAL E 138 52.52 38.12 58.30
C VAL E 138 51.69 37.99 57.03
N VAL E 139 51.02 39.07 56.64
CA VAL E 139 50.28 39.10 55.39
C VAL E 139 51.05 39.94 54.39
N CYS E 140 50.48 40.12 53.21
CA CYS E 140 51.03 41.03 52.21
C CYS E 140 49.87 41.54 51.36
N PHE E 141 49.99 42.79 50.92
CA PHE E 141 48.91 43.45 50.19
C PHE E 141 49.37 43.79 48.79
N LEU E 142 48.60 43.36 47.80
CA LEU E 142 48.79 43.75 46.42
C LEU E 142 47.44 44.22 45.90
N ASN E 143 47.35 45.50 45.54
CA ASN E 143 46.08 46.10 45.15
C ASN E 143 46.23 46.77 43.79
N ASN E 144 45.12 46.81 43.06
CA ASN E 144 45.05 47.44 41.75
C ASN E 144 46.15 46.91 40.83
N PHE E 145 45.95 45.65 40.45
CA PHE E 145 46.84 44.97 39.51
C PHE E 145 46.00 44.16 38.54
N TYR E 146 46.44 44.10 37.30
CA TYR E 146 45.75 43.34 36.28
C TYR E 146 46.75 42.83 35.26
N PRO E 147 46.53 41.64 34.72
CA PRO E 147 45.59 40.59 35.14
C PRO E 147 46.01 39.89 36.44
N LYS E 148 45.34 38.78 36.75
CA LYS E 148 45.50 38.10 38.03
C LYS E 148 46.92 37.59 38.29
N ASP E 149 47.73 37.39 37.26
CA ASP E 149 48.95 36.61 37.42
C ASP E 149 49.89 37.27 38.43
N ILE E 150 50.36 36.45 39.37
CA ILE E 150 51.31 36.91 40.39
C ILE E 150 52.03 35.68 40.93
N ASN E 151 53.20 35.90 41.51
CA ASN E 151 53.94 34.84 42.18
C ASN E 151 54.27 35.28 43.61
N VAL E 152 54.27 34.31 44.51
CA VAL E 152 54.48 34.56 45.93
C VAL E 152 55.55 33.62 46.45
N LYS E 153 56.48 34.16 47.24
CA LYS E 153 57.50 33.36 47.88
C LYS E 153 57.86 34.02 49.21
N TRP E 154 58.35 33.20 50.14
CA TRP E 154 58.68 33.67 51.48
C TRP E 154 60.06 33.15 51.88
N ALA E 155 61.00 34.06 52.09
CA ALA E 155 62.35 33.71 52.50
C ALA E 155 62.57 34.18 53.94
N ILE E 156 62.82 33.22 54.83
CA ILE E 156 63.04 33.49 56.25
C ILE E 156 64.54 33.60 56.47
N ASP E 157 65.01 34.81 56.76
CA ASP E 157 66.44 35.08 56.89
C ASP E 157 67.19 34.47 55.70
N GLY E 158 66.56 34.53 54.53
CA GLY E 158 67.06 33.87 53.34
C GLY E 158 66.54 32.46 53.14
N ALA E 159 66.10 31.78 54.20
CA ALA E 159 65.61 30.42 54.08
C ALA E 159 64.17 30.45 53.57
N GLU E 160 63.93 29.83 52.42
CA GLU E 160 62.62 29.89 51.80
C GLU E 160 61.59 29.13 52.62
N ARG E 161 60.40 29.71 52.73
CA ARG E 161 59.30 29.13 53.50
C ARG E 161 58.38 28.39 52.54
N ALA E 162 58.35 27.05 52.66
CA ALA E 162 57.54 26.21 51.79
C ALA E 162 56.43 25.59 52.62
N GLY E 163 55.19 25.93 52.29
CA GLY E 163 54.03 25.45 53.02
C GLY E 163 53.45 26.53 53.92
N GLY E 164 52.26 26.22 54.44
CA GLY E 164 51.58 27.14 55.34
C GLY E 164 51.25 28.49 54.73
N VAL E 165 51.22 28.59 53.41
CA VAL E 165 50.97 29.85 52.73
C VAL E 165 49.48 29.98 52.46
N LEU E 166 48.92 31.14 52.79
CA LEU E 166 47.50 31.42 52.63
C LEU E 166 47.28 32.60 51.71
N ASN E 167 46.20 32.52 50.92
CA ASN E 167 45.91 33.54 49.93
C ASN E 167 44.40 33.69 49.77
N SER E 168 44.01 34.84 49.23
CA SER E 168 42.63 35.10 48.85
C SER E 168 42.62 36.21 47.81
N PHE E 169 41.53 36.30 47.06
CA PHE E 169 41.50 37.19 45.92
C PHE E 169 40.12 37.82 45.75
N THR E 170 40.11 39.03 45.20
CA THR E 170 38.89 39.73 44.82
C THR E 170 38.97 40.11 43.34
N GLY E 171 37.85 40.03 42.65
CA GLY E 171 37.82 40.20 41.21
C GLY E 171 37.90 41.66 40.79
N GLN E 172 37.42 41.91 39.57
CA GLN E 172 37.52 43.24 38.99
C GLN E 172 36.62 44.23 39.72
N ASP E 173 36.96 45.51 39.55
CA ASP E 173 36.06 46.61 39.85
C ASP E 173 35.75 47.34 38.55
N SER E 174 34.62 48.05 38.56
CA SER E 174 34.09 48.63 37.32
C SER E 174 35.13 49.51 36.63
N LYS E 175 35.60 50.53 37.33
CA LYS E 175 36.59 51.44 36.78
C LYS E 175 37.86 50.71 36.38
N ASP E 176 38.58 50.20 37.39
CA ASP E 176 39.96 49.81 37.20
C ASP E 176 40.09 48.57 36.32
N SER E 177 39.19 47.59 36.52
CA SER E 177 39.30 46.23 36.00
C SER E 177 40.48 45.50 36.61
N THR E 178 41.30 46.17 37.42
CA THR E 178 42.45 45.56 38.05
C THR E 178 41.97 44.83 39.31
N TYR E 179 42.92 44.35 40.11
CA TYR E 179 42.59 43.34 41.11
C TYR E 179 43.19 43.69 42.47
N SER E 180 42.71 42.97 43.48
CA SER E 180 43.29 42.99 44.81
C SER E 180 43.33 41.56 45.32
N MET E 181 44.54 41.06 45.59
CA MET E 181 44.75 39.71 46.11
C MET E 181 45.51 39.80 47.42
N SER E 182 45.13 38.96 48.37
CA SER E 182 45.74 38.94 49.69
C SER E 182 46.59 37.68 49.85
N SER E 183 47.80 37.84 50.38
CA SER E 183 48.70 36.75 50.68
C SER E 183 48.98 36.73 52.17
N THR E 184 49.14 35.54 52.72
CA THR E 184 49.30 35.39 54.16
C THR E 184 50.31 34.30 54.49
N LEU E 185 51.25 34.62 55.38
CA LEU E 185 52.13 33.63 55.99
C LEU E 185 52.04 33.84 57.50
N THR E 186 51.47 32.86 58.21
CA THR E 186 51.15 33.02 59.62
C THR E 186 51.60 31.79 60.40
N LEU E 187 52.43 32.00 61.41
CA LEU E 187 52.96 30.94 62.26
C LEU E 187 52.91 31.42 63.69
N THR E 188 53.51 30.67 64.60
CA THR E 188 53.62 31.11 65.99
C THR E 188 54.69 32.19 66.12
N LYS E 189 54.57 32.98 67.20
CA LYS E 189 55.50 34.08 67.42
C LYS E 189 56.90 33.62 67.76
N ASP E 190 57.09 32.33 68.06
CA ASP E 190 58.40 31.84 68.51
C ASP E 190 59.51 32.20 67.53
N GLU E 191 59.24 32.07 66.23
CA GLU E 191 60.26 32.36 65.23
C GLU E 191 60.36 33.85 64.93
N TYR E 192 59.26 34.60 65.08
CA TYR E 192 59.21 35.96 64.56
C TYR E 192 60.27 36.84 65.22
N GLU E 193 60.22 36.97 66.55
CA GLU E 193 61.24 37.76 67.23
C GLU E 193 62.60 37.08 67.22
N ARG E 194 62.68 35.83 66.76
CA ARG E 194 63.95 35.15 66.64
C ARG E 194 64.57 35.44 65.28
N HIS E 195 63.98 34.88 64.23
CA HIS E 195 64.48 35.08 62.89
C HIS E 195 64.23 36.52 62.48
N ALA E 196 65.30 37.18 62.05
CA ALA E 196 65.25 38.60 61.76
C ALA E 196 64.49 38.93 60.48
N SER E 197 65.22 38.98 59.36
CA SER E 197 64.67 39.49 58.11
C SER E 197 63.83 38.45 57.38
N TYR E 198 62.72 38.90 56.80
CA TYR E 198 61.84 38.07 56.01
C TYR E 198 61.67 38.69 54.64
N THR E 199 61.32 37.84 53.66
CA THR E 199 61.30 38.26 52.26
C THR E 199 60.05 37.74 51.58
N CYS E 200 59.31 38.64 50.95
CA CYS E 200 58.11 38.27 50.17
C CYS E 200 58.21 38.91 48.79
N GLU E 201 58.36 38.09 47.76
CA GLU E 201 58.56 38.58 46.40
C GLU E 201 57.30 38.36 45.58
N ALA E 202 56.96 39.36 44.76
CA ALA E 202 55.80 39.32 43.89
C ALA E 202 56.27 39.42 42.45
N THR E 203 55.76 38.52 41.60
CA THR E 203 56.14 38.52 40.20
C THR E 203 54.93 38.62 39.28
N HIS E 204 54.68 39.83 38.79
CA HIS E 204 53.63 40.06 37.81
C HIS E 204 54.35 40.14 36.47
N LYS E 205 53.65 39.89 35.38
CA LYS E 205 54.27 40.04 34.07
C LYS E 205 54.56 41.52 33.87
N THR E 206 53.66 42.37 34.37
CA THR E 206 53.98 43.79 34.49
C THR E 206 55.14 43.95 35.45
N SER E 207 56.11 44.77 35.06
CA SER E 207 57.39 44.89 35.77
C SER E 207 58.09 43.53 35.84
N THR E 208 58.58 43.12 34.67
CA THR E 208 59.24 41.82 34.52
C THR E 208 60.41 41.65 35.49
N ALA E 209 60.99 42.74 35.97
CA ALA E 209 62.06 42.63 36.95
C ALA E 209 61.55 41.93 38.21
N PRO E 210 62.38 41.12 38.87
CA PRO E 210 61.91 40.39 40.05
C PRO E 210 61.70 41.28 41.26
N ILE E 211 60.57 42.00 41.28
CA ILE E 211 60.30 42.94 42.36
C ILE E 211 60.13 42.18 43.68
N VAL E 212 60.90 42.57 44.67
CA VAL E 212 60.95 41.89 45.97
C VAL E 212 60.52 42.87 47.04
N LYS E 213 59.79 42.37 48.04
CA LYS E 213 59.39 43.15 49.21
C LYS E 213 59.81 42.40 50.46
N SER E 214 60.75 42.95 51.20
CA SER E 214 61.28 42.30 52.40
C SER E 214 61.04 43.18 53.61
N PHE E 215 61.54 42.72 54.76
CA PHE E 215 61.44 43.43 56.03
C PHE E 215 62.16 42.58 57.07
N ASN E 216 62.26 43.13 58.28
CA ASN E 216 62.95 42.52 59.39
C ASN E 216 62.13 42.75 60.66
N ARG E 217 62.47 42.02 61.70
CA ARG E 217 61.86 42.27 63.00
C ARG E 217 62.49 43.49 63.64
N GLY E 218 61.66 44.30 64.31
CA GLY E 218 62.12 45.52 64.93
C GLY E 218 62.45 46.65 63.97
N ALA E 219 62.42 46.39 62.67
CA ALA E 219 62.70 47.40 61.65
C ALA E 219 61.62 47.33 60.57
N ALA E 220 61.61 48.35 59.71
CA ALA E 220 60.61 48.44 58.65
C ALA E 220 60.65 47.22 57.72
N GLU F 1 2.88 32.30 37.85
CA GLU F 1 3.03 31.20 36.91
C GLU F 1 4.11 30.23 37.35
N VAL F 2 5.11 30.04 36.48
CA VAL F 2 6.21 29.15 36.83
C VAL F 2 6.89 29.70 38.07
N LYS F 3 6.91 28.90 39.13
CA LYS F 3 7.51 29.37 40.36
C LYS F 3 7.97 28.19 41.19
N LEU F 4 9.09 28.37 41.87
CA LEU F 4 9.62 27.41 42.83
C LEU F 4 10.06 28.15 44.07
N GLU F 5 9.81 27.56 45.23
CA GLU F 5 10.34 28.08 46.48
C GLU F 5 11.45 27.14 46.93
N GLN F 6 12.69 27.56 46.76
CA GLN F 6 13.84 26.81 47.21
C GLN F 6 14.34 27.52 48.45
N SER F 7 14.09 26.93 49.61
CA SER F 7 14.08 27.68 50.85
C SER F 7 15.06 27.11 51.86
N GLY F 8 15.35 27.91 52.88
CA GLY F 8 16.16 27.48 53.99
C GLY F 8 17.65 27.64 53.75
N ALA F 9 18.39 27.47 54.83
CA ALA F 9 19.83 27.28 54.81
C ALA F 9 20.18 26.56 56.09
N GLU F 10 21.27 25.79 56.07
CA GLU F 10 21.53 24.98 57.24
C GLU F 10 23.01 24.70 57.43
N LEU F 11 23.39 24.58 58.69
CA LEU F 11 24.69 24.07 59.11
C LEU F 11 24.42 22.98 60.14
N ALA F 12 25.10 21.85 60.00
CA ALA F 12 24.84 20.72 60.89
C ALA F 12 26.12 19.96 61.16
N ARG F 13 26.00 18.95 62.00
CA ARG F 13 27.11 18.16 62.49
C ARG F 13 27.48 17.07 61.49
N PRO F 14 28.65 16.46 61.65
CA PRO F 14 28.99 15.33 60.79
C PRO F 14 28.02 14.18 61.01
N GLY F 15 27.84 13.37 59.98
CA GLY F 15 27.04 12.17 60.09
C GLY F 15 25.57 12.42 60.36
N ALA F 16 25.14 13.67 60.31
CA ALA F 16 23.77 14.02 60.65
C ALA F 16 22.87 13.87 59.42
N SER F 17 21.64 14.35 59.53
CA SER F 17 20.67 14.31 58.45
C SER F 17 20.24 15.72 58.09
N VAL F 18 19.75 15.88 56.87
CA VAL F 18 19.39 17.18 56.32
C VAL F 18 18.03 17.09 55.64
N LYS F 19 17.50 18.26 55.29
CA LYS F 19 16.17 18.38 54.74
C LYS F 19 16.16 19.51 53.73
N LEU F 20 15.39 19.36 52.66
CA LEU F 20 15.27 20.41 51.66
C LEU F 20 13.83 20.48 51.17
N SER F 21 13.47 21.61 50.56
CA SER F 21 12.12 21.78 50.06
C SER F 21 12.09 22.69 48.84
N CYS F 22 11.26 22.31 47.87
CA CYS F 22 10.96 23.15 46.71
C CYS F 22 9.50 22.98 46.37
N LYS F 23 8.80 24.08 46.18
CA LYS F 23 7.34 24.09 46.14
C LYS F 23 6.85 24.60 44.78
N ALA F 24 5.59 24.29 44.49
CA ALA F 24 5.02 24.38 43.15
C ALA F 24 4.07 25.56 43.01
N SER F 25 4.04 26.11 41.81
CA SER F 25 2.98 27.04 41.43
C SER F 25 2.74 26.97 39.93
N GLY F 26 1.47 27.00 39.54
CA GLY F 26 1.11 27.17 38.14
C GLY F 26 1.22 25.94 37.25
N TYR F 27 0.95 24.76 37.80
CA TYR F 27 1.02 23.50 37.06
C TYR F 27 0.67 22.37 38.01
N THR F 28 0.71 21.14 37.53
CA THR F 28 0.52 20.00 38.42
C THR F 28 1.86 19.55 38.97
N PHE F 29 1.97 19.53 40.30
CA PHE F 29 3.24 19.27 40.95
C PHE F 29 3.78 17.89 40.65
N ALA F 30 2.89 16.90 40.55
CA ALA F 30 3.31 15.50 40.50
C ALA F 30 3.41 14.95 39.08
N SER F 31 3.21 15.76 38.06
CA SER F 31 3.05 15.25 36.70
C SER F 31 4.35 15.15 35.92
N TYR F 32 5.49 15.42 36.53
CA TYR F 32 6.73 15.41 35.75
C TYR F 32 7.88 14.92 36.59
N TRP F 33 9.04 14.81 35.94
CA TRP F 33 10.27 14.58 36.64
C TRP F 33 10.74 15.87 37.31
N MET F 34 11.64 15.71 38.27
CA MET F 34 12.20 16.86 38.96
C MET F 34 13.69 16.63 39.16
N GLN F 35 14.41 17.68 39.53
CA GLN F 35 15.86 17.62 39.59
C GLN F 35 16.40 18.12 40.92
N TRP F 36 17.63 17.69 41.20
CA TRP F 36 18.46 18.23 42.26
C TRP F 36 19.86 18.34 41.72
N VAL F 37 20.45 19.53 41.83
CA VAL F 37 21.76 19.81 41.27
C VAL F 37 22.64 20.44 42.34
N LYS F 38 23.82 19.87 42.55
CA LYS F 38 24.74 20.34 43.57
C LYS F 38 25.68 21.38 42.99
N GLN F 39 25.76 22.53 43.64
CA GLN F 39 26.56 23.66 43.18
C GLN F 39 27.71 23.86 44.15
N ARG F 40 28.91 23.49 43.74
CA ARG F 40 30.12 23.62 44.56
C ARG F 40 31.12 24.50 43.84
N PRO F 41 31.46 25.67 44.37
CA PRO F 41 32.40 26.55 43.68
C PRO F 41 33.69 25.84 43.32
N GLY F 42 34.22 26.16 42.14
CA GLY F 42 35.37 25.48 41.59
C GLY F 42 35.05 24.16 40.92
N GLN F 43 33.89 23.58 41.24
CA GLN F 43 33.35 22.42 40.55
C GLN F 43 31.96 22.74 40.02
N GLY F 44 31.03 23.06 40.90
CA GLY F 44 29.75 23.58 40.48
C GLY F 44 28.84 22.51 39.95
N LEU F 45 28.28 22.77 38.77
CA LEU F 45 27.14 22.03 38.27
C LEU F 45 27.39 20.53 38.25
N GLU F 46 26.51 19.80 38.91
CA GLU F 46 26.52 18.34 38.88
C GLU F 46 25.09 17.85 39.03
N TRP F 47 24.74 16.81 38.28
CA TRP F 47 23.38 16.30 38.25
C TRP F 47 23.26 15.12 39.20
N ILE F 48 22.57 15.34 40.31
CA ILE F 48 22.33 14.26 41.26
C ILE F 48 21.53 13.16 40.60
N GLY F 49 20.26 13.44 40.33
CA GLY F 49 19.34 12.41 39.97
C GLY F 49 18.02 13.02 39.59
N ALA F 50 16.97 12.22 39.60
CA ALA F 50 15.65 12.74 39.28
C ALA F 50 14.58 11.87 39.93
N ILE F 51 13.40 12.45 40.10
CA ILE F 51 12.30 11.74 40.73
C ILE F 51 11.00 12.19 40.09
N TYR F 52 10.11 11.23 39.88
CA TYR F 52 8.82 11.49 39.25
C TYR F 52 7.71 11.24 40.25
N PRO F 53 7.09 12.29 40.80
CA PRO F 53 6.16 12.10 41.91
C PRO F 53 4.99 11.21 41.64
N GLY F 54 4.71 10.88 40.39
CA GLY F 54 3.52 10.10 40.12
C GLY F 54 3.52 8.83 40.96
N ASP F 55 4.53 7.98 40.78
CA ASP F 55 4.83 6.98 41.77
C ASP F 55 6.01 7.33 42.65
N GLY F 56 6.72 8.41 42.34
CA GLY F 56 7.97 8.65 43.04
C GLY F 56 9.08 7.71 42.62
N ASP F 57 9.17 7.39 41.33
CA ASP F 57 10.30 6.59 40.88
C ASP F 57 11.57 7.42 40.90
N THR F 58 12.70 6.73 40.94
CA THR F 58 13.95 7.36 41.31
C THR F 58 15.00 7.14 40.24
N TRP F 59 16.01 8.00 40.28
CA TRP F 59 17.25 7.79 39.54
C TRP F 59 18.41 8.24 40.39
N TYR F 60 19.36 7.35 40.60
CA TYR F 60 20.49 7.61 41.47
C TYR F 60 21.76 7.35 40.69
N THR F 61 22.51 8.39 40.41
CA THR F 61 23.76 8.25 39.69
C THR F 61 24.78 7.54 40.56
N GLN F 62 25.74 6.90 39.90
CA GLN F 62 26.76 6.12 40.59
C GLN F 62 27.35 6.86 41.78
N LYS F 63 27.63 8.15 41.61
CA LYS F 63 28.16 8.97 42.69
C LYS F 63 27.28 8.89 43.92
N PHE F 64 26.03 9.31 43.80
CA PHE F 64 25.15 9.46 44.94
C PHE F 64 24.40 8.19 45.27
N LYS F 65 24.71 7.09 44.61
CA LYS F 65 24.14 5.81 45.00
C LYS F 65 24.38 5.61 46.49
N GLY F 66 23.46 4.91 47.14
CA GLY F 66 23.47 4.97 48.58
C GLY F 66 22.99 6.29 49.12
N LYS F 67 23.87 7.03 49.78
CA LYS F 67 23.52 8.11 50.71
C LYS F 67 22.38 9.01 50.24
N ALA F 68 22.35 9.35 48.96
CA ALA F 68 21.29 10.23 48.48
C ALA F 68 19.95 9.52 48.48
N THR F 69 18.89 10.26 48.84
CA THR F 69 17.55 9.71 48.87
C THR F 69 16.55 10.80 48.52
N LEU F 70 15.52 10.45 47.77
CA LEU F 70 14.58 11.45 47.28
C LEU F 70 13.14 10.95 47.39
N THR F 71 12.29 11.77 47.97
CA THR F 71 10.84 11.57 47.99
C THR F 71 10.17 12.93 47.90
N ALA F 72 8.86 12.90 47.65
CA ALA F 72 8.07 14.13 47.72
C ALA F 72 6.61 13.77 47.92
N ASP F 73 5.82 14.77 48.30
CA ASP F 73 4.38 14.63 48.41
C ASP F 73 3.70 15.78 47.68
N LYS F 74 2.69 15.43 46.90
CA LYS F 74 2.02 16.41 46.05
C LYS F 74 0.97 17.20 46.80
N SER F 75 0.30 16.60 47.77
CA SER F 75 -0.60 17.39 48.62
C SER F 75 0.17 18.54 49.25
N SER F 76 1.43 18.31 49.59
CA SER F 76 2.31 19.41 49.94
C SER F 76 2.68 20.23 48.72
N SER F 77 2.69 19.60 47.54
CA SER F 77 3.16 20.25 46.33
C SER F 77 4.55 20.79 46.51
N THR F 78 5.38 20.06 47.26
CA THR F 78 6.70 20.55 47.61
C THR F 78 7.70 19.40 47.53
N ALA F 79 8.83 19.68 46.88
CA ALA F 79 9.89 18.69 46.77
C ALA F 79 10.54 18.45 48.12
N TYR F 80 11.17 17.29 48.26
CA TYR F 80 12.02 16.97 49.39
C TYR F 80 13.32 16.38 48.90
N MET F 81 14.38 16.56 49.69
CA MET F 81 15.60 15.79 49.52
C MET F 81 16.09 15.35 50.90
N GLN F 82 16.19 14.06 51.08
CA GLN F 82 16.59 13.46 52.35
C GLN F 82 18.00 12.91 52.18
N LEU F 83 18.94 13.47 52.93
CA LEU F 83 20.30 12.96 52.93
C LEU F 83 20.76 12.82 54.38
N SER F 84 21.54 11.79 54.65
CA SER F 84 22.00 11.48 55.99
C SER F 84 23.47 11.14 55.96
N SER F 85 24.07 11.09 57.15
CA SER F 85 25.49 10.76 57.33
C SER F 85 26.36 11.74 56.54
N LEU F 86 26.40 12.95 57.07
CA LEU F 86 26.97 14.10 56.37
C LEU F 86 28.49 13.97 56.28
N ALA F 87 29.12 15.03 55.79
CA ALA F 87 30.56 15.04 55.52
C ALA F 87 30.94 16.46 55.12
N SER F 88 32.24 16.72 55.16
CA SER F 88 32.72 18.10 54.97
C SER F 88 32.43 18.59 53.57
N GLU F 89 32.91 17.86 52.55
CA GLU F 89 32.70 18.29 51.18
C GLU F 89 31.23 18.37 50.82
N ASP F 90 30.35 17.80 51.64
CA ASP F 90 28.91 17.95 51.42
C ASP F 90 28.51 19.42 51.38
N SER F 91 29.23 20.26 52.12
CA SER F 91 28.91 21.69 52.13
C SER F 91 28.99 22.24 50.72
N ALA F 92 27.89 22.85 50.29
CA ALA F 92 27.78 23.43 48.95
C ALA F 92 26.38 23.99 48.78
N VAL F 93 26.13 24.58 47.62
CA VAL F 93 24.79 24.98 47.23
C VAL F 93 24.10 23.80 46.55
N TYR F 94 22.91 23.46 47.02
CA TYR F 94 22.03 22.56 46.29
C TYR F 94 21.02 23.44 45.59
N TYR F 95 21.15 23.52 44.28
CA TYR F 95 20.45 24.52 43.48
C TYR F 95 19.72 23.75 42.40
N CYS F 96 18.39 23.72 42.49
CA CYS F 96 17.61 22.79 41.69
C CYS F 96 16.38 23.49 41.13
N ALA F 97 15.83 22.86 40.10
CA ALA F 97 14.66 23.35 39.40
C ALA F 97 13.98 22.17 38.75
N ARG F 98 13.00 22.43 37.90
CA ARG F 98 12.35 21.37 37.16
C ARG F 98 12.50 21.51 35.65
N PRO F 99 13.12 20.54 35.00
CA PRO F 99 13.12 20.54 33.55
C PRO F 99 11.74 20.25 33.02
N PRO F 100 11.41 20.72 31.83
CA PRO F 100 10.34 20.09 31.06
C PRO F 100 10.87 18.80 30.45
N TYR F 101 10.04 17.77 30.44
CA TYR F 101 10.42 16.40 30.06
C TYR F 101 9.41 15.83 29.08
N TYR F 102 8.21 15.62 29.59
CA TYR F 102 7.01 15.95 28.86
C TYR F 102 6.96 17.48 28.92
N TYR F 103 5.85 18.10 28.54
CA TYR F 103 5.74 19.53 28.21
C TYR F 103 5.99 19.78 26.73
N GLY F 104 6.11 18.72 25.94
CA GLY F 104 6.29 18.90 24.51
C GLY F 104 7.74 19.23 24.25
N THR F 105 8.56 18.42 24.87
CA THR F 105 9.98 18.69 25.00
C THR F 105 10.65 17.39 25.43
N THR F 106 11.91 17.50 25.82
CA THR F 106 12.73 16.45 26.37
C THR F 106 13.65 17.14 27.37
N TYR F 107 14.80 16.55 27.62
CA TYR F 107 15.69 17.01 28.67
C TYR F 107 16.25 18.41 28.42
N TYR F 108 17.34 18.74 29.10
CA TYR F 108 17.85 20.07 29.47
C TYR F 108 16.77 20.77 30.30
N PHE F 109 16.66 22.10 30.22
CA PHE F 109 15.93 22.81 31.28
C PHE F 109 15.34 24.11 30.78
N ASP F 110 14.13 24.42 31.27
CA ASP F 110 13.47 25.70 31.04
C ASP F 110 13.60 26.65 32.21
N TYR F 111 14.21 26.24 33.31
CA TYR F 111 14.01 26.99 34.54
C TYR F 111 15.14 26.69 35.52
N TRP F 112 15.32 27.61 36.45
CA TRP F 112 16.23 27.46 37.57
C TRP F 112 15.53 28.00 38.82
N GLY F 113 15.65 27.26 39.92
CA GLY F 113 14.95 27.61 41.14
C GLY F 113 15.57 28.77 41.89
N GLN F 114 15.13 28.91 43.14
CA GLN F 114 15.60 30.01 43.97
C GLN F 114 17.05 29.83 44.36
N GLY F 115 17.43 28.62 44.74
CA GLY F 115 18.73 28.36 45.32
C GLY F 115 18.66 28.17 46.82
N THR F 116 19.53 27.31 47.32
CA THR F 116 19.66 27.08 48.76
C THR F 116 21.07 26.57 49.03
N THR F 117 21.61 26.94 50.18
CA THR F 117 22.98 26.63 50.52
C THR F 117 23.04 25.82 51.81
N LEU F 118 23.88 24.79 51.80
CA LEU F 118 24.07 23.92 52.95
C LEU F 118 25.54 23.87 53.31
N THR F 119 25.83 23.94 54.60
CA THR F 119 27.19 23.92 55.12
C THR F 119 27.29 22.84 56.20
N VAL F 120 28.31 22.00 56.10
CA VAL F 120 28.58 20.96 57.07
C VAL F 120 30.10 20.80 57.10
N SER F 121 30.70 20.64 58.28
CA SER F 121 30.01 20.62 59.56
C SER F 121 30.18 21.90 60.34
N GLY F 122 29.53 21.99 61.50
CA GLY F 122 29.50 23.19 62.29
C GLY F 122 30.31 23.15 63.56
N ALA F 123 30.23 24.28 64.26
CA ALA F 123 30.74 24.46 65.62
C ALA F 123 29.73 25.32 66.35
N LYS F 124 30.08 25.79 67.53
CA LYS F 124 29.22 26.73 68.25
C LYS F 124 29.65 28.16 67.94
N THR F 125 28.65 29.05 67.90
CA THR F 125 28.88 30.43 67.52
C THR F 125 29.96 31.09 68.39
N THR F 126 30.85 31.84 67.74
CA THR F 126 31.93 32.55 68.43
C THR F 126 31.92 34.01 68.03
N ALA F 127 32.63 34.81 68.81
CA ALA F 127 32.72 36.25 68.60
C ALA F 127 33.87 36.59 67.66
N PRO F 128 33.79 37.73 66.97
CA PRO F 128 34.88 38.14 66.08
C PRO F 128 36.19 38.33 66.82
N SER F 129 37.26 38.34 66.04
CA SER F 129 38.60 38.70 66.54
C SER F 129 39.21 39.67 65.54
N VAL F 130 39.54 40.88 66.01
CA VAL F 130 39.97 41.97 65.13
C VAL F 130 41.32 42.50 65.61
N TYR F 131 42.36 42.30 64.80
CA TYR F 131 43.65 42.95 65.00
C TYR F 131 44.02 43.80 63.79
N PRO F 132 44.01 45.13 63.88
CA PRO F 132 44.51 45.95 62.79
C PRO F 132 46.03 45.91 62.69
N LEU F 133 46.53 46.36 61.54
CA LEU F 133 47.96 46.34 61.24
C LEU F 133 48.46 47.73 60.88
N ALA F 134 49.77 47.91 61.03
CA ALA F 134 50.45 49.14 60.65
C ALA F 134 51.88 48.80 60.28
N PRO F 135 52.65 49.77 59.80
CA PRO F 135 54.08 49.53 59.56
C PRO F 135 54.88 49.50 60.85
N ALA F 136 56.03 48.83 60.77
CA ALA F 136 56.95 48.75 61.88
C ALA F 136 57.69 50.07 62.09
N ALA F 137 58.26 50.22 63.28
CA ALA F 137 59.07 51.39 63.65
C ALA F 137 58.24 52.67 63.67
N GLY F 138 56.95 52.53 63.90
CA GLY F 138 56.08 53.69 64.07
C GLY F 138 55.57 54.23 62.75
N ALA F 139 54.36 54.79 62.79
CA ALA F 139 53.74 55.42 61.63
C ALA F 139 53.16 56.76 62.08
N ALA F 140 53.71 57.84 61.56
CA ALA F 140 53.17 59.18 61.76
C ALA F 140 52.33 59.66 60.58
N GLY F 141 52.14 58.83 59.56
CA GLY F 141 51.53 59.26 58.33
C GLY F 141 52.49 59.55 57.21
N ALA F 142 53.75 59.10 57.31
CA ALA F 142 54.74 59.36 56.28
C ALA F 142 54.38 58.63 54.99
N GLY F 143 54.96 59.10 53.89
CA GLY F 143 54.74 58.52 52.59
C GLY F 143 53.78 59.36 51.75
N SER F 144 53.63 58.94 50.50
CA SER F 144 52.71 59.64 49.59
C SER F 144 51.28 59.56 50.11
N SER F 145 50.75 58.35 50.27
CA SER F 145 49.46 58.14 50.90
C SER F 145 49.59 56.97 51.86
N VAL F 146 49.37 57.22 53.15
CA VAL F 146 49.54 56.17 54.14
C VAL F 146 48.40 55.17 54.04
N THR F 147 48.72 53.90 54.24
CA THR F 147 47.73 52.82 54.16
C THR F 147 47.71 52.08 55.48
N LEU F 148 46.50 51.73 55.93
CA LEU F 148 46.31 50.92 57.12
C LEU F 148 45.19 49.94 56.86
N GLY F 149 45.05 48.96 57.75
CA GLY F 149 43.99 47.98 57.58
C GLY F 149 43.67 47.29 58.88
N CYS F 150 42.45 46.76 58.94
CA CYS F 150 41.99 45.95 60.07
C CYS F 150 41.26 44.74 59.51
N LEU F 151 41.48 43.59 60.12
CA LEU F 151 40.90 42.34 59.67
C LEU F 151 39.99 41.76 60.74
N VAL F 152 39.07 40.91 60.30
CA VAL F 152 38.12 40.25 61.18
C VAL F 152 38.38 38.75 61.08
N LYS F 153 38.71 38.13 62.21
CA LYS F 153 39.00 36.71 62.24
C LYS F 153 38.41 36.12 63.51
N GLY F 154 38.74 34.85 63.76
CA GLY F 154 38.33 34.17 64.98
C GLY F 154 36.84 34.16 65.22
N TYR F 155 36.04 34.33 64.16
CA TYR F 155 34.60 34.42 64.29
C TYR F 155 33.94 33.21 63.65
N PHE F 156 32.92 32.71 64.33
CA PHE F 156 32.07 31.67 63.77
C PHE F 156 30.67 31.84 64.32
N PRO F 157 29.65 31.54 63.50
CA PRO F 157 29.73 31.33 62.05
C PRO F 157 29.62 32.63 61.28
N GLU F 158 29.46 32.50 59.97
CA GLU F 158 29.20 33.64 59.09
C GLU F 158 27.91 34.34 59.47
N PRO F 159 27.71 35.60 59.00
CA PRO F 159 28.66 36.54 58.40
C PRO F 159 29.22 37.59 59.38
N VAL F 160 30.08 38.47 58.87
CA VAL F 160 30.58 39.64 59.58
C VAL F 160 30.65 40.80 58.60
N THR F 161 30.82 42.01 59.14
CA THR F 161 30.90 43.21 58.32
C THR F 161 31.79 44.24 58.98
N LEU F 162 32.57 44.96 58.18
CA LEU F 162 33.45 46.02 58.66
C LEU F 162 33.24 47.28 57.83
N THR F 163 33.20 48.43 58.50
CA THR F 163 33.04 49.72 57.84
C THR F 163 34.02 50.72 58.44
N TRP F 164 34.74 51.43 57.58
CA TRP F 164 35.72 52.42 58.02
C TRP F 164 35.05 53.77 58.21
N ASN F 165 35.04 54.26 59.46
CA ASN F 165 34.43 55.54 59.82
C ASN F 165 32.98 55.61 59.35
N SER F 166 32.22 54.55 59.66
CA SER F 166 30.84 54.41 59.21
C SER F 166 30.77 54.46 57.69
N GLY F 167 31.72 53.81 57.03
CA GLY F 167 31.78 53.83 55.59
C GLY F 167 32.08 55.18 54.98
N SER F 168 32.71 56.08 55.74
CA SER F 168 32.99 57.41 55.24
C SER F 168 34.04 57.41 54.14
N LEU F 169 34.81 56.35 54.01
CA LEU F 169 35.89 56.28 53.02
C LEU F 169 35.83 54.95 52.30
N SER F 170 35.65 54.99 50.98
CA SER F 170 35.68 53.80 50.15
C SER F 170 37.07 53.50 49.61
N SER F 171 38.02 54.40 49.78
CA SER F 171 39.36 54.20 49.24
C SER F 171 40.09 53.10 50.01
N GLY F 172 40.58 52.11 49.27
CA GLY F 172 41.25 50.96 49.86
C GLY F 172 40.33 49.87 50.37
N VAL F 173 39.03 50.13 50.46
CA VAL F 173 38.08 49.13 50.91
C VAL F 173 38.13 47.96 49.93
N HIS F 174 39.00 47.01 50.23
CA HIS F 174 39.15 45.82 49.41
C HIS F 174 39.08 44.62 50.34
N THR F 175 37.98 44.52 51.08
CA THR F 175 37.76 43.42 52.00
C THR F 175 37.82 42.09 51.26
N PHE F 176 38.76 41.26 51.65
CA PHE F 176 38.98 40.01 50.94
C PHE F 176 38.05 38.91 51.47
N PRO F 177 37.71 37.94 50.62
CA PRO F 177 36.70 36.95 50.98
C PRO F 177 37.11 36.12 52.19
N ALA F 178 36.09 35.69 52.93
CA ALA F 178 36.30 34.94 54.16
C ALA F 178 36.71 33.50 53.87
N VAL F 179 37.30 32.87 54.89
CA VAL F 179 37.67 31.46 54.83
C VAL F 179 37.64 30.91 56.24
N LEU F 180 37.40 29.61 56.36
CA LEU F 180 37.31 28.95 57.65
C LEU F 180 38.69 28.45 58.07
N ALA F 181 39.17 28.95 59.20
CA ALA F 181 40.42 28.53 59.80
C ALA F 181 40.23 27.46 60.87
N ASP F 182 39.02 26.92 61.00
CA ASP F 182 38.35 26.39 62.19
C ASP F 182 37.62 27.52 62.89
N LEU F 183 37.91 28.78 62.53
CA LEU F 183 37.05 29.92 62.78
C LEU F 183 37.11 30.75 61.52
N TYR F 184 35.96 31.17 61.02
CA TYR F 184 35.91 31.97 59.81
C TYR F 184 36.79 33.20 59.97
N THR F 185 37.46 33.56 58.88
CA THR F 185 38.34 34.72 58.90
C THR F 185 38.31 35.38 57.53
N LEU F 186 38.44 36.71 57.54
CA LEU F 186 38.63 37.49 56.33
C LEU F 186 39.63 38.59 56.62
N SER F 187 39.88 39.44 55.62
CA SER F 187 40.77 40.57 55.78
C SER F 187 40.14 41.77 55.09
N SER F 188 40.59 42.96 55.51
CA SER F 188 40.12 44.20 54.91
C SER F 188 41.21 45.25 55.02
N SER F 189 41.14 46.23 54.11
CA SER F 189 42.11 47.30 54.07
C SER F 189 41.39 48.62 53.77
N VAL F 190 42.11 49.72 53.96
CA VAL F 190 41.60 51.05 53.63
C VAL F 190 42.78 51.92 53.23
N THR F 191 42.56 52.78 52.25
CA THR F 191 43.59 53.70 51.77
C THR F 191 43.22 55.11 52.22
N VAL F 192 44.01 55.67 53.12
CA VAL F 192 43.73 57.00 53.68
C VAL F 192 44.78 57.98 53.20
N THR F 193 44.61 59.25 53.59
CA THR F 193 45.52 60.31 53.16
C THR F 193 46.66 60.43 54.15
N SER F 194 47.89 60.51 53.62
CA SER F 194 49.07 60.64 54.46
C SER F 194 48.95 61.83 55.41
N SER F 195 48.40 62.94 54.92
CA SER F 195 48.31 64.14 55.75
C SER F 195 47.24 63.98 56.83
N THR F 196 46.03 63.58 56.43
CA THR F 196 44.92 63.55 57.39
C THR F 196 45.11 62.52 58.48
N TRP F 197 46.10 61.65 58.38
CA TRP F 197 46.30 60.66 59.43
C TRP F 197 47.65 60.91 60.08
N PRO F 198 47.73 60.73 61.41
CA PRO F 198 46.72 60.27 62.37
C PRO F 198 45.56 61.24 62.61
N ALA F 199 45.73 62.50 62.18
CA ALA F 199 44.81 63.58 62.52
C ALA F 199 43.34 63.19 62.36
N GLU F 200 42.92 62.95 61.12
CA GLU F 200 41.53 62.59 60.87
C GLU F 200 41.25 61.20 61.45
N SER F 201 40.04 61.03 61.97
CA SER F 201 39.71 59.83 62.73
C SER F 201 39.54 58.62 61.83
N ILE F 202 40.11 57.50 62.24
CA ILE F 202 40.02 56.23 61.52
C ILE F 202 39.41 55.20 62.45
N THR F 203 38.23 54.69 62.10
CA THR F 203 37.52 53.73 62.92
C THR F 203 36.85 52.68 62.04
N CYS F 204 37.07 51.42 62.36
CA CYS F 204 36.42 50.31 61.67
C CYS F 204 35.35 49.71 62.57
N ASN F 205 34.19 49.38 61.97
CA ASN F 205 33.02 48.98 62.73
C ASN F 205 32.67 47.53 62.40
N VAL F 206 32.79 46.66 63.40
CA VAL F 206 32.52 45.25 63.23
C VAL F 206 31.01 45.00 63.27
N ALA F 207 30.54 44.05 62.47
CA ALA F 207 29.13 43.69 62.46
C ALA F 207 28.94 42.21 62.19
N HIS F 208 28.79 41.42 63.25
CA HIS F 208 28.66 39.98 63.14
C HIS F 208 27.31 39.55 63.74
N PRO F 209 26.25 39.57 62.93
CA PRO F 209 24.90 39.22 63.35
C PRO F 209 24.77 37.83 63.93
N ALA F 210 25.54 36.87 63.40
CA ALA F 210 25.51 35.51 63.94
C ALA F 210 25.79 35.52 65.43
N SER F 211 27.00 35.94 65.81
CA SER F 211 27.26 36.18 67.22
C SER F 211 26.54 37.41 67.73
N SER F 212 25.89 38.18 66.85
CA SER F 212 25.24 39.43 67.22
C SER F 212 26.22 40.39 67.89
N THR F 213 27.49 40.32 67.49
CA THR F 213 28.55 41.12 68.08
C THR F 213 28.90 42.26 67.16
N LYS F 214 28.82 43.49 67.66
CA LYS F 214 29.18 44.69 66.93
C LYS F 214 30.21 45.48 67.73
N VAL F 215 31.34 45.79 67.11
CA VAL F 215 32.43 46.48 67.77
C VAL F 215 32.95 47.57 66.85
N ASP F 216 33.04 48.79 67.37
CA ASP F 216 33.58 49.93 66.62
C ASP F 216 35.01 50.16 67.10
N LYS F 217 35.98 49.88 66.23
CA LYS F 217 37.39 49.91 66.57
C LYS F 217 38.06 51.09 65.88
N LYS F 218 38.55 52.04 66.68
CA LYS F 218 39.24 53.20 66.16
C LYS F 218 40.70 52.85 65.87
N ILE F 219 41.25 53.44 64.81
CA ILE F 219 42.61 53.17 64.38
C ILE F 219 43.45 54.42 64.59
N GLU F 220 44.52 54.30 65.36
CA GLU F 220 45.39 55.41 65.71
C GLU F 220 46.83 54.93 65.67
N PRO F 221 47.79 55.85 65.55
CA PRO F 221 49.19 55.43 65.31
C PRO F 221 49.76 54.64 66.47
N ARG F 222 50.78 53.85 66.16
CA ARG F 222 51.43 53.00 67.14
C ARG F 222 52.84 52.68 66.65
N GLY F 223 53.67 52.24 67.59
CA GLY F 223 55.05 51.91 67.28
C GLY F 223 55.18 50.64 66.48
N ASP G 1 38.16 -3.59 -10.45
CA ASP G 1 39.08 -3.75 -11.56
C ASP G 1 39.25 -2.43 -12.29
N ILE G 2 38.52 -1.41 -11.83
CA ILE G 2 38.55 -0.11 -12.47
C ILE G 2 39.87 0.55 -12.10
N VAL G 3 40.15 1.72 -12.68
CA VAL G 3 41.43 2.39 -12.51
C VAL G 3 41.20 3.86 -12.24
N MET G 4 41.95 4.41 -11.31
CA MET G 4 41.92 5.81 -10.95
C MET G 4 43.16 6.50 -11.49
N THR G 5 43.01 7.75 -11.92
CA THR G 5 44.13 8.56 -12.38
C THR G 5 44.22 9.79 -11.50
N GLN G 6 45.38 10.01 -10.90
CA GLN G 6 45.59 11.05 -9.90
C GLN G 6 46.58 12.04 -10.47
N SER G 7 46.14 13.27 -10.72
CA SER G 7 47.01 14.29 -11.27
C SER G 7 46.70 15.65 -10.67
N PRO G 8 47.63 16.61 -10.77
CA PRO G 8 49.00 16.56 -11.28
C PRO G 8 49.96 15.94 -10.28
N SER G 9 51.15 15.54 -10.73
CA SER G 9 52.10 14.90 -9.84
C SER G 9 52.54 15.85 -8.73
N SER G 10 52.99 17.05 -9.09
CA SER G 10 53.49 17.97 -8.08
C SER G 10 53.25 19.41 -8.51
N LEU G 11 53.00 20.27 -7.53
CA LEU G 11 52.80 21.70 -7.77
C LEU G 11 53.49 22.50 -6.68
N ALA G 12 54.41 23.38 -7.08
CA ALA G 12 54.91 24.41 -6.18
C ALA G 12 53.91 25.55 -6.11
N MET G 13 53.94 26.30 -5.02
CA MET G 13 52.91 27.30 -4.80
C MET G 13 53.38 28.28 -3.73
N SER G 14 52.45 29.14 -3.28
CA SER G 14 52.74 30.13 -2.26
C SER G 14 51.55 30.24 -1.32
N VAL G 15 51.75 30.95 -0.21
CA VAL G 15 50.73 31.00 0.83
C VAL G 15 49.43 31.60 0.29
N GLY G 16 48.32 31.11 0.82
CA GLY G 16 47.02 31.62 0.48
C GLY G 16 46.52 31.30 -0.90
N GLN G 17 47.36 30.71 -1.75
CA GLN G 17 46.97 30.46 -3.13
C GLN G 17 45.91 29.37 -3.21
N LYS G 18 45.14 29.42 -4.28
CA LYS G 18 44.07 28.45 -4.54
C LYS G 18 44.59 27.47 -5.59
N VAL G 19 44.82 26.23 -5.17
CA VAL G 19 45.37 25.21 -6.04
C VAL G 19 44.39 24.04 -6.11
N THR G 20 44.33 23.40 -7.27
CA THR G 20 43.38 22.33 -7.51
C THR G 20 44.07 21.14 -8.18
N MET G 21 44.15 20.02 -7.46
CA MET G 21 44.52 18.76 -8.07
C MET G 21 43.32 18.12 -8.76
N SER G 22 43.60 17.21 -9.68
CA SER G 22 42.58 16.59 -10.50
C SER G 22 42.38 15.13 -10.14
N CYS G 23 41.16 14.65 -10.35
CA CYS G 23 40.80 13.26 -10.14
C CYS G 23 40.25 12.70 -11.43
N LYS G 24 40.74 11.52 -11.84
CA LYS G 24 40.33 10.93 -13.10
C LYS G 24 40.20 9.42 -12.97
N SER G 25 39.15 8.87 -13.58
CA SER G 25 38.92 7.43 -13.53
C SER G 25 38.05 6.99 -14.68
N SER G 26 38.09 5.69 -14.95
CA SER G 26 37.38 5.07 -16.05
C SER G 26 35.87 5.28 -15.98
N GLN G 27 35.21 4.59 -15.05
CA GLN G 27 33.75 4.57 -14.98
C GLN G 27 33.24 5.70 -14.09
N SER G 28 31.96 5.64 -13.77
CA SER G 28 31.32 6.68 -12.97
C SER G 28 31.33 6.29 -11.50
N LEU G 29 32.01 7.08 -10.69
CA LEU G 29 31.82 7.03 -9.25
C LEU G 29 30.41 7.44 -8.86
N LEU G 30 29.62 7.92 -9.81
CA LEU G 30 28.39 8.63 -9.51
C LEU G 30 27.29 8.14 -10.42
N ASP G 31 26.23 7.62 -9.82
CA ASP G 31 24.93 7.53 -10.47
C ASP G 31 23.92 8.12 -9.50
N SER G 32 22.81 8.63 -10.04
CA SER G 32 21.90 9.40 -9.21
C SER G 32 20.71 8.51 -8.84
N ARG G 33 20.71 8.07 -7.59
CA ARG G 33 19.51 7.74 -6.85
C ARG G 33 19.72 8.39 -5.50
N ASN G 34 20.73 7.91 -4.78
CA ASN G 34 21.32 8.67 -3.70
C ASN G 34 22.41 9.59 -4.18
N GLN G 35 22.65 9.64 -5.49
CA GLN G 35 23.66 10.53 -6.07
C GLN G 35 25.00 10.32 -5.39
N LYS G 36 25.37 9.05 -5.23
CA LYS G 36 26.55 8.69 -4.47
C LYS G 36 27.81 8.91 -5.28
N ASN G 37 28.78 9.59 -4.68
CA ASN G 37 30.11 9.70 -5.24
C ASN G 37 31.06 8.91 -4.35
N TYR G 38 31.91 8.11 -4.98
CA TYR G 38 32.77 7.18 -4.25
C TYR G 38 34.19 7.68 -4.09
N LEU G 39 34.46 8.91 -4.52
CA LEU G 39 35.79 9.47 -4.32
C LEU G 39 36.11 9.61 -2.85
N ALA G 40 37.39 9.44 -2.53
CA ALA G 40 37.90 9.62 -1.18
C ALA G 40 39.01 10.66 -1.21
N TRP G 41 39.38 11.15 -0.03
CA TRP G 41 40.49 12.07 0.09
C TRP G 41 41.29 11.73 1.34
N TYR G 42 42.60 11.63 1.18
CA TYR G 42 43.51 11.30 2.26
C TYR G 42 44.73 12.19 2.24
N GLN G 43 45.11 12.65 3.43
CA GLN G 43 46.31 13.43 3.62
C GLN G 43 47.33 12.59 4.36
N GLN G 44 48.56 12.56 3.85
CA GLN G 44 49.66 11.89 4.52
C GLN G 44 50.85 12.82 4.51
N LYS G 45 51.26 13.26 5.69
CA LYS G 45 52.55 13.90 5.72
C LYS G 45 53.64 12.83 5.82
N PRO G 46 54.82 13.09 5.24
CA PRO G 46 55.82 12.03 5.11
C PRO G 46 56.12 11.33 6.42
N GLY G 47 56.09 10.00 6.38
CA GLY G 47 56.53 9.19 7.50
C GLY G 47 55.53 9.01 8.62
N GLN G 48 54.52 9.86 8.71
CA GLN G 48 53.54 9.71 9.76
C GLN G 48 52.35 8.91 9.23
N SER G 49 51.31 8.80 10.05
CA SER G 49 50.16 7.99 9.70
C SER G 49 49.20 8.76 8.81
N PRO G 50 48.73 8.16 7.71
CA PRO G 50 47.70 8.82 6.91
C PRO G 50 46.42 9.10 7.67
N LYS G 51 45.49 9.79 7.03
CA LYS G 51 44.25 10.16 7.70
C LYS G 51 43.19 10.44 6.64
N LEU G 52 41.94 10.46 7.10
CA LEU G 52 40.82 10.73 6.23
C LEU G 52 40.61 12.22 6.04
N LEU G 53 40.34 12.63 4.80
CA LEU G 53 40.03 14.02 4.50
C LEU G 53 38.56 14.17 4.12
N VAL G 54 38.19 13.77 2.91
CA VAL G 54 36.84 13.92 2.41
C VAL G 54 36.47 12.71 1.58
N TYR G 55 35.26 12.22 1.76
CA TYR G 55 34.71 11.17 0.91
C TYR G 55 33.53 11.75 0.14
N PHE G 56 32.85 10.88 -0.60
CA PHE G 56 31.81 11.33 -1.51
C PHE G 56 32.33 12.42 -2.42
N ALA G 57 31.65 13.56 -2.38
CA ALA G 57 32.12 14.78 -3.00
C ALA G 57 32.04 15.91 -1.98
N SER G 58 30.83 16.19 -1.52
CA SER G 58 30.56 17.35 -0.67
C SER G 58 30.83 17.10 0.80
N THR G 59 31.33 15.93 1.17
CA THR G 59 31.63 15.64 2.56
C THR G 59 32.58 16.70 3.14
N ARG G 60 32.33 17.09 4.38
CA ARG G 60 33.29 17.87 5.16
C ARG G 60 33.51 17.15 6.48
N GLU G 61 34.71 16.62 6.67
CA GLU G 61 35.01 15.84 7.85
C GLU G 61 35.26 16.76 9.03
N SER G 62 34.93 16.26 10.22
CA SER G 62 35.16 17.04 11.45
C SER G 62 36.64 17.30 11.65
N GLY G 63 36.99 18.57 11.84
CA GLY G 63 38.37 18.97 12.00
C GLY G 63 39.03 19.54 10.78
N VAL G 64 38.28 19.78 9.72
CA VAL G 64 38.86 20.31 8.48
C VAL G 64 38.26 21.67 8.17
N PRO G 65 39.05 22.74 8.23
CA PRO G 65 38.58 24.04 7.75
C PRO G 65 38.33 24.02 6.26
N ASP G 66 37.65 25.08 5.80
CA ASP G 66 37.31 25.22 4.40
C ASP G 66 38.53 25.33 3.50
N ARG G 67 39.73 25.42 4.08
CA ARG G 67 40.94 25.32 3.28
C ARG G 67 40.91 24.08 2.40
N PHE G 68 40.21 23.05 2.85
CA PHE G 68 39.87 21.90 2.02
C PHE G 68 38.36 21.88 1.81
N ILE G 69 37.94 21.99 0.55
CA ILE G 69 36.56 21.79 0.17
C ILE G 69 36.54 20.94 -1.09
N GLY G 70 35.61 19.99 -1.13
CA GLY G 70 35.57 19.06 -2.25
C GLY G 70 35.05 19.70 -3.51
N SER G 71 35.31 19.04 -4.62
CA SER G 71 34.88 19.50 -5.92
C SER G 71 34.87 18.32 -6.89
N GLY G 72 34.56 18.61 -8.14
CA GLY G 72 34.38 17.54 -9.09
C GLY G 72 32.97 17.00 -9.10
N SER G 73 32.54 16.55 -10.26
CA SER G 73 31.19 16.04 -10.44
C SER G 73 31.21 15.10 -11.64
N GLY G 74 30.12 14.34 -11.78
CA GLY G 74 30.08 13.34 -12.82
C GLY G 74 31.07 12.22 -12.57
N THR G 75 31.98 11.99 -13.50
CA THR G 75 32.98 10.93 -13.34
C THR G 75 34.25 11.45 -12.69
N ASP G 76 35.03 12.22 -13.44
CA ASP G 76 36.35 12.63 -12.98
C ASP G 76 36.25 13.93 -12.20
N PHE G 77 37.03 14.04 -11.12
CA PHE G 77 36.79 15.06 -10.12
C PHE G 77 38.02 15.92 -9.86
N THR G 78 37.90 16.79 -8.86
CA THR G 78 38.93 17.74 -8.48
C THR G 78 38.88 17.94 -6.97
N LEU G 79 39.91 18.60 -6.44
CA LEU G 79 39.86 19.14 -5.09
C LEU G 79 40.12 20.63 -5.14
N THR G 80 39.20 21.41 -4.59
CA THR G 80 39.45 22.83 -4.39
C THR G 80 40.21 23.02 -3.09
N ILE G 81 41.19 23.91 -3.13
CA ILE G 81 41.95 24.29 -1.94
C ILE G 81 41.96 25.81 -1.85
N SER G 82 41.55 26.33 -0.70
CA SER G 82 41.29 27.77 -0.60
C SER G 82 42.57 28.57 -0.35
N SER G 83 43.09 28.52 0.87
CA SER G 83 44.25 29.30 1.25
C SER G 83 45.21 28.42 2.04
N VAL G 84 46.42 28.28 1.54
CA VAL G 84 47.37 27.29 2.04
C VAL G 84 48.37 27.96 2.96
N GLN G 85 48.60 27.33 4.11
CA GLN G 85 49.69 27.69 4.98
C GLN G 85 50.69 26.53 5.02
N ALA G 86 51.76 26.72 5.80
CA ALA G 86 52.87 25.77 5.78
C ALA G 86 52.41 24.37 6.16
N GLU G 87 51.53 24.27 7.15
CA GLU G 87 51.09 22.95 7.61
C GLU G 87 50.36 22.19 6.52
N ASP G 88 49.87 22.88 5.49
CA ASP G 88 49.10 22.19 4.46
C ASP G 88 49.97 21.31 3.57
N LEU G 89 51.28 21.50 3.57
CA LEU G 89 52.13 20.64 2.76
C LEU G 89 52.03 19.22 3.27
N ALA G 90 51.82 18.29 2.33
CA ALA G 90 51.60 16.88 2.65
C ALA G 90 51.46 16.08 1.37
N ASP G 91 51.34 14.76 1.50
CA ASP G 91 51.19 13.87 0.36
C ASP G 91 49.76 13.33 0.34
N TYR G 92 48.96 13.83 -0.60
CA TYR G 92 47.55 13.53 -0.71
C TYR G 92 47.27 12.23 -1.46
N PHE G 93 46.11 11.65 -1.19
CA PHE G 93 45.57 10.52 -1.93
C PHE G 93 44.08 10.67 -2.13
N CYS G 94 43.61 10.26 -3.30
CA CYS G 94 42.19 10.20 -3.59
C CYS G 94 41.88 8.81 -4.15
N GLN G 95 40.84 8.18 -3.62
CA GLN G 95 40.57 6.79 -3.99
C GLN G 95 39.07 6.54 -3.91
N GLN G 96 38.70 5.27 -4.00
CA GLN G 96 37.35 4.85 -4.36
C GLN G 96 36.70 3.91 -3.37
N HIS G 97 35.41 4.16 -3.07
CA HIS G 97 34.65 3.22 -2.27
C HIS G 97 33.47 2.71 -3.08
N TYR G 98 33.72 1.64 -3.84
CA TYR G 98 32.72 1.11 -4.76
C TYR G 98 33.23 -0.09 -5.51
N SER G 99 32.38 -1.12 -5.64
CA SER G 99 32.63 -2.25 -6.52
C SER G 99 33.95 -2.95 -6.17
N THR G 100 33.88 -3.70 -5.09
CA THR G 100 34.99 -4.50 -4.62
C THR G 100 35.59 -5.32 -5.74
N PRO G 101 36.92 -5.48 -5.73
CA PRO G 101 37.83 -4.94 -4.71
C PRO G 101 38.06 -3.45 -4.86
N LEU G 102 38.85 -2.90 -3.96
CA LEU G 102 39.05 -1.48 -3.87
C LEU G 102 40.05 -0.99 -4.92
N THR G 103 39.93 0.30 -5.25
CA THR G 103 40.84 0.95 -6.18
C THR G 103 41.31 2.27 -5.59
N PHE G 104 42.56 2.63 -5.91
CA PHE G 104 43.23 3.78 -5.32
C PHE G 104 43.71 4.73 -6.39
N GLY G 105 44.06 5.95 -5.95
CA GLY G 105 44.75 6.88 -6.82
C GLY G 105 46.25 6.68 -6.83
N ALA G 106 46.89 7.23 -7.85
CA ALA G 106 48.34 7.15 -7.98
C ALA G 106 49.04 7.78 -6.78
N GLY G 107 49.00 9.10 -6.69
CA GLY G 107 49.55 9.83 -5.57
C GLY G 107 49.50 11.32 -5.83
N THR G 108 49.57 12.13 -4.76
CA THR G 108 49.57 13.58 -4.88
C THR G 108 50.65 14.12 -3.97
N LYS G 109 51.66 14.75 -4.56
CA LYS G 109 52.78 15.30 -3.80
C LYS G 109 52.83 16.79 -4.03
N LEU G 110 52.56 17.56 -2.99
CA LEU G 110 52.61 19.02 -3.10
C LEU G 110 54.06 19.49 -3.03
N GLU G 111 54.37 20.50 -3.82
CA GLU G 111 55.70 21.12 -3.83
C GLU G 111 55.61 22.52 -3.24
N LEU G 112 56.70 22.97 -2.63
CA LEU G 112 56.54 24.03 -1.64
C LEU G 112 56.40 25.41 -2.25
N LYS G 113 57.50 26.06 -2.61
CA LYS G 113 57.46 27.52 -2.78
C LYS G 113 58.68 28.00 -3.57
N ARG G 114 58.82 29.33 -3.59
CA ARG G 114 59.88 30.20 -4.09
C ARG G 114 60.28 29.84 -5.53
N ALA G 115 61.55 30.06 -5.88
CA ALA G 115 62.01 29.93 -7.26
C ALA G 115 63.41 29.36 -7.30
N ASP G 116 63.56 28.23 -7.97
CA ASP G 116 64.84 27.71 -8.45
C ASP G 116 65.95 27.71 -7.42
N ALA G 117 67.18 27.97 -7.90
CA ALA G 117 68.41 27.92 -7.13
C ALA G 117 69.60 28.08 -8.08
N ALA G 118 70.81 28.06 -7.55
CA ALA G 118 71.88 27.84 -8.50
C ALA G 118 72.58 26.52 -8.21
N PRO G 119 72.95 25.77 -9.25
CA PRO G 119 73.54 24.44 -9.02
C PRO G 119 74.96 24.55 -8.47
N THR G 120 75.25 23.69 -7.50
CA THR G 120 76.58 23.64 -6.88
C THR G 120 77.13 22.23 -7.06
N VAL G 121 78.19 22.11 -7.86
CA VAL G 121 78.80 20.82 -8.15
C VAL G 121 80.23 20.82 -7.65
N SER G 122 80.65 19.74 -7.01
CA SER G 122 82.04 19.52 -6.65
C SER G 122 82.42 18.10 -7.06
N ILE G 123 83.70 17.76 -6.87
CA ILE G 123 84.17 16.42 -7.15
C ILE G 123 85.25 16.05 -6.13
N PHE G 124 85.19 14.82 -5.64
CA PHE G 124 86.18 14.26 -4.72
C PHE G 124 86.71 12.98 -5.34
N PRO G 125 87.82 13.04 -6.07
CA PRO G 125 88.39 11.83 -6.68
C PRO G 125 88.66 10.77 -5.63
N PRO G 126 88.67 9.50 -6.04
CA PRO G 126 88.72 8.40 -5.07
C PRO G 126 89.93 8.49 -4.15
N SER G 127 89.68 8.37 -2.85
CA SER G 127 90.76 8.23 -1.89
C SER G 127 91.42 6.87 -2.03
N SER G 128 92.68 6.78 -1.60
CA SER G 128 93.45 5.56 -1.78
C SER G 128 92.87 4.40 -0.98
N GLU G 129 92.21 4.69 0.14
CA GLU G 129 91.56 3.63 0.89
C GLU G 129 90.50 2.92 0.06
N GLN G 130 89.81 3.66 -0.83
CA GLN G 130 88.89 3.01 -1.76
C GLN G 130 89.65 2.15 -2.75
N LEU G 131 90.74 2.68 -3.29
CA LEU G 131 91.62 1.89 -4.14
C LEU G 131 92.38 0.84 -3.34
N THR G 132 92.52 1.04 -2.03
CA THR G 132 93.01 -0.02 -1.17
C THR G 132 92.00 -1.16 -1.09
N SER G 133 90.72 -0.82 -1.02
CA SER G 133 89.68 -1.84 -0.97
C SER G 133 89.61 -2.66 -2.24
N GLY G 134 90.10 -2.13 -3.35
CA GLY G 134 90.10 -2.83 -4.62
C GLY G 134 89.12 -2.30 -5.64
N GLY G 135 88.21 -1.41 -5.24
CA GLY G 135 87.28 -0.78 -6.16
C GLY G 135 87.68 0.65 -6.49
N ALA G 136 87.03 1.18 -7.52
CA ALA G 136 87.15 2.59 -7.90
C ALA G 136 85.80 3.25 -7.68
N SER G 137 85.72 4.11 -6.66
CA SER G 137 84.47 4.72 -6.25
C SER G 137 84.52 6.20 -6.59
N VAL G 138 83.73 6.61 -7.57
CA VAL G 138 83.66 8.00 -8.01
C VAL G 138 82.24 8.47 -7.76
N VAL G 139 82.07 9.39 -6.82
CA VAL G 139 80.77 10.01 -6.59
C VAL G 139 80.79 11.44 -7.12
N CYS G 140 79.67 12.13 -7.02
CA CYS G 140 79.60 13.53 -7.39
C CYS G 140 78.55 14.21 -6.51
N PHE G 141 78.82 15.44 -6.11
CA PHE G 141 78.00 16.15 -5.15
C PHE G 141 77.34 17.35 -5.80
N LEU G 142 76.01 17.42 -5.68
CA LEU G 142 75.23 18.57 -6.11
C LEU G 142 74.33 18.97 -4.95
N ASN G 143 74.54 20.17 -4.42
CA ASN G 143 73.88 20.58 -3.19
C ASN G 143 73.23 21.95 -3.36
N ASN G 144 72.12 22.12 -2.66
CA ASN G 144 71.33 23.36 -2.67
C ASN G 144 70.98 23.78 -4.09
N PHE G 145 70.11 22.97 -4.69
CA PHE G 145 69.62 23.20 -6.04
C PHE G 145 68.12 22.97 -6.06
N TYR G 146 67.43 23.78 -6.85
CA TYR G 146 65.99 23.64 -6.97
C TYR G 146 65.57 24.08 -8.36
N PRO G 147 64.53 23.44 -8.92
CA PRO G 147 63.94 22.17 -8.50
C PRO G 147 64.80 20.96 -8.82
N LYS G 148 64.23 19.76 -8.66
CA LYS G 148 64.99 18.52 -8.71
C LYS G 148 65.70 18.28 -10.03
N ASP G 149 65.26 18.93 -11.11
CA ASP G 149 65.70 18.51 -12.44
C ASP G 149 67.21 18.59 -12.60
N ILE G 150 67.81 17.49 -13.06
CA ILE G 150 69.24 17.43 -13.31
C ILE G 150 69.49 16.27 -14.28
N ASN G 151 70.61 16.33 -14.98
CA ASN G 151 71.04 15.25 -15.85
C ASN G 151 72.45 14.82 -15.45
N VAL G 152 72.75 13.55 -15.68
CA VAL G 152 74.02 12.97 -15.28
C VAL G 152 74.56 12.13 -16.42
N LYS G 153 75.83 12.33 -16.74
CA LYS G 153 76.52 11.54 -17.76
C LYS G 153 77.97 11.38 -17.34
N TRP G 154 78.58 10.27 -17.76
CA TRP G 154 79.94 9.94 -17.37
C TRP G 154 80.76 9.60 -18.61
N ALA G 155 81.79 10.40 -18.88
CA ALA G 155 82.67 10.18 -20.03
C ALA G 155 84.03 9.72 -19.53
N ILE G 156 84.41 8.51 -19.91
CA ILE G 156 85.68 7.91 -19.50
C ILE G 156 86.70 8.19 -20.60
N ASP G 157 87.67 9.07 -20.31
CA ASP G 157 88.64 9.52 -21.31
C ASP G 157 87.95 9.92 -22.61
N GLY G 158 86.75 10.49 -22.49
CA GLY G 158 85.91 10.79 -23.62
C GLY G 158 84.86 9.74 -23.93
N ALA G 159 85.05 8.50 -23.47
CA ALA G 159 84.11 7.43 -23.75
C ALA G 159 83.00 7.45 -22.71
N GLU G 160 81.75 7.52 -23.18
CA GLU G 160 80.62 7.65 -22.27
C GLU G 160 80.36 6.35 -21.51
N ARG G 161 80.08 6.49 -20.22
CA ARG G 161 79.78 5.36 -19.35
C ARG G 161 78.26 5.21 -19.28
N ALA G 162 77.76 4.09 -19.80
CA ALA G 162 76.33 3.81 -19.84
C ALA G 162 76.06 2.61 -18.93
N GLY G 163 75.36 2.85 -17.83
CA GLY G 163 75.05 1.82 -16.86
C GLY G 163 75.90 1.95 -15.61
N GLY G 164 75.57 1.11 -14.63
CA GLY G 164 76.29 1.08 -13.37
C GLY G 164 76.19 2.36 -12.57
N VAL G 165 75.32 3.26 -13.01
CA VAL G 165 75.18 4.58 -12.38
C VAL G 165 74.26 4.45 -11.17
N LEU G 166 74.68 5.03 -10.06
CA LEU G 166 73.89 5.01 -8.83
C LEU G 166 73.58 6.45 -8.40
N ASN G 167 72.40 6.62 -7.80
CA ASN G 167 71.96 7.94 -7.38
C ASN G 167 71.12 7.83 -6.13
N SER G 168 71.00 8.95 -5.43
CA SER G 168 70.10 9.09 -4.28
C SER G 168 69.80 10.57 -4.12
N PHE G 169 68.73 10.86 -3.38
CA PHE G 169 68.25 12.23 -3.32
C PHE G 169 67.70 12.54 -1.93
N THR G 170 67.79 13.81 -1.55
CA THR G 170 67.20 14.32 -0.32
C THR G 170 66.30 15.50 -0.65
N GLY G 171 65.18 15.59 0.07
CA GLY G 171 64.15 16.56 -0.25
C GLY G 171 64.51 17.96 0.19
N GLN G 172 63.48 18.79 0.30
CA GLN G 172 63.65 20.18 0.67
C GLN G 172 64.13 20.32 2.10
N ASP G 173 64.68 21.49 2.40
CA ASP G 173 64.85 21.96 3.76
C ASP G 173 64.04 23.24 3.93
N SER G 174 63.71 23.54 5.18
CA SER G 174 62.75 24.59 5.48
C SER G 174 63.14 25.91 4.82
N LYS G 175 64.33 26.40 5.13
CA LYS G 175 64.82 27.65 4.55
C LYS G 175 64.92 27.57 3.03
N ASP G 176 65.83 26.72 2.54
CA ASP G 176 66.27 26.83 1.15
C ASP G 176 65.19 26.39 0.17
N SER G 177 64.46 25.33 0.50
CA SER G 177 63.56 24.62 -0.41
C SER G 177 64.35 23.93 -1.51
N THR G 178 65.66 24.16 -1.58
CA THR G 178 66.50 23.56 -2.60
C THR G 178 66.81 22.12 -2.18
N TYR G 179 67.72 21.48 -2.91
CA TYR G 179 67.86 20.04 -2.82
C TYR G 179 69.32 19.63 -2.72
N SER G 180 69.51 18.37 -2.35
CA SER G 180 70.81 17.71 -2.41
C SER G 180 70.59 16.32 -2.99
N MET G 181 71.19 16.06 -4.15
CA MET G 181 71.12 14.76 -4.80
C MET G 181 72.53 14.23 -5.00
N SER G 182 72.72 12.95 -4.71
CA SER G 182 74.02 12.30 -4.81
C SER G 182 74.07 11.43 -6.07
N SER G 183 75.20 11.48 -6.76
CA SER G 183 75.46 10.66 -7.94
C SER G 183 76.69 9.81 -7.70
N THR G 184 76.66 8.58 -8.20
CA THR G 184 77.75 7.65 -7.95
C THR G 184 78.06 6.81 -9.18
N LEU G 185 79.33 6.73 -9.54
CA LEU G 185 79.83 5.80 -10.55
C LEU G 185 80.99 5.04 -9.93
N THR G 186 80.82 3.74 -9.72
CA THR G 186 81.79 2.96 -8.97
C THR G 186 82.03 1.62 -9.65
N LEU G 187 83.30 1.34 -9.92
CA LEU G 187 83.74 0.10 -10.53
C LEU G 187 85.00 -0.37 -9.80
N THR G 188 85.66 -1.39 -10.34
CA THR G 188 86.92 -1.82 -9.77
C THR G 188 88.03 -0.83 -10.10
N LYS G 189 89.11 -0.88 -9.31
CA LYS G 189 90.22 0.03 -9.46
C LYS G 189 91.03 -0.20 -10.73
N ASP G 190 90.81 -1.31 -11.43
CA ASP G 190 91.66 -1.65 -12.57
C ASP G 190 91.66 -0.55 -13.62
N GLU G 191 90.50 0.05 -13.88
CA GLU G 191 90.41 1.09 -14.90
C GLU G 191 90.88 2.45 -14.41
N TYR G 192 90.73 2.72 -13.11
CA TYR G 192 90.90 4.08 -12.61
C TYR G 192 92.31 4.60 -12.84
N GLU G 193 93.32 3.88 -12.33
CA GLU G 193 94.70 4.28 -12.59
C GLU G 193 95.11 4.03 -14.03
N ARG G 194 94.28 3.36 -14.82
CA ARG G 194 94.56 3.19 -16.23
C ARG G 194 93.97 4.34 -17.03
N HIS G 195 92.65 4.40 -17.06
CA HIS G 195 91.96 5.46 -17.79
C HIS G 195 92.13 6.76 -17.02
N ALA G 196 92.66 7.77 -17.71
CA ALA G 196 93.03 9.02 -17.07
C ALA G 196 91.84 9.89 -16.71
N SER G 197 91.46 10.76 -17.64
CA SER G 197 90.46 11.79 -17.36
C SER G 197 89.06 11.22 -17.36
N TYR G 198 88.23 11.70 -16.42
CA TYR G 198 86.83 11.35 -16.34
C TYR G 198 85.99 12.61 -16.32
N THR G 199 84.75 12.50 -16.80
CA THR G 199 83.90 13.66 -17.04
C THR G 199 82.49 13.38 -16.52
N CYS G 200 81.99 14.27 -15.67
CA CYS G 200 80.61 14.18 -15.16
C CYS G 200 79.91 15.52 -15.36
N GLU G 201 78.90 15.52 -16.20
CA GLU G 201 78.18 16.74 -16.54
C GLU G 201 76.86 16.80 -15.77
N ALA G 202 76.49 18.01 -15.36
CA ALA G 202 75.23 18.26 -14.66
C ALA G 202 74.42 19.27 -15.45
N THR G 203 73.16 18.92 -15.74
CA THR G 203 72.29 19.80 -16.51
C THR G 203 71.04 20.19 -15.73
N HIS G 204 71.09 21.38 -15.13
CA HIS G 204 69.95 21.94 -14.45
C HIS G 204 69.35 22.95 -15.42
N LYS G 205 68.06 23.25 -15.28
CA LYS G 205 67.46 24.27 -16.12
C LYS G 205 68.03 25.63 -15.72
N THR G 206 68.37 25.76 -14.44
CA THR G 206 69.21 26.87 -14.03
C THR G 206 70.61 26.66 -14.59
N SER G 207 71.20 27.73 -15.13
CA SER G 207 72.44 27.67 -15.90
C SER G 207 72.28 26.72 -17.09
N THR G 208 71.49 27.19 -18.06
CA THR G 208 71.19 26.41 -19.26
C THR G 208 72.44 25.98 -20.02
N ALA G 209 73.55 26.69 -19.84
CA ALA G 209 74.79 26.28 -20.47
C ALA G 209 75.19 24.88 -19.96
N PRO G 210 75.79 24.07 -20.82
CA PRO G 210 76.12 22.70 -20.41
C PRO G 210 77.26 22.64 -19.40
N ILE G 211 76.96 22.93 -18.14
CA ILE G 211 77.98 22.93 -17.10
C ILE G 211 78.54 21.53 -16.94
N VAL G 212 79.87 21.42 -17.06
CA VAL G 212 80.56 20.14 -17.06
C VAL G 212 81.58 20.13 -15.92
N LYS G 213 81.70 18.99 -15.25
CA LYS G 213 82.67 18.80 -14.18
C LYS G 213 83.48 17.54 -14.47
N SER G 214 84.77 17.72 -14.70
CA SER G 214 85.66 16.61 -15.06
C SER G 214 86.79 16.51 -14.04
N PHE G 215 87.71 15.58 -14.30
CA PHE G 215 88.90 15.33 -13.48
C PHE G 215 89.71 14.24 -14.15
N ASN G 216 90.89 13.99 -13.59
CA ASN G 216 91.82 13.00 -14.09
C ASN G 216 92.40 12.24 -12.91
N ARG G 217 93.06 11.12 -13.20
CA ARG G 217 93.79 10.39 -12.19
C ARG G 217 95.11 11.09 -11.89
N GLY G 218 95.44 11.19 -10.61
CA GLY G 218 96.64 11.88 -10.17
C GLY G 218 96.56 13.39 -10.21
N ALA G 219 95.52 13.97 -10.81
CA ALA G 219 95.32 15.40 -10.89
C ALA G 219 93.92 15.74 -10.41
N ALA G 220 93.70 17.04 -10.16
CA ALA G 220 92.42 17.50 -9.65
C ALA G 220 91.26 17.13 -10.56
N GLU H 1 39.94 5.02 23.60
CA GLU H 1 38.85 4.78 22.66
C GLU H 1 39.33 3.99 21.45
N VAL H 2 39.14 4.57 20.27
CA VAL H 2 39.59 3.91 19.06
C VAL H 2 41.10 3.74 19.15
N LYS H 3 41.56 2.50 19.08
CA LYS H 3 42.99 2.25 19.20
C LYS H 3 43.33 0.94 18.52
N LEU H 4 44.49 0.90 17.90
CA LEU H 4 45.06 -0.30 17.32
C LEU H 4 46.53 -0.38 17.69
N GLU H 5 47.00 -1.57 17.99
CA GLU H 5 48.42 -1.80 18.19
C GLU H 5 48.95 -2.57 16.98
N GLN H 6 49.64 -1.86 16.10
CA GLN H 6 50.25 -2.49 14.94
C GLN H 6 51.74 -2.56 15.26
N SER H 7 52.22 -3.76 15.55
CA SER H 7 53.44 -3.92 16.31
C SER H 7 54.45 -4.77 15.55
N GLY H 8 55.70 -4.69 16.00
CA GLY H 8 56.76 -5.52 15.49
C GLY H 8 57.43 -4.95 14.24
N ALA H 9 58.55 -5.55 13.90
CA ALA H 9 59.20 -5.39 12.61
C ALA H 9 60.03 -6.64 12.39
N GLU H 10 60.26 -6.99 11.13
CA GLU H 10 60.91 -8.27 10.91
C GLU H 10 61.70 -8.27 9.62
N LEU H 11 62.78 -9.05 9.64
CA LEU H 11 63.55 -9.42 8.47
C LEU H 11 63.71 -10.92 8.50
N ALA H 12 63.48 -11.57 7.37
CA ALA H 12 63.53 -13.03 7.34
C ALA H 12 64.07 -13.52 6.00
N ARG H 13 64.20 -14.82 5.89
CA ARG H 13 64.80 -15.49 4.76
C ARG H 13 63.80 -15.65 3.63
N PRO H 14 64.27 -15.98 2.43
CA PRO H 14 63.33 -16.27 1.34
C PRO H 14 62.50 -17.48 1.68
N GLY H 15 61.30 -17.53 1.12
CA GLY H 15 60.45 -18.70 1.25
C GLY H 15 59.97 -18.99 2.66
N ALA H 16 60.25 -18.08 3.59
CA ALA H 16 59.94 -18.29 4.99
C ALA H 16 58.50 -17.87 5.28
N SER H 17 58.13 -17.84 6.54
CA SER H 17 56.81 -17.41 6.98
C SER H 17 56.92 -16.20 7.89
N VAL H 18 55.83 -15.45 7.99
CA VAL H 18 55.79 -14.20 8.72
C VAL H 18 54.54 -14.15 9.58
N LYS H 19 54.50 -13.15 10.45
CA LYS H 19 53.44 -13.00 11.44
C LYS H 19 53.18 -11.53 11.67
N LEU H 20 51.92 -11.17 11.89
CA LEU H 20 51.56 -9.78 12.16
C LEU H 20 50.47 -9.74 13.23
N SER H 21 50.33 -8.59 13.86
CA SER H 21 49.33 -8.44 14.90
C SER H 21 48.80 -7.01 14.97
N CYS H 22 47.48 -6.90 15.16
CA CYS H 22 46.83 -5.63 15.44
C CYS H 22 45.72 -5.86 16.45
N LYS H 23 45.69 -5.04 17.49
CA LYS H 23 44.89 -5.32 18.68
C LYS H 23 43.86 -4.23 18.90
N ALA H 24 42.85 -4.56 19.70
CA ALA H 24 41.61 -3.80 19.78
C ALA H 24 41.51 -3.02 21.07
N SER H 25 40.83 -1.87 20.98
CA SER H 25 40.39 -1.15 22.18
C SER H 25 39.13 -0.37 21.86
N GLY H 26 38.20 -0.37 22.81
CA GLY H 26 37.05 0.52 22.74
C GLY H 26 35.94 0.12 21.80
N TYR H 27 35.68 -1.18 21.64
CA TYR H 27 34.64 -1.70 20.75
C TYR H 27 34.68 -3.21 20.81
N THR H 28 33.82 -3.87 20.05
CA THR H 28 33.89 -5.32 19.95
C THR H 28 34.81 -5.72 18.80
N PHE H 29 35.84 -6.50 19.14
CA PHE H 29 36.87 -6.83 18.16
C PHE H 29 36.34 -7.59 16.98
N ALA H 30 35.38 -8.50 17.20
CA ALA H 30 34.97 -9.45 16.19
C ALA H 30 33.74 -9.02 15.40
N SER H 31 33.23 -7.82 15.63
CA SER H 31 31.94 -7.45 15.09
C SER H 31 32.00 -6.78 13.74
N TYR H 32 33.16 -6.68 13.10
CA TYR H 32 33.22 -5.98 11.83
C TYR H 32 34.24 -6.60 10.91
N TRP H 33 34.32 -6.05 9.71
CA TRP H 33 35.39 -6.39 8.80
C TRP H 33 36.67 -5.70 9.23
N MET H 34 37.79 -6.19 8.72
CA MET H 34 39.09 -5.60 9.01
C MET H 34 39.91 -5.59 7.74
N GLN H 35 41.01 -4.85 7.76
CA GLN H 35 41.79 -4.62 6.55
C GLN H 35 43.26 -4.90 6.76
N TRP H 36 43.93 -5.15 5.63
CA TRP H 36 45.38 -5.19 5.54
C TRP H 36 45.77 -4.48 4.26
N VAL H 37 46.66 -3.50 4.37
CA VAL H 37 47.05 -2.67 3.24
C VAL H 37 48.57 -2.64 3.16
N LYS H 38 49.11 -2.95 1.98
CA LYS H 38 50.55 -3.01 1.77
C LYS H 38 51.05 -1.65 1.29
N GLN H 39 52.06 -1.14 1.97
CA GLN H 39 52.63 0.19 1.70
C GLN H 39 54.03 0.00 1.15
N ARG H 40 54.19 0.21 -0.15
CA ARG H 40 55.48 0.08 -0.82
C ARG H 40 55.86 1.40 -1.46
N PRO H 41 56.92 2.06 -1.03
CA PRO H 41 57.28 3.36 -1.60
C PRO H 41 57.39 3.29 -3.12
N GLY H 42 56.94 4.36 -3.77
CA GLY H 42 56.84 4.40 -5.22
C GLY H 42 55.62 3.72 -5.78
N GLN H 43 55.00 2.84 -4.99
CA GLN H 43 53.72 2.24 -5.31
C GLN H 43 52.73 2.50 -4.18
N GLY H 44 53.04 2.02 -2.98
CA GLY H 44 52.26 2.40 -1.81
C GLY H 44 50.94 1.70 -1.74
N LEU H 45 49.89 2.50 -1.53
CA LEU H 45 48.61 1.98 -1.09
C LEU H 45 48.10 0.88 -2.02
N GLU H 46 47.80 -0.27 -1.42
CA GLU H 46 47.16 -1.38 -2.13
C GLU H 46 46.31 -2.14 -1.13
N TRP H 47 45.13 -2.57 -1.57
CA TRP H 47 44.17 -3.24 -0.69
C TRP H 47 44.32 -4.74 -0.85
N ILE H 48 44.86 -5.39 0.17
CA ILE H 48 44.99 -6.84 0.16
C ILE H 48 43.60 -7.47 0.10
N GLY H 49 42.87 -7.35 1.19
CA GLY H 49 41.66 -8.14 1.36
C GLY H 49 40.96 -7.71 2.61
N ALA H 50 40.07 -8.57 3.12
CA ALA H 50 39.37 -8.26 4.33
C ALA H 50 38.92 -9.54 5.01
N ILE H 51 38.68 -9.44 6.32
CA ILE H 51 38.27 -10.60 7.09
C ILE H 51 37.29 -10.15 8.17
N TYR H 52 36.26 -10.96 8.38
CA TYR H 52 35.24 -10.65 9.37
C TYR H 52 35.28 -11.67 10.49
N PRO H 53 35.81 -11.32 11.67
CA PRO H 53 36.08 -12.32 12.69
C PRO H 53 34.87 -13.10 13.15
N GLY H 54 33.66 -12.67 12.83
CA GLY H 54 32.52 -13.37 13.36
C GLY H 54 32.58 -14.84 13.03
N ASP H 55 32.62 -15.17 11.75
CA ASP H 55 33.08 -16.49 11.34
C ASP H 55 34.50 -16.49 10.81
N GLY H 56 35.11 -15.32 10.64
CA GLY H 56 36.37 -15.29 9.93
C GLY H 56 36.25 -15.52 8.45
N ASP H 57 35.22 -14.99 7.82
CA ASP H 57 35.12 -15.10 6.38
C ASP H 57 36.16 -14.19 5.72
N THR H 58 36.49 -14.52 4.48
CA THR H 58 37.69 -13.99 3.86
C THR H 58 37.36 -13.30 2.54
N TRP H 59 38.28 -12.44 2.13
CA TRP H 59 38.30 -11.89 0.78
C TRP H 59 39.73 -11.81 0.30
N TYR H 60 39.99 -12.42 -0.83
CA TYR H 60 41.34 -12.50 -1.37
C TYR H 60 41.32 -11.97 -2.79
N THR H 61 41.96 -10.84 -3.00
CA THR H 61 42.02 -10.25 -4.33
C THR H 61 42.89 -11.11 -5.23
N GLN H 62 42.64 -11.00 -6.53
CA GLN H 62 43.34 -11.80 -7.52
C GLN H 62 44.85 -11.81 -7.28
N LYS H 63 45.42 -10.65 -6.96
CA LYS H 63 46.84 -10.55 -6.67
C LYS H 63 47.26 -11.54 -5.60
N PHE H 64 46.70 -11.40 -4.40
CA PHE H 64 47.14 -12.15 -3.25
C PHE H 64 46.45 -13.49 -3.12
N LYS H 65 45.65 -13.88 -4.11
CA LYS H 65 45.10 -15.22 -4.12
C LYS H 65 46.24 -16.23 -3.93
N GLY H 66 45.93 -17.35 -3.29
CA GLY H 66 47.03 -18.16 -2.83
C GLY H 66 47.73 -17.55 -1.63
N LYS H 67 49.00 -17.19 -1.80
CA LYS H 67 49.95 -16.98 -0.72
C LYS H 67 49.40 -16.25 0.50
N ALA H 68 48.58 -15.23 0.28
CA ALA H 68 48.06 -14.49 1.41
C ALA H 68 47.04 -15.32 2.19
N THR H 69 47.06 -15.18 3.52
CA THR H 69 46.15 -15.93 4.37
C THR H 69 45.84 -15.08 5.60
N LEU H 70 44.59 -15.12 6.05
CA LEU H 70 44.15 -14.25 7.14
C LEU H 70 43.28 -15.01 8.12
N THR H 71 43.61 -14.90 9.40
CA THR H 71 42.77 -15.37 10.50
C THR H 71 42.93 -14.41 11.67
N ALA H 72 42.06 -14.56 12.66
CA ALA H 72 42.21 -13.82 13.90
C ALA H 72 41.43 -14.53 15.00
N ASP H 73 41.74 -14.14 16.24
CA ASP H 73 41.00 -14.62 17.40
C ASP H 73 40.59 -13.46 18.27
N LYS H 74 39.33 -13.46 18.69
CA LYS H 74 38.78 -12.35 19.43
C LYS H 74 39.11 -12.40 20.91
N SER H 75 39.23 -13.59 21.49
CA SER H 75 39.71 -13.67 22.87
C SER H 75 41.07 -12.99 22.98
N SER H 76 41.88 -13.11 21.94
CA SER H 76 43.08 -12.28 21.83
C SER H 76 42.72 -10.84 21.52
N SER H 77 41.58 -10.62 20.86
CA SER H 77 41.21 -9.29 20.39
C SER H 77 42.31 -8.69 19.54
N THR H 78 42.99 -9.53 18.76
CA THR H 78 44.14 -9.09 18.01
C THR H 78 44.12 -9.70 16.63
N ALA H 79 44.36 -8.86 15.61
CA ALA H 79 44.41 -9.33 14.24
C ALA H 79 45.65 -10.19 14.02
N TYR H 80 45.58 -11.05 13.00
CA TYR H 80 46.73 -11.77 12.51
C TYR H 80 46.80 -11.67 11.00
N MET H 81 48.01 -11.79 10.46
CA MET H 81 48.20 -12.01 9.04
C MET H 81 49.28 -13.07 8.87
N GLN H 82 48.92 -14.16 8.23
CA GLN H 82 49.81 -15.29 8.03
C GLN H 82 50.20 -15.32 6.56
N LEU H 83 51.48 -15.13 6.28
CA LEU H 83 51.98 -15.25 4.92
C LEU H 83 53.23 -16.12 4.93
N SER H 84 53.39 -16.92 3.88
CA SER H 84 54.49 -17.86 3.79
C SER H 84 55.10 -17.79 2.40
N SER H 85 56.27 -18.42 2.27
CA SER H 85 57.00 -18.47 1.00
C SER H 85 57.30 -17.06 0.49
N LEU H 86 58.23 -16.42 1.19
CA LEU H 86 58.50 -15.01 1.04
C LEU H 86 59.17 -14.73 -0.30
N ALA H 87 59.58 -13.48 -0.49
CA ALA H 87 60.15 -13.00 -1.75
C ALA H 87 60.66 -11.60 -1.52
N SER H 88 61.48 -11.14 -2.46
CA SER H 88 62.18 -9.86 -2.27
C SER H 88 61.20 -8.70 -2.25
N GLU H 89 60.40 -8.55 -3.30
CA GLU H 89 59.45 -7.45 -3.35
C GLU H 89 58.45 -7.49 -2.22
N ASP H 90 58.34 -8.61 -1.50
CA ASP H 90 57.49 -8.65 -0.32
C ASP H 90 57.89 -7.59 0.69
N SER H 91 59.17 -7.22 0.73
CA SER H 91 59.61 -6.19 1.65
C SER H 91 58.85 -4.91 1.41
N ALA H 92 58.21 -4.40 2.46
CA ALA H 92 57.42 -3.19 2.41
C ALA H 92 56.79 -2.94 3.78
N VAL H 93 56.05 -1.85 3.89
CA VAL H 93 55.24 -1.59 5.06
C VAL H 93 53.88 -2.25 4.86
N TYR H 94 53.46 -3.04 5.82
CA TYR H 94 52.07 -3.49 5.89
C TYR H 94 51.40 -2.60 6.93
N TYR H 95 50.53 -1.72 6.45
CA TYR H 95 50.01 -0.63 7.23
C TYR H 95 48.49 -0.73 7.14
N CYS H 96 47.85 -1.08 8.25
CA CYS H 96 46.45 -1.49 8.20
C CYS H 96 45.69 -0.88 9.36
N ALA H 97 44.38 -0.87 9.20
CA ALA H 97 43.46 -0.32 10.17
C ALA H 97 42.12 -0.99 9.96
N ARG H 98 41.09 -0.48 10.64
CA ARG H 98 39.76 -1.01 10.44
C ARG H 98 38.78 0.04 9.91
N PRO H 99 38.21 -0.20 8.74
CA PRO H 99 37.14 0.67 8.27
C PRO H 99 35.90 0.47 9.12
N PRO H 100 35.05 1.47 9.22
CA PRO H 100 33.66 1.21 9.57
C PRO H 100 32.93 0.70 8.34
N TYR H 101 32.05 -0.27 8.54
CA TYR H 101 31.39 -1.02 7.45
C TYR H 101 29.89 -1.09 7.71
N TYR H 102 29.55 -1.82 8.76
CA TYR H 102 28.52 -1.37 9.67
C TYR H 102 29.19 -0.24 10.46
N TYR H 103 28.59 0.24 11.55
CA TYR H 103 28.90 1.52 12.20
C TYR H 103 28.05 2.64 11.64
N GLY H 104 27.08 2.32 10.80
CA GLY H 104 26.20 3.36 10.28
C GLY H 104 26.90 4.06 9.16
N THR H 105 27.45 3.25 8.29
CA THR H 105 28.41 3.68 7.30
C THR H 105 28.52 2.56 6.28
N THR H 106 29.50 2.68 5.42
CA THR H 106 29.90 1.71 4.41
C THR H 106 31.41 1.84 4.30
N TYR H 107 31.95 1.47 3.15
CA TYR H 107 33.39 1.39 2.96
C TYR H 107 34.09 2.75 3.08
N TYR H 108 35.30 2.83 2.55
CA TYR H 108 36.41 3.74 2.86
C TYR H 108 36.76 3.56 4.35
N PHE H 109 37.21 4.61 5.04
CA PHE H 109 37.91 4.39 6.30
C PHE H 109 37.78 5.56 7.25
N ASP H 110 37.64 5.25 8.54
CA ASP H 110 37.67 6.23 9.62
C ASP H 110 39.00 6.31 10.33
N TYR H 111 39.96 5.45 9.98
CA TYR H 111 41.08 5.26 10.87
C TYR H 111 42.26 4.68 10.13
N TRP H 112 43.45 4.88 10.69
CA TRP H 112 44.68 4.27 10.24
C TRP H 112 45.46 3.80 11.45
N GLY H 113 46.03 2.61 11.36
CA GLY H 113 46.70 1.99 12.48
C GLY H 113 48.07 2.57 12.75
N GLN H 114 48.83 1.85 13.58
CA GLN H 114 50.15 2.29 13.96
C GLN H 114 51.12 2.23 12.81
N GLY H 115 51.09 1.15 12.05
CA GLY H 115 52.09 0.88 11.04
C GLY H 115 53.08 -0.18 11.48
N THR H 116 53.54 -0.96 10.51
CA THR H 116 54.57 -1.96 10.75
C THR H 116 55.28 -2.22 9.44
N THR H 117 56.57 -2.50 9.53
CA THR H 117 57.42 -2.66 8.35
C THR H 117 58.05 -4.05 8.34
N LEU H 118 58.06 -4.65 7.16
CA LEU H 118 58.63 -5.97 6.96
C LEU H 118 59.65 -5.91 5.84
N THR H 119 60.78 -6.58 6.04
CA THR H 119 61.86 -6.62 5.07
C THR H 119 62.26 -8.07 4.83
N VAL H 120 62.36 -8.45 3.56
CA VAL H 120 62.77 -9.78 3.15
C VAL H 120 63.53 -9.60 1.83
N SER H 121 64.65 -10.30 1.63
CA SER H 121 65.21 -11.23 2.60
C SER H 121 66.42 -10.65 3.30
N GLY H 122 66.97 -11.43 4.25
CA GLY H 122 68.05 -10.97 5.10
C GLY H 122 69.40 -11.59 4.81
N ALA H 123 70.36 -11.15 5.62
CA ALA H 123 71.69 -11.72 5.70
C ALA H 123 72.08 -11.69 7.18
N LYS H 124 73.33 -11.96 7.48
CA LYS H 124 73.81 -11.85 8.85
C LYS H 124 74.41 -10.47 9.08
N THR H 125 74.24 -9.97 10.31
CA THR H 125 74.67 -8.61 10.65
C THR H 125 76.14 -8.40 10.34
N THR H 126 76.47 -7.25 9.76
CA THR H 126 77.83 -6.88 9.42
C THR H 126 78.16 -5.51 9.99
N ALA H 127 79.45 -5.21 10.02
CA ALA H 127 79.94 -3.95 10.56
C ALA H 127 80.00 -2.88 9.48
N PRO H 128 79.95 -1.61 9.86
CA PRO H 128 80.03 -0.53 8.86
C PRO H 128 81.34 -0.54 8.11
N SER H 129 81.34 0.17 6.97
CA SER H 129 82.55 0.43 6.20
C SER H 129 82.56 1.90 5.84
N VAL H 130 83.59 2.62 6.29
CA VAL H 130 83.63 4.08 6.16
C VAL H 130 84.92 4.49 5.45
N TYR H 131 84.78 5.05 4.26
CA TYR H 131 85.89 5.70 3.56
C TYR H 131 85.55 7.15 3.27
N PRO H 132 86.18 8.13 3.93
CA PRO H 132 85.98 9.53 3.55
C PRO H 132 86.68 9.88 2.26
N LEU H 133 86.30 11.02 1.68
CA LEU H 133 86.81 11.48 0.41
C LEU H 133 87.39 12.88 0.53
N ALA H 134 88.27 13.20 -0.43
CA ALA H 134 88.87 14.52 -0.52
C ALA H 134 89.20 14.79 -1.98
N PRO H 135 89.67 15.99 -2.32
CA PRO H 135 90.14 16.24 -3.68
C PRO H 135 91.50 15.62 -3.95
N ALA H 136 91.76 15.41 -5.23
CA ALA H 136 93.03 14.87 -5.68
C ALA H 136 94.13 15.92 -5.59
N ALA H 137 95.37 15.45 -5.63
CA ALA H 137 96.57 16.30 -5.63
C ALA H 137 96.68 17.10 -4.34
N GLY H 138 96.12 16.59 -3.26
CA GLY H 138 96.28 17.19 -1.95
C GLY H 138 95.27 18.29 -1.69
N ALA H 139 94.92 18.44 -0.42
CA ALA H 139 94.00 19.49 0.02
C ALA H 139 94.58 20.14 1.27
N ALA H 140 94.96 21.41 1.16
CA ALA H 140 95.39 22.21 2.29
C ALA H 140 94.29 23.10 2.85
N GLY H 141 93.09 23.03 2.30
CA GLY H 141 92.04 23.97 2.61
C GLY H 141 91.84 25.07 1.59
N ALA H 142 92.37 24.92 0.38
CA ALA H 142 92.24 25.95 -0.65
C ALA H 142 90.80 26.07 -1.11
N GLY H 143 90.50 27.21 -1.70
CA GLY H 143 89.17 27.51 -2.20
C GLY H 143 88.41 28.44 -1.28
N SER H 144 87.23 28.84 -1.75
CA SER H 144 86.37 29.72 -0.96
C SER H 144 85.97 29.06 0.35
N SER H 145 85.30 27.91 0.27
CA SER H 145 85.00 27.10 1.44
C SER H 145 85.27 25.65 1.08
N VAL H 146 86.22 25.02 1.79
CA VAL H 146 86.59 23.66 1.47
C VAL H 146 85.49 22.70 1.91
N THR H 147 85.26 21.67 1.12
CA THR H 147 84.23 20.68 1.39
C THR H 147 84.87 19.30 1.49
N LEU H 148 84.42 18.51 2.45
CA LEU H 148 84.86 17.14 2.61
C LEU H 148 83.66 16.29 3.00
N GLY H 149 83.82 14.98 2.93
CA GLY H 149 82.74 14.09 3.28
C GLY H 149 83.23 12.72 3.64
N CYS H 150 82.42 12.00 4.42
CA CYS H 150 82.65 10.62 4.77
C CYS H 150 81.35 9.86 4.63
N LEU H 151 81.43 8.65 4.09
CA LEU H 151 80.25 7.82 3.84
C LEU H 151 80.31 6.55 4.67
N VAL H 152 79.14 5.95 4.89
CA VAL H 152 79.01 4.71 5.64
C VAL H 152 78.43 3.67 4.69
N LYS H 153 79.18 2.60 4.48
CA LYS H 153 78.76 1.53 3.58
C LYS H 153 79.14 0.18 4.19
N GLY H 154 78.95 -0.87 3.41
CA GLY H 154 79.33 -2.21 3.80
C GLY H 154 78.72 -2.68 5.11
N TYR H 155 77.61 -2.08 5.51
CA TYR H 155 76.98 -2.40 6.79
C TYR H 155 75.65 -3.09 6.56
N PHE H 156 75.39 -4.11 7.37
CA PHE H 156 74.10 -4.75 7.42
C PHE H 156 73.83 -5.24 8.83
N PRO H 157 72.58 -5.20 9.27
CA PRO H 157 71.47 -4.48 8.65
C PRO H 157 71.38 -3.03 9.10
N GLU H 158 70.28 -2.39 8.77
CA GLU H 158 69.98 -1.03 9.23
C GLU H 158 69.87 -0.99 10.75
N PRO H 159 69.96 0.22 11.35
CA PRO H 159 70.43 1.50 10.81
C PRO H 159 71.89 1.84 11.16
N VAL H 160 72.34 3.02 10.70
CA VAL H 160 73.62 3.60 11.06
C VAL H 160 73.42 5.11 11.25
N THR H 161 74.42 5.76 11.84
CA THR H 161 74.36 7.19 12.08
C THR H 161 75.77 7.77 12.04
N LEU H 162 75.90 8.98 11.48
CA LEU H 162 77.16 9.70 11.40
C LEU H 162 76.98 11.12 11.90
N THR H 163 77.94 11.60 12.69
CA THR H 163 77.91 12.97 13.22
C THR H 163 79.30 13.59 13.07
N TRP H 164 79.34 14.80 12.54
CA TRP H 164 80.60 15.51 12.33
C TRP H 164 80.96 16.29 13.58
N ASN H 165 82.09 15.93 14.21
CA ASN H 165 82.58 16.58 15.42
C ASN H 165 81.50 16.60 16.50
N SER H 166 80.89 15.44 16.74
CA SER H 166 79.77 15.31 17.67
C SER H 166 78.63 16.25 17.28
N GLY H 167 78.36 16.33 15.97
CA GLY H 167 77.33 17.22 15.48
C GLY H 167 77.62 18.69 15.66
N SER H 168 78.90 19.06 15.82
CA SER H 168 79.25 20.46 16.05
C SER H 168 78.98 21.34 14.83
N LEU H 169 78.84 20.76 13.65
CA LEU H 169 78.65 21.52 12.43
C LEU H 169 77.52 20.91 11.62
N SER H 170 76.47 21.69 11.38
CA SER H 170 75.37 21.27 10.53
C SER H 170 75.57 21.65 9.07
N SER H 171 76.59 22.45 8.76
CA SER H 171 76.80 22.90 7.40
C SER H 171 77.27 21.74 6.52
N GLY H 172 76.57 21.52 5.41
CA GLY H 172 76.87 20.43 4.52
C GLY H 172 76.30 19.09 4.92
N VAL H 173 75.80 18.96 6.14
CA VAL H 173 75.19 17.71 6.60
C VAL H 173 74.01 17.40 5.71
N HIS H 174 74.28 16.67 4.63
CA HIS H 174 73.25 16.28 3.69
C HIS H 174 73.38 14.78 3.47
N THR H 175 73.31 14.03 4.57
CA THR H 175 73.40 12.58 4.52
C THR H 175 72.32 12.01 3.62
N PHE H 176 72.74 11.33 2.58
CA PHE H 176 71.82 10.82 1.58
C PHE H 176 71.25 9.46 2.00
N PRO H 177 70.04 9.16 1.55
CA PRO H 177 69.35 7.95 2.04
C PRO H 177 70.10 6.68 1.69
N ALA H 178 69.93 5.68 2.56
CA ALA H 178 70.62 4.42 2.43
C ALA H 178 70.02 3.56 1.32
N VAL H 179 70.81 2.60 0.86
CA VAL H 179 70.35 1.62 -0.13
C VAL H 179 71.15 0.34 0.08
N LEU H 180 70.55 -0.78 -0.29
CA LEU H 180 71.18 -2.09 -0.12
C LEU H 180 72.01 -2.44 -1.36
N ALA H 181 73.30 -2.61 -1.16
CA ALA H 181 74.22 -3.04 -2.21
C ALA H 181 74.46 -4.55 -2.20
N ASP H 182 73.68 -5.29 -1.42
CA ASP H 182 73.99 -6.55 -0.73
C ASP H 182 74.60 -6.25 0.62
N LEU H 183 75.02 -5.01 0.85
CA LEU H 183 75.23 -4.46 2.18
C LEU H 183 74.70 -3.04 2.11
N TYR H 184 73.90 -2.68 3.11
CA TYR H 184 73.33 -1.34 3.14
C TYR H 184 74.42 -0.30 3.04
N THR H 185 74.13 0.78 2.32
CA THR H 185 75.10 1.85 2.14
C THR H 185 74.35 3.17 2.04
N LEU H 186 74.99 4.21 2.56
CA LEU H 186 74.53 5.59 2.39
C LEU H 186 75.74 6.47 2.17
N SER H 187 75.49 7.78 2.05
CA SER H 187 76.56 8.74 1.90
C SER H 187 76.24 9.97 2.76
N SER H 188 77.28 10.73 3.08
CA SER H 188 77.12 11.93 3.86
C SER H 188 78.22 12.92 3.49
N SER H 189 77.94 14.20 3.72
CA SER H 189 78.87 15.27 3.41
C SER H 189 78.82 16.31 4.52
N VAL H 190 79.80 17.20 4.52
CA VAL H 190 79.87 18.32 5.46
C VAL H 190 80.56 19.48 4.76
N THR H 191 80.10 20.70 5.04
CA THR H 191 80.67 21.90 4.48
C THR H 191 81.40 22.65 5.58
N VAL H 192 82.73 22.71 5.47
CA VAL H 192 83.55 23.33 6.51
C VAL H 192 84.17 24.61 5.95
N THR H 193 84.91 25.32 6.80
CA THR H 193 85.52 26.59 6.42
C THR H 193 86.90 26.34 5.85
N SER H 194 87.18 26.98 4.70
CA SER H 194 88.49 26.82 4.06
C SER H 194 89.62 27.14 5.01
N SER H 195 89.45 28.19 5.84
CA SER H 195 90.52 28.60 6.74
C SER H 195 90.68 27.61 7.89
N THR H 196 89.59 27.28 8.57
CA THR H 196 89.70 26.45 9.77
C THR H 196 90.16 25.04 9.48
N TRP H 197 90.24 24.64 8.23
CA TRP H 197 90.70 23.29 7.93
C TRP H 197 91.99 23.38 7.14
N PRO H 198 92.94 22.46 7.40
CA PRO H 198 92.92 21.32 8.32
C PRO H 198 92.91 21.68 9.81
N ALA H 199 93.21 22.95 10.12
CA ALA H 199 93.44 23.39 11.49
C ALA H 199 92.39 22.88 12.47
N GLU H 200 91.15 23.33 12.32
CA GLU H 200 90.08 22.91 13.21
C GLU H 200 89.77 21.43 12.98
N SER H 201 89.45 20.73 14.06
CA SER H 201 89.33 19.28 14.02
C SER H 201 88.05 18.85 13.30
N ILE H 202 88.18 17.85 12.43
CA ILE H 202 87.06 17.28 11.69
C ILE H 202 86.99 15.80 11.99
N THR H 203 85.90 15.37 12.62
CA THR H 203 85.72 13.97 13.00
C THR H 203 84.27 13.55 12.79
N CYS H 204 84.08 12.43 12.12
CA CYS H 204 82.76 11.84 11.91
C CYS H 204 82.61 10.62 12.81
N ASN H 205 81.42 10.48 13.41
CA ASN H 205 81.20 9.46 14.44
C ASN H 205 80.16 8.47 13.94
N VAL H 206 80.59 7.23 13.75
CA VAL H 206 79.71 6.18 13.25
C VAL H 206 78.85 5.65 14.39
N ALA H 207 77.61 5.28 14.08
CA ALA H 207 76.71 4.72 15.07
C ALA H 207 75.77 3.68 14.44
N HIS H 208 76.14 2.41 14.54
CA HIS H 208 75.37 1.33 13.94
C HIS H 208 74.93 0.36 15.03
N PRO H 209 73.78 0.64 15.65
CA PRO H 209 73.24 -0.17 16.75
C PRO H 209 73.01 -1.63 16.37
N ALA H 210 72.61 -1.89 15.13
CA ALA H 210 72.42 -3.27 14.69
C ALA H 210 73.67 -4.09 14.92
N SER H 211 74.76 -3.73 14.24
CA SER H 211 76.05 -4.33 14.58
C SER H 211 76.57 -3.85 15.92
N SER H 212 75.91 -2.87 16.54
CA SER H 212 76.37 -2.25 17.78
C SER H 212 77.78 -1.70 17.63
N THR H 213 78.12 -1.24 16.43
CA THR H 213 79.45 -0.76 16.12
C THR H 213 79.44 0.76 16.08
N LYS H 214 80.30 1.38 16.87
CA LYS H 214 80.45 2.83 16.90
C LYS H 214 81.91 3.18 16.68
N VAL H 215 82.18 4.03 15.70
CA VAL H 215 83.54 4.40 15.33
C VAL H 215 83.60 5.90 15.13
N ASP H 216 84.55 6.56 15.79
CA ASP H 216 84.77 7.99 15.64
C ASP H 216 85.97 8.19 14.72
N LYS H 217 85.71 8.70 13.53
CA LYS H 217 86.72 8.82 12.48
C LYS H 217 87.06 10.28 12.26
N LYS H 218 88.30 10.64 12.57
CA LYS H 218 88.78 12.00 12.37
C LYS H 218 89.19 12.21 10.91
N ILE H 219 88.96 13.42 10.40
CA ILE H 219 89.24 13.75 9.01
C ILE H 219 90.35 14.78 8.98
N GLU H 220 91.43 14.46 8.28
CA GLU H 220 92.62 15.28 8.19
C GLU H 220 93.14 15.24 6.76
N PRO H 221 93.95 16.23 6.36
CA PRO H 221 94.32 16.34 4.95
C PRO H 221 95.14 15.15 4.47
N ARG H 222 95.11 14.95 3.15
CA ARG H 222 95.81 13.85 2.53
C ARG H 222 96.05 14.19 1.07
N GLY H 223 97.00 13.47 0.47
CA GLY H 223 97.35 13.69 -0.92
C GLY H 223 96.29 13.21 -1.88
N TYR I 12 4.49 -77.51 -17.87
CA TYR I 12 5.36 -78.07 -16.84
C TYR I 12 6.57 -78.70 -17.52
N LEU I 13 7.52 -77.84 -17.91
CA LEU I 13 8.75 -78.12 -18.66
C LEU I 13 8.37 -78.48 -20.09
N PRO I 14 9.23 -78.19 -21.07
CA PRO I 14 8.80 -78.32 -22.46
C PRO I 14 8.51 -79.77 -22.80
N PRO I 15 7.32 -80.06 -23.30
CA PRO I 15 6.95 -81.43 -23.62
C PRO I 15 7.25 -81.76 -25.08
N VAL I 16 7.04 -83.03 -25.42
CA VAL I 16 7.68 -83.70 -26.55
C VAL I 16 7.36 -83.24 -27.98
N PRO I 17 6.11 -83.24 -28.45
CA PRO I 17 5.92 -83.84 -29.79
C PRO I 17 6.69 -83.34 -31.04
N VAL I 18 6.38 -84.05 -32.14
CA VAL I 18 7.16 -84.19 -33.39
C VAL I 18 7.44 -82.94 -34.23
N SER I 19 8.62 -82.88 -34.88
CA SER I 19 8.77 -82.13 -36.14
C SER I 19 10.00 -82.51 -36.97
N LYS I 20 9.99 -82.03 -38.20
CA LYS I 20 11.20 -81.77 -38.94
C LYS I 20 11.15 -80.29 -39.27
N VAL I 21 10.35 -79.99 -40.28
CA VAL I 21 9.49 -78.83 -40.34
C VAL I 21 8.16 -79.56 -40.27
N VAL I 22 7.05 -78.87 -40.41
CA VAL I 22 5.76 -79.54 -40.54
C VAL I 22 4.94 -78.79 -41.57
N SER I 23 3.91 -79.47 -42.05
CA SER I 23 2.91 -78.80 -42.86
C SER I 23 2.35 -77.63 -42.10
N THR I 24 2.33 -76.46 -42.73
CA THR I 24 1.56 -75.39 -42.13
C THR I 24 0.11 -75.80 -41.97
N ASP I 25 -0.33 -76.78 -42.74
CA ASP I 25 -1.70 -77.22 -42.61
C ASP I 25 -1.86 -78.27 -41.52
N GLU I 26 -0.79 -78.62 -40.82
CA GLU I 26 -0.94 -79.47 -39.65
C GLU I 26 -1.83 -78.84 -38.60
N TYR I 27 -1.29 -77.85 -37.91
CA TYR I 27 -1.91 -77.30 -36.73
C TYR I 27 -2.96 -76.26 -37.06
N VAL I 28 -2.69 -75.39 -38.02
CA VAL I 28 -3.63 -74.33 -38.35
C VAL I 28 -4.98 -74.92 -38.71
N ALA I 29 -6.03 -74.17 -38.45
CA ALA I 29 -7.36 -74.50 -38.95
C ALA I 29 -7.83 -73.39 -39.87
N ARG I 30 -8.79 -73.71 -40.72
CA ARG I 30 -9.35 -72.75 -41.67
C ARG I 30 -10.70 -72.27 -41.15
N THR I 31 -10.99 -71.00 -41.41
CA THR I 31 -12.27 -70.44 -41.03
C THR I 31 -13.24 -70.50 -42.21
N ASN I 32 -14.45 -70.03 -42.00
CA ASN I 32 -15.45 -70.08 -43.05
C ASN I 32 -15.58 -68.77 -43.81
N ILE I 33 -14.72 -67.78 -43.56
CA ILE I 33 -14.98 -66.41 -43.96
C ILE I 33 -13.86 -65.89 -44.83
N TYR I 34 -14.18 -64.95 -45.72
CA TYR I 34 -13.21 -64.40 -46.66
C TYR I 34 -13.40 -62.90 -46.76
N TYR I 35 -12.44 -62.26 -47.41
CA TYR I 35 -12.49 -60.81 -47.61
C TYR I 35 -11.71 -60.44 -48.87
N HIS I 36 -11.92 -59.21 -49.33
CA HIS I 36 -11.04 -58.62 -50.32
C HIS I 36 -10.89 -57.12 -50.13
N ALA I 37 -9.76 -56.61 -50.62
CA ALA I 37 -9.52 -55.19 -50.83
C ALA I 37 -8.54 -55.03 -51.97
N GLY I 38 -8.44 -53.82 -52.49
CA GLY I 38 -7.48 -53.54 -53.53
C GLY I 38 -7.35 -52.06 -53.78
N THR I 39 -6.19 -51.64 -54.26
CA THR I 39 -6.01 -50.25 -54.60
C THR I 39 -6.90 -49.90 -55.78
N SER I 40 -7.08 -48.61 -55.99
CA SER I 40 -7.52 -48.15 -57.29
C SER I 40 -6.54 -48.68 -58.32
N ARG I 41 -5.32 -48.17 -58.25
CA ARG I 41 -4.34 -48.34 -59.30
C ARG I 41 -3.14 -47.50 -58.92
N LEU I 42 -2.06 -47.66 -59.67
CA LEU I 42 -0.87 -46.86 -59.48
C LEU I 42 -0.40 -46.34 -60.82
N LEU I 43 0.56 -45.42 -60.78
CA LEU I 43 1.09 -44.78 -61.95
C LEU I 43 2.54 -44.41 -61.72
N ALA I 44 3.35 -44.48 -62.77
CA ALA I 44 4.71 -44.01 -62.65
C ALA I 44 5.18 -43.48 -63.99
N VAL I 45 5.95 -42.40 -63.95
CA VAL I 45 6.51 -41.80 -65.14
C VAL I 45 7.95 -41.44 -64.83
N GLY I 46 8.80 -41.49 -65.83
CA GLY I 46 10.17 -41.06 -65.63
C GLY I 46 11.00 -41.26 -66.87
N HIS I 47 12.19 -41.03 -66.73
CA HIS I 47 13.04 -41.18 -67.89
C HIS I 47 13.64 -42.57 -67.96
N PRO I 48 13.77 -43.16 -69.14
CA PRO I 48 14.27 -44.53 -69.21
C PRO I 48 15.69 -44.71 -68.71
N TYR I 49 16.61 -43.87 -69.16
CA TYR I 49 18.03 -44.13 -69.02
C TYR I 49 18.61 -43.74 -67.66
N PHE I 50 18.32 -42.54 -67.19
CA PHE I 50 19.00 -42.05 -66.01
C PHE I 50 18.12 -41.02 -65.33
N PRO I 51 18.22 -40.92 -64.02
CA PRO I 51 17.41 -39.94 -63.28
C PRO I 51 17.83 -38.52 -63.61
N ILE I 52 16.96 -37.59 -63.26
CA ILE I 52 17.14 -36.17 -63.57
C ILE I 52 17.26 -35.40 -62.28
N LYS I 53 18.42 -34.79 -62.06
CA LYS I 53 18.64 -33.94 -60.90
C LYS I 53 19.12 -32.56 -61.35
N LYS I 54 18.91 -31.60 -60.48
CA LYS I 54 19.52 -30.30 -60.62
C LYS I 54 21.03 -30.46 -60.71
N PRO I 55 21.73 -29.71 -61.56
CA PRO I 55 23.18 -29.96 -61.72
C PRO I 55 23.94 -29.86 -60.41
N ASN I 56 23.67 -28.84 -59.60
CA ASN I 56 24.36 -28.73 -58.31
C ASN I 56 23.71 -29.65 -57.27
N ASN I 57 22.39 -29.71 -57.24
CA ASN I 57 21.69 -30.47 -56.23
C ASN I 57 21.78 -31.97 -56.53
N ASN I 58 22.10 -32.73 -55.50
CA ASN I 58 21.98 -34.17 -55.60
C ASN I 58 20.53 -34.63 -55.69
N LYS I 59 19.60 -33.95 -55.03
CA LYS I 59 18.21 -34.33 -55.08
C LYS I 59 17.68 -34.17 -56.50
N ILE I 60 16.91 -35.16 -56.94
CA ILE I 60 16.59 -35.27 -58.36
C ILE I 60 15.46 -34.32 -58.72
N LEU I 61 15.48 -33.83 -59.95
CA LEU I 61 14.28 -33.23 -60.53
C LEU I 61 13.28 -34.29 -60.94
N VAL I 62 13.76 -35.32 -61.63
CA VAL I 62 12.90 -36.37 -62.13
C VAL I 62 13.56 -37.72 -61.93
N PRO I 63 12.84 -38.74 -61.49
CA PRO I 63 13.44 -40.07 -61.39
C PRO I 63 13.52 -40.75 -62.76
N LYS I 64 14.59 -41.54 -62.91
CA LYS I 64 14.68 -42.57 -63.93
C LYS I 64 13.57 -43.58 -63.70
N VAL I 65 12.84 -43.90 -64.76
CA VAL I 65 11.82 -44.93 -64.69
C VAL I 65 11.90 -45.77 -65.95
N SER I 66 11.88 -47.09 -65.78
CA SER I 66 11.75 -48.02 -66.88
C SER I 66 11.07 -49.28 -66.40
N GLY I 67 10.30 -49.89 -67.29
CA GLY I 67 9.91 -51.26 -67.05
C GLY I 67 11.10 -52.17 -66.89
N LEU I 68 12.19 -51.88 -67.59
CA LEU I 68 13.37 -52.73 -67.48
C LEU I 68 13.93 -52.75 -66.07
N GLN I 69 13.48 -51.84 -65.22
CA GLN I 69 13.80 -51.87 -63.80
C GLN I 69 12.92 -52.90 -63.12
N TYR I 70 13.50 -53.64 -62.18
CA TYR I 70 12.68 -54.48 -61.34
C TYR I 70 11.72 -53.62 -60.53
N ARG I 71 10.64 -54.25 -60.09
CA ARG I 71 9.66 -53.57 -59.26
C ARG I 71 9.36 -54.41 -58.04
N VAL I 72 9.34 -53.77 -56.88
CA VAL I 72 9.10 -54.44 -55.61
C VAL I 72 7.75 -54.00 -55.10
N PHE I 73 7.09 -54.87 -54.36
CA PHE I 73 5.86 -54.47 -53.69
C PHE I 73 5.78 -55.11 -52.32
N ARG I 74 5.48 -54.29 -51.33
CA ARG I 74 5.34 -54.70 -49.93
C ARG I 74 4.03 -54.19 -49.40
N ILE I 75 3.23 -55.08 -48.83
CA ILE I 75 1.85 -54.76 -48.51
C ILE I 75 1.57 -55.08 -47.06
N HIS I 76 1.27 -54.05 -46.29
CA HIS I 76 0.92 -54.16 -44.89
C HIS I 76 -0.54 -54.57 -44.73
N LEU I 77 -0.87 -55.15 -43.59
CA LEU I 77 -2.21 -55.59 -43.30
C LEU I 77 -2.62 -55.27 -41.87
N PRO I 78 -3.91 -55.15 -41.60
CA PRO I 78 -4.35 -54.85 -40.25
C PRO I 78 -4.29 -56.05 -39.32
N ASP I 79 -4.25 -55.74 -38.03
CA ASP I 79 -4.28 -56.69 -36.94
C ASP I 79 -5.44 -57.65 -37.12
N PRO I 80 -5.21 -58.94 -36.95
CA PRO I 80 -6.31 -59.83 -36.64
C PRO I 80 -7.13 -59.35 -35.46
N ASN I 81 -6.50 -58.98 -34.35
CA ASN I 81 -7.21 -58.78 -33.09
C ASN I 81 -8.13 -57.56 -33.06
N LYS I 82 -7.84 -56.54 -33.86
CA LYS I 82 -8.63 -55.32 -33.82
C LYS I 82 -9.77 -55.34 -34.83
N PHE I 83 -10.02 -56.46 -35.50
CA PHE I 83 -10.83 -56.43 -36.72
C PHE I 83 -12.15 -57.16 -36.57
N GLY I 84 -13.17 -56.64 -37.24
CA GLY I 84 -14.53 -57.04 -36.98
C GLY I 84 -15.05 -58.13 -37.90
N PHE I 85 -15.96 -58.93 -37.35
CA PHE I 85 -16.47 -60.12 -38.02
C PHE I 85 -17.97 -60.13 -37.84
N PRO I 86 -18.71 -60.60 -38.83
CA PRO I 86 -20.14 -60.80 -38.62
C PRO I 86 -20.44 -61.80 -37.54
N ASP I 87 -19.65 -62.87 -37.41
CA ASP I 87 -19.83 -63.81 -36.32
C ASP I 87 -18.45 -64.13 -35.76
N THR I 88 -18.19 -63.72 -34.52
CA THR I 88 -16.93 -64.02 -33.85
C THR I 88 -17.01 -65.14 -32.83
N SER I 89 -18.21 -65.67 -32.55
CA SER I 89 -18.45 -66.59 -31.45
C SER I 89 -17.42 -67.69 -31.39
N PHE I 90 -17.03 -68.16 -32.57
CA PHE I 90 -16.30 -69.39 -32.73
C PHE I 90 -15.01 -69.41 -31.94
N TYR I 91 -14.55 -68.26 -31.44
CA TYR I 91 -13.24 -68.31 -30.80
C TYR I 91 -13.17 -67.36 -29.63
N ASN I 92 -12.18 -67.65 -28.80
CA ASN I 92 -11.66 -66.78 -27.77
C ASN I 92 -10.30 -66.27 -28.18
N PRO I 93 -10.14 -64.95 -28.28
CA PRO I 93 -8.81 -64.39 -28.54
C PRO I 93 -7.85 -64.54 -27.38
N ASP I 94 -8.36 -64.93 -26.21
CA ASP I 94 -7.46 -65.21 -25.10
C ASP I 94 -6.45 -66.27 -25.49
N THR I 95 -6.92 -67.50 -25.64
CA THR I 95 -6.07 -68.67 -25.77
C THR I 95 -5.51 -68.82 -27.17
N GLN I 96 -5.83 -67.92 -28.08
CA GLN I 96 -5.53 -68.11 -29.48
C GLN I 96 -5.12 -66.78 -30.11
N ARG I 97 -4.59 -66.88 -31.31
CA ARG I 97 -4.41 -65.74 -32.17
C ARG I 97 -5.12 -65.99 -33.49
N LEU I 98 -4.94 -65.09 -34.43
CA LEU I 98 -5.60 -65.16 -35.73
C LEU I 98 -4.61 -64.66 -36.76
N VAL I 99 -4.54 -65.28 -37.92
CA VAL I 99 -3.64 -64.79 -38.96
C VAL I 99 -4.28 -64.95 -40.32
N TRP I 100 -3.99 -64.01 -41.22
CA TRP I 100 -4.55 -64.02 -42.56
C TRP I 100 -4.06 -65.25 -43.33
N ALA I 101 -4.83 -65.61 -44.36
CA ALA I 101 -4.44 -66.62 -45.32
C ALA I 101 -4.63 -66.06 -46.72
N CYS I 102 -3.67 -66.31 -47.59
CA CYS I 102 -3.69 -65.79 -48.96
C CYS I 102 -4.12 -66.91 -49.90
N VAL I 103 -5.36 -66.86 -50.36
CA VAL I 103 -5.81 -67.90 -51.28
C VAL I 103 -5.44 -67.57 -52.72
N GLY I 104 -5.67 -66.34 -53.14
CA GLY I 104 -5.63 -66.02 -54.56
C GLY I 104 -5.27 -64.58 -54.83
N VAL I 105 -4.70 -64.34 -56.00
CA VAL I 105 -3.93 -63.15 -56.28
C VAL I 105 -4.11 -62.76 -57.74
N GLU I 106 -4.12 -61.47 -58.02
CA GLU I 106 -4.24 -60.98 -59.38
C GLU I 106 -3.24 -59.86 -59.66
N VAL I 107 -2.87 -59.71 -60.92
CA VAL I 107 -2.09 -58.59 -61.37
C VAL I 107 -2.79 -58.00 -62.58
N GLY I 108 -3.32 -56.79 -62.43
CA GLY I 108 -3.88 -56.07 -63.57
C GLY I 108 -2.84 -55.21 -64.28
N ARG I 109 -2.93 -55.18 -65.61
CA ARG I 109 -2.05 -54.35 -66.44
C ARG I 109 -2.89 -53.76 -67.57
N GLY I 110 -2.97 -52.44 -67.63
CA GLY I 110 -3.91 -51.81 -68.53
C GLY I 110 -3.37 -51.14 -69.77
N GLN I 111 -2.06 -51.00 -69.87
CA GLN I 111 -1.52 -50.29 -70.99
C GLN I 111 -1.47 -51.16 -72.23
N PRO I 112 -1.57 -50.55 -73.41
CA PRO I 112 -1.35 -51.30 -74.65
C PRO I 112 0.09 -51.78 -74.69
N LEU I 113 0.33 -52.83 -75.47
CA LEU I 113 1.61 -53.50 -75.41
C LEU I 113 2.47 -53.16 -76.62
N GLY I 114 3.72 -52.84 -76.35
CA GLY I 114 4.66 -52.53 -77.40
C GLY I 114 6.05 -52.41 -76.83
N VAL I 115 7.01 -52.63 -77.68
CA VAL I 115 8.39 -52.75 -77.27
C VAL I 115 9.00 -51.37 -77.09
N GLY I 116 9.86 -51.23 -76.11
CA GLY I 116 10.75 -50.08 -76.00
C GLY I 116 12.08 -50.37 -76.62
N ILE I 117 13.12 -49.69 -76.14
CA ILE I 117 14.47 -49.92 -76.63
C ILE I 117 15.45 -49.05 -75.85
N SER I 118 16.73 -49.38 -75.91
CA SER I 118 17.77 -48.64 -75.22
C SER I 118 19.07 -48.80 -76.01
N GLY I 119 19.95 -47.82 -75.85
CA GLY I 119 21.24 -47.87 -76.49
C GLY I 119 22.24 -46.98 -75.79
N HIS I 120 23.43 -46.86 -76.39
CA HIS I 120 24.43 -45.99 -75.80
C HIS I 120 25.15 -45.20 -76.88
N PRO I 121 25.42 -43.91 -76.64
CA PRO I 121 26.02 -43.08 -77.68
C PRO I 121 27.46 -43.45 -77.98
N LEU I 122 28.24 -43.81 -76.97
CA LEU I 122 29.61 -44.27 -77.17
C LEU I 122 29.65 -45.74 -76.77
N LEU I 123 29.78 -46.61 -77.76
CA LEU I 123 29.72 -48.03 -77.53
C LEU I 123 31.07 -48.64 -77.82
N ASN I 124 31.53 -49.53 -76.95
CA ASN I 124 32.74 -50.26 -77.28
C ASN I 124 32.42 -51.16 -78.45
N LYS I 125 33.16 -50.96 -79.54
CA LYS I 125 32.81 -51.58 -80.80
C LYS I 125 34.08 -51.82 -81.57
N LEU I 126 34.14 -52.95 -82.25
CA LEU I 126 35.25 -53.17 -83.16
C LEU I 126 34.73 -53.21 -84.60
N ASP I 127 34.06 -54.30 -84.94
CA ASP I 127 33.66 -54.52 -86.31
C ASP I 127 32.43 -55.40 -86.33
N ASP I 128 31.98 -55.73 -87.53
CA ASP I 128 30.91 -56.70 -87.74
C ASP I 128 31.50 -57.89 -88.47
N THR I 129 31.66 -59.02 -87.78
CA THR I 129 32.17 -60.22 -88.41
C THR I 129 31.06 -61.08 -88.98
N GLU I 130 29.81 -60.76 -88.68
CA GLU I 130 28.69 -61.48 -89.29
C GLU I 130 28.79 -61.41 -90.81
N ASN I 131 29.32 -60.30 -91.33
CA ASN I 131 29.80 -60.26 -92.70
C ASN I 131 31.03 -59.38 -92.74
N ALA I 132 32.11 -59.89 -93.34
CA ALA I 132 33.33 -59.14 -93.53
C ALA I 132 33.87 -59.41 -94.92
N SER I 133 34.00 -58.36 -95.73
CA SER I 133 34.54 -58.52 -97.07
C SER I 133 36.05 -58.37 -97.12
N ALA I 134 36.68 -57.84 -96.08
CA ALA I 134 38.12 -57.64 -96.08
C ALA I 134 38.59 -57.53 -94.64
N TYR I 135 39.90 -57.71 -94.43
CA TYR I 135 40.46 -57.48 -93.12
C TYR I 135 40.25 -56.01 -92.73
N ALA I 136 39.84 -55.79 -91.49
CA ALA I 136 39.43 -54.47 -91.06
C ALA I 136 40.64 -53.56 -90.87
N ALA I 137 40.38 -52.34 -90.40
CA ALA I 137 41.44 -51.38 -90.12
C ALA I 137 42.13 -51.79 -88.83
N ASN I 138 43.04 -50.95 -88.34
CA ASN I 138 43.84 -51.28 -87.18
C ASN I 138 43.62 -50.25 -86.08
N ALA I 139 44.03 -50.61 -84.86
CA ALA I 139 43.57 -49.90 -83.68
C ALA I 139 43.87 -48.41 -83.76
N GLY I 140 42.82 -47.60 -83.65
CA GLY I 140 42.90 -46.16 -83.60
C GLY I 140 42.74 -45.65 -82.19
N VAL I 141 42.11 -44.48 -82.03
CA VAL I 141 41.76 -43.97 -80.71
C VAL I 141 40.29 -43.60 -80.70
N ASP I 142 39.55 -44.24 -79.80
CA ASP I 142 38.16 -43.90 -79.51
C ASP I 142 37.31 -43.91 -80.76
N ASN I 143 37.07 -45.11 -81.28
CA ASN I 143 36.17 -45.32 -82.40
C ASN I 143 34.73 -45.52 -81.94
N ARG I 144 34.48 -45.34 -80.64
CA ARG I 144 33.23 -45.68 -80.00
C ARG I 144 32.04 -45.04 -80.70
N GLU I 145 30.95 -45.80 -80.79
CA GLU I 145 29.83 -45.49 -81.67
C GLU I 145 28.52 -45.55 -80.91
N CYS I 146 27.45 -45.10 -81.56
CA CYS I 146 26.12 -45.07 -80.97
C CYS I 146 25.25 -46.14 -81.61
N ILE I 147 24.84 -47.14 -80.83
CA ILE I 147 23.92 -48.18 -81.29
C ILE I 147 22.96 -48.49 -80.15
N SER I 148 21.82 -49.07 -80.49
CA SER I 148 20.82 -49.48 -79.51
C SER I 148 20.42 -50.92 -79.77
N MET I 149 19.64 -51.45 -78.83
CA MET I 149 19.25 -52.85 -78.94
C MET I 149 17.96 -53.09 -78.17
N ASP I 150 17.33 -54.22 -78.48
CA ASP I 150 16.13 -54.69 -77.83
C ASP I 150 16.42 -55.84 -76.87
N TYR I 151 16.03 -55.65 -75.62
CA TYR I 151 16.27 -56.64 -74.58
C TYR I 151 15.28 -57.80 -74.67
N LYS I 152 15.64 -58.90 -74.03
CA LYS I 152 14.86 -60.12 -74.15
C LYS I 152 13.47 -59.96 -73.52
N GLN I 153 12.46 -60.27 -74.32
CA GLN I 153 11.09 -60.26 -73.84
C GLN I 153 10.94 -61.23 -72.68
N THR I 154 10.35 -60.77 -71.58
CA THR I 154 10.33 -61.57 -70.37
C THR I 154 9.12 -61.26 -69.51
N GLN I 155 8.56 -62.29 -68.87
CA GLN I 155 7.55 -62.11 -67.84
C GLN I 155 7.84 -63.04 -66.68
N LEU I 156 7.58 -62.58 -65.47
CA LEU I 156 7.74 -63.42 -64.29
C LEU I 156 6.94 -62.85 -63.13
N CYS I 157 6.66 -63.71 -62.15
CA CYS I 157 5.87 -63.30 -61.00
C CYS I 157 6.36 -64.02 -59.75
N LEU I 158 6.41 -63.29 -58.64
CA LEU I 158 7.00 -63.79 -57.40
C LEU I 158 6.19 -63.34 -56.21
N ILE I 159 5.90 -64.28 -55.32
CA ILE I 159 4.96 -64.07 -54.23
C ILE I 159 5.48 -64.77 -52.99
N GLY I 160 5.52 -64.06 -51.87
CA GLY I 160 6.02 -64.66 -50.65
C GLY I 160 5.93 -63.70 -49.48
N CYS I 161 6.10 -64.26 -48.29
CA CYS I 161 6.09 -63.47 -47.08
C CYS I 161 7.46 -62.96 -46.71
N LYS I 162 8.48 -63.33 -47.45
CA LYS I 162 9.84 -62.99 -47.12
C LYS I 162 10.50 -62.27 -48.30
N PRO I 163 11.52 -61.47 -48.04
CA PRO I 163 12.12 -60.70 -49.12
C PRO I 163 12.57 -61.58 -50.24
N PRO I 164 12.44 -61.13 -51.49
CA PRO I 164 12.94 -61.92 -52.62
C PRO I 164 14.46 -61.87 -52.65
N ILE I 165 15.07 -63.02 -52.92
CA ILE I 165 16.52 -63.13 -52.99
C ILE I 165 16.91 -63.42 -54.42
N GLY I 166 17.75 -62.56 -54.98
CA GLY I 166 18.40 -62.83 -56.24
C GLY I 166 19.86 -63.17 -56.03
N GLU I 167 20.59 -63.23 -57.13
CA GLU I 167 22.01 -63.52 -57.05
C GLU I 167 22.72 -62.87 -58.23
N HIS I 168 23.98 -62.53 -58.02
CA HIS I 168 24.76 -61.84 -59.03
C HIS I 168 26.23 -62.16 -58.82
N TRP I 169 27.01 -61.94 -59.87
CA TRP I 169 28.45 -62.01 -59.72
C TRP I 169 28.95 -60.80 -58.97
N GLY I 170 30.14 -60.93 -58.40
CA GLY I 170 30.82 -59.80 -57.82
C GLY I 170 32.32 -60.06 -57.82
N LYS I 171 33.07 -58.97 -57.77
CA LYS I 171 34.53 -59.07 -57.71
C LYS I 171 34.93 -59.45 -56.30
N GLY I 172 35.68 -60.55 -56.17
CA GLY I 172 36.10 -61.05 -54.88
C GLY I 172 37.46 -60.54 -54.47
N SER I 173 37.69 -60.53 -53.17
CA SER I 173 39.00 -60.21 -52.64
C SER I 173 39.97 -61.31 -53.05
N PRO I 174 40.99 -61.03 -53.86
CA PRO I 174 41.91 -62.09 -54.25
C PRO I 174 42.70 -62.57 -53.04
N CYS I 175 43.48 -63.62 -53.24
CA CYS I 175 44.42 -64.02 -52.20
C CYS I 175 45.72 -63.28 -52.41
N THR I 176 46.66 -63.43 -51.50
CA THR I 176 47.96 -62.82 -51.67
C THR I 176 49.00 -63.93 -51.81
N ASN I 177 49.45 -64.15 -53.04
CA ASN I 177 50.65 -64.90 -53.35
C ASN I 177 51.38 -64.05 -54.38
N VAL I 178 50.75 -63.84 -55.51
CA VAL I 178 51.21 -62.83 -56.46
C VAL I 178 50.41 -61.56 -56.23
N ALA I 179 51.11 -60.43 -56.16
CA ALA I 179 50.46 -59.15 -55.94
C ALA I 179 49.72 -58.71 -57.19
N VAL I 180 48.74 -57.82 -57.02
CA VAL I 180 47.89 -57.43 -58.14
C VAL I 180 48.66 -56.46 -59.03
N ASN I 181 48.84 -56.83 -60.22
CA ASN I 181 49.42 -55.89 -61.17
C ASN I 181 48.30 -55.15 -61.90
N PRO I 182 48.54 -53.92 -62.34
CA PRO I 182 47.51 -53.18 -63.07
C PRO I 182 47.15 -53.90 -64.37
N GLY I 183 45.84 -54.06 -64.59
CA GLY I 183 45.32 -54.68 -65.77
C GLY I 183 45.00 -56.16 -65.64
N ASP I 184 45.14 -56.72 -64.45
CA ASP I 184 44.88 -58.14 -64.23
C ASP I 184 43.37 -58.43 -64.21
N CYS I 185 43.03 -59.70 -64.41
CA CYS I 185 41.65 -60.13 -64.28
C CYS I 185 41.36 -60.55 -62.84
N PRO I 186 40.56 -59.79 -62.10
CA PRO I 186 40.28 -60.15 -60.71
C PRO I 186 39.36 -61.36 -60.65
N PRO I 187 39.57 -62.25 -59.68
CA PRO I 187 38.65 -63.38 -59.54
C PRO I 187 37.34 -62.91 -58.96
N LEU I 188 36.32 -63.74 -59.12
CA LEU I 188 34.97 -63.36 -58.76
C LEU I 188 34.40 -64.29 -57.70
N GLU I 189 33.34 -63.82 -57.06
CA GLU I 189 32.56 -64.63 -56.15
C GLU I 189 31.09 -64.38 -56.46
N LEU I 190 30.35 -65.46 -56.71
CA LEU I 190 28.94 -65.33 -57.01
C LEU I 190 28.21 -64.97 -55.72
N ILE I 191 27.45 -63.89 -55.77
CA ILE I 191 27.01 -63.24 -54.55
C ILE I 191 25.50 -63.28 -54.45
N ASN I 192 25.00 -63.72 -53.30
CA ASN I 192 23.61 -63.59 -52.96
C ASN I 192 23.36 -62.22 -52.36
N THR I 193 22.17 -61.68 -52.62
CA THR I 193 21.80 -60.40 -52.02
C THR I 193 20.28 -60.25 -52.01
N VAL I 194 19.82 -59.36 -51.14
CA VAL I 194 18.41 -59.00 -51.13
C VAL I 194 18.08 -58.19 -52.37
N ILE I 195 16.90 -58.42 -52.92
CA ILE I 195 16.49 -57.71 -54.13
C ILE I 195 15.92 -56.35 -53.73
N GLN I 196 16.28 -55.30 -54.46
CA GLN I 196 15.80 -53.97 -54.16
C GLN I 196 15.01 -53.39 -55.31
N ASP I 197 14.25 -52.35 -55.00
CA ASP I 197 13.44 -51.68 -56.01
C ASP I 197 14.33 -51.03 -57.07
N GLY I 198 13.74 -50.81 -58.24
CA GLY I 198 14.41 -50.09 -59.29
C GLY I 198 15.62 -50.79 -59.87
N ASP I 199 15.96 -51.96 -59.35
CA ASP I 199 17.14 -52.66 -59.80
C ASP I 199 16.93 -53.13 -61.24
N MET I 200 18.03 -53.44 -61.90
CA MET I 200 18.01 -53.68 -63.33
C MET I 200 17.82 -55.15 -63.66
N VAL I 201 16.82 -55.43 -64.48
CA VAL I 201 16.65 -56.76 -65.01
C VAL I 201 17.85 -57.09 -65.89
N ASP I 202 18.51 -58.20 -65.58
CA ASP I 202 19.54 -58.70 -66.47
C ASP I 202 19.01 -58.81 -67.89
N THR I 203 19.83 -58.40 -68.85
CA THR I 203 19.52 -58.54 -70.26
C THR I 203 20.01 -59.86 -70.81
N GLY I 204 20.60 -60.69 -69.99
CA GLY I 204 21.30 -61.84 -70.49
C GLY I 204 22.79 -61.64 -70.61
N PHE I 205 23.33 -60.57 -70.05
CA PHE I 205 24.77 -60.35 -69.98
C PHE I 205 25.36 -60.75 -68.63
N GLY I 206 24.57 -61.36 -67.77
CA GLY I 206 25.06 -61.90 -66.51
C GLY I 206 24.81 -60.98 -65.35
N ALA I 207 24.52 -61.58 -64.19
CA ALA I 207 24.16 -60.81 -63.01
C ALA I 207 25.43 -60.47 -62.27
N MET I 208 25.74 -59.18 -62.21
CA MET I 208 27.06 -58.73 -61.79
C MET I 208 27.04 -57.22 -61.67
N ASP I 209 28.18 -56.66 -61.31
CA ASP I 209 28.41 -55.23 -61.31
C ASP I 209 29.27 -54.90 -62.53
N PHE I 210 28.68 -54.23 -63.52
CA PHE I 210 29.49 -53.72 -64.62
C PHE I 210 30.47 -52.68 -64.13
N THR I 211 30.08 -51.90 -63.12
CA THR I 211 30.87 -50.75 -62.71
C THR I 211 32.28 -51.16 -62.33
N THR I 212 32.41 -52.00 -61.31
CA THR I 212 33.73 -52.40 -60.87
C THR I 212 34.41 -53.31 -61.88
N LEU I 213 33.63 -54.14 -62.56
CA LEU I 213 34.22 -55.11 -63.45
C LEU I 213 34.53 -54.54 -64.83
N GLN I 214 33.65 -53.70 -65.39
CA GLN I 214 33.94 -53.03 -66.66
C GLN I 214 34.32 -51.59 -66.38
N ALA I 215 35.59 -51.26 -66.61
CA ALA I 215 36.10 -49.92 -66.40
C ALA I 215 35.78 -48.97 -67.53
N ASN I 216 35.68 -49.47 -68.76
CA ASN I 216 35.53 -48.59 -69.91
C ASN I 216 34.19 -47.85 -69.84
N LYS I 217 33.19 -48.47 -69.21
CA LYS I 217 31.91 -47.83 -68.96
C LYS I 217 31.14 -47.61 -70.27
N SER I 218 31.78 -47.90 -71.39
CA SER I 218 31.19 -47.77 -72.73
C SER I 218 30.63 -49.07 -73.27
N GLU I 219 30.65 -50.15 -72.49
CA GLU I 219 30.30 -51.46 -73.03
C GLU I 219 28.82 -51.63 -73.28
N VAL I 220 27.98 -51.07 -72.41
CA VAL I 220 26.56 -51.40 -72.41
C VAL I 220 25.76 -50.13 -72.57
N PRO I 221 24.50 -50.24 -72.95
CA PRO I 221 23.61 -49.09 -72.90
C PRO I 221 23.46 -48.57 -71.49
N LEU I 222 23.11 -47.28 -71.42
CA LEU I 222 23.22 -46.51 -70.19
C LEU I 222 22.58 -47.21 -69.02
N ASP I 223 21.33 -47.64 -69.23
CA ASP I 223 20.48 -48.14 -68.17
C ASP I 223 21.19 -49.09 -67.23
N ILE I 224 21.94 -50.04 -67.79
CA ILE I 224 22.60 -51.04 -66.98
C ILE I 224 24.05 -50.72 -66.68
N CYS I 225 24.54 -49.57 -67.12
CA CYS I 225 25.96 -49.30 -67.02
C CYS I 225 26.41 -49.29 -65.56
N THR I 226 25.80 -48.43 -64.75
CA THR I 226 26.23 -48.28 -63.38
C THR I 226 25.89 -49.48 -62.51
N SER I 227 24.62 -49.83 -62.44
CA SER I 227 24.14 -50.63 -61.33
C SER I 227 24.42 -52.10 -61.55
N ILE I 228 23.84 -52.93 -60.69
CA ILE I 228 24.05 -54.36 -60.70
C ILE I 228 22.78 -55.01 -61.21
N CYS I 229 22.82 -55.57 -62.41
CA CYS I 229 21.74 -56.43 -62.84
C CYS I 229 21.76 -57.70 -62.02
N LYS I 230 20.60 -58.14 -61.57
CA LYS I 230 20.53 -59.29 -60.69
C LYS I 230 19.60 -60.34 -61.28
N TYR I 231 19.74 -61.56 -60.78
CA TYR I 231 18.88 -62.62 -61.25
C TYR I 231 18.53 -63.55 -60.10
N PRO I 232 17.30 -64.04 -60.09
CA PRO I 232 16.83 -64.84 -58.95
C PRO I 232 17.38 -66.25 -59.00
N ASP I 233 17.63 -66.82 -57.82
CA ASP I 233 17.99 -68.24 -57.68
C ASP I 233 16.80 -69.01 -57.15
N TYR I 234 16.18 -69.76 -58.06
CA TYR I 234 15.15 -70.68 -57.64
C TYR I 234 15.66 -71.64 -56.57
N ILE I 235 16.81 -72.27 -56.82
CA ILE I 235 17.36 -73.27 -55.94
C ILE I 235 17.36 -72.72 -54.53
N LYS I 236 18.23 -71.75 -54.29
CA LYS I 236 18.43 -71.26 -52.93
C LYS I 236 17.11 -70.78 -52.35
N MET I 237 16.31 -70.10 -53.16
CA MET I 237 15.01 -69.69 -52.66
C MET I 237 14.21 -70.91 -52.27
N VAL I 238 13.97 -71.82 -53.22
CA VAL I 238 13.20 -73.00 -52.89
C VAL I 238 13.89 -73.81 -51.82
N SER I 239 15.20 -73.70 -51.72
CA SER I 239 15.93 -74.47 -50.75
C SER I 239 15.60 -74.11 -49.31
N GLU I 240 14.88 -73.03 -49.10
CA GLU I 240 14.50 -72.61 -47.76
C GLU I 240 13.85 -73.77 -47.00
N PRO I 241 14.10 -73.87 -45.70
CA PRO I 241 13.36 -74.87 -44.92
C PRO I 241 11.89 -74.57 -44.79
N TYR I 242 11.54 -73.30 -44.67
CA TYR I 242 10.14 -72.93 -44.50
C TYR I 242 9.42 -72.58 -45.80
N GLY I 243 10.12 -72.45 -46.91
CA GLY I 243 9.47 -72.11 -48.17
C GLY I 243 9.02 -70.67 -48.22
N ASP I 244 9.09 -70.00 -47.08
CA ASP I 244 8.45 -68.73 -46.90
C ASP I 244 9.11 -67.60 -47.68
N SER I 245 10.29 -67.81 -48.24
CA SER I 245 10.83 -66.86 -49.20
C SER I 245 9.81 -66.57 -50.27
N LEU I 246 9.47 -67.59 -51.05
CA LEU I 246 8.36 -67.51 -51.99
C LEU I 246 7.65 -68.85 -52.00
N PHE I 247 6.34 -68.82 -51.91
CA PHE I 247 5.54 -70.03 -51.95
C PHE I 247 4.97 -70.33 -53.32
N PHE I 248 5.33 -69.57 -54.33
CA PHE I 248 4.70 -69.72 -55.64
C PHE I 248 5.36 -68.78 -56.65
N TYR I 249 5.20 -69.07 -57.94
CA TYR I 249 5.91 -68.31 -58.96
C TYR I 249 5.52 -68.81 -60.35
N LEU I 250 5.88 -68.02 -61.36
CA LEU I 250 5.74 -68.34 -62.78
C LEU I 250 6.74 -67.55 -63.59
N ARG I 251 7.12 -68.07 -64.75
CA ARG I 251 8.01 -67.32 -65.63
C ARG I 251 7.84 -67.73 -67.08
N ARG I 252 8.09 -66.79 -67.99
CA ARG I 252 8.26 -67.06 -69.40
C ARG I 252 9.22 -66.04 -69.98
N GLU I 253 10.11 -66.48 -70.85
CA GLU I 253 10.94 -65.53 -71.58
C GLU I 253 11.55 -66.22 -72.80
N GLN I 254 12.01 -65.38 -73.73
CA GLN I 254 12.57 -65.84 -74.99
C GLN I 254 13.54 -64.78 -75.51
N MET I 255 14.52 -65.23 -76.30
CA MET I 255 15.50 -64.33 -76.87
C MET I 255 16.15 -65.00 -78.07
N PHE I 256 16.77 -64.20 -78.93
CA PHE I 256 17.45 -64.74 -80.09
C PHE I 256 18.54 -63.78 -80.55
N VAL I 257 19.41 -64.30 -81.40
CA VAL I 257 20.59 -63.58 -81.90
C VAL I 257 20.19 -62.62 -83.00
N ARG I 258 20.95 -61.52 -83.12
CA ARG I 258 20.77 -60.62 -84.25
C ARG I 258 22.07 -60.32 -85.00
N HIS I 259 23.06 -59.73 -84.33
CA HIS I 259 24.31 -59.37 -85.00
C HIS I 259 25.51 -59.93 -84.27
N LEU I 260 26.65 -59.91 -84.96
CA LEU I 260 27.89 -60.51 -84.50
C LEU I 260 28.98 -59.45 -84.56
N PHE I 261 29.49 -59.05 -83.41
CA PHE I 261 30.43 -57.93 -83.33
C PHE I 261 31.66 -58.34 -82.53
N ASN I 262 32.56 -57.37 -82.33
CA ASN I 262 33.79 -57.57 -81.59
C ASN I 262 34.09 -56.37 -80.69
N ARG I 263 34.89 -56.64 -79.67
CA ARG I 263 35.40 -55.60 -78.79
C ARG I 263 36.74 -55.12 -79.32
N ALA I 264 36.92 -53.79 -79.34
CA ALA I 264 38.18 -53.20 -79.75
C ALA I 264 38.96 -52.77 -78.51
N GLY I 265 40.10 -53.40 -78.29
CA GLY I 265 40.94 -53.07 -77.15
C GLY I 265 42.11 -54.03 -77.06
N ALA I 266 43.08 -53.62 -76.24
CA ALA I 266 44.29 -54.42 -76.07
C ALA I 266 43.96 -55.78 -75.51
N VAL I 267 44.66 -56.80 -75.98
CA VAL I 267 44.33 -58.17 -75.65
C VAL I 267 45.07 -58.57 -74.37
N GLY I 268 44.31 -58.94 -73.34
CA GLY I 268 44.89 -59.39 -72.10
C GLY I 268 45.70 -60.65 -72.26
N GLU I 269 45.07 -61.71 -72.77
CA GLU I 269 45.74 -62.98 -73.01
C GLU I 269 45.55 -63.34 -74.48
N ASN I 270 46.61 -63.81 -75.12
CA ASN I 270 46.57 -64.02 -76.55
C ASN I 270 46.65 -65.49 -76.91
N VAL I 271 46.03 -65.81 -78.04
CA VAL I 271 45.91 -67.18 -78.52
C VAL I 271 47.30 -67.72 -78.82
N PRO I 272 47.70 -68.84 -78.24
CA PRO I 272 48.97 -69.46 -78.64
C PRO I 272 48.96 -69.83 -80.11
N ASP I 273 50.13 -69.75 -80.72
CA ASP I 273 50.23 -70.01 -82.16
C ASP I 273 49.81 -71.43 -82.50
N ASP I 274 50.12 -72.38 -81.62
CA ASP I 274 49.84 -73.80 -81.87
C ASP I 274 48.42 -74.01 -82.36
N LEU I 275 47.53 -73.09 -82.02
CA LEU I 275 46.15 -73.18 -82.45
C LEU I 275 45.94 -72.67 -83.87
N TYR I 276 46.98 -72.18 -84.53
CA TYR I 276 46.79 -71.66 -85.87
C TYR I 276 48.12 -71.67 -86.61
N ILE I 277 48.13 -71.03 -87.78
CA ILE I 277 49.31 -70.84 -88.61
C ILE I 277 49.61 -69.35 -88.64
N LYS I 278 50.88 -68.99 -88.49
CA LYS I 278 51.24 -67.58 -88.49
C LYS I 278 50.93 -66.95 -89.84
N GLY I 279 50.18 -65.87 -89.80
CA GLY I 279 49.80 -65.13 -90.98
C GLY I 279 50.90 -64.19 -91.43
N SER I 280 50.51 -63.20 -92.21
CA SER I 280 51.45 -62.29 -92.85
C SER I 280 50.66 -61.22 -93.60
N GLY I 281 51.33 -60.11 -93.88
CA GLY I 281 50.66 -59.01 -94.55
C GLY I 281 49.46 -58.56 -93.74
N SER I 282 48.29 -58.58 -94.39
CA SER I 282 47.06 -58.30 -93.66
C SER I 282 46.78 -59.36 -92.60
N THR I 283 47.43 -60.52 -92.71
CA THR I 283 47.35 -61.54 -91.69
C THR I 283 48.53 -61.49 -90.72
N ALA I 284 49.40 -60.50 -90.85
CA ALA I 284 50.51 -60.39 -89.91
C ALA I 284 50.04 -60.05 -88.50
N ASN I 285 48.80 -59.60 -88.36
CA ASN I 285 48.30 -59.09 -87.10
C ASN I 285 46.98 -59.77 -86.77
N LEU I 286 46.88 -60.31 -85.56
CA LEU I 286 45.63 -60.93 -85.13
C LEU I 286 44.62 -59.85 -84.79
N ALA I 287 43.49 -59.88 -85.47
CA ALA I 287 42.36 -59.04 -85.07
C ALA I 287 41.77 -59.57 -83.77
N SER I 288 41.04 -58.69 -83.07
CA SER I 288 40.49 -59.04 -81.77
C SER I 288 39.61 -60.28 -81.87
N SER I 289 39.80 -61.22 -80.96
CA SER I 289 39.03 -62.46 -80.94
C SER I 289 37.81 -62.38 -80.03
N ASN I 290 37.58 -61.24 -79.37
CA ASN I 290 36.40 -61.12 -78.53
C ASN I 290 35.18 -60.81 -79.38
N TYR I 291 34.21 -61.71 -79.39
CA TYR I 291 32.95 -61.49 -80.08
C TYR I 291 31.87 -61.31 -79.03
N PHE I 292 30.83 -60.55 -79.39
CA PHE I 292 29.65 -60.54 -78.56
C PHE I 292 28.42 -60.52 -79.46
N PRO I 293 27.38 -61.24 -79.09
CA PRO I 293 26.16 -61.28 -79.89
C PRO I 293 25.32 -60.03 -79.65
N THR I 294 24.40 -59.79 -80.58
CA THR I 294 23.42 -58.75 -80.41
C THR I 294 22.13 -59.35 -79.88
N PRO I 295 21.77 -59.10 -78.63
CA PRO I 295 20.53 -59.66 -78.09
C PRO I 295 19.32 -59.00 -78.71
N SER I 296 18.28 -59.78 -78.94
CA SER I 296 17.08 -59.19 -79.51
C SER I 296 15.83 -59.89 -79.00
N GLY I 297 14.80 -59.09 -78.75
CA GLY I 297 13.52 -59.65 -78.43
C GLY I 297 12.72 -59.98 -79.67
N SER I 298 11.72 -60.81 -79.48
CA SER I 298 10.95 -61.34 -80.58
C SER I 298 9.53 -60.82 -80.55
N MET I 299 8.75 -61.26 -81.53
CA MET I 299 7.36 -60.84 -81.64
C MET I 299 6.59 -61.13 -80.36
N VAL I 300 5.97 -60.11 -79.83
CA VAL I 300 5.11 -60.29 -78.66
C VAL I 300 3.76 -60.80 -79.11
N THR I 301 3.04 -61.44 -78.19
CA THR I 301 1.68 -61.88 -78.46
C THR I 301 0.81 -61.66 -77.25
N SER I 302 -0.48 -61.43 -77.53
CA SER I 302 -1.49 -61.51 -76.49
C SER I 302 -1.35 -62.76 -75.65
N ASP I 303 -1.07 -63.90 -76.30
CA ASP I 303 -1.04 -65.17 -75.59
C ASP I 303 0.03 -65.20 -74.51
N ALA I 304 1.21 -64.69 -74.80
CA ALA I 304 2.30 -64.79 -73.85
C ALA I 304 2.02 -64.07 -72.55
N GLN I 305 0.95 -63.28 -72.47
CA GLN I 305 0.61 -62.63 -71.22
C GLN I 305 0.26 -63.65 -70.17
N ILE I 306 0.99 -63.62 -69.07
CA ILE I 306 0.75 -64.53 -67.96
C ILE I 306 -0.08 -63.77 -66.96
N PHE I 307 -0.50 -62.59 -67.36
CA PHE I 307 -1.11 -61.63 -66.47
C PHE I 307 -2.60 -61.53 -66.73
N ASN I 308 -3.24 -60.64 -65.98
CA ASN I 308 -4.64 -60.32 -66.18
C ASN I 308 -5.51 -61.55 -66.05
N LYS I 309 -5.03 -62.57 -65.36
CA LYS I 309 -5.82 -63.75 -65.19
C LYS I 309 -5.62 -64.22 -63.76
N PRO I 310 -6.68 -64.65 -63.10
CA PRO I 310 -6.56 -65.01 -61.68
C PRO I 310 -5.73 -66.25 -61.48
N TYR I 311 -5.02 -66.30 -60.36
CA TYR I 311 -4.31 -67.48 -59.94
C TYR I 311 -4.86 -67.97 -58.62
N TRP I 312 -4.68 -69.25 -58.37
CA TRP I 312 -5.39 -69.94 -57.30
C TRP I 312 -4.46 -71.00 -56.74
N LEU I 313 -4.41 -71.14 -55.43
CA LEU I 313 -3.48 -72.08 -54.82
C LEU I 313 -4.23 -73.03 -53.91
N GLN I 314 -3.74 -74.24 -53.81
CA GLN I 314 -4.17 -75.10 -52.72
C GLN I 314 -2.93 -75.70 -52.03
N ARG I 315 -2.12 -76.46 -52.73
CA ARG I 315 -0.87 -76.94 -52.17
C ARG I 315 0.29 -76.24 -52.85
N ALA I 316 1.24 -75.74 -52.05
CA ALA I 316 2.43 -75.09 -52.55
C ALA I 316 3.67 -75.83 -52.07
N GLN I 317 4.77 -75.60 -52.78
CA GLN I 317 5.97 -76.43 -52.61
C GLN I 317 6.51 -76.37 -51.19
N GLY I 318 6.52 -75.19 -50.58
CA GLY I 318 6.99 -75.07 -49.23
C GLY I 318 5.97 -75.63 -48.26
N HIS I 319 6.19 -75.36 -46.98
CA HIS I 319 5.13 -75.67 -46.03
C HIS I 319 4.13 -74.55 -45.89
N ASN I 320 4.52 -73.31 -46.16
CA ASN I 320 3.55 -72.23 -46.16
C ASN I 320 2.38 -72.59 -47.05
N ASN I 321 1.19 -72.54 -46.49
CA ASN I 321 -0.03 -72.46 -47.28
C ASN I 321 -0.67 -71.14 -46.91
N GLY I 322 -0.56 -70.15 -47.79
CA GLY I 322 -1.30 -68.91 -47.65
C GLY I 322 -1.00 -68.11 -46.40
N ILE I 323 -0.07 -68.58 -45.59
CA ILE I 323 0.22 -67.90 -44.34
C ILE I 323 1.14 -66.73 -44.63
N CYS I 324 0.69 -65.53 -44.29
CA CYS I 324 1.53 -64.34 -44.41
C CYS I 324 1.78 -63.83 -42.99
N TRP I 325 2.98 -64.02 -42.51
CA TRP I 325 3.29 -63.61 -41.15
C TRP I 325 3.46 -62.10 -41.06
N GLY I 326 3.38 -61.60 -39.84
CA GLY I 326 3.63 -60.21 -39.59
C GLY I 326 2.74 -59.30 -40.40
N ASN I 327 1.54 -59.78 -40.73
CA ASN I 327 0.56 -58.97 -41.44
C ASN I 327 1.14 -58.47 -42.76
N GLN I 328 2.14 -59.17 -43.26
CA GLN I 328 3.03 -58.62 -44.26
C GLN I 328 3.08 -59.54 -45.47
N LEU I 329 3.28 -58.94 -46.64
CA LEU I 329 3.36 -59.72 -47.88
C LEU I 329 4.21 -58.98 -48.91
N PHE I 330 4.91 -59.75 -49.72
CA PHE I 330 5.77 -59.24 -50.78
C PHE I 330 5.31 -59.74 -52.14
N VAL I 331 5.48 -58.90 -53.15
CA VAL I 331 5.29 -59.28 -54.54
C VAL I 331 6.32 -58.56 -55.39
N THR I 332 6.88 -59.29 -56.35
CA THR I 332 7.75 -58.73 -57.37
C THR I 332 7.16 -59.07 -58.73
N VAL I 333 7.35 -58.18 -59.69
CA VAL I 333 6.76 -58.34 -61.00
C VAL I 333 7.76 -57.85 -62.04
N VAL I 334 7.74 -58.47 -63.21
CA VAL I 334 8.51 -57.99 -64.35
C VAL I 334 7.66 -58.05 -65.59
N ASP I 335 7.49 -56.91 -66.24
CA ASP I 335 6.89 -56.86 -67.56
C ASP I 335 7.91 -56.29 -68.52
N THR I 336 8.14 -56.99 -69.63
CA THR I 336 8.89 -56.43 -70.74
C THR I 336 8.01 -55.94 -71.86
N THR I 337 6.71 -56.15 -71.78
CA THR I 337 5.88 -56.01 -72.96
C THR I 337 5.53 -54.56 -73.27
N ARG I 338 5.39 -53.74 -72.25
CA ARG I 338 4.89 -52.38 -72.39
C ARG I 338 5.99 -51.35 -72.54
N SER I 339 7.22 -51.80 -72.73
CA SER I 339 8.41 -50.98 -72.62
C SER I 339 8.45 -49.76 -73.53
N THR I 340 7.54 -49.63 -74.51
CA THR I 340 7.59 -48.50 -75.43
C THR I 340 7.60 -47.15 -74.70
N ASN I 341 8.54 -46.30 -75.11
CA ASN I 341 8.78 -44.99 -74.51
C ASN I 341 8.36 -43.91 -75.49
N MET I 342 7.47 -43.02 -75.06
CA MET I 342 7.03 -41.95 -75.94
C MET I 342 8.05 -40.81 -75.96
N SER I 343 8.03 -40.05 -77.06
CA SER I 343 8.92 -38.91 -77.25
C SER I 343 8.15 -37.79 -77.92
N LEU I 344 8.36 -36.56 -77.46
CA LEU I 344 7.70 -35.40 -78.02
C LEU I 344 8.67 -34.21 -78.08
N CYS I 345 8.27 -33.20 -78.85
CA CYS I 345 9.13 -32.06 -79.15
C CYS I 345 8.49 -30.78 -78.62
N ALA I 346 9.23 -30.06 -77.78
CA ALA I 346 8.81 -28.76 -77.30
C ALA I 346 9.61 -27.69 -78.05
N ALA I 347 8.94 -26.97 -78.92
CA ALA I 347 9.58 -25.93 -79.70
C ALA I 347 9.80 -24.70 -78.83
N ILE I 348 11.05 -24.22 -78.83
CA ILE I 348 11.32 -22.98 -78.10
C ILE I 348 10.84 -21.79 -78.91
N SER I 349 10.82 -21.90 -80.23
CA SER I 349 10.38 -20.81 -81.10
C SER I 349 9.26 -21.30 -81.98
N THR I 350 8.07 -20.73 -81.80
CA THR I 350 6.90 -21.13 -82.55
C THR I 350 6.67 -20.29 -83.79
N SER I 351 7.48 -19.25 -83.99
CA SER I 351 7.20 -18.26 -85.03
C SER I 351 7.69 -18.73 -86.41
N GLU I 352 9.00 -18.95 -86.55
CA GLU I 352 9.58 -19.22 -87.85
C GLU I 352 8.93 -20.42 -88.51
N THR I 353 8.74 -20.32 -89.82
CA THR I 353 8.02 -21.32 -90.58
C THR I 353 8.92 -22.38 -91.19
N THR I 354 10.24 -22.21 -91.11
CA THR I 354 11.18 -23.16 -91.67
C THR I 354 11.72 -24.05 -90.56
N TYR I 355 11.87 -25.33 -90.86
CA TYR I 355 12.32 -26.28 -89.85
C TYR I 355 13.72 -25.92 -89.36
N LYS I 356 13.93 -26.03 -88.06
CA LYS I 356 15.21 -25.70 -87.45
C LYS I 356 15.53 -26.75 -86.39
N ASN I 357 16.72 -27.35 -86.50
CA ASN I 357 17.16 -28.29 -85.48
C ASN I 357 17.24 -27.64 -84.13
N THR I 358 17.68 -26.38 -84.09
CA THR I 358 17.84 -25.64 -82.85
C THR I 358 16.52 -25.19 -82.26
N ASN I 359 15.41 -25.40 -82.95
CA ASN I 359 14.12 -24.93 -82.47
C ASN I 359 13.47 -25.87 -81.46
N PHE I 360 14.00 -27.07 -81.26
CA PHE I 360 13.25 -28.11 -80.57
C PHE I 360 14.09 -28.80 -79.51
N LYS I 361 13.69 -28.65 -78.25
CA LYS I 361 14.24 -29.41 -77.14
C LYS I 361 13.50 -30.76 -77.12
N GLU I 362 14.22 -31.84 -76.83
CA GLU I 362 13.60 -33.15 -76.86
C GLU I 362 13.61 -33.82 -75.49
N TYR I 363 12.60 -34.64 -75.25
CA TYR I 363 12.29 -35.17 -73.92
C TYR I 363 11.86 -36.63 -74.04
N LEU I 364 12.01 -37.36 -72.95
CA LEU I 364 11.64 -38.78 -72.92
C LEU I 364 10.94 -39.11 -71.61
N ARG I 365 9.72 -39.64 -71.72
CA ARG I 365 8.98 -40.12 -70.55
C ARG I 365 8.31 -41.43 -70.92
N HIS I 366 7.97 -42.22 -69.91
CA HIS I 366 7.44 -43.57 -70.13
C HIS I 366 6.26 -43.84 -69.22
N GLY I 367 5.26 -44.54 -69.75
CA GLY I 367 4.09 -44.86 -68.97
C GLY I 367 4.24 -46.12 -68.13
N GLU I 368 3.62 -46.10 -66.96
CA GLU I 368 3.66 -47.25 -66.07
C GLU I 368 2.31 -47.42 -65.42
N GLU I 369 1.78 -48.64 -65.47
CA GLU I 369 0.46 -48.90 -64.91
C GLU I 369 0.46 -50.24 -64.21
N TYR I 370 -0.01 -50.28 -62.96
CA TYR I 370 -0.14 -51.54 -62.24
C TYR I 370 -1.43 -51.52 -61.44
N ASP I 371 -1.81 -52.70 -60.95
CA ASP I 371 -2.83 -52.81 -59.92
C ASP I 371 -2.64 -54.09 -59.12
N LEU I 372 -3.16 -54.09 -57.91
CA LEU I 372 -3.16 -55.28 -57.07
C LEU I 372 -4.55 -55.51 -56.53
N GLN I 373 -5.03 -56.75 -56.59
CA GLN I 373 -6.32 -57.15 -56.06
C GLN I 373 -6.16 -58.49 -55.37
N PHE I 374 -6.40 -58.55 -54.07
CA PHE I 374 -5.96 -59.71 -53.30
C PHE I 374 -7.09 -60.32 -52.50
N ILE I 375 -7.35 -61.56 -52.74
CA ILE I 375 -8.22 -62.37 -51.88
C ILE I 375 -7.48 -62.65 -50.60
N PHE I 376 -8.21 -62.88 -49.51
CA PHE I 376 -7.58 -63.44 -48.33
C PHE I 376 -8.55 -64.26 -47.51
N GLN I 377 -7.99 -65.23 -46.79
CA GLN I 377 -8.71 -66.07 -45.86
C GLN I 377 -8.14 -65.89 -44.45
N LEU I 378 -8.96 -66.22 -43.46
CA LEU I 378 -8.72 -65.84 -42.07
C LEU I 378 -8.54 -67.11 -41.26
N CYS I 379 -7.59 -67.11 -40.34
CA CYS I 379 -7.23 -68.35 -39.66
C CYS I 379 -6.69 -68.11 -38.27
N LYS I 380 -6.88 -69.10 -37.40
CA LYS I 380 -6.54 -69.05 -36.00
C LYS I 380 -5.48 -70.09 -35.70
N ILE I 381 -4.79 -69.91 -34.57
CA ILE I 381 -3.76 -70.83 -34.11
C ILE I 381 -4.04 -71.18 -32.66
N THR I 382 -4.28 -72.46 -32.41
CA THR I 382 -4.32 -72.94 -31.04
C THR I 382 -2.92 -72.87 -30.45
N LEU I 383 -2.83 -72.67 -29.14
CA LEU I 383 -1.54 -72.54 -28.48
C LEU I 383 -1.32 -73.59 -27.41
N THR I 384 -0.18 -74.26 -27.51
CA THR I 384 0.50 -74.90 -26.40
C THR I 384 1.92 -74.38 -26.40
N ALA I 385 2.70 -74.81 -25.41
CA ALA I 385 4.12 -74.50 -25.44
C ALA I 385 4.74 -75.07 -26.70
N ASP I 386 4.33 -76.28 -27.05
CA ASP I 386 4.79 -76.94 -28.26
C ASP I 386 4.78 -75.96 -29.41
N VAL I 387 3.60 -75.44 -29.70
CA VAL I 387 3.41 -74.36 -30.64
C VAL I 387 4.46 -73.31 -30.37
N MET I 388 4.33 -72.62 -29.23
CA MET I 388 5.22 -71.52 -28.91
C MET I 388 6.66 -71.93 -29.12
N THR I 389 7.00 -73.12 -28.64
CA THR I 389 8.34 -73.63 -28.83
C THR I 389 8.72 -73.48 -30.29
N TYR I 390 7.87 -74.02 -31.16
CA TYR I 390 8.28 -74.16 -32.54
C TYR I 390 8.44 -72.80 -33.21
N ILE I 391 7.52 -71.88 -32.95
CA ILE I 391 7.61 -70.60 -33.63
C ILE I 391 8.77 -69.81 -33.09
N HIS I 392 8.80 -69.63 -31.78
CA HIS I 392 9.92 -68.96 -31.15
C HIS I 392 11.21 -69.56 -31.66
N SER I 393 11.20 -70.88 -31.81
CA SER I 393 12.29 -71.54 -32.49
C SER I 393 12.48 -70.97 -33.88
N MET I 394 11.44 -71.01 -34.69
CA MET I 394 11.51 -70.50 -36.05
C MET I 394 11.95 -69.06 -36.03
N ASN I 395 11.07 -68.18 -35.58
CA ASN I 395 11.41 -66.79 -35.35
C ASN I 395 10.65 -66.34 -34.12
N SER I 396 11.35 -65.71 -33.20
CA SER I 396 10.71 -65.21 -32.00
C SER I 396 10.01 -63.87 -32.27
N THR I 397 10.54 -63.07 -33.20
CA THR I 397 10.01 -61.73 -33.44
C THR I 397 8.50 -61.74 -33.60
N ILE I 398 7.99 -62.76 -34.29
CA ILE I 398 6.56 -62.83 -34.50
C ILE I 398 5.83 -62.95 -33.18
N LEU I 399 6.47 -63.54 -32.17
CA LEU I 399 5.86 -63.52 -30.86
C LEU I 399 5.89 -62.13 -30.23
N GLU I 400 6.88 -61.31 -30.57
CA GLU I 400 6.94 -59.96 -30.02
C GLU I 400 5.66 -59.20 -30.31
N ASP I 401 5.30 -59.09 -31.58
CA ASP I 401 4.15 -58.27 -31.96
C ASP I 401 2.88 -58.75 -31.27
N TRP I 402 2.73 -60.06 -31.17
CA TRP I 402 1.60 -60.55 -30.40
C TRP I 402 1.87 -60.37 -28.92
N ASN I 403 0.79 -60.47 -28.17
CA ASN I 403 0.90 -60.58 -26.73
C ASN I 403 1.20 -61.99 -26.30
N PHE I 404 1.51 -62.86 -27.26
CA PHE I 404 2.06 -64.19 -27.02
C PHE I 404 0.98 -65.22 -26.76
N GLY I 405 -0.28 -64.80 -26.86
CA GLY I 405 -1.46 -65.61 -26.66
C GLY I 405 -1.75 -65.47 -25.21
N LEU I 406 -0.64 -65.25 -24.51
CA LEU I 406 -0.44 -64.31 -23.42
C LEU I 406 0.92 -64.70 -22.86
N GLN I 407 1.65 -63.80 -22.17
CA GLN I 407 3.07 -64.10 -21.95
C GLN I 407 3.22 -65.24 -20.94
N PRO I 408 2.68 -65.13 -19.72
CA PRO I 408 2.37 -66.33 -18.92
C PRO I 408 0.91 -66.70 -19.18
N PRO I 409 0.35 -67.68 -18.49
CA PRO I 409 -1.12 -67.85 -18.48
C PRO I 409 -1.85 -66.68 -17.83
N PRO I 410 -1.25 -65.91 -16.90
CA PRO I 410 -1.80 -64.61 -16.52
C PRO I 410 -1.05 -63.36 -16.97
N GLY I 411 -0.84 -63.20 -18.25
CA GLY I 411 -0.58 -61.89 -18.82
C GLY I 411 0.34 -60.88 -18.17
N GLY I 412 1.52 -61.27 -17.69
CA GLY I 412 2.40 -60.29 -17.07
C GLY I 412 2.82 -59.22 -18.05
N THR I 413 3.21 -58.07 -17.51
CA THR I 413 3.44 -56.89 -18.34
C THR I 413 4.79 -56.28 -18.03
N LEU I 414 5.21 -55.41 -18.93
CA LEU I 414 6.60 -54.97 -19.05
C LEU I 414 6.90 -53.70 -18.28
N GLU I 415 5.97 -53.23 -17.44
CA GLU I 415 6.09 -51.90 -16.87
C GLU I 415 6.07 -50.88 -17.98
N ASP I 416 4.89 -50.65 -18.57
CA ASP I 416 4.77 -50.10 -19.91
C ASP I 416 5.17 -48.62 -19.96
N THR I 417 5.12 -48.08 -21.17
CA THR I 417 5.89 -46.92 -21.60
C THR I 417 5.14 -45.60 -21.57
N TYR I 418 3.94 -45.53 -20.99
CA TYR I 418 3.00 -44.47 -21.33
C TYR I 418 3.67 -43.11 -21.36
N ARG I 419 3.51 -42.42 -22.48
CA ARG I 419 4.50 -41.47 -22.94
C ARG I 419 4.13 -40.04 -22.60
N PHE I 420 5.08 -39.17 -22.87
CA PHE I 420 4.96 -37.72 -22.74
C PHE I 420 4.84 -37.02 -24.07
N VAL I 421 4.69 -37.76 -25.16
CA VAL I 421 5.14 -37.30 -26.45
C VAL I 421 4.33 -36.20 -27.11
N THR I 422 3.08 -36.51 -27.42
CA THR I 422 2.47 -36.09 -28.67
C THR I 422 2.80 -34.68 -29.17
N SER I 423 2.97 -33.71 -28.28
CA SER I 423 3.62 -32.47 -28.67
C SER I 423 4.35 -31.94 -27.45
N GLN I 424 5.49 -31.30 -27.68
CA GLN I 424 6.42 -30.90 -26.65
C GLN I 424 7.10 -29.59 -27.05
N ALA I 425 8.20 -29.26 -26.38
CA ALA I 425 8.51 -27.90 -25.94
C ALA I 425 9.25 -27.02 -26.95
N ILE I 426 9.39 -27.44 -28.20
CA ILE I 426 10.41 -26.84 -29.05
C ILE I 426 11.68 -27.06 -28.27
N ALA I 427 12.00 -28.33 -28.05
CA ALA I 427 13.29 -28.87 -27.66
C ALA I 427 13.64 -30.07 -28.53
N CYS I 428 12.84 -31.10 -28.44
CA CYS I 428 12.66 -32.04 -29.52
C CYS I 428 13.78 -32.96 -29.88
N GLN I 429 14.58 -33.35 -28.90
CA GLN I 429 15.13 -34.68 -28.99
C GLN I 429 13.91 -35.54 -28.77
N LYS I 430 12.96 -34.99 -28.04
CA LYS I 430 11.63 -35.53 -27.98
C LYS I 430 11.08 -35.45 -29.40
N HIS I 431 10.66 -36.60 -29.91
CA HIS I 431 11.29 -37.08 -31.14
C HIS I 431 11.39 -36.12 -32.31
N THR I 432 12.62 -35.69 -32.60
CA THR I 432 13.21 -35.76 -33.92
C THR I 432 13.74 -37.21 -34.14
N PRO I 433 14.39 -37.82 -33.15
CA PRO I 433 14.75 -39.24 -33.25
C PRO I 433 13.55 -40.14 -32.99
N PRO I 434 12.82 -40.50 -34.04
CA PRO I 434 11.44 -40.99 -33.88
C PRO I 434 11.31 -42.34 -33.20
N ALA I 435 10.11 -42.90 -33.29
CA ALA I 435 9.67 -44.10 -32.61
C ALA I 435 10.70 -45.23 -32.72
N PRO I 436 10.97 -45.92 -31.61
CA PRO I 436 12.03 -46.94 -31.59
C PRO I 436 11.68 -48.21 -32.37
N LYS I 437 12.46 -49.27 -32.13
CA LYS I 437 12.50 -50.53 -32.88
C LYS I 437 13.00 -50.22 -34.31
N GLU I 438 12.46 -50.87 -35.34
CA GLU I 438 13.04 -50.89 -36.68
C GLU I 438 12.11 -51.65 -37.62
N ASP I 439 12.34 -51.42 -38.91
CA ASP I 439 12.12 -52.43 -39.92
C ASP I 439 13.48 -53.08 -40.16
N PRO I 440 13.64 -54.37 -39.91
CA PRO I 440 14.95 -55.01 -40.14
C PRO I 440 15.49 -54.70 -41.52
N LEU I 441 14.60 -54.54 -42.49
CA LEU I 441 15.00 -54.17 -43.85
C LEU I 441 14.88 -52.69 -44.12
N LYS I 442 14.52 -51.89 -43.10
CA LYS I 442 14.33 -50.45 -43.31
C LYS I 442 15.49 -49.84 -44.08
N LYS I 443 16.70 -50.35 -43.86
CA LYS I 443 17.81 -49.99 -44.72
C LYS I 443 17.45 -50.19 -46.19
N TYR I 444 16.86 -51.33 -46.53
CA TYR I 444 16.65 -51.66 -47.92
C TYR I 444 15.47 -50.90 -48.47
N THR I 445 15.66 -50.29 -49.63
CA THR I 445 14.68 -49.40 -50.22
C THR I 445 13.82 -50.16 -51.22
N PHE I 446 12.51 -49.92 -51.17
CA PHE I 446 11.58 -50.48 -52.14
C PHE I 446 10.19 -49.95 -51.85
N TRP I 447 9.33 -50.10 -52.86
CA TRP I 447 8.06 -49.39 -52.91
C TRP I 447 7.11 -49.87 -51.82
N GLU I 448 6.13 -49.04 -51.48
CA GLU I 448 5.15 -49.37 -50.46
C GLU I 448 3.77 -48.90 -50.85
N VAL I 449 2.77 -49.58 -50.30
CA VAL I 449 1.37 -49.17 -50.32
C VAL I 449 0.70 -49.69 -49.06
N ASN I 450 -0.24 -48.93 -48.51
CA ASN I 450 -1.08 -49.42 -47.43
C ASN I 450 -2.47 -49.71 -47.97
N LEU I 451 -2.95 -50.90 -47.70
CA LEU I 451 -4.34 -51.25 -47.97
C LEU I 451 -5.23 -51.26 -46.74
N LYS I 452 -4.66 -51.10 -45.54
CA LYS I 452 -5.28 -51.69 -44.35
C LYS I 452 -6.72 -51.28 -44.12
N GLU I 453 -7.17 -50.16 -44.67
CA GLU I 453 -8.55 -49.76 -44.47
C GLU I 453 -9.51 -50.40 -45.45
N LYS I 454 -9.01 -50.95 -46.54
CA LYS I 454 -9.82 -51.12 -47.73
C LYS I 454 -10.65 -52.40 -47.73
N PHE I 455 -10.51 -53.27 -46.74
CA PHE I 455 -11.19 -54.55 -46.83
C PHE I 455 -12.70 -54.40 -46.91
N SER I 456 -13.32 -55.37 -47.58
CA SER I 456 -14.77 -55.50 -47.64
C SER I 456 -15.16 -56.91 -47.25
N ALA I 457 -16.35 -57.02 -46.68
CA ALA I 457 -16.85 -58.30 -46.18
C ALA I 457 -17.70 -59.04 -47.20
N ASP I 458 -17.95 -58.47 -48.37
CA ASP I 458 -18.85 -59.08 -49.33
C ASP I 458 -18.22 -59.05 -50.70
N LEU I 459 -18.10 -60.22 -51.32
CA LEU I 459 -17.32 -60.34 -52.54
C LEU I 459 -18.11 -59.91 -53.76
N ASP I 460 -19.42 -60.10 -53.71
CA ASP I 460 -20.25 -59.88 -54.88
C ASP I 460 -20.06 -58.47 -55.40
N GLN I 461 -19.57 -57.57 -54.56
CA GLN I 461 -19.11 -56.26 -55.01
C GLN I 461 -18.15 -56.30 -56.17
N PHE I 462 -17.23 -57.25 -56.21
CA PHE I 462 -16.03 -57.05 -57.01
C PHE I 462 -15.87 -58.01 -58.17
N PRO I 463 -15.24 -57.57 -59.26
CA PRO I 463 -15.02 -58.49 -60.40
C PRO I 463 -14.24 -59.71 -60.01
N LEU I 464 -13.14 -59.52 -59.28
CA LEU I 464 -12.33 -60.65 -58.92
C LEU I 464 -13.16 -61.66 -58.15
N GLY I 465 -13.74 -61.23 -57.03
CA GLY I 465 -14.26 -62.18 -56.07
C GLY I 465 -15.42 -62.98 -56.63
N ARG I 466 -16.29 -62.33 -57.38
CA ARG I 466 -17.44 -63.05 -57.90
C ARG I 466 -16.99 -64.26 -58.68
N LYS I 467 -15.87 -64.16 -59.38
CA LYS I 467 -15.27 -65.36 -59.93
C LYS I 467 -14.97 -66.37 -58.83
N PHE I 468 -14.31 -65.92 -57.77
CA PHE I 468 -13.99 -66.81 -56.66
C PHE I 468 -15.20 -67.62 -56.25
N LEU I 469 -16.35 -66.97 -56.16
CA LEU I 469 -17.58 -67.74 -56.07
C LEU I 469 -17.67 -68.72 -57.22
N LEU I 470 -17.76 -68.19 -58.44
CA LEU I 470 -18.12 -69.00 -59.59
C LEU I 470 -17.25 -70.24 -59.68
N GLN I 471 -15.99 -70.11 -59.28
CA GLN I 471 -15.13 -71.27 -59.20
C GLN I 471 -15.69 -72.32 -58.26
N ALA I 472 -15.94 -71.95 -57.02
CA ALA I 472 -16.51 -72.91 -56.09
C ALA I 472 -18.02 -72.86 -56.06
N GLY I 473 -18.63 -71.82 -56.62
CA GLY I 473 -20.07 -71.72 -56.63
C GLY I 473 -20.55 -71.17 -55.30
N LEU I 474 -21.62 -70.38 -55.32
CA LEU I 474 -22.11 -69.81 -54.07
C LEU I 474 -23.01 -70.74 -53.28
N LYS I 475 -24.07 -71.28 -53.89
CA LYS I 475 -25.21 -71.92 -53.22
C LYS I 475 -25.97 -70.90 -52.40
N ALA I 476 -25.29 -69.81 -52.07
CA ALA I 476 -25.76 -68.62 -51.38
C ALA I 476 -24.49 -67.84 -51.10
N LYS I 477 -24.57 -66.60 -50.65
CA LYS I 477 -23.45 -66.14 -49.85
C LYS I 477 -23.93 -66.12 -48.42
N PRO I 478 -23.59 -67.11 -47.61
CA PRO I 478 -23.98 -67.06 -46.20
C PRO I 478 -22.87 -66.48 -45.34
N LYS I 479 -23.17 -66.31 -44.06
CA LYS I 479 -22.26 -65.87 -43.00
C LYS I 479 -21.06 -65.04 -43.48
N LYS J 20 -2.26 -59.57 -17.83
CA LYS J 20 -3.43 -59.15 -17.11
C LYS J 20 -3.19 -59.13 -15.63
N VAL J 21 -2.66 -58.02 -15.14
CA VAL J 21 -2.42 -57.86 -13.73
C VAL J 21 -3.72 -58.11 -13.00
N VAL J 22 -3.64 -58.64 -11.80
CA VAL J 22 -4.83 -59.05 -11.05
C VAL J 22 -4.84 -58.30 -9.74
N SER J 23 -5.98 -58.33 -9.09
CA SER J 23 -6.07 -57.75 -7.75
C SER J 23 -5.32 -58.62 -6.78
N THR J 24 -4.35 -58.02 -6.08
CA THR J 24 -3.55 -58.78 -5.13
C THR J 24 -4.41 -59.57 -4.18
N ASP J 25 -5.58 -59.04 -3.85
CA ASP J 25 -6.45 -59.71 -2.90
C ASP J 25 -6.95 -61.05 -3.41
N GLU J 26 -6.67 -61.39 -4.66
CA GLU J 26 -6.93 -62.74 -5.11
C GLU J 26 -6.18 -63.78 -4.30
N TYR J 27 -4.86 -63.85 -4.48
CA TYR J 27 -4.10 -64.95 -3.92
C TYR J 27 -3.76 -64.75 -2.45
N VAL J 28 -3.53 -63.51 -2.01
CA VAL J 28 -3.20 -63.27 -0.62
C VAL J 28 -4.32 -63.77 0.28
N ALA J 29 -3.98 -64.14 1.51
CA ALA J 29 -4.97 -64.43 2.52
C ALA J 29 -4.67 -63.62 3.77
N ARG J 30 -5.73 -63.22 4.47
CA ARG J 30 -5.62 -62.39 5.65
C ARG J 30 -5.67 -63.25 6.90
N THR J 31 -4.89 -62.87 7.90
CA THR J 31 -4.78 -63.63 9.13
C THR J 31 -5.62 -63.01 10.24
N ASN J 32 -5.51 -63.58 11.43
CA ASN J 32 -6.22 -63.10 12.59
C ASN J 32 -5.42 -62.15 13.46
N ILE J 33 -4.12 -62.02 13.23
CA ILE J 33 -3.23 -61.37 14.19
C ILE J 33 -2.86 -59.98 13.71
N TYR J 34 -2.70 -59.06 14.67
CA TYR J 34 -2.22 -57.72 14.39
C TYR J 34 -1.10 -57.35 15.35
N TYR J 35 -0.31 -56.37 14.97
CA TYR J 35 0.74 -55.84 15.83
C TYR J 35 0.78 -54.32 15.71
N HIS J 36 1.56 -53.71 16.59
CA HIS J 36 1.94 -52.32 16.38
C HIS J 36 3.30 -52.01 16.98
N ALA J 37 3.97 -51.06 16.34
CA ALA J 37 5.15 -50.44 16.91
C ALA J 37 5.29 -49.04 16.32
N GLY J 38 6.06 -48.21 17.01
CA GLY J 38 6.28 -46.87 16.53
C GLY J 38 7.51 -46.27 17.15
N THR J 39 8.02 -45.24 16.51
CA THR J 39 9.14 -44.53 17.05
C THR J 39 8.75 -43.82 18.33
N SER J 40 9.75 -43.48 19.09
CA SER J 40 9.57 -42.59 20.21
C SER J 40 9.02 -41.27 19.69
N ARG J 41 9.89 -40.46 19.08
CA ARG J 41 9.51 -39.27 18.35
C ARG J 41 10.69 -38.91 17.46
N LEU J 42 10.46 -37.99 16.53
CA LEU J 42 11.55 -37.43 15.77
C LEU J 42 11.68 -35.94 16.02
N LEU J 43 12.91 -35.45 15.96
CA LEU J 43 13.26 -34.10 16.32
C LEU J 43 14.32 -33.58 15.38
N ALA J 44 14.14 -32.38 14.85
CA ALA J 44 15.12 -31.87 13.91
C ALA J 44 15.30 -30.38 14.10
N VAL J 45 16.53 -29.92 13.91
CA VAL J 45 16.89 -28.52 14.05
C VAL J 45 17.81 -28.13 12.92
N GLY J 46 17.62 -26.93 12.38
CA GLY J 46 18.47 -26.47 11.30
C GLY J 46 18.15 -25.03 10.93
N HIS J 47 18.96 -24.50 10.13
CA HIS J 47 18.69 -23.16 9.66
C HIS J 47 17.95 -23.20 8.34
N PRO J 48 17.01 -22.30 8.12
CA PRO J 48 16.20 -22.38 6.90
C PRO J 48 16.97 -22.04 5.63
N TYR J 49 17.79 -21.00 5.65
CA TYR J 49 18.19 -20.34 4.40
C TYR J 49 19.38 -20.95 3.68
N PHE J 50 20.44 -21.34 4.37
CA PHE J 50 21.56 -22.01 3.70
C PHE J 50 22.23 -22.92 4.72
N PRO J 51 22.95 -23.94 4.27
CA PRO J 51 23.68 -24.79 5.21
C PRO J 51 24.88 -24.07 5.79
N ILE J 52 25.35 -24.58 6.93
CA ILE J 52 26.45 -23.99 7.66
C ILE J 52 27.67 -24.89 7.53
N LYS J 53 28.79 -24.31 7.14
CA LYS J 53 30.02 -25.07 7.02
C LYS J 53 31.20 -24.19 7.42
N LYS J 54 32.26 -24.84 7.90
CA LYS J 54 33.50 -24.15 8.18
C LYS J 54 33.97 -23.42 6.92
N PRO J 55 34.44 -22.17 7.05
CA PRO J 55 34.69 -21.37 5.83
C PRO J 55 35.74 -21.97 4.92
N ASN J 56 36.86 -22.42 5.47
CA ASN J 56 37.86 -23.05 4.61
C ASN J 56 37.44 -24.47 4.23
N ASN J 57 36.89 -25.20 5.19
CA ASN J 57 36.55 -26.59 4.97
C ASN J 57 35.33 -26.67 4.07
N ASN J 58 35.00 -27.90 3.65
CA ASN J 58 33.71 -28.19 3.07
C ASN J 58 32.77 -28.87 4.06
N LYS J 59 33.23 -29.19 5.26
CA LYS J 59 32.41 -29.94 6.18
C LYS J 59 31.33 -29.07 6.79
N ILE J 60 30.11 -29.60 6.84
CA ILE J 60 28.97 -28.83 7.32
C ILE J 60 29.08 -28.64 8.82
N LEU J 61 28.96 -27.39 9.26
CA LEU J 61 28.88 -27.15 10.70
C LEU J 61 27.46 -27.37 11.22
N VAL J 62 26.45 -26.87 10.52
CA VAL J 62 25.06 -27.06 10.92
C VAL J 62 24.26 -27.44 9.69
N PRO J 63 23.36 -28.40 9.78
CA PRO J 63 22.59 -28.78 8.60
C PRO J 63 21.55 -27.74 8.29
N LYS J 64 21.26 -27.58 7.02
CA LYS J 64 20.25 -26.65 6.59
C LYS J 64 18.89 -27.32 6.62
N VAL J 65 17.98 -26.78 7.41
CA VAL J 65 16.66 -27.37 7.55
C VAL J 65 15.62 -26.27 7.60
N SER J 66 14.52 -26.48 6.89
CA SER J 66 13.33 -25.66 7.07
C SER J 66 12.12 -26.47 6.66
N GLY J 67 10.97 -26.07 7.19
CA GLY J 67 9.75 -26.80 6.89
C GLY J 67 9.54 -27.00 5.41
N LEU J 68 9.97 -26.04 4.60
CA LEU J 68 9.75 -26.17 3.18
C LEU J 68 10.57 -27.26 2.54
N GLN J 69 11.57 -27.77 3.23
CA GLN J 69 12.21 -28.97 2.74
C GLN J 69 11.21 -30.12 2.78
N TYR J 70 11.22 -30.95 1.74
CA TYR J 70 10.42 -32.16 1.80
C TYR J 70 10.94 -33.05 2.90
N ARG J 71 10.13 -34.02 3.28
CA ARG J 71 10.55 -35.06 4.18
C ARG J 71 10.36 -36.41 3.54
N VAL J 72 11.33 -37.28 3.72
CA VAL J 72 11.26 -38.61 3.17
C VAL J 72 11.54 -39.59 4.30
N PHE J 73 10.59 -40.45 4.60
CA PHE J 73 10.76 -41.44 5.64
C PHE J 73 10.88 -42.83 5.03
N ARG J 74 11.97 -43.50 5.33
CA ARG J 74 12.16 -44.90 4.95
C ARG J 74 12.10 -45.74 6.20
N ILE J 75 11.36 -46.83 6.13
CA ILE J 75 11.11 -47.65 7.28
C ILE J 75 11.37 -49.10 6.92
N HIS J 76 12.23 -49.74 7.69
CA HIS J 76 12.49 -51.16 7.52
C HIS J 76 11.59 -51.97 8.44
N LEU J 77 11.20 -53.09 7.99
CA LEU J 77 10.60 -54.01 8.91
C LEU J 77 11.48 -55.23 9.06
N PRO J 78 11.48 -55.86 10.22
CA PRO J 78 12.14 -57.16 10.30
C PRO J 78 11.33 -58.19 9.53
N ASP J 79 12.04 -59.13 8.93
CA ASP J 79 11.40 -60.21 8.21
C ASP J 79 10.43 -60.93 9.15
N PRO J 80 9.17 -60.99 8.80
CA PRO J 80 8.26 -61.79 9.61
C PRO J 80 8.71 -63.23 9.72
N ASN J 81 9.18 -63.80 8.63
CA ASN J 81 9.43 -65.22 8.66
C ASN J 81 10.63 -65.58 9.50
N LYS J 82 11.35 -64.61 10.01
CA LYS J 82 12.24 -64.88 11.14
C LYS J 82 11.50 -64.85 12.46
N PHE J 83 10.29 -64.33 12.50
CA PHE J 83 9.60 -64.03 13.74
C PHE J 83 8.55 -65.10 13.96
N GLY J 84 8.80 -65.99 14.91
CA GLY J 84 7.84 -67.01 15.27
C GLY J 84 6.64 -66.38 15.94
N PHE J 85 5.72 -67.24 16.35
CA PHE J 85 4.42 -66.84 16.83
C PHE J 85 4.12 -67.54 18.15
N PRO J 86 3.12 -67.07 18.91
CA PRO J 86 2.75 -67.83 20.12
C PRO J 86 2.31 -69.23 19.79
N ASP J 87 1.42 -69.38 18.81
CA ASP J 87 1.08 -70.66 18.23
C ASP J 87 1.39 -70.59 16.75
N THR J 88 2.43 -71.31 16.33
CA THR J 88 2.91 -71.24 14.96
C THR J 88 2.32 -72.32 14.06
N SER J 89 1.52 -73.22 14.62
CA SER J 89 1.12 -74.41 13.89
C SER J 89 0.27 -74.12 12.67
N PHE J 90 -0.43 -72.98 12.64
CA PHE J 90 -1.49 -72.80 11.67
C PHE J 90 -1.01 -72.74 10.22
N TYR J 91 0.29 -72.74 9.97
CA TYR J 91 0.76 -72.76 8.60
C TYR J 91 2.02 -73.59 8.49
N ASN J 92 2.35 -73.96 7.26
CA ASN J 92 3.66 -74.51 6.97
C ASN J 92 4.59 -73.39 6.57
N PRO J 93 5.63 -73.10 7.35
CA PRO J 93 6.63 -72.14 6.90
C PRO J 93 7.45 -72.62 5.72
N ASP J 94 7.45 -73.92 5.44
CA ASP J 94 8.21 -74.38 4.28
C ASP J 94 7.50 -74.01 2.99
N THR J 95 6.31 -74.55 2.79
CA THR J 95 5.61 -74.37 1.53
C THR J 95 5.22 -72.92 1.26
N GLN J 96 5.39 -72.03 2.23
CA GLN J 96 4.81 -70.70 2.11
C GLN J 96 5.76 -69.69 2.71
N ARG J 97 5.30 -68.45 2.81
CA ARG J 97 6.01 -67.38 3.48
C ARG J 97 5.01 -66.60 4.32
N LEU J 98 5.50 -65.50 4.88
CA LEU J 98 4.69 -64.52 5.57
C LEU J 98 5.08 -63.15 5.05
N VAL J 99 4.09 -62.29 4.81
CA VAL J 99 4.40 -60.92 4.42
C VAL J 99 3.48 -59.96 5.14
N TRP J 100 4.06 -58.86 5.60
CA TRP J 100 3.33 -57.85 6.33
C TRP J 100 2.37 -57.08 5.43
N ALA J 101 1.33 -56.52 6.04
CA ALA J 101 0.38 -55.67 5.37
C ALA J 101 0.08 -54.46 6.25
N CYS J 102 -0.15 -53.31 5.61
CA CYS J 102 -0.28 -52.04 6.30
C CYS J 102 -1.75 -51.61 6.26
N VAL J 103 -2.43 -51.75 7.39
CA VAL J 103 -3.84 -51.41 7.44
C VAL J 103 -4.04 -49.93 7.64
N GLY J 104 -3.36 -49.33 8.62
CA GLY J 104 -3.69 -47.98 9.02
C GLY J 104 -2.49 -47.23 9.56
N VAL J 105 -2.57 -45.91 9.46
CA VAL J 105 -1.39 -45.06 9.55
C VAL J 105 -1.75 -43.78 10.26
N GLU J 106 -0.78 -43.20 10.95
CA GLU J 106 -0.96 -41.94 11.67
C GLU J 106 0.28 -41.08 11.51
N VAL J 107 0.09 -39.77 11.56
CA VAL J 107 1.21 -38.85 11.56
C VAL J 107 0.99 -37.84 12.68
N GLY J 108 1.83 -37.90 13.72
CA GLY J 108 1.75 -36.94 14.80
C GLY J 108 2.57 -35.69 14.53
N ARG J 109 2.02 -34.55 14.91
CA ARG J 109 2.70 -33.27 14.75
C ARG J 109 2.40 -32.41 15.97
N GLY J 110 3.42 -32.00 16.70
CA GLY J 110 3.17 -31.36 17.97
C GLY J 110 3.41 -29.87 18.14
N GLN J 111 4.01 -29.21 17.17
CA GLN J 111 4.39 -27.83 17.39
C GLN J 111 3.15 -26.94 17.48
N PRO J 112 3.27 -25.82 18.17
CA PRO J 112 2.22 -24.80 18.08
C PRO J 112 2.21 -24.19 16.69
N LEU J 113 1.02 -24.12 16.10
CA LEU J 113 0.92 -23.83 14.68
C LEU J 113 1.18 -22.36 14.42
N GLY J 114 2.05 -22.10 13.44
CA GLY J 114 2.33 -20.74 13.04
C GLY J 114 3.13 -20.62 11.76
N VAL J 115 2.98 -19.51 11.06
CA VAL J 115 3.52 -19.39 9.72
C VAL J 115 4.89 -18.73 9.78
N GLY J 116 5.85 -19.31 9.05
CA GLY J 116 7.13 -18.70 8.81
C GLY J 116 7.19 -18.03 7.45
N ILE J 117 8.40 -17.79 6.98
CA ILE J 117 8.54 -16.86 5.87
C ILE J 117 9.97 -16.77 5.39
N SER J 118 10.17 -16.24 4.17
CA SER J 118 11.48 -16.10 3.57
C SER J 118 11.48 -14.88 2.67
N GLY J 119 12.67 -14.46 2.29
CA GLY J 119 12.83 -13.34 1.39
C GLY J 119 14.16 -13.43 0.68
N HIS J 120 14.51 -12.36 -0.02
CA HIS J 120 15.85 -12.27 -0.55
C HIS J 120 16.32 -10.83 -0.50
N PRO J 121 17.58 -10.61 -0.15
CA PRO J 121 18.04 -9.22 -0.01
C PRO J 121 18.10 -8.48 -1.33
N LEU J 122 18.44 -9.16 -2.40
CA LEU J 122 18.45 -8.55 -3.73
C LEU J 122 17.43 -9.25 -4.60
N LEU J 123 16.53 -8.49 -5.18
CA LEU J 123 15.52 -9.09 -6.04
C LEU J 123 15.28 -8.21 -7.23
N ASN J 124 15.32 -8.81 -8.42
CA ASN J 124 14.99 -8.06 -9.60
C ASN J 124 13.60 -7.49 -9.43
N LYS J 125 13.49 -6.17 -9.49
CA LYS J 125 12.19 -5.52 -9.38
C LYS J 125 12.28 -4.16 -10.03
N LEU J 126 11.17 -3.72 -10.58
CA LEU J 126 11.13 -2.35 -11.07
C LEU J 126 10.52 -1.44 -10.01
N ASP J 127 9.21 -1.51 -9.86
CA ASP J 127 8.47 -0.67 -8.95
C ASP J 127 7.03 -1.19 -8.91
N ASP J 128 6.18 -0.49 -8.18
CA ASP J 128 4.80 -0.94 -8.08
C ASP J 128 4.11 -0.82 -9.43
N THR J 129 3.40 -1.88 -9.80
CA THR J 129 2.54 -1.88 -10.97
C THR J 129 1.09 -1.56 -10.62
N GLU J 130 0.74 -1.53 -9.35
CA GLU J 130 -0.67 -1.43 -8.97
C GLU J 130 -1.18 -0.02 -9.18
N ASN J 131 -0.44 0.97 -8.71
CA ASN J 131 -0.82 2.35 -8.92
C ASN J 131 0.44 3.17 -9.15
N ALA J 132 0.42 3.99 -10.19
CA ALA J 132 1.53 4.87 -10.51
C ALA J 132 0.98 6.21 -10.93
N SER J 133 1.38 7.27 -10.24
CA SER J 133 0.93 8.61 -10.60
C SER J 133 1.54 9.04 -11.93
N ALA J 134 2.85 8.87 -12.06
CA ALA J 134 3.59 9.27 -13.26
C ALA J 134 4.35 8.07 -13.79
N TYR J 135 4.82 8.20 -15.02
CA TYR J 135 5.58 7.11 -15.60
C TYR J 135 6.86 6.89 -14.81
N ALA J 136 7.40 5.68 -14.89
CA ALA J 136 8.50 5.29 -14.03
C ALA J 136 9.79 5.99 -14.44
N ALA J 137 10.84 5.73 -13.68
CA ALA J 137 12.12 6.37 -13.90
C ALA J 137 12.92 5.59 -14.94
N ASN J 138 14.13 6.05 -15.20
CA ASN J 138 15.00 5.34 -16.12
C ASN J 138 15.66 4.16 -15.43
N ALA J 139 15.86 3.10 -16.20
CA ALA J 139 16.52 1.92 -15.68
C ALA J 139 17.99 2.22 -15.44
N GLY J 140 18.43 2.07 -14.21
CA GLY J 140 19.83 2.17 -13.87
C GLY J 140 20.50 0.84 -14.00
N VAL J 141 21.48 0.59 -13.14
CA VAL J 141 22.07 -0.73 -12.99
C VAL J 141 21.75 -1.22 -11.58
N ASP J 142 21.14 -2.41 -11.51
CA ASP J 142 20.89 -3.08 -10.23
C ASP J 142 20.01 -2.27 -9.29
N ASN J 143 18.71 -2.24 -9.58
CA ASN J 143 17.75 -1.67 -8.66
C ASN J 143 17.25 -2.67 -7.63
N ARG J 144 17.82 -3.88 -7.59
CA ARG J 144 17.31 -4.93 -6.74
C ARG J 144 17.16 -4.45 -5.31
N GLU J 145 16.13 -4.95 -4.63
CA GLU J 145 15.77 -4.49 -3.31
C GLU J 145 15.53 -5.68 -2.39
N CYS J 146 15.42 -5.39 -1.11
CA CYS J 146 15.20 -6.40 -0.09
C CYS J 146 13.70 -6.48 0.18
N ILE J 147 13.09 -7.59 -0.23
CA ILE J 147 11.65 -7.79 -0.13
C ILE J 147 11.39 -9.26 0.09
N SER J 148 10.35 -9.57 0.86
CA SER J 148 10.06 -10.94 1.21
C SER J 148 8.60 -11.24 0.99
N MET J 149 8.25 -12.51 1.11
CA MET J 149 6.90 -12.97 0.81
C MET J 149 6.65 -14.26 1.55
N ASP J 150 5.38 -14.63 1.61
CA ASP J 150 4.96 -15.90 2.20
C ASP J 150 4.72 -16.94 1.11
N TYR J 151 5.05 -18.18 1.40
CA TYR J 151 4.80 -19.24 0.44
C TYR J 151 3.40 -19.79 0.54
N LYS J 152 2.96 -20.39 -0.55
CA LYS J 152 1.66 -21.04 -0.58
C LYS J 152 1.56 -22.05 0.55
N GLN J 153 0.52 -21.93 1.34
CA GLN J 153 0.24 -22.93 2.34
C GLN J 153 -0.12 -24.25 1.66
N THR J 154 0.31 -25.37 2.24
CA THR J 154 0.04 -26.64 1.60
C THR J 154 0.09 -27.77 2.61
N GLN J 155 -0.66 -28.82 2.35
CA GLN J 155 -0.57 -30.08 3.09
C GLN J 155 -0.75 -31.24 2.14
N LEU J 156 0.01 -32.32 2.37
CA LEU J 156 -0.07 -33.50 1.52
C LEU J 156 0.35 -34.72 2.32
N CYS J 157 0.06 -35.91 1.78
CA CYS J 157 0.54 -37.12 2.42
C CYS J 157 0.73 -38.21 1.36
N LEU J 158 1.75 -39.04 1.56
CA LEU J 158 2.15 -40.03 0.55
C LEU J 158 2.54 -41.35 1.20
N ILE J 159 1.99 -42.44 0.70
CA ILE J 159 2.23 -43.76 1.27
C ILE J 159 2.30 -44.82 0.17
N GLY J 160 3.32 -45.66 0.23
CA GLY J 160 3.46 -46.75 -0.73
C GLY J 160 4.80 -47.43 -0.54
N CYS J 161 4.99 -48.49 -1.33
CA CYS J 161 6.23 -49.27 -1.27
C CYS J 161 7.28 -48.84 -2.28
N LYS J 162 6.95 -47.97 -3.20
CA LYS J 162 8.00 -47.51 -4.09
C LYS J 162 8.16 -46.02 -3.94
N PRO J 163 9.34 -45.48 -4.20
CA PRO J 163 9.59 -44.10 -3.84
C PRO J 163 8.71 -43.18 -4.65
N PRO J 164 8.40 -42.01 -4.13
CA PRO J 164 7.53 -41.08 -4.86
C PRO J 164 8.24 -40.53 -6.07
N ILE J 165 7.52 -40.48 -7.18
CA ILE J 165 8.08 -40.09 -8.45
C ILE J 165 7.85 -38.60 -8.65
N GLY J 166 8.92 -37.87 -8.88
CA GLY J 166 8.83 -36.44 -9.07
C GLY J 166 8.96 -36.04 -10.52
N GLU J 167 8.68 -34.76 -10.76
CA GLU J 167 8.77 -34.18 -12.08
C GLU J 167 9.07 -32.70 -11.97
N HIS J 168 9.70 -32.16 -13.00
CA HIS J 168 10.11 -30.78 -12.97
C HIS J 168 10.36 -30.32 -14.39
N TRP J 169 10.31 -29.01 -14.57
CA TRP J 169 10.82 -28.46 -15.81
C TRP J 169 12.34 -28.51 -15.79
N GLY J 170 12.92 -28.43 -16.98
CA GLY J 170 14.37 -28.45 -17.11
C GLY J 170 14.78 -28.24 -18.55
N LYS J 171 16.06 -27.94 -18.72
CA LYS J 171 16.60 -27.70 -20.04
C LYS J 171 17.12 -28.99 -20.65
N GLY J 172 16.82 -29.19 -21.93
CA GLY J 172 17.39 -30.24 -22.72
C GLY J 172 18.39 -29.73 -23.73
N SER J 173 18.66 -30.55 -24.74
CA SER J 173 19.58 -30.16 -25.79
C SER J 173 18.79 -29.69 -26.99
N PRO J 174 19.01 -28.48 -27.48
CA PRO J 174 18.29 -28.01 -28.66
C PRO J 174 18.66 -28.86 -29.85
N CYS J 175 17.66 -29.13 -30.70
CA CYS J 175 17.96 -29.75 -31.98
C CYS J 175 18.95 -28.91 -32.74
N THR J 176 19.83 -29.57 -33.50
CA THR J 176 20.90 -28.84 -34.15
C THR J 176 20.41 -28.44 -35.53
N ASN J 177 20.06 -27.16 -35.66
CA ASN J 177 19.93 -26.48 -36.93
C ASN J 177 20.64 -25.15 -36.75
N VAL J 178 20.07 -24.31 -35.89
CA VAL J 178 20.69 -23.05 -35.51
C VAL J 178 21.66 -23.30 -34.37
N ALA J 179 22.86 -22.78 -34.50
CA ALA J 179 23.81 -22.84 -33.41
C ALA J 179 23.40 -21.85 -32.32
N VAL J 180 23.38 -22.32 -31.08
CA VAL J 180 22.92 -21.47 -29.99
C VAL J 180 23.94 -20.38 -29.76
N ASN J 181 23.51 -19.15 -29.85
CA ASN J 181 24.31 -18.04 -29.36
C ASN J 181 23.95 -17.73 -27.91
N PRO J 182 24.87 -17.14 -27.16
CA PRO J 182 24.52 -16.68 -25.81
C PRO J 182 23.38 -15.67 -25.88
N GLY J 183 22.39 -15.88 -25.03
CA GLY J 183 21.20 -15.05 -25.04
C GLY J 183 19.98 -15.69 -25.66
N ASP J 184 20.12 -16.87 -26.24
CA ASP J 184 18.99 -17.55 -26.86
C ASP J 184 18.04 -18.11 -25.79
N CYS J 185 16.84 -18.42 -26.22
CA CYS J 185 15.87 -19.07 -25.34
C CYS J 185 16.16 -20.57 -25.27
N PRO J 186 16.59 -21.08 -24.14
CA PRO J 186 16.82 -22.49 -24.03
C PRO J 186 15.51 -23.24 -24.14
N PRO J 187 15.46 -24.29 -24.94
CA PRO J 187 14.25 -25.10 -25.01
C PRO J 187 14.02 -25.80 -23.69
N LEU J 188 12.78 -26.27 -23.50
CA LEU J 188 12.37 -26.81 -22.22
C LEU J 188 12.10 -28.30 -22.31
N GLU J 189 12.29 -28.99 -21.20
CA GLU J 189 12.13 -30.43 -21.16
C GLU J 189 11.38 -30.83 -19.90
N LEU J 190 10.48 -31.78 -20.05
CA LEU J 190 9.73 -32.33 -18.93
C LEU J 190 10.41 -33.60 -18.47
N ILE J 191 10.78 -33.66 -17.20
CA ILE J 191 11.67 -34.69 -16.70
C ILE J 191 11.11 -35.28 -15.42
N ASN J 192 10.95 -36.60 -15.41
CA ASN J 192 10.71 -37.32 -14.16
C ASN J 192 12.01 -37.56 -13.42
N THR J 193 11.91 -37.69 -12.11
CA THR J 193 13.04 -38.18 -11.33
C THR J 193 12.54 -38.74 -10.01
N VAL J 194 13.40 -39.51 -9.37
CA VAL J 194 13.15 -39.92 -8.00
C VAL J 194 13.24 -38.70 -7.10
N ILE J 195 12.47 -38.70 -6.02
CA ILE J 195 12.38 -37.57 -5.11
C ILE J 195 13.32 -37.80 -3.95
N GLN J 196 14.13 -36.80 -3.63
CA GLN J 196 15.08 -36.90 -2.55
C GLN J 196 14.75 -35.91 -1.45
N ASP J 197 15.23 -36.23 -0.25
CA ASP J 197 14.98 -35.35 0.87
C ASP J 197 15.70 -34.03 0.67
N GLY J 198 15.27 -33.02 1.42
CA GLY J 198 15.80 -31.69 1.28
C GLY J 198 15.33 -30.95 0.05
N ASP J 199 14.60 -31.61 -0.83
CA ASP J 199 14.07 -30.93 -2.00
C ASP J 199 12.91 -30.03 -1.63
N MET J 200 12.59 -29.11 -2.53
CA MET J 200 11.77 -27.96 -2.21
C MET J 200 10.38 -28.05 -2.83
N VAL J 201 9.37 -27.66 -2.04
CA VAL J 201 8.02 -27.49 -2.53
C VAL J 201 7.98 -26.38 -3.57
N ASP J 202 6.96 -26.42 -4.41
CA ASP J 202 6.66 -25.25 -5.20
C ASP J 202 6.34 -24.07 -4.30
N THR J 203 6.73 -22.89 -4.73
CA THR J 203 6.19 -21.67 -4.14
C THR J 203 5.02 -21.16 -4.95
N GLY J 204 4.62 -21.90 -5.96
CA GLY J 204 3.83 -21.32 -7.02
C GLY J 204 4.63 -20.85 -8.19
N PHE J 205 5.93 -21.10 -8.20
CA PHE J 205 6.73 -20.84 -9.38
C PHE J 205 7.01 -22.08 -10.21
N GLY J 206 6.48 -23.22 -9.82
CA GLY J 206 6.58 -24.38 -10.68
C GLY J 206 7.90 -25.10 -10.57
N ALA J 207 7.86 -26.40 -10.84
CA ALA J 207 9.02 -27.26 -10.67
C ALA J 207 9.94 -27.11 -11.86
N MET J 208 11.17 -26.67 -11.60
CA MET J 208 12.18 -26.48 -12.62
C MET J 208 13.51 -26.29 -11.93
N ASP J 209 14.57 -26.16 -12.72
CA ASP J 209 15.88 -25.85 -12.18
C ASP J 209 16.14 -24.37 -12.40
N PHE J 210 16.10 -23.62 -11.32
CA PHE J 210 16.54 -22.25 -11.40
C PHE J 210 18.02 -22.17 -11.71
N THR J 211 18.81 -23.02 -11.04
CA THR J 211 20.26 -22.94 -11.17
C THR J 211 20.69 -22.93 -12.62
N THR J 212 20.19 -23.88 -13.40
CA THR J 212 20.53 -23.85 -14.82
C THR J 212 19.74 -22.78 -15.56
N LEU J 213 18.42 -22.77 -15.39
CA LEU J 213 17.60 -21.93 -16.25
C LEU J 213 17.54 -20.48 -15.81
N GLN J 214 17.87 -20.17 -14.56
CA GLN J 214 17.94 -18.79 -14.11
C GLN J 214 19.39 -18.45 -13.85
N ALA J 215 19.96 -17.61 -14.71
CA ALA J 215 21.34 -17.20 -14.50
C ALA J 215 21.42 -16.13 -13.41
N ASN J 216 20.45 -15.23 -13.37
CA ASN J 216 20.48 -14.13 -12.41
C ASN J 216 20.71 -14.65 -11.01
N LYS J 217 20.04 -15.72 -10.64
CA LYS J 217 20.20 -16.33 -9.33
C LYS J 217 19.58 -15.42 -8.26
N SER J 218 19.21 -14.20 -8.61
CA SER J 218 18.51 -13.31 -7.68
C SER J 218 17.02 -13.24 -7.90
N GLU J 219 16.46 -14.02 -8.84
CA GLU J 219 15.08 -13.82 -9.24
C GLU J 219 14.07 -14.35 -8.23
N VAL J 220 14.49 -15.15 -7.27
CA VAL J 220 13.55 -15.72 -6.30
C VAL J 220 14.19 -15.67 -4.92
N PRO J 221 13.45 -15.83 -3.83
CA PRO J 221 14.09 -15.87 -2.52
C PRO J 221 15.00 -17.08 -2.37
N LEU J 222 15.90 -16.96 -1.39
CA LEU J 222 17.07 -17.83 -1.32
C LEU J 222 16.70 -19.30 -1.41
N ASP J 223 15.84 -19.75 -0.50
CA ASP J 223 15.72 -21.17 -0.19
C ASP J 223 15.61 -22.02 -1.44
N ILE J 224 14.89 -21.53 -2.45
CA ILE J 224 14.68 -22.30 -3.66
C ILE J 224 15.73 -22.03 -4.72
N CYS J 225 16.56 -21.00 -4.54
CA CYS J 225 17.45 -20.61 -5.63
C CYS J 225 18.40 -21.73 -5.99
N THR J 226 18.83 -22.51 -5.00
CA THR J 226 19.82 -23.53 -5.27
C THR J 226 19.26 -24.69 -6.06
N SER J 227 18.24 -25.33 -5.52
CA SER J 227 17.89 -26.66 -5.97
C SER J 227 16.72 -26.62 -6.94
N ILE J 228 16.21 -27.79 -7.28
CA ILE J 228 15.08 -27.93 -8.18
C ILE J 228 13.86 -28.24 -7.34
N CYS J 229 12.95 -27.28 -7.22
CA CYS J 229 11.66 -27.60 -6.65
C CYS J 229 10.99 -28.64 -7.52
N LYS J 230 10.22 -29.52 -6.90
CA LYS J 230 9.57 -30.58 -7.64
C LYS J 230 8.14 -30.72 -7.14
N TYR J 231 7.35 -31.47 -7.89
CA TYR J 231 5.95 -31.59 -7.58
C TYR J 231 5.48 -32.96 -8.02
N PRO J 232 4.56 -33.57 -7.28
CA PRO J 232 4.11 -34.91 -7.64
C PRO J 232 3.26 -34.89 -8.90
N ASP J 233 3.40 -35.91 -9.74
CA ASP J 233 2.49 -36.14 -10.85
C ASP J 233 1.57 -37.30 -10.52
N TYR J 234 0.33 -36.98 -10.19
CA TYR J 234 -0.61 -38.04 -9.86
C TYR J 234 -0.79 -38.97 -11.04
N ILE J 235 -0.78 -38.43 -12.25
CA ILE J 235 -1.00 -39.23 -13.43
C ILE J 235 0.01 -40.35 -13.50
N LYS J 236 1.26 -40.01 -13.82
CA LYS J 236 2.25 -41.03 -14.10
C LYS J 236 2.36 -42.01 -12.96
N MET J 237 2.37 -41.49 -11.74
CA MET J 237 2.43 -42.35 -10.58
C MET J 237 1.23 -43.29 -10.59
N VAL J 238 0.03 -42.76 -10.47
CA VAL J 238 -1.15 -43.62 -10.44
C VAL J 238 -1.18 -44.46 -11.71
N SER J 239 -0.53 -43.98 -12.75
CA SER J 239 -0.49 -44.77 -13.99
C SER J 239 0.27 -46.06 -13.84
N GLU J 240 1.00 -46.27 -12.76
CA GLU J 240 1.77 -47.49 -12.63
C GLU J 240 0.86 -48.70 -12.76
N PRO J 241 1.29 -49.74 -13.46
CA PRO J 241 0.41 -50.90 -13.63
C PRO J 241 0.13 -51.64 -12.35
N TYR J 242 1.11 -51.72 -11.46
CA TYR J 242 0.88 -52.34 -10.17
C TYR J 242 0.38 -51.36 -9.11
N GLY J 243 0.45 -50.07 -9.38
CA GLY J 243 0.10 -49.08 -8.39
C GLY J 243 1.03 -49.01 -7.21
N ASP J 244 2.04 -49.85 -7.15
CA ASP J 244 2.81 -49.97 -5.94
C ASP J 244 3.73 -48.79 -5.70
N SER J 245 3.78 -47.83 -6.61
CA SER J 245 4.44 -46.57 -6.27
C SER J 245 3.80 -46.02 -5.01
N LEU J 246 2.57 -45.54 -5.16
CA LEU J 246 1.76 -45.08 -4.05
C LEU J 246 0.41 -45.73 -4.16
N PHE J 247 -0.14 -46.17 -3.04
CA PHE J 247 -1.51 -46.65 -3.09
C PHE J 247 -2.52 -45.67 -2.53
N PHE J 248 -2.10 -44.47 -2.12
CA PHE J 248 -3.01 -43.64 -1.34
C PHE J 248 -2.40 -42.27 -1.12
N TYR J 249 -3.24 -41.29 -0.81
CA TYR J 249 -2.78 -39.91 -0.71
C TYR J 249 -3.92 -38.99 -0.32
N LEU J 250 -3.56 -37.78 0.08
CA LEU J 250 -4.47 -36.68 0.34
C LEU J 250 -3.73 -35.38 0.11
N ARG J 251 -4.46 -34.33 -0.26
CA ARG J 251 -3.81 -33.04 -0.43
C ARG J 251 -4.81 -31.91 -0.20
N ARG J 252 -4.31 -30.81 0.33
CA ARG J 252 -5.07 -29.57 0.43
C ARG J 252 -4.10 -28.44 0.23
N GLU J 253 -4.47 -27.46 -0.59
CA GLU J 253 -3.65 -26.27 -0.69
C GLU J 253 -4.47 -25.12 -1.26
N GLN J 254 -3.95 -23.92 -1.06
CA GLN J 254 -4.64 -22.70 -1.44
C GLN J 254 -3.62 -21.58 -1.61
N MET J 255 -4.01 -20.55 -2.35
CA MET J 255 -3.15 -19.40 -2.55
C MET J 255 -4.02 -18.23 -2.99
N PHE J 256 -3.48 -17.02 -2.87
CA PHE J 256 -4.09 -15.86 -3.50
C PHE J 256 -3.04 -14.79 -3.71
N VAL J 257 -3.40 -13.84 -4.53
CA VAL J 257 -2.48 -12.81 -4.98
C VAL J 257 -2.31 -11.75 -3.91
N ARG J 258 -1.17 -11.06 -3.95
CA ARG J 258 -0.95 -9.92 -3.07
C ARG J 258 -0.44 -8.70 -3.84
N HIS J 259 0.72 -8.82 -4.48
CA HIS J 259 1.31 -7.69 -5.19
C HIS J 259 1.64 -8.07 -6.63
N LEU J 260 1.96 -7.05 -7.42
CA LEU J 260 2.23 -7.18 -8.84
C LEU J 260 3.47 -6.37 -9.18
N PHE J 261 4.51 -7.01 -9.70
CA PHE J 261 5.79 -6.36 -9.92
C PHE J 261 6.25 -6.52 -11.37
N ASN J 262 7.43 -5.97 -11.65
CA ASN J 262 8.06 -6.04 -12.96
C ASN J 262 9.50 -6.49 -12.84
N ARG J 263 9.90 -7.38 -13.74
CA ARG J 263 11.31 -7.61 -13.94
C ARG J 263 11.94 -6.34 -14.48
N ALA J 264 13.25 -6.24 -14.31
CA ALA J 264 14.02 -5.16 -14.92
C ALA J 264 15.28 -5.76 -15.54
N GLY J 265 15.41 -5.63 -16.85
CA GLY J 265 16.57 -6.19 -17.51
C GLY J 265 16.42 -6.08 -19.02
N ALA J 266 17.39 -6.68 -19.71
CA ALA J 266 17.40 -6.62 -21.16
C ALA J 266 16.17 -7.31 -21.73
N VAL J 267 15.48 -6.61 -22.61
CA VAL J 267 14.26 -7.15 -23.21
C VAL J 267 14.63 -8.29 -24.15
N GLY J 268 14.05 -9.46 -23.92
CA GLY J 268 14.27 -10.56 -24.84
C GLY J 268 13.62 -10.32 -26.18
N GLU J 269 12.37 -9.87 -26.18
CA GLU J 269 11.66 -9.58 -27.41
C GLU J 269 10.69 -8.44 -27.16
N ASN J 270 10.50 -7.62 -28.17
CA ASN J 270 9.54 -6.52 -28.10
C ASN J 270 8.25 -6.89 -28.82
N VAL J 271 7.15 -6.45 -28.25
CA VAL J 271 5.85 -6.75 -28.86
C VAL J 271 5.79 -6.11 -30.23
N PRO J 272 5.24 -6.77 -31.25
CA PRO J 272 5.02 -6.09 -32.53
C PRO J 272 4.18 -4.85 -32.32
N ASP J 273 4.61 -3.75 -32.96
CA ASP J 273 4.00 -2.46 -32.74
C ASP J 273 2.48 -2.51 -32.93
N ASP J 274 2.03 -3.25 -33.95
CA ASP J 274 0.64 -3.22 -34.36
C ASP J 274 -0.32 -3.52 -33.22
N LEU J 275 0.18 -4.09 -32.14
CA LEU J 275 -0.62 -4.37 -30.96
C LEU J 275 -0.76 -3.16 -30.06
N TYR J 276 -0.22 -2.02 -30.44
CA TYR J 276 -0.41 -0.79 -29.69
C TYR J 276 -0.10 0.37 -30.60
N ILE J 277 0.00 1.57 -30.03
CA ILE J 277 0.25 2.77 -30.80
C ILE J 277 1.47 3.48 -30.20
N LYS J 278 2.28 4.07 -31.08
CA LYS J 278 3.51 4.73 -30.64
C LYS J 278 3.22 5.82 -29.62
N GLY J 279 4.09 5.91 -28.62
CA GLY J 279 4.01 6.94 -27.61
C GLY J 279 4.88 8.12 -27.99
N SER J 280 5.28 8.88 -26.97
CA SER J 280 6.13 10.05 -27.14
C SER J 280 6.42 10.64 -25.77
N GLY J 281 7.46 11.46 -25.72
CA GLY J 281 7.82 12.10 -24.47
C GLY J 281 8.09 11.05 -23.40
N SER J 282 7.35 11.18 -22.30
CA SER J 282 7.37 10.12 -21.30
C SER J 282 7.08 8.76 -21.94
N THR J 283 6.23 8.74 -22.93
CA THR J 283 5.82 7.51 -23.57
C THR J 283 6.69 7.14 -24.76
N ALA J 284 7.79 7.87 -24.95
CA ALA J 284 8.70 7.53 -26.04
C ALA J 284 9.13 6.08 -25.99
N ASN J 285 9.41 5.56 -24.80
CA ASN J 285 9.93 4.22 -24.66
C ASN J 285 8.94 3.33 -23.92
N LEU J 286 9.05 2.04 -24.16
CA LEU J 286 8.19 1.05 -23.55
C LEU J 286 8.84 0.50 -22.30
N ALA J 287 8.12 0.52 -21.20
CA ALA J 287 8.58 -0.13 -19.98
C ALA J 287 8.59 -1.65 -20.19
N SER J 288 9.32 -2.33 -19.32
CA SER J 288 9.44 -3.78 -19.44
C SER J 288 8.07 -4.43 -19.46
N SER J 289 7.93 -5.49 -20.24
CA SER J 289 6.66 -6.18 -20.38
C SER J 289 6.38 -7.12 -19.22
N ASN J 290 7.40 -7.54 -18.50
CA ASN J 290 7.24 -8.66 -17.59
C ASN J 290 6.34 -8.32 -16.41
N TYR J 291 5.79 -9.36 -15.82
CA TYR J 291 5.05 -9.27 -14.58
C TYR J 291 5.18 -10.60 -13.87
N PHE J 292 5.19 -10.57 -12.54
CA PHE J 292 4.98 -11.82 -11.83
C PHE J 292 4.24 -11.52 -10.54
N PRO J 293 3.36 -12.41 -10.13
CA PRO J 293 2.63 -12.20 -8.88
C PRO J 293 3.51 -12.45 -7.68
N THR J 294 3.03 -11.99 -6.53
CA THR J 294 3.62 -12.35 -5.25
C THR J 294 2.63 -13.24 -4.51
N PRO J 295 2.91 -14.53 -4.38
CA PRO J 295 1.94 -15.41 -3.73
C PRO J 295 1.76 -15.01 -2.28
N SER J 296 0.54 -15.23 -1.78
CA SER J 296 0.22 -14.85 -0.42
C SER J 296 -0.55 -15.97 0.26
N GLY J 297 0.03 -16.52 1.33
CA GLY J 297 -0.67 -17.49 2.13
C GLY J 297 -1.90 -16.90 2.78
N SER J 298 -2.84 -17.76 3.11
CA SER J 298 -4.10 -17.32 3.68
C SER J 298 -4.18 -17.68 5.15
N MET J 299 -5.33 -17.34 5.73
CA MET J 299 -5.62 -17.69 7.10
C MET J 299 -5.55 -19.20 7.28
N VAL J 300 -4.76 -19.63 8.24
CA VAL J 300 -4.63 -21.03 8.59
C VAL J 300 -5.67 -21.36 9.64
N THR J 301 -6.26 -22.54 9.56
CA THR J 301 -7.21 -22.97 10.58
C THR J 301 -6.77 -24.27 11.19
N SER J 302 -7.29 -24.54 12.37
CA SER J 302 -7.06 -25.84 12.96
C SER J 302 -7.83 -26.92 12.23
N ASP J 303 -8.85 -26.55 11.46
CA ASP J 303 -9.68 -27.55 10.82
C ASP J 303 -8.95 -28.24 9.67
N ALA J 304 -8.46 -27.45 8.72
CA ALA J 304 -7.88 -28.03 7.51
C ALA J 304 -6.65 -28.85 7.81
N GLN J 305 -6.14 -28.81 9.03
CA GLN J 305 -5.14 -29.76 9.43
C GLN J 305 -5.63 -31.16 9.11
N ILE J 306 -4.81 -31.91 8.39
CA ILE J 306 -5.13 -33.26 8.00
C ILE J 306 -4.46 -34.28 8.90
N PHE J 307 -3.80 -33.84 9.95
CA PHE J 307 -2.98 -34.74 10.73
C PHE J 307 -3.57 -34.96 12.11
N ASN J 308 -2.84 -35.71 12.92
CA ASN J 308 -3.28 -36.06 14.25
C ASN J 308 -4.64 -36.73 14.23
N LYS J 309 -4.97 -37.37 13.11
CA LYS J 309 -6.21 -38.06 13.03
C LYS J 309 -5.98 -39.37 12.31
N PRO J 310 -6.61 -40.44 12.79
CA PRO J 310 -6.32 -41.76 12.23
C PRO J 310 -6.74 -41.85 10.78
N TYR J 311 -6.22 -42.86 10.10
CA TYR J 311 -6.68 -43.24 8.78
C TYR J 311 -6.95 -44.72 8.75
N TRP J 312 -7.79 -45.10 7.79
CA TRP J 312 -8.21 -46.47 7.65
C TRP J 312 -8.30 -46.79 6.17
N LEU J 313 -7.55 -47.80 5.75
CA LEU J 313 -7.51 -48.19 4.35
C LEU J 313 -8.13 -49.55 4.19
N GLN J 314 -8.92 -49.69 3.14
CA GLN J 314 -9.32 -51.03 2.75
C GLN J 314 -8.98 -51.20 1.28
N ARG J 315 -9.55 -50.38 0.42
CA ARG J 315 -9.31 -50.48 -1.01
C ARG J 315 -8.58 -49.25 -1.50
N ALA J 316 -7.61 -49.46 -2.37
CA ALA J 316 -6.83 -48.39 -2.97
C ALA J 316 -6.92 -48.51 -4.47
N GLN J 317 -6.54 -47.43 -5.16
CA GLN J 317 -6.66 -47.42 -6.61
C GLN J 317 -5.81 -48.48 -7.27
N GLY J 318 -4.67 -48.81 -6.67
CA GLY J 318 -3.82 -49.84 -7.21
C GLY J 318 -4.24 -51.22 -6.75
N HIS J 319 -3.60 -52.23 -7.32
CA HIS J 319 -3.97 -53.59 -6.97
C HIS J 319 -3.36 -54.04 -5.66
N ASN J 320 -2.21 -53.49 -5.29
CA ASN J 320 -1.75 -53.72 -3.93
C ASN J 320 -2.84 -53.33 -2.98
N ASN J 321 -3.11 -54.18 -2.02
CA ASN J 321 -3.87 -53.78 -0.86
C ASN J 321 -2.88 -53.88 0.28
N GLY J 322 -2.33 -52.73 0.67
CA GLY J 322 -1.42 -52.66 1.80
C GLY J 322 -0.28 -53.66 1.85
N ILE J 323 0.13 -54.21 0.72
CA ILE J 323 1.26 -55.12 0.71
C ILE J 323 2.52 -54.29 0.67
N CYS J 324 3.45 -54.58 1.55
CA CYS J 324 4.76 -53.94 1.49
C CYS J 324 5.81 -54.99 1.22
N TRP J 325 6.32 -54.99 0.00
CA TRP J 325 7.28 -56.01 -0.36
C TRP J 325 8.64 -55.68 0.24
N GLY J 326 9.44 -56.71 0.41
CA GLY J 326 10.78 -56.53 0.91
C GLY J 326 10.87 -55.84 2.24
N ASN J 327 9.87 -56.05 3.09
CA ASN J 327 9.90 -55.51 4.45
C ASN J 327 10.07 -54.00 4.46
N GLN J 328 9.72 -53.33 3.37
CA GLN J 328 10.05 -51.94 3.17
C GLN J 328 8.78 -51.14 2.96
N LEU J 329 8.80 -49.87 3.40
CA LEU J 329 7.63 -49.03 3.30
C LEU J 329 8.06 -47.57 3.26
N PHE J 330 7.32 -46.76 2.51
CA PHE J 330 7.70 -45.37 2.28
C PHE J 330 6.59 -44.42 2.73
N VAL J 331 6.99 -43.35 3.40
CA VAL J 331 6.07 -42.29 3.76
C VAL J 331 6.75 -40.97 3.47
N THR J 332 6.01 -40.05 2.87
CA THR J 332 6.52 -38.73 2.56
C THR J 332 5.44 -37.72 2.85
N VAL J 333 5.76 -36.73 3.65
CA VAL J 333 4.79 -35.79 4.16
C VAL J 333 5.44 -34.42 4.22
N VAL J 334 4.69 -33.39 3.88
CA VAL J 334 5.20 -32.02 3.92
C VAL J 334 4.13 -31.11 4.44
N ASP J 335 4.48 -30.28 5.41
CA ASP J 335 3.56 -29.29 5.95
C ASP J 335 4.17 -27.91 5.83
N THR J 336 3.31 -26.93 5.61
CA THR J 336 3.69 -25.54 5.68
C THR J 336 3.29 -24.86 6.98
N THR J 337 2.53 -25.53 7.83
CA THR J 337 1.86 -24.80 8.89
C THR J 337 2.77 -24.48 10.06
N ARG J 338 3.83 -25.25 10.25
CA ARG J 338 4.71 -25.10 11.41
C ARG J 338 5.92 -24.25 11.11
N SER J 339 5.93 -23.57 9.98
CA SER J 339 7.10 -22.92 9.43
C SER J 339 7.69 -21.83 10.35
N THR J 340 7.04 -21.57 11.47
CA THR J 340 7.46 -20.47 12.34
C THR J 340 8.95 -20.52 12.61
N ASN J 341 9.60 -19.38 12.48
CA ASN J 341 11.03 -19.27 12.73
C ASN J 341 11.24 -18.41 13.96
N MET J 342 11.70 -19.02 15.04
CA MET J 342 12.07 -18.26 16.21
C MET J 342 13.43 -17.62 16.01
N SER J 343 13.58 -16.43 16.56
CA SER J 343 14.81 -15.66 16.42
C SER J 343 15.27 -15.23 17.80
N LEU J 344 16.54 -15.49 18.12
CA LEU J 344 17.07 -15.13 19.41
C LEU J 344 18.35 -14.33 19.24
N CYS J 345 18.76 -13.69 20.33
CA CYS J 345 19.90 -12.80 20.33
C CYS J 345 20.81 -13.13 21.50
N ALA J 346 22.11 -13.16 21.23
CA ALA J 346 23.12 -13.30 22.26
C ALA J 346 23.87 -12.00 22.42
N ALA J 347 24.31 -11.73 23.65
CA ALA J 347 25.02 -10.50 23.96
C ALA J 347 26.50 -10.80 24.11
N ILE J 348 27.33 -10.11 23.34
CA ILE J 348 28.76 -10.32 23.50
C ILE J 348 29.29 -9.52 24.67
N SER J 349 28.68 -8.39 25.00
CA SER J 349 29.09 -7.59 26.14
C SER J 349 27.88 -7.35 27.02
N THR J 350 27.91 -7.90 28.23
CA THR J 350 26.77 -7.84 29.12
C THR J 350 26.79 -6.63 30.04
N SER J 351 27.85 -5.81 29.98
CA SER J 351 28.04 -4.76 30.97
C SER J 351 27.32 -3.47 30.60
N GLU J 352 27.72 -2.86 29.49
CA GLU J 352 27.26 -1.52 29.16
C GLU J 352 25.75 -1.41 29.22
N THR J 353 25.27 -0.31 29.79
CA THR J 353 23.85 -0.09 29.98
C THR J 353 23.23 0.77 28.90
N THR J 354 23.98 1.18 27.89
CA THR J 354 23.44 1.95 26.79
C THR J 354 23.23 1.04 25.60
N TYR J 355 21.99 0.99 25.11
CA TYR J 355 21.67 0.07 24.04
C TYR J 355 22.42 0.43 22.77
N LYS J 356 22.95 -0.59 22.11
CA LYS J 356 23.66 -0.43 20.85
C LYS J 356 23.37 -1.61 19.96
N ASN J 357 23.27 -1.34 18.65
CA ASN J 357 23.14 -2.44 17.72
C ASN J 357 24.41 -3.25 17.59
N THR J 358 25.50 -2.79 18.20
CA THR J 358 26.76 -3.50 18.08
C THR J 358 26.79 -4.77 18.90
N ASN J 359 26.11 -4.78 20.04
CA ASN J 359 26.37 -5.82 21.03
C ASN J 359 25.75 -7.15 20.68
N PHE J 360 24.81 -7.22 19.75
CA PHE J 360 23.95 -8.39 19.62
C PHE J 360 24.13 -9.04 18.27
N LYS J 361 24.68 -10.25 18.27
CA LYS J 361 24.59 -11.12 17.11
C LYS J 361 23.20 -11.76 17.05
N GLU J 362 22.83 -12.22 15.86
CA GLU J 362 21.55 -12.84 15.62
C GLU J 362 21.72 -14.17 14.93
N TYR J 363 20.90 -15.14 15.33
CA TYR J 363 20.90 -16.45 14.71
C TYR J 363 19.47 -16.87 14.45
N LEU J 364 19.31 -17.90 13.61
CA LEU J 364 18.00 -18.36 13.18
C LEU J 364 17.97 -19.88 13.23
N ARG J 365 17.05 -20.42 14.01
CA ARG J 365 16.89 -21.85 14.10
C ARG J 365 15.41 -22.19 14.00
N HIS J 366 15.12 -23.36 13.43
CA HIS J 366 13.75 -23.74 13.15
C HIS J 366 13.46 -25.13 13.65
N GLY J 367 12.28 -25.30 14.22
CA GLY J 367 11.95 -26.54 14.89
C GLY J 367 11.25 -27.52 13.99
N GLU J 368 11.41 -28.80 14.31
CA GLU J 368 10.80 -29.88 13.55
C GLU J 368 10.39 -31.00 14.49
N GLU J 369 9.18 -31.50 14.31
CA GLU J 369 8.63 -32.51 15.19
C GLU J 369 7.84 -33.51 14.36
N TYR J 370 8.23 -34.77 14.41
CA TYR J 370 7.48 -35.80 13.72
C TYR J 370 7.24 -36.97 14.66
N ASP J 371 6.20 -37.74 14.35
CA ASP J 371 6.04 -39.05 14.94
C ASP J 371 5.32 -39.98 13.99
N LEU J 372 5.62 -41.25 14.09
CA LEU J 372 5.04 -42.27 13.24
C LEU J 372 4.53 -43.41 14.09
N GLN J 373 3.32 -43.87 13.77
CA GLN J 373 2.76 -45.05 14.39
C GLN J 373 2.02 -45.83 13.31
N PHE J 374 2.38 -47.09 13.12
CA PHE J 374 1.86 -47.86 12.00
C PHE J 374 1.20 -49.14 12.47
N ILE J 375 -0.09 -49.28 12.18
CA ILE J 375 -0.74 -50.57 12.30
C ILE J 375 -0.10 -51.53 11.31
N PHE J 376 -0.22 -52.83 11.58
CA PHE J 376 0.11 -53.79 10.54
C PHE J 376 -0.73 -55.05 10.68
N GLN J 377 -0.89 -55.72 9.55
CA GLN J 377 -1.60 -56.98 9.44
C GLN J 377 -0.66 -58.02 8.87
N LEU J 378 -1.00 -59.28 9.11
CA LEU J 378 -0.12 -60.41 8.85
C LEU J 378 -0.73 -61.30 7.78
N CYS J 379 0.09 -61.75 6.85
CA CYS J 379 -0.45 -62.45 5.69
C CYS J 379 0.53 -63.48 5.14
N LYS J 380 -0.05 -64.52 4.54
CA LYS J 380 0.64 -65.69 4.03
C LYS J 380 0.40 -65.82 2.54
N ILE J 381 1.25 -66.60 1.87
CA ILE J 381 1.14 -66.79 0.42
C ILE J 381 1.34 -68.26 0.09
N THR J 382 0.38 -68.83 -0.63
CA THR J 382 0.57 -70.14 -1.22
C THR J 382 1.38 -70.01 -2.49
N LEU J 383 2.09 -71.08 -2.85
CA LEU J 383 2.88 -71.09 -4.07
C LEU J 383 2.43 -72.18 -5.03
N THR J 384 2.31 -71.81 -6.29
CA THR J 384 2.40 -72.72 -7.42
C THR J 384 3.32 -72.09 -8.44
N ALA J 385 3.45 -72.76 -9.58
CA ALA J 385 4.21 -72.15 -10.67
C ALA J 385 3.61 -70.81 -11.06
N ASP J 386 2.31 -70.81 -11.35
CA ASP J 386 1.62 -69.58 -11.71
C ASP J 386 1.96 -68.48 -10.71
N VAL J 387 1.80 -68.79 -9.43
CA VAL J 387 2.26 -67.91 -8.38
C VAL J 387 3.67 -67.49 -8.72
N MET J 388 4.60 -68.43 -8.60
CA MET J 388 6.02 -68.10 -8.73
C MET J 388 6.27 -67.27 -9.98
N THR J 389 5.74 -67.72 -11.10
CA THR J 389 5.90 -66.97 -12.33
C THR J 389 5.46 -65.53 -12.14
N TYR J 390 4.23 -65.36 -11.71
CA TYR J 390 3.62 -64.03 -11.70
C TYR J 390 4.45 -63.06 -10.88
N ILE J 391 4.94 -63.50 -9.73
CA ILE J 391 5.84 -62.66 -8.96
C ILE J 391 7.08 -62.35 -9.78
N HIS J 392 7.76 -63.41 -10.21
CA HIS J 392 9.06 -63.25 -10.85
C HIS J 392 8.98 -62.24 -11.97
N SER J 393 7.84 -62.21 -12.65
CA SER J 393 7.59 -61.13 -13.58
C SER J 393 7.65 -59.79 -12.89
N MET J 394 6.87 -59.62 -11.82
CA MET J 394 6.70 -58.32 -11.22
C MET J 394 8.04 -57.72 -10.80
N ASN J 395 8.62 -58.23 -9.73
CA ASN J 395 9.98 -57.92 -9.37
C ASN J 395 10.65 -59.19 -8.88
N SER J 396 11.67 -59.65 -9.61
CA SER J 396 12.29 -60.90 -9.25
C SER J 396 13.24 -60.75 -8.07
N THR J 397 13.80 -59.56 -7.87
CA THR J 397 14.69 -59.34 -6.74
C THR J 397 14.02 -59.74 -5.44
N ILE J 398 12.70 -59.62 -5.37
CA ILE J 398 11.97 -60.02 -4.17
C ILE J 398 12.26 -61.45 -3.80
N LEU J 399 12.41 -62.31 -4.81
CA LEU J 399 12.62 -63.74 -4.53
C LEU J 399 13.92 -63.97 -3.79
N GLU J 400 14.93 -63.14 -4.02
CA GLU J 400 16.22 -63.35 -3.38
C GLU J 400 16.08 -63.42 -1.87
N ASP J 401 15.48 -62.40 -1.28
CA ASP J 401 15.38 -62.37 0.18
C ASP J 401 14.50 -63.48 0.72
N TRP J 402 13.82 -64.23 -0.12
CA TRP J 402 13.15 -65.42 0.35
C TRP J 402 13.99 -66.64 0.06
N ASN J 403 13.51 -67.77 0.53
CA ASN J 403 14.26 -68.99 0.45
C ASN J 403 13.84 -69.90 -0.68
N PHE J 404 12.80 -69.55 -1.45
CA PHE J 404 12.32 -70.52 -2.43
C PHE J 404 13.31 -70.70 -3.54
N GLY J 405 13.92 -69.62 -4.01
CA GLY J 405 14.63 -69.64 -5.26
C GLY J 405 15.85 -70.53 -5.17
N LEU J 406 15.88 -71.60 -5.98
CA LEU J 406 17.02 -72.50 -6.15
C LEU J 406 17.16 -72.78 -7.64
N GLN J 407 18.21 -72.37 -8.35
CA GLN J 407 19.57 -71.91 -7.96
C GLN J 407 20.49 -72.91 -7.27
N PRO J 408 20.86 -73.97 -7.99
CA PRO J 408 21.99 -74.80 -7.57
C PRO J 408 23.32 -74.13 -7.86
N PRO J 409 24.29 -74.21 -6.97
CA PRO J 409 25.63 -73.66 -7.28
C PRO J 409 26.60 -74.70 -7.82
N PRO J 410 27.73 -74.21 -8.37
CA PRO J 410 28.93 -75.00 -8.72
C PRO J 410 30.02 -75.12 -7.64
N GLY J 411 31.27 -75.18 -8.11
CA GLY J 411 32.48 -75.15 -7.28
C GLY J 411 33.26 -76.38 -6.85
N GLY J 412 33.76 -77.13 -7.83
CA GLY J 412 34.61 -78.29 -7.61
C GLY J 412 35.92 -78.19 -6.84
N THR J 413 36.89 -77.39 -7.27
CA THR J 413 38.21 -77.43 -6.65
C THR J 413 38.78 -76.04 -6.44
N LEU J 414 39.69 -75.94 -5.48
CA LEU J 414 40.40 -74.71 -5.15
C LEU J 414 41.87 -75.04 -4.88
N GLU J 415 42.70 -74.00 -4.81
CA GLU J 415 44.11 -74.18 -4.50
C GLU J 415 44.57 -73.11 -3.52
N ASP J 416 44.99 -73.52 -2.33
CA ASP J 416 45.26 -72.55 -1.27
C ASP J 416 46.72 -72.19 -1.05
N THR J 417 47.67 -72.99 -1.52
CA THR J 417 49.06 -72.52 -1.65
C THR J 417 49.69 -72.05 -0.34
N TYR J 418 48.97 -72.11 0.77
CA TYR J 418 49.33 -71.41 2.02
C TYR J 418 50.77 -71.54 2.48
N ARG J 419 51.36 -70.46 2.97
CA ARG J 419 50.64 -69.22 3.21
C ARG J 419 51.18 -68.06 2.39
N PHE J 420 50.40 -66.99 2.23
CA PHE J 420 50.70 -65.98 1.22
C PHE J 420 51.71 -64.96 1.68
N VAL J 421 51.58 -64.49 2.91
CA VAL J 421 52.54 -63.53 3.43
C VAL J 421 53.95 -64.11 3.38
N THR J 422 54.06 -65.41 3.13
CA THR J 422 55.34 -66.09 3.05
C THR J 422 56.22 -65.58 1.92
N SER J 423 55.75 -64.67 1.07
CA SER J 423 56.60 -63.85 0.21
C SER J 423 57.28 -64.61 -0.93
N GLN J 424 57.15 -65.93 -1.02
CA GLN J 424 57.25 -66.59 -2.31
C GLN J 424 55.95 -66.32 -3.03
N ALA J 425 56.00 -65.95 -4.31
CA ALA J 425 54.80 -65.33 -4.83
C ALA J 425 53.92 -66.41 -5.42
N ILE J 426 52.92 -66.77 -4.64
CA ILE J 426 51.63 -67.16 -5.16
C ILE J 426 50.83 -65.90 -5.46
N ALA J 427 49.79 -66.05 -6.28
CA ALA J 427 49.01 -64.93 -6.77
C ALA J 427 48.57 -64.03 -5.64
N CYS J 428 48.51 -62.77 -5.99
CA CYS J 428 47.97 -61.62 -5.27
C CYS J 428 46.44 -61.60 -5.35
N GLN J 429 45.78 -61.04 -4.32
CA GLN J 429 44.53 -61.68 -3.81
C GLN J 429 43.25 -60.94 -3.34
N LYS J 430 42.45 -61.62 -2.50
CA LYS J 430 40.98 -61.73 -2.62
C LYS J 430 40.18 -60.50 -3.02
N HIS J 431 39.41 -60.70 -4.09
CA HIS J 431 38.69 -59.66 -4.80
C HIS J 431 37.17 -59.70 -4.66
N THR J 432 36.60 -60.49 -3.76
CA THR J 432 35.14 -60.50 -3.83
C THR J 432 34.45 -59.89 -2.61
N PRO J 433 34.50 -58.57 -2.44
CA PRO J 433 33.54 -57.89 -1.57
C PRO J 433 32.18 -57.65 -2.20
N PRO J 434 32.02 -57.64 -3.53
CA PRO J 434 31.08 -56.68 -4.14
C PRO J 434 29.63 -56.72 -3.66
N ALA J 435 29.16 -57.74 -2.95
CA ALA J 435 27.72 -57.90 -2.71
C ALA J 435 27.33 -58.01 -1.24
N PRO J 436 27.69 -57.04 -0.40
CA PRO J 436 26.75 -56.59 0.62
C PRO J 436 25.68 -55.70 0.04
N LYS J 437 25.91 -55.16 -1.15
CA LYS J 437 25.00 -54.19 -1.75
C LYS J 437 23.61 -54.77 -1.81
N GLU J 438 22.66 -54.07 -1.20
CA GLU J 438 21.27 -54.50 -1.19
C GLU J 438 20.38 -53.44 -1.80
N ASP J 439 20.34 -52.24 -1.25
CA ASP J 439 19.61 -51.16 -1.85
C ASP J 439 20.36 -50.65 -3.07
N PRO J 440 19.85 -50.83 -4.29
CA PRO J 440 20.46 -50.16 -5.44
C PRO J 440 20.25 -48.67 -5.44
N LEU J 441 19.31 -48.17 -4.64
CA LEU J 441 19.04 -46.74 -4.55
C LEU J 441 19.91 -46.06 -3.51
N LYS J 442 20.87 -46.79 -2.94
CA LYS J 442 21.80 -46.21 -1.99
C LYS J 442 22.42 -44.93 -2.51
N LYS J 443 22.50 -44.76 -3.82
CA LYS J 443 22.85 -43.46 -4.37
C LYS J 443 21.94 -42.36 -3.86
N TYR J 444 20.67 -42.67 -3.64
CA TYR J 444 19.68 -41.65 -3.31
C TYR J 444 19.59 -41.52 -1.80
N THR J 445 20.06 -40.40 -1.29
CA THR J 445 20.10 -40.17 0.15
C THR J 445 18.75 -39.66 0.63
N PHE J 446 18.41 -40.05 1.86
CA PHE J 446 17.27 -39.44 2.53
C PHE J 446 17.13 -40.00 3.94
N TRP J 447 16.32 -39.30 4.73
CA TRP J 447 16.18 -39.52 6.16
C TRP J 447 15.79 -40.95 6.46
N GLU J 448 16.26 -41.45 7.58
CA GLU J 448 16.14 -42.87 7.89
C GLU J 448 15.73 -43.07 9.33
N VAL J 449 14.96 -44.11 9.56
CA VAL J 449 14.59 -44.55 10.90
C VAL J 449 14.53 -46.07 10.88
N ASN J 450 14.97 -46.69 11.95
CA ASN J 450 14.86 -48.13 12.09
C ASN J 450 13.85 -48.47 13.16
N LEU J 451 12.87 -49.28 12.81
CA LEU J 451 11.91 -49.76 13.77
C LEU J 451 12.22 -51.14 14.31
N LYS J 452 13.24 -51.82 13.78
CA LYS J 452 13.27 -53.27 13.83
C LYS J 452 12.89 -53.80 15.19
N GLU J 453 13.26 -53.08 16.24
CA GLU J 453 13.18 -53.63 17.58
C GLU J 453 11.84 -53.45 18.24
N LYS J 454 10.95 -52.62 17.71
CA LYS J 454 9.96 -52.02 18.57
C LYS J 454 8.62 -52.73 18.63
N PHE J 455 8.43 -53.82 17.89
CA PHE J 455 7.10 -54.38 17.81
C PHE J 455 6.56 -54.81 19.17
N SER J 456 5.24 -54.76 19.30
CA SER J 456 4.55 -55.39 20.41
C SER J 456 3.29 -56.07 19.89
N ALA J 457 2.81 -57.01 20.67
CA ALA J 457 1.74 -57.90 20.23
C ALA J 457 0.38 -57.48 20.74
N ASP J 458 0.27 -56.43 21.51
CA ASP J 458 -1.01 -56.12 22.13
C ASP J 458 -1.36 -54.65 21.93
N LEU J 459 -2.47 -54.42 21.24
CA LEU J 459 -2.88 -53.05 20.97
C LEU J 459 -3.17 -52.29 22.23
N ASP J 460 -3.84 -52.95 23.17
CA ASP J 460 -4.44 -52.27 24.31
C ASP J 460 -3.48 -51.29 24.96
N GLN J 461 -2.21 -51.61 24.97
CA GLN J 461 -1.29 -50.76 25.69
C GLN J 461 -0.91 -49.50 24.94
N PHE J 462 -1.44 -49.27 23.75
CA PHE J 462 -1.01 -48.06 23.05
C PHE J 462 -2.15 -47.09 22.87
N PRO J 463 -1.86 -45.81 22.74
CA PRO J 463 -2.94 -44.85 22.48
C PRO J 463 -3.65 -45.15 21.19
N LEU J 464 -2.89 -45.34 20.12
CA LEU J 464 -3.49 -45.42 18.80
C LEU J 464 -4.40 -46.63 18.70
N GLY J 465 -3.84 -47.80 18.96
CA GLY J 465 -4.52 -49.03 18.60
C GLY J 465 -5.94 -49.12 19.11
N ARG J 466 -6.16 -48.77 20.37
CA ARG J 466 -7.45 -49.07 20.96
C ARG J 466 -8.57 -48.52 20.10
N LYS J 467 -8.30 -47.45 19.36
CA LYS J 467 -9.25 -47.02 18.36
C LYS J 467 -9.48 -48.12 17.33
N PHE J 468 -8.40 -48.74 16.84
CA PHE J 468 -8.55 -49.87 15.92
C PHE J 468 -9.52 -50.87 16.50
N LEU J 469 -9.41 -51.14 17.79
CA LEU J 469 -10.44 -51.93 18.44
C LEU J 469 -11.78 -51.26 18.30
N LEU J 470 -11.88 -50.02 18.77
CA LEU J 470 -13.16 -49.33 18.80
C LEU J 470 -13.84 -49.36 17.44
N GLN J 471 -13.06 -49.18 16.39
CA GLN J 471 -13.62 -49.21 15.05
C GLN J 471 -14.28 -50.55 14.77
N ALA J 472 -13.61 -51.64 15.14
CA ALA J 472 -14.20 -52.96 15.03
C ALA J 472 -14.81 -53.45 16.34
N GLY J 473 -14.78 -52.64 17.39
CA GLY J 473 -15.33 -53.09 18.65
C GLY J 473 -14.52 -54.23 19.26
N LEU J 474 -15.19 -55.37 19.46
CA LEU J 474 -14.58 -56.62 19.92
C LEU J 474 -13.91 -56.51 21.28
N LYS J 475 -14.74 -56.49 22.34
CA LYS J 475 -14.50 -57.14 23.64
C LYS J 475 -13.62 -56.43 24.66
N ALA J 476 -12.69 -55.56 24.24
CA ALA J 476 -11.76 -54.95 25.18
C ALA J 476 -10.93 -56.00 25.92
N LYS J 477 -11.36 -57.26 25.80
CA LYS J 477 -10.86 -58.53 26.32
C LYS J 477 -11.03 -58.61 27.83
N PRO J 478 -11.25 -59.81 28.37
CA PRO J 478 -11.95 -59.96 29.64
C PRO J 478 -11.10 -59.46 30.80
N LYS J 479 -11.76 -59.31 31.96
CA LYS J 479 -11.21 -59.20 33.34
C LYS J 479 -12.29 -58.68 34.28
N TYR K 12 11.12 -65.08 20.29
CA TYR K 12 11.08 -64.17 21.43
C TYR K 12 9.68 -63.62 21.67
N LEU K 13 9.10 -63.95 22.82
CA LEU K 13 7.82 -63.40 23.22
C LEU K 13 7.83 -61.95 23.77
N PRO K 14 8.80 -61.60 24.63
CA PRO K 14 9.64 -62.49 25.46
C PRO K 14 9.06 -63.11 26.78
N PRO K 15 8.73 -62.35 27.90
CA PRO K 15 7.89 -62.98 28.94
C PRO K 15 6.45 -62.56 29.00
N VAL K 16 5.72 -63.11 29.97
CA VAL K 16 4.34 -62.74 30.26
C VAL K 16 4.15 -61.38 30.96
N PRO K 17 4.62 -61.18 32.19
CA PRO K 17 3.95 -60.19 33.06
C PRO K 17 4.22 -58.75 32.67
N VAL K 18 3.17 -57.94 32.73
CA VAL K 18 3.18 -56.51 32.48
C VAL K 18 2.37 -55.66 33.51
N SER K 19 1.18 -55.95 33.99
CA SER K 19 0.31 -57.05 33.75
C SER K 19 -0.56 -56.60 32.63
N LYS K 20 -0.11 -55.55 31.95
CA LYS K 20 -0.86 -54.92 30.88
C LYS K 20 -2.06 -54.14 31.39
N VAL K 21 -1.82 -52.86 31.68
CA VAL K 21 -2.80 -51.94 32.21
C VAL K 21 -4.13 -52.13 31.50
N VAL K 22 -5.21 -52.01 32.24
CA VAL K 22 -6.52 -52.47 31.82
C VAL K 22 -7.45 -51.30 31.74
N SER K 23 -8.59 -51.52 31.11
CA SER K 23 -9.62 -50.49 31.11
C SER K 23 -10.22 -50.37 32.50
N THR K 24 -10.16 -49.18 33.06
CA THR K 24 -10.67 -48.95 34.41
C THR K 24 -12.10 -49.44 34.54
N ASP K 25 -12.86 -49.37 33.46
CA ASP K 25 -14.24 -49.78 33.53
C ASP K 25 -14.41 -51.25 33.83
N GLU K 26 -13.33 -52.02 33.81
CA GLU K 26 -13.42 -53.40 34.25
C GLU K 26 -13.92 -53.51 35.68
N TYR K 27 -13.08 -53.12 36.63
CA TYR K 27 -13.39 -53.40 38.03
C TYR K 27 -14.35 -52.39 38.63
N VAL K 28 -14.29 -51.13 38.20
CA VAL K 28 -15.20 -50.14 38.75
C VAL K 28 -16.65 -50.54 38.46
N ALA K 29 -17.56 -50.11 39.32
CA ALA K 29 -18.99 -50.25 39.08
C ALA K 29 -19.65 -48.89 39.24
N ARG K 30 -20.68 -48.65 38.43
CA ARG K 30 -21.42 -47.40 38.45
C ARG K 30 -22.66 -47.55 39.31
N THR K 31 -23.00 -46.49 40.03
CA THR K 31 -24.12 -46.48 40.94
C THR K 31 -25.34 -45.82 40.31
N ASN K 32 -26.37 -45.62 41.10
CA ASN K 32 -27.57 -44.96 40.65
C ASN K 32 -27.63 -43.47 40.96
N ILE K 33 -26.74 -42.95 41.77
CA ILE K 33 -26.92 -41.63 42.34
C ILE K 33 -26.03 -40.61 41.65
N TYR K 34 -26.53 -39.37 41.55
CA TYR K 34 -25.76 -38.26 41.02
C TYR K 34 -25.87 -37.05 41.93
N TYR K 35 -24.92 -36.13 41.82
CA TYR K 35 -24.95 -34.88 42.57
C TYR K 35 -24.52 -33.74 41.69
N HIS K 36 -24.66 -32.53 42.21
CA HIS K 36 -23.97 -31.40 41.61
C HIS K 36 -23.64 -30.33 42.64
N ALA K 37 -22.60 -29.57 42.35
CA ALA K 37 -22.29 -28.34 43.03
C ALA K 37 -21.47 -27.48 42.10
N GLY K 38 -21.46 -26.18 42.40
CA GLY K 38 -20.65 -25.25 41.63
C GLY K 38 -20.34 -24.00 42.43
N THR K 39 -19.31 -23.31 41.99
CA THR K 39 -18.99 -22.04 42.59
C THR K 39 -20.07 -21.02 42.27
N SER K 40 -20.11 -19.96 43.06
CA SER K 40 -20.87 -18.80 42.65
C SER K 40 -20.32 -18.34 41.32
N ARG K 41 -19.14 -17.73 41.38
CA ARG K 41 -18.40 -17.40 40.18
C ARG K 41 -17.05 -16.84 40.59
N LEU K 42 -16.26 -16.49 39.59
CA LEU K 42 -14.94 -15.96 39.81
C LEU K 42 -14.74 -14.70 38.99
N LEU K 43 -13.99 -13.76 39.55
CA LEU K 43 -13.58 -12.58 38.81
C LEU K 43 -12.20 -12.19 39.27
N ALA K 44 -11.44 -11.66 38.33
CA ALA K 44 -10.08 -11.26 38.58
C ALA K 44 -9.86 -9.93 37.88
N VAL K 45 -9.01 -9.12 38.46
CA VAL K 45 -8.69 -7.83 37.89
C VAL K 45 -7.18 -7.66 37.95
N GLY K 46 -6.58 -7.15 36.89
CA GLY K 46 -5.14 -6.96 36.88
C GLY K 46 -4.63 -6.36 35.60
N HIS K 47 -3.56 -5.56 35.71
CA HIS K 47 -2.95 -4.92 34.56
C HIS K 47 -2.34 -5.97 33.65
N PRO K 48 -2.50 -5.80 32.35
CA PRO K 48 -1.95 -6.76 31.37
C PRO K 48 -0.45 -6.82 31.33
N TYR K 49 0.23 -5.68 31.36
CA TYR K 49 1.61 -5.63 30.90
C TYR K 49 2.68 -6.00 31.92
N PHE K 50 2.57 -5.54 33.16
CA PHE K 50 3.52 -5.94 34.18
C PHE K 50 2.82 -5.86 35.52
N PRO K 51 3.29 -6.58 36.52
CA PRO K 51 2.71 -6.44 37.86
C PRO K 51 3.10 -5.11 38.48
N ILE K 52 2.34 -4.73 39.50
CA ILE K 52 2.51 -3.45 40.17
C ILE K 52 3.05 -3.69 41.57
N LYS K 53 4.15 -3.03 41.91
CA LYS K 53 4.72 -3.18 43.23
C LYS K 53 5.19 -1.83 43.73
N LYS K 54 5.21 -1.70 45.06
CA LYS K 54 5.79 -0.52 45.68
C LYS K 54 7.22 -0.36 45.20
N PRO K 55 7.63 0.84 44.80
CA PRO K 55 8.92 0.98 44.12
C PRO K 55 10.10 0.53 44.96
N ASN K 56 10.15 0.93 46.22
CA ASN K 56 11.22 0.46 47.09
C ASN K 56 11.00 -0.98 47.53
N ASN K 57 9.75 -1.32 47.84
CA ASN K 57 9.45 -2.65 48.32
C ASN K 57 9.54 -3.64 47.17
N ASN K 58 9.46 -4.92 47.50
CA ASN K 58 9.17 -5.95 46.52
C ASN K 58 7.73 -6.43 46.58
N LYS K 59 6.94 -5.92 47.52
CA LYS K 59 5.58 -6.41 47.67
C LYS K 59 4.69 -5.87 46.56
N ILE K 60 3.91 -6.76 45.96
CA ILE K 60 3.09 -6.38 44.81
C ILE K 60 1.98 -5.46 45.26
N LEU K 61 1.83 -4.34 44.58
CA LEU K 61 0.67 -3.48 44.83
C LEU K 61 -0.57 -3.97 44.09
N VAL K 62 -0.41 -4.35 42.82
CA VAL K 62 -1.53 -4.85 42.04
C VAL K 62 -1.06 -6.05 41.24
N PRO K 63 -1.84 -7.12 41.16
CA PRO K 63 -1.37 -8.30 40.45
C PRO K 63 -1.44 -8.10 38.95
N LYS K 64 -0.46 -8.68 38.27
CA LYS K 64 -0.44 -8.63 36.82
C LYS K 64 -1.38 -9.69 36.27
N VAL K 65 -2.39 -9.28 35.52
CA VAL K 65 -3.33 -10.23 34.94
C VAL K 65 -3.69 -9.79 33.54
N SER K 66 -3.76 -10.76 32.63
CA SER K 66 -4.33 -10.52 31.31
C SER K 66 -4.83 -11.83 30.76
N GLY K 67 -5.73 -11.72 29.78
CA GLY K 67 -6.30 -12.90 29.19
C GLY K 67 -5.24 -13.89 28.74
N LEU K 68 -4.16 -13.38 28.18
CA LEU K 68 -3.15 -14.27 27.66
C LEU K 68 -2.45 -15.07 28.73
N GLN K 69 -2.62 -14.71 29.98
CA GLN K 69 -2.15 -15.59 31.03
C GLN K 69 -2.97 -16.87 31.00
N TYR K 70 -2.29 -18.00 31.13
CA TYR K 70 -3.03 -19.24 31.28
C TYR K 70 -3.84 -19.22 32.56
N ARG K 71 -4.79 -20.11 32.65
CA ARG K 71 -5.51 -20.32 33.88
C ARG K 71 -5.33 -21.76 34.33
N VAL K 72 -5.16 -21.95 35.62
CA VAL K 72 -5.02 -23.28 36.18
C VAL K 72 -6.02 -23.39 37.32
N PHE K 73 -6.99 -24.27 37.17
CA PHE K 73 -7.99 -24.48 38.21
C PHE K 73 -7.72 -25.81 38.90
N ARG K 74 -7.56 -25.77 40.21
CA ARG K 74 -7.51 -26.95 41.03
C ARG K 74 -8.75 -27.01 41.90
N ILE K 75 -9.33 -28.19 42.00
CA ILE K 75 -10.60 -28.33 42.66
C ILE K 75 -10.53 -29.52 43.60
N HIS K 76 -10.81 -29.29 44.86
CA HIS K 76 -10.84 -30.37 45.82
C HIS K 76 -12.24 -30.95 45.94
N LEU K 77 -12.30 -32.22 46.18
CA LEU K 77 -13.58 -32.74 46.57
C LEU K 77 -13.52 -33.27 47.97
N PRO K 78 -14.59 -33.17 48.75
CA PRO K 78 -14.61 -33.87 50.03
C PRO K 78 -14.65 -35.36 49.79
N ASP K 79 -13.98 -36.09 50.67
CA ASP K 79 -13.95 -37.53 50.59
C ASP K 79 -15.37 -38.07 50.59
N PRO K 80 -15.76 -38.79 49.59
CA PRO K 80 -17.08 -39.42 49.63
C PRO K 80 -17.26 -40.26 50.87
N ASN K 81 -16.25 -41.01 51.24
CA ASN K 81 -16.44 -42.00 52.27
C ASN K 81 -16.55 -41.41 53.66
N LYS K 82 -16.36 -40.10 53.79
CA LYS K 82 -16.86 -39.42 54.96
C LYS K 82 -18.35 -39.12 54.86
N PHE K 83 -18.92 -39.21 53.68
CA PHE K 83 -20.22 -38.63 53.39
C PHE K 83 -21.23 -39.75 53.25
N GLY K 84 -22.09 -39.90 54.25
CA GLY K 84 -23.12 -40.91 54.23
C GLY K 84 -24.16 -40.59 53.18
N PHE K 85 -25.17 -41.44 53.13
CA PHE K 85 -26.18 -41.43 52.09
C PHE K 85 -27.57 -41.45 52.70
N PRO K 86 -28.61 -41.11 51.93
CA PRO K 86 -29.97 -41.27 52.49
C PRO K 86 -30.22 -42.70 52.90
N ASP K 87 -29.89 -43.65 52.03
CA ASP K 87 -29.90 -45.07 52.34
C ASP K 87 -28.50 -45.60 52.07
N THR K 88 -27.79 -45.96 53.13
CA THR K 88 -26.39 -46.37 53.00
C THR K 88 -26.20 -47.88 52.95
N SER K 89 -27.26 -48.66 53.13
CA SER K 89 -27.09 -50.09 53.30
C SER K 89 -26.48 -50.77 52.09
N PHE K 90 -26.60 -50.17 50.90
CA PHE K 90 -26.36 -50.91 49.68
C PHE K 90 -24.93 -51.37 49.51
N TYR K 91 -24.02 -50.96 50.37
CA TYR K 91 -22.65 -51.44 50.30
C TYR K 91 -22.10 -51.62 51.69
N ASN K 92 -21.02 -52.39 51.79
CA ASN K 92 -20.23 -52.38 53.00
C ASN K 92 -19.16 -51.31 52.86
N PRO K 93 -19.15 -50.31 53.73
CA PRO K 93 -18.02 -49.36 53.75
C PRO K 93 -16.74 -49.98 54.24
N ASP K 94 -16.76 -51.16 54.84
CA ASP K 94 -15.52 -51.74 55.34
C ASP K 94 -14.70 -52.37 54.22
N THR K 95 -15.27 -53.39 53.57
CA THR K 95 -14.54 -54.11 52.53
C THR K 95 -14.30 -53.29 51.28
N GLN K 96 -14.87 -52.09 51.18
CA GLN K 96 -14.82 -51.35 49.93
C GLN K 96 -14.56 -49.88 50.20
N ARG K 97 -14.64 -49.07 49.14
CA ARG K 97 -14.44 -47.64 49.20
C ARG K 97 -15.46 -46.97 48.30
N LEU K 98 -15.45 -45.64 48.26
CA LEU K 98 -16.26 -44.86 47.36
C LEU K 98 -15.38 -43.86 46.65
N VAL K 99 -15.56 -43.68 45.35
CA VAL K 99 -14.75 -42.73 44.60
C VAL K 99 -15.62 -41.98 43.61
N TRP K 100 -15.39 -40.67 43.53
CA TRP K 100 -16.16 -39.82 42.65
C TRP K 100 -15.76 -40.02 41.19
N ALA K 101 -16.70 -39.75 40.31
CA ALA K 101 -16.47 -39.81 38.88
C ALA K 101 -17.11 -38.59 38.21
N CYS K 102 -16.49 -38.14 37.13
CA CYS K 102 -16.84 -36.88 36.49
C CYS K 102 -17.52 -37.17 35.15
N VAL K 103 -18.84 -37.01 35.11
CA VAL K 103 -19.56 -37.30 33.88
C VAL K 103 -19.52 -36.13 32.93
N GLY K 104 -19.82 -34.93 33.41
CA GLY K 104 -20.01 -33.80 32.52
C GLY K 104 -19.63 -32.48 33.14
N VAL K 105 -19.27 -31.54 32.29
CA VAL K 105 -18.50 -30.37 32.68
C VAL K 105 -18.96 -29.18 31.87
N GLU K 106 -18.92 -28.00 32.49
CA GLU K 106 -19.30 -26.77 31.81
C GLU K 106 -18.36 -25.65 32.17
N VAL K 107 -18.20 -24.71 31.25
CA VAL K 107 -17.41 -23.53 31.51
C VAL K 107 -18.26 -22.34 31.11
N GLY K 108 -18.67 -21.54 32.10
CA GLY K 108 -19.38 -20.30 31.82
C GLY K 108 -18.42 -19.13 31.61
N ARG K 109 -18.76 -18.28 30.65
CA ARG K 109 -18.00 -17.08 30.38
C ARG K 109 -18.96 -15.97 30.01
N GLY K 110 -18.93 -14.88 30.77
CA GLY K 110 -19.97 -13.87 30.60
C GLY K 110 -19.63 -12.55 29.96
N GLN K 111 -18.36 -12.26 29.72
CA GLN K 111 -18.01 -10.94 29.22
C GLN K 111 -18.54 -10.73 27.81
N PRO K 112 -18.87 -9.51 27.45
CA PRO K 112 -19.14 -9.21 26.05
C PRO K 112 -17.86 -9.37 25.25
N LEU K 113 -17.98 -9.98 24.08
CA LEU K 113 -16.81 -10.49 23.39
C LEU K 113 -16.12 -9.38 22.63
N GLY K 114 -14.80 -9.30 22.80
CA GLY K 114 -14.01 -8.33 22.09
C GLY K 114 -12.50 -8.52 22.22
N VAL K 115 -11.75 -8.04 21.26
CA VAL K 115 -10.33 -8.36 21.17
C VAL K 115 -9.52 -7.28 21.86
N GLY K 116 -8.51 -7.71 22.63
CA GLY K 116 -7.49 -6.83 23.15
C GLY K 116 -6.19 -6.97 22.38
N ILE K 117 -5.11 -6.47 22.98
CA ILE K 117 -3.94 -6.22 22.17
C ILE K 117 -2.75 -5.77 23.02
N SER K 118 -1.55 -5.85 22.46
CA SER K 118 -0.33 -5.46 23.16
C SER K 118 0.68 -4.97 22.14
N GLY K 119 1.71 -4.30 22.65
CA GLY K 119 2.75 -3.77 21.82
C GLY K 119 4.02 -3.62 22.62
N HIS K 120 5.00 -2.95 22.02
CA HIS K 120 6.16 -2.62 22.80
C HIS K 120 6.70 -1.28 22.36
N PRO K 121 7.22 -0.49 23.29
CA PRO K 121 7.71 0.84 22.89
C PRO K 121 8.97 0.77 22.05
N LEU K 122 9.87 -0.15 22.34
CA LEU K 122 11.09 -0.33 21.59
C LEU K 122 11.12 -1.72 20.99
N LEU K 123 11.28 -1.80 19.68
CA LEU K 123 11.27 -3.09 19.03
C LEU K 123 12.30 -3.07 17.92
N ASN K 124 13.13 -4.10 17.86
CA ASN K 124 14.10 -4.15 16.79
C ASN K 124 13.38 -4.21 15.47
N LYS K 125 13.64 -3.22 14.62
CA LYS K 125 13.02 -3.20 13.31
C LYS K 125 13.88 -2.38 12.38
N LEU K 126 13.88 -2.74 11.11
CA LEU K 126 14.55 -1.94 10.10
C LEU K 126 13.55 -1.00 9.44
N ASP K 127 12.69 -1.54 8.59
CA ASP K 127 11.71 -0.78 7.83
C ASP K 127 10.79 -1.75 7.12
N ASP K 128 9.89 -1.22 6.32
CA ASP K 128 8.99 -2.09 5.57
C ASP K 128 9.79 -2.92 4.56
N THR K 129 9.46 -4.20 4.50
CA THR K 129 9.96 -5.09 3.48
C THR K 129 8.98 -5.32 2.34
N GLU K 130 7.77 -4.79 2.45
CA GLU K 130 6.74 -5.10 1.47
C GLU K 130 6.95 -4.32 0.19
N ASN K 131 7.15 -3.01 0.30
CA ASN K 131 7.43 -2.18 -0.85
C ASN K 131 8.46 -1.13 -0.45
N ALA K 132 9.53 -1.03 -1.22
CA ALA K 132 10.54 0.00 -0.99
C ALA K 132 10.93 0.59 -2.32
N SER K 133 10.79 1.90 -2.45
CA SER K 133 11.13 2.57 -3.71
C SER K 133 12.62 2.52 -3.97
N ALA K 134 13.42 2.87 -2.97
CA ALA K 134 14.87 2.89 -3.08
C ALA K 134 15.44 2.05 -1.97
N TYR K 135 16.73 1.75 -2.08
CA TYR K 135 17.35 0.93 -1.05
C TYR K 135 17.34 1.66 0.28
N ALA K 136 17.42 0.90 1.36
CA ALA K 136 17.21 1.44 2.69
C ALA K 136 18.37 2.34 3.09
N ALA K 137 18.26 2.92 4.29
CA ALA K 137 19.26 3.84 4.79
C ALA K 137 20.35 3.07 5.50
N ASN K 138 21.35 3.80 5.98
CA ASN K 138 22.38 3.18 6.78
C ASN K 138 21.85 2.88 8.17
N ALA K 139 22.32 1.78 8.74
CA ALA K 139 21.88 1.39 10.06
C ALA K 139 22.60 2.22 11.10
N GLY K 140 21.84 3.00 11.86
CA GLY K 140 22.39 3.80 12.93
C GLY K 140 22.48 2.96 14.19
N VAL K 141 22.29 3.61 15.32
CA VAL K 141 22.18 2.92 16.59
C VAL K 141 20.77 3.05 17.10
N ASP K 142 20.13 1.92 17.39
CA ASP K 142 18.81 1.90 18.00
C ASP K 142 17.76 2.57 17.15
N ASN K 143 17.33 1.92 16.09
CA ASN K 143 16.19 2.39 15.34
C ASN K 143 14.87 1.88 15.88
N ARG K 144 14.89 1.23 17.04
CA ARG K 144 13.69 0.62 17.60
C ARG K 144 12.54 1.62 17.64
N GLU K 145 11.34 1.12 17.42
CA GLU K 145 10.16 1.95 17.28
C GLU K 145 9.01 1.40 18.12
N CYS K 146 7.99 2.22 18.25
CA CYS K 146 6.80 1.84 19.01
C CYS K 146 5.78 1.26 18.04
N ILE K 147 5.53 -0.04 18.14
CA ILE K 147 4.67 -0.76 17.22
C ILE K 147 3.97 -1.86 18.01
N SER K 148 2.75 -2.18 17.62
CA SER K 148 2.01 -3.23 18.30
C SER K 148 1.37 -4.17 17.29
N MET K 149 0.81 -5.25 17.81
CA MET K 149 0.22 -6.28 16.97
C MET K 149 -0.80 -7.04 17.81
N ASP K 150 -1.61 -7.86 17.12
CA ASP K 150 -2.59 -8.70 17.78
C ASP K 150 -2.09 -10.14 17.86
N TYR K 151 -2.43 -10.82 18.93
CA TYR K 151 -2.00 -12.20 19.09
C TYR K 151 -2.93 -13.17 18.40
N LYS K 152 -2.40 -14.34 18.10
CA LYS K 152 -3.19 -15.38 17.47
C LYS K 152 -4.38 -15.72 18.35
N GLN K 153 -5.56 -15.71 17.74
CA GLN K 153 -6.75 -16.08 18.45
C GLN K 153 -6.75 -17.56 18.75
N THR K 154 -7.20 -17.94 19.95
CA THR K 154 -7.13 -19.35 20.33
C THR K 154 -8.18 -19.67 21.39
N GLN K 155 -8.66 -20.91 21.37
CA GLN K 155 -9.49 -21.46 22.43
C GLN K 155 -9.08 -22.90 22.67
N LEU K 156 -9.08 -23.33 23.92
CA LEU K 156 -8.71 -24.70 24.26
C LEU K 156 -9.35 -25.09 25.57
N CYS K 157 -9.36 -26.39 25.87
CA CYS K 157 -9.87 -26.85 27.15
C CYS K 157 -9.16 -28.13 27.57
N LEU K 158 -8.95 -28.30 28.87
CA LEU K 158 -8.15 -29.40 29.39
C LEU K 158 -8.75 -29.95 30.68
N ILE K 159 -8.88 -31.27 30.78
CA ILE K 159 -9.52 -31.89 31.93
C ILE K 159 -8.83 -33.20 32.27
N GLY K 160 -8.60 -33.42 33.56
CA GLY K 160 -7.99 -34.66 34.01
C GLY K 160 -7.53 -34.53 35.44
N CYS K 161 -7.01 -35.63 35.96
CA CYS K 161 -6.58 -35.67 37.35
C CYS K 161 -5.10 -35.37 37.53
N LYS K 162 -4.34 -35.27 36.46
CA LYS K 162 -2.95 -34.92 36.68
C LYS K 162 -2.62 -33.64 35.95
N PRO K 163 -1.67 -32.85 36.45
CA PRO K 163 -1.50 -31.52 35.93
C PRO K 163 -1.12 -31.57 34.47
N PRO K 164 -1.48 -30.56 33.70
CA PRO K 164 -1.12 -30.56 32.28
C PRO K 164 0.37 -30.45 32.10
N ILE K 165 0.88 -31.20 31.15
CA ILE K 165 2.32 -31.33 30.93
C ILE K 165 2.74 -30.40 29.81
N GLY K 166 3.68 -29.52 30.10
CA GLY K 166 4.11 -28.53 29.16
C GLY K 166 5.44 -28.85 28.51
N GLU K 167 5.78 -28.02 27.52
CA GLU K 167 7.03 -28.16 26.81
C GLU K 167 7.42 -26.81 26.23
N HIS K 168 8.71 -26.63 26.02
CA HIS K 168 9.22 -25.38 25.49
C HIS K 168 10.61 -25.61 24.93
N TRP K 169 11.03 -24.69 24.10
CA TRP K 169 12.44 -24.65 23.77
C TRP K 169 13.21 -24.06 24.93
N GLY K 170 14.50 -24.36 24.97
CA GLY K 170 15.34 -23.88 26.04
C GLY K 170 16.79 -24.27 25.81
N LYS K 171 17.67 -23.56 26.52
CA LYS K 171 19.10 -23.77 26.37
C LYS K 171 19.59 -24.73 27.44
N GLY K 172 20.40 -25.70 27.04
CA GLY K 172 21.18 -26.50 27.93
C GLY K 172 22.67 -26.25 27.79
N SER K 173 23.46 -27.27 28.13
CA SER K 173 24.91 -27.13 28.15
C SER K 173 25.52 -27.65 26.85
N PRO K 174 26.34 -26.85 26.18
CA PRO K 174 27.00 -27.35 24.96
C PRO K 174 28.00 -28.43 25.29
N CYS K 175 27.99 -29.49 24.48
CA CYS K 175 29.01 -30.52 24.61
C CYS K 175 30.39 -29.89 24.53
N THR K 176 31.33 -30.38 25.34
CA THR K 176 32.59 -29.66 25.50
C THR K 176 33.59 -30.18 24.49
N ASN K 177 33.80 -29.39 23.45
CA ASN K 177 34.96 -29.47 22.57
C ASN K 177 35.46 -28.05 22.40
N VAL K 178 34.65 -27.23 21.74
CA VAL K 178 34.96 -25.82 21.55
C VAL K 178 34.50 -25.05 22.78
N ALA K 179 35.39 -24.20 23.30
CA ALA K 179 35.00 -23.30 24.37
C ALA K 179 34.07 -22.23 23.83
N VAL K 180 32.93 -22.05 24.49
CA VAL K 180 31.97 -21.06 24.03
C VAL K 180 32.53 -19.67 24.27
N ASN K 181 32.66 -18.95 23.26
CA ASN K 181 32.96 -17.54 23.35
C ASN K 181 31.68 -16.71 23.36
N PRO K 182 31.69 -15.51 23.92
CA PRO K 182 30.52 -14.65 23.85
C PRO K 182 30.13 -14.42 22.40
N GLY K 183 28.84 -14.57 22.13
CA GLY K 183 28.32 -14.39 20.80
C GLY K 183 28.11 -15.67 20.02
N ASP K 184 28.44 -16.82 20.59
CA ASP K 184 28.20 -18.06 19.89
C ASP K 184 26.71 -18.40 19.86
N CYS K 185 26.37 -19.32 18.99
CA CYS K 185 25.00 -19.79 18.95
C CYS K 185 24.78 -20.80 20.06
N PRO K 186 23.99 -20.48 21.07
CA PRO K 186 23.73 -21.43 22.13
C PRO K 186 22.93 -22.60 21.60
N PRO K 187 23.31 -23.82 21.93
CA PRO K 187 22.54 -24.97 21.47
C PRO K 187 21.18 -24.99 22.12
N LEU K 188 20.29 -25.79 21.53
CA LEU K 188 18.90 -25.82 21.95
C LEU K 188 18.57 -27.17 22.56
N GLU K 189 17.55 -27.17 23.40
CA GLU K 189 17.14 -28.40 24.07
C GLU K 189 15.64 -28.37 24.26
N LEU K 190 15.02 -29.53 24.08
CA LEU K 190 13.58 -29.65 24.25
C LEU K 190 13.29 -30.11 25.67
N ILE K 191 12.41 -29.41 26.36
CA ILE K 191 12.24 -29.58 27.80
C ILE K 191 10.78 -29.69 28.15
N ASN K 192 10.41 -30.77 28.82
CA ASN K 192 9.10 -30.90 29.42
C ASN K 192 9.07 -30.27 30.81
N THR K 193 7.91 -29.75 31.18
CA THR K 193 7.75 -29.26 32.54
C THR K 193 6.28 -29.21 32.91
N VAL K 194 6.03 -29.10 34.21
CA VAL K 194 4.69 -28.83 34.71
C VAL K 194 4.29 -27.43 34.32
N ILE K 195 2.99 -27.20 34.18
CA ILE K 195 2.45 -25.92 33.74
C ILE K 195 1.94 -25.17 34.94
N GLN K 196 2.32 -23.91 35.06
CA GLN K 196 1.91 -23.07 36.17
C GLN K 196 1.06 -21.92 35.67
N ASP K 197 0.25 -21.38 36.56
CA ASP K 197 -0.59 -20.25 36.21
C ASP K 197 0.27 -19.05 35.88
N GLY K 198 -0.34 -18.09 35.19
CA GLY K 198 0.36 -16.90 34.78
C GLY K 198 1.27 -17.10 33.60
N ASP K 199 1.50 -18.34 33.18
CA ASP K 199 2.33 -18.57 32.03
C ASP K 199 1.58 -18.19 30.76
N MET K 200 2.34 -18.05 29.68
CA MET K 200 1.88 -17.34 28.50
C MET K 200 1.66 -18.26 27.32
N VAL K 201 0.57 -18.00 26.60
CA VAL K 201 0.28 -18.65 25.33
C VAL K 201 1.37 -18.31 24.34
N ASP K 202 1.52 -19.15 23.33
CA ASP K 202 2.30 -18.74 22.17
C ASP K 202 1.66 -17.51 21.54
N THR K 203 2.49 -16.63 21.02
CA THR K 203 1.97 -15.63 20.11
C THR K 203 2.11 -16.08 18.68
N GLY K 204 2.59 -17.29 18.47
CA GLY K 204 3.13 -17.67 17.19
C GLY K 204 4.62 -17.53 17.11
N PHE K 205 5.29 -17.23 18.21
CA PHE K 205 6.74 -17.30 18.25
C PHE K 205 7.26 -18.55 18.92
N GLY K 206 6.39 -19.46 19.34
CA GLY K 206 6.86 -20.75 19.81
C GLY K 206 7.35 -20.74 21.23
N ALA K 207 7.29 -21.91 21.87
CA ALA K 207 7.57 -22.00 23.28
C ALA K 207 9.08 -22.07 23.50
N MET K 208 9.60 -21.09 24.23
CA MET K 208 11.02 -21.02 24.54
C MET K 208 11.20 -19.99 25.65
N ASP K 209 12.42 -19.82 26.11
CA ASP K 209 12.72 -18.79 27.08
C ASP K 209 13.37 -17.63 26.35
N PHE K 210 12.62 -16.55 26.24
CA PHE K 210 13.20 -15.33 25.73
C PHE K 210 14.24 -14.80 26.70
N THR K 211 13.94 -14.83 27.99
CA THR K 211 14.84 -14.23 28.97
C THR K 211 16.25 -14.74 28.78
N THR K 212 16.42 -16.05 28.77
CA THR K 212 17.77 -16.57 28.58
C THR K 212 18.21 -16.44 27.13
N LEU K 213 17.38 -16.88 26.19
CA LEU K 213 17.84 -16.96 24.81
C LEU K 213 17.77 -15.63 24.07
N GLN K 214 16.99 -14.68 24.54
CA GLN K 214 16.94 -13.37 23.90
C GLN K 214 17.57 -12.36 24.84
N ALA K 215 18.73 -11.86 24.45
CA ALA K 215 19.43 -10.88 25.28
C ALA K 215 18.85 -9.48 25.09
N ASN K 216 18.49 -9.15 23.85
CA ASN K 216 17.97 -7.81 23.56
C ASN K 216 16.85 -7.45 24.51
N LYS K 217 15.98 -8.41 24.80
CA LYS K 217 14.85 -8.18 25.68
C LYS K 217 13.82 -7.29 25.00
N SER K 218 14.19 -6.67 23.88
CA SER K 218 13.25 -5.88 23.12
C SER K 218 12.66 -6.59 21.91
N GLU K 219 12.97 -7.86 21.69
CA GLU K 219 12.60 -8.49 20.43
C GLU K 219 11.13 -8.85 20.34
N VAL K 220 10.36 -8.72 21.40
CA VAL K 220 8.95 -9.08 21.39
C VAL K 220 8.18 -8.09 22.25
N PRO K 221 6.86 -8.04 22.08
CA PRO K 221 6.06 -7.19 22.97
C PRO K 221 6.18 -7.66 24.41
N LEU K 222 5.85 -6.74 25.33
CA LEU K 222 6.22 -6.88 26.72
C LEU K 222 5.80 -8.23 27.29
N ASP K 223 4.51 -8.51 27.24
CA ASP K 223 3.90 -9.52 28.09
C ASP K 223 4.71 -10.81 28.11
N ILE K 224 5.24 -11.19 26.96
CA ILE K 224 5.96 -12.45 26.86
C ILE K 224 7.45 -12.31 27.09
N CYS K 225 7.97 -11.10 27.18
CA CYS K 225 9.41 -10.96 27.28
C CYS K 225 9.93 -11.60 28.56
N THR K 226 9.17 -11.52 29.64
CA THR K 226 9.65 -12.02 30.92
C THR K 226 9.73 -13.53 30.94
N SER K 227 8.61 -14.18 30.71
CA SER K 227 8.46 -15.58 31.08
C SER K 227 8.70 -16.48 29.88
N ILE K 228 8.39 -17.75 30.05
CA ILE K 228 8.53 -18.75 29.01
C ILE K 228 7.13 -19.12 28.54
N CYS K 229 6.76 -18.70 27.35
CA CYS K 229 5.53 -19.20 26.76
C CYS K 229 5.66 -20.70 26.60
N LYS K 230 4.58 -21.42 26.84
CA LYS K 230 4.61 -22.86 26.72
C LYS K 230 3.41 -23.34 25.93
N TYR K 231 3.45 -24.60 25.53
CA TYR K 231 2.41 -25.12 24.68
C TYR K 231 2.25 -26.59 24.99
N PRO K 232 1.03 -27.10 24.92
CA PRO K 232 0.80 -28.51 25.25
C PRO K 232 1.29 -29.45 24.17
N ASP K 233 1.89 -30.56 24.59
CA ASP K 233 2.26 -31.64 23.67
C ASP K 233 1.25 -32.77 23.79
N TYR K 234 0.36 -32.85 22.82
CA TYR K 234 -0.64 -33.89 22.89
C TYR K 234 0.01 -35.27 22.95
N ILE K 235 1.09 -35.45 22.21
CA ILE K 235 1.74 -36.73 22.12
C ILE K 235 2.12 -37.24 23.50
N LYS K 236 3.15 -36.63 24.07
CA LYS K 236 3.71 -37.15 25.31
C LYS K 236 2.64 -37.28 26.37
N MET K 237 1.75 -36.31 26.44
CA MET K 237 0.64 -36.40 27.37
C MET K 237 -0.16 -37.65 27.07
N VAL K 238 -0.84 -37.67 25.92
CA VAL K 238 -1.70 -38.80 25.59
C VAL K 238 -0.90 -40.07 25.64
N SER K 239 0.41 -39.96 25.45
CA SER K 239 1.21 -41.16 25.51
C SER K 239 1.19 -41.83 26.88
N GLU K 240 0.74 -41.13 27.91
CA GLU K 240 0.80 -41.68 29.26
C GLU K 240 0.20 -43.09 29.29
N PRO K 241 0.78 -44.01 30.04
CA PRO K 241 0.19 -45.35 30.10
C PRO K 241 -1.18 -45.36 30.70
N TYR K 242 -1.40 -44.60 31.75
CA TYR K 242 -2.73 -44.53 32.34
C TYR K 242 -3.61 -43.48 31.70
N GLY K 243 -3.05 -42.56 30.94
CA GLY K 243 -3.82 -41.47 30.39
C GLY K 243 -4.33 -40.49 31.41
N ASP K 244 -4.05 -40.71 32.68
CA ASP K 244 -4.68 -39.89 33.70
C ASP K 244 -4.13 -38.48 33.74
N SER K 245 -3.14 -38.15 32.93
CA SER K 245 -2.80 -36.75 32.75
C SER K 245 -4.05 -36.01 32.34
N LEU K 246 -4.47 -36.24 31.11
CA LEU K 246 -5.68 -35.66 30.56
C LEU K 246 -6.47 -36.80 29.94
N PHE K 247 -7.76 -36.83 30.16
CA PHE K 247 -8.58 -37.79 29.45
C PHE K 247 -9.37 -37.17 28.32
N PHE K 248 -9.20 -35.89 28.03
CA PHE K 248 -10.15 -35.24 27.12
C PHE K 248 -9.68 -33.83 26.82
N TYR K 249 -10.16 -33.26 25.71
CA TYR K 249 -9.72 -31.92 25.32
C TYR K 249 -10.43 -31.49 24.04
N LEU K 250 -10.32 -30.19 23.74
CA LEU K 250 -10.80 -29.56 22.52
C LEU K 250 -9.95 -28.35 22.20
N ARG K 251 -9.81 -28.04 20.92
CA ARG K 251 -9.05 -26.85 20.55
C ARG K 251 -9.51 -26.30 19.21
N ARG K 252 -9.42 -24.98 19.08
CA ARG K 252 -9.60 -24.27 17.82
C ARG K 252 -8.66 -23.08 17.82
N GLU K 253 -7.96 -22.86 16.71
CA GLU K 253 -7.17 -21.64 16.61
C GLU K 253 -6.88 -21.33 15.15
N GLN K 254 -6.54 -20.07 14.90
CA GLN K 254 -6.30 -19.60 13.55
C GLN K 254 -5.38 -18.38 13.58
N MET K 255 -4.71 -18.15 12.45
CA MET K 255 -3.80 -17.02 12.33
C MET K 255 -3.58 -16.70 10.86
N PHE K 256 -3.12 -15.49 10.58
CA PHE K 256 -2.69 -15.13 9.24
C PHE K 256 -1.72 -13.97 9.31
N VAL K 257 -1.05 -13.75 8.20
CA VAL K 257 0.02 -12.77 8.10
C VAL K 257 -0.54 -11.37 7.99
N ARG K 258 0.23 -10.39 8.44
CA ARG K 258 -0.09 -8.99 8.22
C ARG K 258 1.08 -8.20 7.65
N HIS K 259 2.19 -8.12 8.38
CA HIS K 259 3.34 -7.35 7.93
C HIS K 259 4.61 -8.19 7.95
N LEU K 260 5.64 -7.63 7.31
CA LEU K 260 6.91 -8.32 7.11
C LEU K 260 8.02 -7.34 7.42
N PHE K 261 8.85 -7.65 8.41
CA PHE K 261 9.87 -6.71 8.87
C PHE K 261 11.25 -7.35 8.85
N ASN K 262 12.24 -6.57 9.32
CA ASN K 262 13.63 -7.00 9.39
C ASN K 262 14.19 -6.77 10.78
N ARG K 263 14.95 -7.73 11.27
CA ARG K 263 15.79 -7.44 12.41
C ARG K 263 16.88 -6.47 12.00
N ALA K 264 17.44 -5.78 12.98
CA ALA K 264 18.56 -4.89 12.75
C ALA K 264 19.59 -5.12 13.84
N GLY K 265 20.78 -5.52 13.45
CA GLY K 265 21.82 -5.79 14.43
C GLY K 265 22.98 -6.53 13.79
N ALA K 266 23.91 -6.93 14.63
CA ALA K 266 25.11 -7.59 14.14
C ALA K 266 24.75 -8.87 13.42
N VAL K 267 25.24 -9.01 12.19
CA VAL K 267 24.99 -10.20 11.42
C VAL K 267 25.71 -11.38 12.05
N GLY K 268 24.96 -12.44 12.36
CA GLY K 268 25.59 -13.63 12.86
C GLY K 268 26.41 -14.33 11.80
N GLU K 269 25.84 -14.49 10.61
CA GLU K 269 26.54 -15.14 9.51
C GLU K 269 26.09 -14.53 8.21
N ASN K 270 27.01 -14.48 7.26
CA ASN K 270 26.70 -13.97 5.93
C ASN K 270 26.51 -15.12 4.97
N VAL K 271 25.53 -14.99 4.10
CA VAL K 271 25.26 -16.05 3.12
C VAL K 271 26.48 -16.23 2.24
N PRO K 272 26.84 -17.44 1.86
CA PRO K 272 27.92 -17.61 0.88
C PRO K 272 27.57 -16.88 -0.40
N ASP K 273 28.58 -16.18 -0.94
CA ASP K 273 28.38 -15.32 -2.10
C ASP K 273 27.74 -16.09 -3.25
N ASP K 274 28.19 -17.32 -3.48
CA ASP K 274 27.78 -18.09 -4.64
C ASP K 274 26.27 -18.20 -4.76
N LEU K 275 25.56 -17.90 -3.70
CA LEU K 275 24.11 -17.86 -3.72
C LEU K 275 23.56 -16.56 -4.26
N TYR K 276 24.42 -15.64 -4.68
CA TYR K 276 23.97 -14.42 -5.33
C TYR K 276 25.16 -13.84 -6.08
N ILE K 277 25.02 -12.61 -6.53
CA ILE K 277 26.07 -11.94 -7.27
C ILE K 277 26.36 -10.60 -6.63
N LYS K 278 27.62 -10.19 -6.67
CA LYS K 278 28.04 -8.96 -6.02
C LYS K 278 27.26 -7.77 -6.56
N GLY K 279 26.84 -6.91 -5.63
CA GLY K 279 26.20 -5.66 -5.97
C GLY K 279 27.23 -4.56 -6.12
N SER K 280 26.76 -3.32 -5.97
CA SER K 280 27.62 -2.14 -6.07
C SER K 280 26.79 -0.90 -5.79
N GLY K 281 27.47 0.19 -5.50
CA GLY K 281 26.78 1.43 -5.20
C GLY K 281 25.84 1.23 -4.04
N SER K 282 24.57 1.53 -4.27
CA SER K 282 23.55 1.21 -3.28
C SER K 282 23.60 -0.26 -2.91
N THR K 283 24.03 -1.11 -3.83
CA THR K 283 24.09 -2.55 -3.61
C THR K 283 25.46 -3.02 -3.18
N ALA K 284 26.37 -2.09 -2.88
CA ALA K 284 27.66 -2.48 -2.34
C ALA K 284 27.51 -3.42 -1.15
N ASN K 285 26.57 -3.12 -0.26
CA ASN K 285 26.41 -3.85 0.98
C ASN K 285 25.11 -4.63 0.97
N LEU K 286 25.07 -5.71 1.74
CA LEU K 286 23.88 -6.52 1.86
C LEU K 286 23.10 -6.09 3.09
N ALA K 287 21.82 -5.85 2.91
CA ALA K 287 20.93 -5.58 4.04
C ALA K 287 20.79 -6.84 4.88
N SER K 288 20.31 -6.65 6.12
CA SER K 288 20.16 -7.78 7.01
C SER K 288 19.29 -8.85 6.39
N SER K 289 19.61 -10.10 6.71
CA SER K 289 18.92 -11.23 6.13
C SER K 289 17.61 -11.54 6.82
N ASN K 290 17.42 -11.07 8.04
CA ASN K 290 16.34 -11.56 8.85
C ASN K 290 14.98 -11.10 8.35
N TYR K 291 13.97 -11.87 8.72
CA TYR K 291 12.58 -11.53 8.51
C TYR K 291 11.78 -12.18 9.61
N PHE K 292 10.73 -11.52 10.06
CA PHE K 292 9.76 -12.23 10.87
C PHE K 292 8.39 -11.68 10.60
N PRO K 293 7.38 -12.53 10.62
CA PRO K 293 6.02 -12.08 10.35
C PRO K 293 5.44 -11.34 11.54
N THR K 294 4.33 -10.66 11.27
CA THR K 294 3.49 -10.09 12.31
C THR K 294 2.19 -10.85 12.33
N PRO K 295 1.94 -11.65 13.34
CA PRO K 295 0.69 -12.42 13.37
C PRO K 295 -0.50 -11.49 13.47
N SER K 296 -1.59 -11.87 12.81
CA SER K 296 -2.80 -11.07 12.79
C SER K 296 -4.00 -11.93 13.12
N GLY K 297 -4.67 -11.61 14.21
CA GLY K 297 -5.93 -12.26 14.53
C GLY K 297 -6.97 -11.98 13.47
N SER K 298 -8.00 -12.79 13.46
CA SER K 298 -9.00 -12.74 12.42
C SER K 298 -10.36 -12.46 13.01
N MET K 299 -11.33 -12.44 12.13
CA MET K 299 -12.71 -12.22 12.52
C MET K 299 -13.11 -13.24 13.56
N VAL K 300 -13.58 -12.76 14.70
CA VAL K 300 -14.08 -13.60 15.78
C VAL K 300 -15.56 -13.77 15.58
N THR K 301 -16.07 -14.97 15.79
CA THR K 301 -17.49 -15.19 15.63
C THR K 301 -18.07 -15.74 16.92
N SER K 302 -19.38 -15.56 17.06
CA SER K 302 -20.05 -16.21 18.16
C SER K 302 -20.08 -17.72 18.00
N ASP K 303 -19.90 -18.21 16.77
CA ASP K 303 -20.00 -19.65 16.55
C ASP K 303 -18.83 -20.39 17.14
N ALA K 304 -17.61 -20.02 16.75
CA ALA K 304 -16.44 -20.79 17.13
C ALA K 304 -16.21 -20.77 18.63
N GLN K 305 -16.96 -19.98 19.37
CA GLN K 305 -16.94 -20.11 20.82
C GLN K 305 -17.23 -21.56 21.18
N ILE K 306 -16.34 -22.14 21.97
CA ILE K 306 -16.49 -23.52 22.41
C ILE K 306 -17.13 -23.61 23.79
N PHE K 307 -17.57 -22.49 24.34
CA PHE K 307 -18.01 -22.49 25.71
C PHE K 307 -19.50 -22.22 25.82
N ASN K 308 -19.95 -22.13 27.06
CA ASN K 308 -21.34 -21.93 27.39
C ASN K 308 -22.21 -23.02 26.77
N LYS K 309 -21.63 -24.19 26.54
CA LYS K 309 -22.39 -25.28 26.02
C LYS K 309 -21.99 -26.55 26.75
N PRO K 310 -22.95 -27.38 27.10
CA PRO K 310 -22.64 -28.57 27.90
C PRO K 310 -21.71 -29.50 27.16
N TYR K 311 -21.08 -30.39 27.93
CA TYR K 311 -20.29 -31.47 27.38
C TYR K 311 -20.74 -32.77 28.01
N TRP K 312 -20.46 -33.84 27.28
CA TRP K 312 -20.86 -35.17 27.73
C TRP K 312 -19.77 -36.16 27.39
N LEU K 313 -19.27 -36.85 28.39
CA LEU K 313 -18.19 -37.79 28.24
C LEU K 313 -18.71 -39.19 28.50
N GLN K 314 -18.25 -40.14 27.70
CA GLN K 314 -18.42 -41.52 28.08
C GLN K 314 -17.08 -42.22 27.97
N ARG K 315 -16.51 -42.24 26.77
CA ARG K 315 -15.26 -42.94 26.54
C ARG K 315 -14.18 -41.94 26.17
N ALA K 316 -13.01 -42.13 26.77
CA ALA K 316 -11.87 -41.27 26.54
C ALA K 316 -10.68 -42.10 26.11
N GLN K 317 -9.73 -41.45 25.43
CA GLN K 317 -8.59 -42.19 24.92
C GLN K 317 -7.84 -42.91 26.02
N GLY K 318 -7.86 -42.38 27.23
CA GLY K 318 -7.22 -43.04 28.32
C GLY K 318 -8.08 -44.12 28.93
N HIS K 319 -7.48 -44.91 29.81
CA HIS K 319 -8.24 -45.97 30.44
C HIS K 319 -9.08 -45.47 31.58
N ASN K 320 -8.67 -44.39 32.23
CA ASN K 320 -9.59 -43.73 33.13
C ASN K 320 -10.86 -43.43 32.38
N ASN K 321 -11.99 -43.69 33.02
CA ASN K 321 -13.24 -43.11 32.57
C ASN K 321 -13.66 -42.20 33.71
N GLY K 322 -13.42 -40.90 33.55
CA GLY K 322 -13.86 -39.91 34.50
C GLY K 322 -13.57 -40.20 35.96
N ILE K 323 -12.56 -41.01 36.24
CA ILE K 323 -12.18 -41.27 37.61
C ILE K 323 -11.26 -40.16 38.08
N CYS K 324 -11.55 -39.59 39.23
CA CYS K 324 -10.64 -38.60 39.80
C CYS K 324 -10.10 -39.16 41.09
N TRP K 325 -8.84 -39.53 41.09
CA TRP K 325 -8.27 -40.10 42.28
C TRP K 325 -7.97 -39.02 43.30
N GLY K 326 -7.95 -39.43 44.56
CA GLY K 326 -7.57 -38.52 45.63
C GLY K 326 -8.43 -37.28 45.68
N ASN K 327 -9.71 -37.41 45.36
CA ASN K 327 -10.65 -36.32 45.51
C ASN K 327 -10.22 -35.08 44.75
N GLN K 328 -9.36 -35.25 43.75
CA GLN K 328 -8.66 -34.14 43.12
C GLN K 328 -8.96 -34.11 41.64
N LEU K 329 -9.08 -32.91 41.07
CA LEU K 329 -9.51 -32.76 39.70
C LEU K 329 -8.93 -31.47 39.12
N PHE K 330 -8.54 -31.50 37.85
CA PHE K 330 -7.85 -30.37 37.23
C PHE K 330 -8.60 -29.89 36.00
N VAL K 331 -8.66 -28.57 35.85
CA VAL K 331 -9.20 -27.96 34.64
C VAL K 331 -8.32 -26.77 34.30
N THR K 332 -7.97 -26.66 33.02
CA THR K 332 -7.12 -25.60 32.53
C THR K 332 -7.70 -25.09 31.23
N VAL K 333 -7.99 -23.80 31.16
CA VAL K 333 -8.72 -23.22 30.05
C VAL K 333 -8.13 -21.87 29.75
N VAL K 334 -8.03 -21.53 28.47
CA VAL K 334 -7.46 -20.26 28.04
C VAL K 334 -8.26 -19.71 26.89
N ASP K 335 -8.59 -18.43 26.95
CA ASP K 335 -9.33 -17.77 25.90
C ASP K 335 -8.60 -16.52 25.46
N THR K 336 -8.67 -16.24 24.16
CA THR K 336 -8.24 -14.96 23.63
C THR K 336 -9.39 -14.02 23.33
N THR K 337 -10.64 -14.46 23.45
CA THR K 337 -11.70 -13.68 22.86
C THR K 337 -12.11 -12.50 23.70
N ARG K 338 -11.89 -12.55 25.00
CA ARG K 338 -12.37 -11.52 25.91
C ARG K 338 -11.32 -10.46 26.20
N SER K 339 -10.22 -10.47 25.47
CA SER K 339 -9.02 -9.74 25.80
C SER K 339 -9.19 -8.22 25.87
N THR K 340 -10.40 -7.74 25.57
CA THR K 340 -10.64 -6.30 25.52
C THR K 340 -10.09 -5.60 26.73
N ASN K 341 -9.38 -4.50 26.51
CA ASN K 341 -8.81 -3.72 27.58
C ASN K 341 -9.51 -2.37 27.63
N MET K 342 -10.33 -2.18 28.67
CA MET K 342 -10.92 -0.87 28.88
C MET K 342 -9.87 0.08 29.42
N SER K 343 -9.98 1.34 29.04
CA SER K 343 -9.01 2.34 29.45
C SER K 343 -9.78 3.53 30.01
N LEU K 344 -9.40 3.99 31.19
CA LEU K 344 -10.08 5.12 31.79
C LEU K 344 -9.09 6.18 32.22
N CYS K 345 -9.62 7.37 32.47
CA CYS K 345 -8.84 8.56 32.78
C CYS K 345 -9.39 9.24 34.02
N ALA K 346 -8.49 9.67 34.89
CA ALA K 346 -8.85 10.46 36.05
C ALA K 346 -8.24 11.84 35.92
N ALA K 347 -8.96 12.83 36.44
CA ALA K 347 -8.54 14.22 36.34
C ALA K 347 -7.93 14.65 37.67
N ILE K 348 -6.70 15.11 37.64
CA ILE K 348 -6.10 15.59 38.87
C ILE K 348 -6.59 17.00 39.20
N SER K 349 -7.06 17.75 38.21
CA SER K 349 -7.62 19.06 38.44
C SER K 349 -8.92 19.18 37.65
N THR K 350 -10.02 19.39 38.35
CA THR K 350 -11.34 19.41 37.74
C THR K 350 -11.78 20.81 37.35
N SER K 351 -11.01 21.84 37.67
CA SER K 351 -11.49 23.20 37.49
C SER K 351 -11.26 23.71 36.07
N GLU K 352 -10.00 23.80 35.66
CA GLU K 352 -9.66 24.51 34.43
C GLU K 352 -10.49 24.02 33.26
N THR K 353 -10.94 24.95 32.45
CA THR K 353 -11.81 24.64 31.33
C THR K 353 -11.08 24.54 30.00
N THR K 354 -9.76 24.66 30.00
CA THR K 354 -8.99 24.50 28.78
C THR K 354 -8.35 23.12 28.79
N TYR K 355 -8.63 22.35 27.74
CA TYR K 355 -8.12 20.99 27.67
C TYR K 355 -6.59 21.00 27.59
N LYS K 356 -5.98 20.09 28.34
CA LYS K 356 -4.53 19.95 28.36
C LYS K 356 -4.20 18.49 28.57
N ASN K 357 -3.13 18.03 27.93
CA ASN K 357 -2.71 16.66 28.19
C ASN K 357 -2.12 16.49 29.57
N THR K 358 -1.92 17.58 30.30
CA THR K 358 -1.31 17.47 31.61
C THR K 358 -2.26 16.95 32.65
N ASN K 359 -3.55 17.22 32.51
CA ASN K 359 -4.45 17.01 33.64
C ASN K 359 -4.87 15.56 33.84
N PHE K 360 -4.59 14.67 32.90
CA PHE K 360 -5.19 13.34 32.91
C PHE K 360 -4.12 12.25 33.00
N LYS K 361 -4.08 11.55 34.13
CA LYS K 361 -3.36 10.30 34.17
C LYS K 361 -4.19 9.20 33.50
N GLU K 362 -3.52 8.12 33.15
CA GLU K 362 -4.15 6.98 32.50
C GLU K 362 -3.78 5.69 33.19
N TYR K 363 -4.74 4.78 33.29
CA TYR K 363 -4.49 3.46 33.86
C TYR K 363 -5.12 2.42 32.96
N LEU K 364 -4.77 1.17 33.20
CA LEU K 364 -5.25 0.06 32.38
C LEU K 364 -5.63 -1.11 33.26
N ARG K 365 -6.86 -1.56 33.16
CA ARG K 365 -7.34 -2.70 33.91
C ARG K 365 -8.13 -3.61 32.98
N HIS K 366 -8.12 -4.90 33.28
CA HIS K 366 -8.68 -5.90 32.39
C HIS K 366 -9.56 -6.88 33.13
N GLY K 367 -10.70 -7.21 32.56
CA GLY K 367 -11.70 -8.00 33.24
C GLY K 367 -11.54 -9.49 32.99
N GLU K 368 -12.00 -10.28 33.95
CA GLU K 368 -11.89 -11.73 33.87
C GLU K 368 -13.09 -12.41 34.50
N GLU K 369 -13.72 -13.31 33.78
CA GLU K 369 -14.98 -13.87 34.26
C GLU K 369 -15.02 -15.37 34.06
N TYR K 370 -15.04 -16.14 35.13
CA TYR K 370 -15.13 -17.60 34.99
C TYR K 370 -16.29 -18.13 35.80
N ASP K 371 -16.75 -19.31 35.42
CA ASP K 371 -17.60 -20.10 36.29
C ASP K 371 -17.41 -21.58 35.99
N LEU K 372 -17.61 -22.39 37.02
CA LEU K 372 -17.44 -23.82 36.91
C LEU K 372 -18.66 -24.51 37.47
N GLN K 373 -19.16 -25.50 36.74
CA GLN K 373 -20.24 -26.36 37.22
C GLN K 373 -19.93 -27.77 36.78
N PHE K 374 -19.87 -28.70 37.73
CA PHE K 374 -19.38 -30.04 37.45
C PHE K 374 -20.40 -31.08 37.88
N ILE K 375 -20.87 -31.88 36.94
CA ILE K 375 -21.61 -33.09 37.28
C ILE K 375 -20.67 -34.09 37.95
N PHE K 376 -21.25 -35.00 38.73
CA PHE K 376 -20.45 -36.12 39.20
C PHE K 376 -21.28 -37.37 39.37
N GLN K 377 -20.61 -38.50 39.28
CA GLN K 377 -21.19 -39.81 39.48
C GLN K 377 -20.44 -40.54 40.59
N LEU K 378 -21.10 -41.53 41.15
CA LEU K 378 -20.68 -42.17 42.38
C LEU K 378 -20.32 -43.61 42.11
N CYS K 379 -19.24 -44.08 42.73
CA CYS K 379 -18.75 -45.42 42.41
C CYS K 379 -18.08 -46.08 43.60
N LYS K 380 -18.06 -47.41 43.56
CA LYS K 380 -17.51 -48.25 44.60
C LYS K 380 -16.44 -49.15 44.00
N ILE K 381 -15.61 -49.75 44.86
CA ILE K 381 -14.54 -50.62 44.41
C ILE K 381 -14.45 -51.83 45.32
N THR K 382 -14.45 -53.01 44.72
CA THR K 382 -14.19 -54.24 45.44
C THR K 382 -12.69 -54.39 45.68
N LEU K 383 -12.33 -55.07 46.75
CA LEU K 383 -10.93 -55.29 47.09
C LEU K 383 -10.59 -56.76 47.06
N THR K 384 -9.59 -57.12 46.27
CA THR K 384 -8.85 -58.36 46.44
C THR K 384 -7.38 -58.03 46.30
N ALA K 385 -6.56 -59.07 46.35
CA ALA K 385 -5.14 -58.87 46.18
C ALA K 385 -4.84 -58.22 44.84
N ASP K 386 -5.25 -58.87 43.76
CA ASP K 386 -5.01 -58.35 42.42
C ASP K 386 -5.41 -56.89 42.35
N VAL K 387 -6.60 -56.58 42.86
CA VAL K 387 -7.02 -55.21 43.02
C VAL K 387 -5.88 -54.48 43.69
N MET K 388 -5.67 -54.77 44.98
CA MET K 388 -4.73 -54.00 45.77
C MET K 388 -3.40 -53.88 45.05
N THR K 389 -2.89 -55.00 44.55
CA THR K 389 -1.65 -54.97 43.82
C THR K 389 -1.71 -53.93 42.72
N TYR K 390 -2.69 -54.08 41.85
CA TYR K 390 -2.74 -53.27 40.65
C TYR K 390 -2.74 -51.80 40.99
N ILE K 391 -3.50 -51.42 42.00
CA ILE K 391 -3.47 -50.03 42.44
C ILE K 391 -2.07 -49.70 42.93
N HIS K 392 -1.58 -50.47 43.88
CA HIS K 392 -0.31 -50.13 44.51
C HIS K 392 0.77 -49.90 43.49
N SER K 393 0.67 -50.58 42.35
CA SER K 393 1.57 -50.27 41.26
C SER K 393 1.33 -48.85 40.76
N MET K 394 0.09 -48.54 40.41
CA MET K 394 -0.20 -47.31 39.70
C MET K 394 0.28 -46.09 40.46
N ASN K 395 -0.40 -45.72 41.54
CA ASN K 395 0.15 -44.73 42.45
C ASN K 395 -0.12 -45.16 43.88
N SER K 396 0.94 -45.40 44.63
CA SER K 396 0.77 -45.91 45.99
C SER K 396 0.29 -44.84 46.94
N THR K 397 0.65 -43.58 46.68
CA THR K 397 0.22 -42.51 47.57
C THR K 397 -1.28 -42.50 47.72
N ILE K 398 -1.99 -42.85 46.66
CA ILE K 398 -3.44 -42.96 46.67
C ILE K 398 -3.86 -43.76 47.88
N LEU K 399 -3.17 -44.87 48.12
CA LEU K 399 -3.58 -45.78 49.18
C LEU K 399 -3.66 -45.08 50.52
N GLU K 400 -2.70 -44.20 50.81
CA GLU K 400 -2.61 -43.60 52.13
C GLU K 400 -3.94 -43.00 52.57
N ASP K 401 -4.48 -42.10 51.76
CA ASP K 401 -5.73 -41.47 52.13
C ASP K 401 -6.87 -42.46 52.23
N TRP K 402 -6.63 -43.71 51.85
CA TRP K 402 -7.64 -44.68 52.12
C TRP K 402 -7.18 -45.64 53.19
N ASN K 403 -8.10 -46.42 53.68
CA ASN K 403 -7.86 -47.17 54.87
C ASN K 403 -8.03 -48.67 54.82
N PHE K 404 -8.13 -49.37 53.65
CA PHE K 404 -8.35 -50.88 53.56
C PHE K 404 -9.15 -51.18 54.83
N GLY K 405 -8.48 -51.50 55.97
CA GLY K 405 -7.03 -51.73 56.23
C GLY K 405 -6.00 -50.59 55.94
N LEU K 406 -4.92 -50.43 56.66
CA LEU K 406 -3.98 -49.54 55.98
C LEU K 406 -3.30 -50.61 55.14
N GLN K 407 -2.11 -50.40 54.62
CA GLN K 407 -1.39 -51.62 54.32
C GLN K 407 -1.57 -52.49 55.53
N PRO K 408 -1.28 -51.96 56.71
CA PRO K 408 -0.74 -50.70 57.16
C PRO K 408 0.76 -50.50 57.03
N PRO K 409 1.59 -51.12 57.87
CA PRO K 409 2.87 -51.54 57.44
C PRO K 409 3.07 -53.03 57.51
N PRO K 410 2.70 -53.79 56.50
CA PRO K 410 3.69 -54.72 55.98
C PRO K 410 4.84 -53.92 55.47
N GLY K 411 4.61 -52.64 55.19
CA GLY K 411 5.60 -51.68 54.79
C GLY K 411 6.29 -50.91 55.90
N GLY K 412 6.36 -51.47 57.08
CA GLY K 412 7.38 -50.95 57.97
C GLY K 412 6.86 -49.91 58.93
N THR K 413 7.45 -49.91 60.12
CA THR K 413 6.99 -49.12 61.26
C THR K 413 8.12 -48.25 61.80
N LEU K 414 7.74 -47.09 62.31
CA LEU K 414 8.73 -46.23 62.93
C LEU K 414 9.18 -46.82 64.26
N GLU K 415 10.40 -46.48 64.62
CA GLU K 415 11.13 -47.09 65.72
C GLU K 415 10.93 -46.35 67.03
N ASP K 416 9.81 -45.63 67.14
CA ASP K 416 9.44 -44.97 68.38
C ASP K 416 10.34 -43.79 68.67
N THR K 417 10.00 -42.70 68.01
CA THR K 417 10.70 -41.43 68.16
C THR K 417 10.94 -41.08 69.61
N TYR K 418 12.12 -40.53 69.86
CA TYR K 418 12.59 -40.19 71.18
C TYR K 418 11.89 -38.95 71.71
N ARG K 419 11.20 -39.06 72.83
CA ARG K 419 10.55 -37.92 73.49
C ARG K 419 11.10 -37.78 74.89
N PHE K 420 11.87 -36.74 75.13
CA PHE K 420 12.63 -36.64 76.36
C PHE K 420 12.30 -35.34 77.07
N VAL K 421 12.16 -35.40 78.39
CA VAL K 421 11.52 -34.31 79.10
C VAL K 421 12.59 -33.31 79.47
N THR K 422 12.51 -32.18 78.78
CA THR K 422 13.53 -31.17 78.71
C THR K 422 12.83 -29.85 78.55
N SER K 423 13.35 -28.84 79.21
CA SER K 423 12.74 -27.53 79.09
C SER K 423 13.14 -26.85 77.80
N GLN K 424 13.96 -27.52 77.00
CA GLN K 424 14.69 -26.92 75.89
C GLN K 424 15.77 -25.99 76.43
N ALA K 425 15.70 -25.65 77.73
CA ALA K 425 16.80 -24.94 78.36
C ALA K 425 17.90 -25.88 78.79
N ILE K 426 17.57 -27.15 78.91
CA ILE K 426 18.56 -28.18 79.12
C ILE K 426 19.48 -28.24 77.91
N ALA K 427 20.64 -28.85 78.07
CA ALA K 427 21.50 -28.94 76.91
C ALA K 427 21.04 -30.14 76.13
N CYS K 428 20.28 -29.85 75.07
CA CYS K 428 19.60 -30.80 74.20
C CYS K 428 19.24 -30.05 72.94
N GLN K 429 18.88 -30.80 71.90
CA GLN K 429 18.51 -30.19 70.64
C GLN K 429 17.06 -29.73 70.61
N LYS K 430 16.78 -28.84 69.64
CA LYS K 430 15.43 -28.47 69.25
C LYS K 430 14.62 -29.70 68.88
N HIS K 431 13.31 -29.59 69.06
CA HIS K 431 12.38 -30.45 68.35
C HIS K 431 11.10 -29.68 68.05
N THR K 432 10.60 -29.85 66.84
CA THR K 432 9.42 -29.16 66.33
C THR K 432 8.34 -30.18 65.95
N PRO K 433 7.13 -30.11 66.53
CA PRO K 433 6.09 -31.10 66.18
C PRO K 433 5.72 -31.03 64.71
N PRO K 434 5.82 -32.16 64.01
CA PRO K 434 5.76 -32.14 62.54
C PRO K 434 4.43 -32.40 61.82
N ALA K 435 4.56 -32.53 60.48
CA ALA K 435 3.71 -33.11 59.43
C ALA K 435 2.36 -32.46 59.09
N PRO K 436 2.32 -31.20 58.64
CA PRO K 436 1.16 -30.72 57.88
C PRO K 436 1.04 -31.19 56.42
N LYS K 437 2.16 -31.28 55.68
CA LYS K 437 2.13 -31.20 54.22
C LYS K 437 1.48 -32.42 53.60
N GLU K 438 0.39 -32.22 52.87
CA GLU K 438 -0.21 -33.29 52.09
C GLU K 438 0.00 -33.19 50.58
N ASP K 439 0.59 -32.11 50.07
CA ASP K 439 0.77 -31.97 48.63
C ASP K 439 2.23 -31.88 48.28
N PRO K 440 2.78 -32.84 47.52
CA PRO K 440 4.14 -32.67 47.03
C PRO K 440 4.28 -31.52 46.05
N LEU K 441 3.21 -31.13 45.38
CA LEU K 441 3.30 -30.14 44.32
C LEU K 441 3.16 -28.73 44.85
N LYS K 442 3.09 -28.57 46.17
CA LYS K 442 2.98 -27.26 46.78
C LYS K 442 4.07 -26.31 46.30
N LYS K 443 5.18 -26.85 45.79
CA LYS K 443 6.15 -26.00 45.11
C LYS K 443 5.50 -25.23 43.98
N TYR K 444 4.53 -25.84 43.30
CA TYR K 444 3.94 -25.27 42.11
C TYR K 444 2.68 -24.50 42.49
N THR K 445 2.77 -23.18 42.40
CA THR K 445 1.66 -22.32 42.75
C THR K 445 0.67 -22.24 41.61
N PHE K 446 -0.60 -22.08 41.95
CA PHE K 446 -1.59 -21.72 40.95
C PHE K 446 -2.94 -21.54 41.62
N TRP K 447 -3.84 -20.96 40.85
CA TRP K 447 -5.14 -20.51 41.30
C TRP K 447 -5.92 -21.64 41.95
N GLU K 448 -6.71 -21.29 42.95
CA GLU K 448 -7.36 -22.29 43.78
C GLU K 448 -8.80 -21.92 44.03
N VAL K 449 -9.61 -22.94 44.20
CA VAL K 449 -11.00 -22.78 44.62
C VAL K 449 -11.33 -23.97 45.47
N ASN K 450 -12.15 -23.77 46.49
CA ASN K 450 -12.66 -24.88 47.27
C ASN K 450 -14.15 -25.03 47.02
N LEU K 451 -14.55 -26.26 46.74
CA LEU K 451 -15.96 -26.59 46.63
C LEU K 451 -16.53 -27.26 47.87
N LYS K 452 -15.70 -27.57 48.87
CA LYS K 452 -16.01 -28.66 49.77
C LYS K 452 -17.44 -28.61 50.29
N GLU K 453 -18.02 -27.43 50.39
CA GLU K 453 -19.29 -27.32 51.06
C GLU K 453 -20.49 -27.38 50.15
N LYS K 454 -20.32 -27.33 48.84
CA LYS K 454 -21.42 -26.86 48.03
C LYS K 454 -22.32 -27.94 47.46
N PHE K 455 -22.05 -29.21 47.70
CA PHE K 455 -22.82 -30.24 47.03
C PHE K 455 -24.30 -30.16 47.35
N SER K 456 -25.13 -30.61 46.39
CA SER K 456 -26.54 -30.83 46.60
C SER K 456 -26.95 -32.10 45.87
N ALA K 457 -28.02 -32.70 46.38
CA ALA K 457 -28.48 -34.00 45.92
C ALA K 457 -29.62 -33.92 44.94
N ASP K 458 -30.04 -32.73 44.53
CA ASP K 458 -31.20 -32.63 43.65
C ASP K 458 -30.83 -31.82 42.42
N LEU K 459 -30.84 -32.49 41.27
CA LEU K 459 -30.47 -31.80 40.04
C LEU K 459 -31.45 -30.69 39.72
N ASP K 460 -32.73 -30.95 39.91
CA ASP K 460 -33.78 -30.12 39.35
C ASP K 460 -33.58 -28.65 39.67
N GLN K 461 -32.96 -28.34 40.79
CA GLN K 461 -32.89 -26.95 41.15
C GLN K 461 -31.79 -26.20 40.42
N PHE K 462 -31.05 -26.84 39.56
CA PHE K 462 -29.97 -26.08 38.95
C PHE K 462 -30.18 -25.89 37.46
N PRO K 463 -29.65 -24.82 36.89
CA PRO K 463 -29.83 -24.62 35.45
C PRO K 463 -29.24 -25.76 34.66
N LEU K 464 -28.00 -26.11 34.95
CA LEU K 464 -27.28 -27.06 34.13
C LEU K 464 -27.95 -28.42 34.19
N GLY K 465 -28.12 -28.93 35.40
CA GLY K 465 -28.43 -30.34 35.56
C GLY K 465 -29.60 -30.79 34.73
N ARG K 466 -30.69 -30.02 34.75
CA ARG K 466 -31.90 -30.52 34.14
C ARG K 466 -31.65 -30.96 32.71
N LYS K 467 -30.67 -30.37 32.05
CA LYS K 467 -30.24 -30.91 30.78
C LYS K 467 -29.79 -32.36 30.94
N PHE K 468 -28.96 -32.62 31.95
CA PHE K 468 -28.54 -33.99 32.21
C PHE K 468 -29.74 -34.91 32.25
N LEU K 469 -30.80 -34.47 32.91
CA LEU K 469 -32.05 -35.20 32.82
C LEU K 469 -32.50 -35.30 31.37
N LEU K 470 -32.62 -34.14 30.71
CA LEU K 470 -33.21 -34.12 29.38
C LEU K 470 -32.47 -35.05 28.44
N GLN K 471 -31.15 -35.11 28.57
CA GLN K 471 -30.39 -36.02 27.72
C GLN K 471 -30.79 -37.46 27.96
N ALA K 472 -30.99 -37.83 29.22
CA ALA K 472 -31.48 -39.14 29.56
C ALA K 472 -32.98 -39.17 29.80
N GLY K 473 -33.66 -38.05 29.61
CA GLY K 473 -35.09 -38.03 29.81
C GLY K 473 -35.42 -38.29 31.27
N LEU K 474 -36.28 -39.28 31.50
CA LEU K 474 -36.54 -39.82 32.83
C LEU K 474 -37.05 -38.80 33.84
N LYS K 475 -38.37 -38.50 33.92
CA LYS K 475 -38.86 -37.46 34.87
C LYS K 475 -38.27 -37.69 36.26
N ALA K 476 -37.73 -36.62 36.86
CA ALA K 476 -37.07 -36.75 38.15
C ALA K 476 -38.04 -37.19 39.25
N LYS K 477 -39.32 -37.34 38.90
CA LYS K 477 -40.55 -37.50 39.67
C LYS K 477 -41.06 -36.30 40.47
N PRO K 478 -41.23 -35.14 39.85
CA PRO K 478 -42.18 -34.18 40.40
C PRO K 478 -43.59 -34.45 39.91
N LYS K 479 -44.35 -35.31 40.57
CA LYS K 479 -45.72 -35.53 40.11
C LYS K 479 -46.68 -34.48 40.64
N PHE K 480 -46.83 -34.37 41.95
CA PHE K 480 -47.71 -33.34 42.50
C PHE K 480 -47.00 -32.01 42.71
N TYR L 12 -21.16 -35.27 58.05
CA TYR L 12 -22.34 -34.65 57.45
C TYR L 12 -23.27 -35.67 56.83
N LEU L 13 -24.54 -35.31 56.72
CA LEU L 13 -25.41 -35.87 55.72
C LEU L 13 -26.35 -34.72 55.37
N PRO L 14 -26.76 -34.58 54.12
CA PRO L 14 -27.65 -33.50 53.78
C PRO L 14 -29.01 -33.71 54.41
N PRO L 15 -29.51 -32.73 55.16
CA PRO L 15 -30.93 -32.71 55.47
C PRO L 15 -31.67 -32.28 54.23
N VAL L 16 -32.94 -32.66 54.16
CA VAL L 16 -33.76 -32.36 52.99
C VAL L 16 -34.88 -31.37 53.29
N PRO L 17 -34.47 -30.12 53.71
CA PRO L 17 -35.57 -29.18 53.96
C PRO L 17 -35.87 -28.42 52.68
N VAL L 18 -36.39 -29.13 51.68
CA VAL L 18 -36.70 -28.50 50.39
C VAL L 18 -38.11 -28.81 49.88
N SER L 19 -38.75 -27.77 49.27
CA SER L 19 -40.07 -27.61 48.67
C SER L 19 -40.06 -27.85 47.19
N LYS L 20 -38.89 -28.09 46.62
CA LYS L 20 -38.69 -28.74 45.35
C LYS L 20 -38.58 -27.89 44.09
N VAL L 21 -38.54 -26.56 44.12
CA VAL L 21 -39.28 -25.73 43.16
C VAL L 21 -39.44 -26.42 41.82
N VAL L 22 -40.65 -26.43 41.30
CA VAL L 22 -41.12 -27.51 40.45
C VAL L 22 -41.33 -26.97 39.06
N SER L 23 -41.38 -27.89 38.11
CA SER L 23 -41.70 -27.52 36.74
C SER L 23 -43.14 -27.05 36.64
N THR L 24 -43.33 -25.88 36.05
CA THR L 24 -44.66 -25.30 35.97
C THR L 24 -45.64 -26.23 35.28
N ASP L 25 -45.15 -27.04 34.35
CA ASP L 25 -46.06 -27.90 33.62
C ASP L 25 -46.72 -28.94 34.49
N GLU L 26 -46.32 -29.05 35.75
CA GLU L 26 -47.04 -29.90 36.68
C GLU L 26 -48.49 -29.48 36.85
N TYR L 27 -48.70 -28.35 37.51
CA TYR L 27 -50.06 -27.99 37.90
C TYR L 27 -50.85 -27.33 36.79
N VAL L 28 -50.18 -26.60 35.90
CA VAL L 28 -50.93 -25.92 34.84
C VAL L 28 -51.65 -26.94 33.97
N ALA L 29 -52.70 -26.49 33.29
CA ALA L 29 -53.39 -27.33 32.34
C ALA L 29 -53.62 -26.56 31.05
N ARG L 30 -53.30 -27.20 29.92
CA ARG L 30 -53.42 -26.60 28.60
C ARG L 30 -54.82 -26.81 28.05
N THR L 31 -55.29 -25.81 27.31
CA THR L 31 -56.63 -25.81 26.75
C THR L 31 -56.62 -26.07 25.25
N ASN L 32 -57.80 -25.97 24.65
CA ASN L 32 -57.98 -26.18 23.23
C ASN L 32 -57.95 -24.88 22.43
N ILE L 33 -57.97 -23.73 23.05
CA ILE L 33 -58.24 -22.49 22.34
C ILE L 33 -56.97 -21.69 22.12
N TYR L 34 -56.89 -21.00 20.99
CA TYR L 34 -55.79 -20.11 20.67
C TYR L 34 -56.32 -18.80 20.16
N TYR L 35 -55.51 -17.75 20.28
CA TYR L 35 -55.85 -16.43 19.75
C TYR L 35 -54.64 -15.78 19.14
N HIS L 36 -54.85 -14.66 18.46
CA HIS L 36 -53.74 -13.80 18.09
C HIS L 36 -54.16 -12.35 18.01
N ALA L 37 -53.19 -11.48 18.24
CA ALA L 37 -53.31 -10.06 17.97
C ALA L 37 -51.92 -9.51 17.75
N GLY L 38 -51.84 -8.37 17.08
CA GLY L 38 -50.57 -7.72 16.87
C GLY L 38 -50.73 -6.25 16.59
N THR L 39 -49.66 -5.51 16.83
CA THR L 39 -49.67 -4.11 16.49
C THR L 39 -49.81 -3.93 15.01
N SER L 40 -50.27 -2.76 14.63
CA SER L 40 -50.17 -2.39 13.24
C SER L 40 -48.72 -2.37 12.82
N ARG L 41 -47.98 -1.34 13.24
CA ARG L 41 -46.55 -1.29 13.10
C ARG L 41 -46.02 -0.20 14.00
N LEU L 42 -44.73 -0.21 14.24
CA LEU L 42 -44.10 0.83 15.01
C LEU L 42 -43.11 1.61 14.16
N LEU L 43 -43.03 2.91 14.44
CA LEU L 43 -42.22 3.82 13.64
C LEU L 43 -41.56 4.82 14.57
N ALA L 44 -40.26 5.03 14.41
CA ALA L 44 -39.55 5.96 15.26
C ALA L 44 -38.51 6.73 14.45
N VAL L 45 -38.31 7.99 14.81
CA VAL L 45 -37.36 8.85 14.12
C VAL L 45 -36.60 9.64 15.16
N GLY L 46 -35.30 9.82 14.94
CA GLY L 46 -34.51 10.61 15.87
C GLY L 46 -33.12 10.84 15.34
N HIS L 47 -32.42 11.63 16.02
CA HIS L 47 -31.04 11.88 15.64
C HIS L 47 -30.11 10.95 16.41
N PRO L 48 -29.08 10.44 15.75
CA PRO L 48 -28.22 9.46 16.44
C PRO L 48 -27.39 10.01 17.56
N TYR L 49 -26.78 11.17 17.38
CA TYR L 49 -25.66 11.57 18.22
C TYR L 49 -26.02 12.25 19.53
N PHE L 50 -26.98 13.16 19.57
CA PHE L 50 -27.38 13.77 20.82
C PHE L 50 -28.84 14.18 20.70
N PRO L 51 -29.54 14.31 21.82
CA PRO L 51 -30.92 14.81 21.74
C PRO L 51 -30.96 16.29 21.42
N ILE L 52 -32.12 16.73 20.93
CA ILE L 52 -32.33 18.10 20.51
C ILE L 52 -33.23 18.79 21.51
N LYS L 53 -32.82 19.95 22.00
CA LYS L 53 -33.66 20.72 22.90
C LYS L 53 -33.50 22.20 22.60
N LYS L 54 -34.51 22.96 22.99
CA LYS L 54 -34.45 24.41 22.91
C LYS L 54 -33.23 24.90 23.69
N PRO L 55 -32.47 25.85 23.16
CA PRO L 55 -31.20 26.20 23.81
C PRO L 55 -31.37 26.72 25.22
N ASN L 56 -32.32 27.63 25.44
CA ASN L 56 -32.55 28.12 26.80
C ASN L 56 -33.29 27.09 27.63
N ASN L 57 -34.29 26.45 27.04
CA ASN L 57 -35.14 25.53 27.77
C ASN L 57 -34.36 24.26 28.06
N ASN L 58 -34.96 23.38 28.86
CA ASN L 58 -34.53 22.01 28.94
C ASN L 58 -35.42 21.07 28.14
N LYS L 59 -36.47 21.59 27.52
CA LYS L 59 -37.45 20.73 26.85
C LYS L 59 -36.89 20.23 25.53
N ILE L 60 -37.02 18.93 25.31
CA ILE L 60 -36.47 18.30 24.11
C ILE L 60 -37.24 18.77 22.89
N LEU L 61 -36.51 19.24 21.88
CA LEU L 61 -37.16 19.48 20.60
C LEU L 61 -37.29 18.21 19.78
N VAL L 62 -36.23 17.41 19.72
CA VAL L 62 -36.27 16.18 18.95
C VAL L 62 -35.70 15.05 19.80
N PRO L 63 -36.30 13.88 19.80
CA PRO L 63 -35.77 12.78 20.61
C PRO L 63 -34.53 12.22 19.97
N LYS L 64 -33.56 11.87 20.82
CA LYS L 64 -32.35 11.24 20.33
C LYS L 64 -32.61 9.76 20.12
N VAL L 65 -32.43 9.29 18.89
CA VAL L 65 -32.66 7.89 18.58
C VAL L 65 -31.60 7.41 17.62
N SER L 66 -31.12 6.19 17.83
CA SER L 66 -30.32 5.50 16.84
C SER L 66 -30.42 4.02 17.08
N GLY L 67 -30.02 3.26 16.07
CA GLY L 67 -30.10 1.82 16.18
C GLY L 67 -29.42 1.29 17.42
N LEU L 68 -28.26 1.83 17.75
CA LEU L 68 -27.50 1.28 18.86
C LEU L 68 -28.16 1.53 20.19
N GLN L 69 -29.19 2.36 20.24
CA GLN L 69 -30.00 2.39 21.43
C GLN L 69 -30.68 1.04 21.59
N TYR L 70 -30.69 0.54 22.81
CA TYR L 70 -31.48 -0.66 23.06
C TYR L 70 -32.95 -0.36 22.84
N ARG L 71 -33.72 -1.41 22.68
CA ARG L 71 -35.15 -1.29 22.62
C ARG L 71 -35.79 -2.10 23.72
N VAL L 72 -36.82 -1.54 24.33
CA VAL L 72 -37.51 -2.22 25.40
C VAL L 72 -38.99 -2.16 25.11
N PHE L 73 -39.60 -3.32 24.90
CA PHE L 73 -41.03 -3.39 24.64
C PHE L 73 -41.74 -3.98 25.84
N ARG L 74 -42.72 -3.25 26.36
CA ARG L 74 -43.60 -3.76 27.40
C ARG L 74 -44.98 -3.92 26.81
N ILE L 75 -45.61 -5.04 27.09
CA ILE L 75 -46.85 -5.40 26.44
C ILE L 75 -47.85 -5.85 27.48
N HIS L 76 -48.97 -5.14 27.55
CA HIS L 76 -50.03 -5.50 28.47
C HIS L 76 -50.98 -6.50 27.82
N LEU L 77 -51.48 -7.39 28.61
CA LEU L 77 -52.58 -8.16 28.12
C LEU L 77 -53.81 -7.85 28.94
N PRO L 78 -54.99 -7.86 28.34
CA PRO L 78 -56.19 -7.76 29.16
C PRO L 78 -56.36 -9.01 29.98
N ASP L 79 -56.91 -8.84 31.16
CA ASP L 79 -57.18 -9.97 32.02
C ASP L 79 -58.03 -10.98 31.26
N PRO L 80 -57.57 -12.18 31.09
CA PRO L 80 -58.45 -13.20 30.53
C PRO L 80 -59.72 -13.33 31.32
N ASN L 81 -59.61 -13.35 32.63
CA ASN L 81 -60.76 -13.71 33.44
C ASN L 81 -61.83 -12.64 33.44
N LYS L 82 -61.56 -11.51 32.80
CA LYS L 82 -62.61 -10.62 32.36
C LYS L 82 -63.25 -11.04 31.06
N PHE L 83 -62.55 -11.79 30.22
CA PHE L 83 -62.86 -11.92 28.80
C PHE L 83 -63.51 -13.26 28.46
N GLY L 84 -64.78 -13.22 28.09
CA GLY L 84 -65.54 -14.42 27.85
C GLY L 84 -65.14 -15.13 26.59
N PHE L 85 -65.82 -16.24 26.36
CA PHE L 85 -65.51 -17.22 25.33
C PHE L 85 -66.78 -17.53 24.56
N PRO L 86 -66.67 -18.19 23.41
CA PRO L 86 -67.90 -18.69 22.77
C PRO L 86 -68.64 -19.67 23.65
N ASP L 87 -67.94 -20.64 24.24
CA ASP L 87 -68.52 -21.58 25.19
C ASP L 87 -67.65 -21.57 26.44
N THR L 88 -68.20 -21.06 27.53
CA THR L 88 -67.44 -20.91 28.77
C THR L 88 -67.67 -22.05 29.76
N SER L 89 -68.57 -22.99 29.43
CA SER L 89 -69.01 -23.97 30.41
C SER L 89 -67.88 -24.86 30.90
N PHE L 90 -66.80 -24.97 30.15
CA PHE L 90 -65.84 -26.03 30.42
C PHE L 90 -65.08 -25.85 31.73
N TYR L 91 -65.23 -24.72 32.41
CA TYR L 91 -64.58 -24.54 33.70
C TYR L 91 -65.48 -23.76 34.64
N ASN L 92 -65.28 -23.97 35.92
CA ASN L 92 -65.84 -23.05 36.88
C ASN L 92 -64.94 -21.85 36.99
N PRO L 93 -65.42 -20.65 36.70
CA PRO L 93 -64.62 -19.46 36.96
C PRO L 93 -64.43 -19.19 38.44
N ASP L 94 -65.24 -19.78 39.32
CA ASP L 94 -65.08 -19.50 40.73
C ASP L 94 -63.85 -20.19 41.30
N THR L 95 -63.87 -21.51 41.31
CA THR L 95 -62.81 -22.27 41.95
C THR L 95 -61.46 -22.12 41.24
N GLN L 96 -61.42 -21.41 40.12
CA GLN L 96 -60.21 -21.41 39.31
C GLN L 96 -59.99 -20.03 38.69
N ARG L 97 -59.00 -19.98 37.80
CA ARG L 97 -58.64 -18.77 37.06
C ARG L 97 -58.28 -19.14 35.64
N LEU L 98 -57.90 -18.13 34.89
CA LEU L 98 -57.41 -18.27 33.54
C LEU L 98 -56.14 -17.44 33.40
N VAL L 99 -55.13 -17.97 32.73
CA VAL L 99 -53.88 -17.25 32.57
C VAL L 99 -53.31 -17.51 31.19
N TRP L 100 -52.79 -16.45 30.57
CA TRP L 100 -52.27 -16.53 29.21
C TRP L 100 -50.92 -17.22 29.16
N ALA L 101 -50.64 -17.84 28.02
CA ALA L 101 -49.38 -18.51 27.76
C ALA L 101 -48.87 -18.20 26.37
N CYS L 102 -47.57 -18.05 26.24
CA CYS L 102 -46.94 -17.55 25.03
C CYS L 102 -46.30 -18.70 24.28
N VAL L 103 -46.92 -19.13 23.19
CA VAL L 103 -46.40 -20.27 22.45
C VAL L 103 -45.29 -19.85 21.50
N GLY L 104 -45.53 -18.81 20.71
CA GLY L 104 -44.61 -18.46 19.65
C GLY L 104 -44.67 -16.99 19.33
N VAL L 105 -43.56 -16.49 18.77
CA VAL L 105 -43.31 -15.06 18.72
C VAL L 105 -42.58 -14.73 17.43
N GLU L 106 -42.82 -13.53 16.92
CA GLU L 106 -42.21 -13.08 15.67
C GLU L 106 -41.76 -11.65 15.82
N VAL L 107 -40.70 -11.28 15.12
CA VAL L 107 -40.21 -9.92 15.11
C VAL L 107 -40.03 -9.49 13.67
N GLY L 108 -40.88 -8.56 13.21
CA GLY L 108 -40.77 -8.03 11.87
C GLY L 108 -39.83 -6.83 11.77
N ARG L 109 -39.06 -6.79 10.69
CA ARG L 109 -38.16 -5.67 10.43
C ARG L 109 -38.17 -5.38 8.94
N GLY L 110 -38.54 -4.17 8.56
CA GLY L 110 -38.76 -3.90 7.15
C GLY L 110 -37.76 -3.05 6.39
N GLN L 111 -36.81 -2.44 7.07
CA GLN L 111 -35.93 -1.52 6.36
C GLN L 111 -35.00 -2.25 5.41
N PRO L 112 -34.56 -1.60 4.36
CA PRO L 112 -33.47 -2.16 3.56
C PRO L 112 -32.20 -2.14 4.38
N LEU L 113 -31.41 -3.20 4.26
CA LEU L 113 -30.33 -3.43 5.22
C LEU L 113 -29.11 -2.64 4.83
N GLY L 114 -28.54 -1.94 5.80
CA GLY L 114 -27.32 -1.21 5.56
C GLY L 114 -26.67 -0.65 6.82
N VAL L 115 -25.38 -0.45 6.78
CA VAL L 115 -24.62 -0.15 7.98
C VAL L 115 -24.50 1.35 8.15
N GLY L 116 -24.75 1.81 9.38
CA GLY L 116 -24.46 3.17 9.79
C GLY L 116 -23.14 3.25 10.52
N ILE L 117 -22.94 4.35 11.24
CA ILE L 117 -21.60 4.64 11.70
C ILE L 117 -21.57 5.89 12.58
N SER L 118 -20.50 6.05 13.35
CA SER L 118 -20.33 7.18 14.24
C SER L 118 -18.85 7.49 14.36
N GLY L 119 -18.56 8.66 14.89
CA GLY L 119 -17.21 9.08 15.13
C GLY L 119 -17.19 10.13 16.23
N HIS L 120 -16.02 10.74 16.41
CA HIS L 120 -15.97 11.89 17.27
C HIS L 120 -14.99 12.90 16.72
N PRO L 121 -15.30 14.19 16.83
CA PRO L 121 -14.41 15.19 16.25
C PRO L 121 -13.09 15.29 16.98
N LEU L 122 -13.10 15.13 18.29
CA LEU L 122 -11.89 15.18 19.09
C LEU L 122 -11.67 13.82 19.74
N LEU L 123 -10.51 13.23 19.49
CA LEU L 123 -10.24 11.92 20.05
C LEU L 123 -8.79 11.85 20.45
N ASN L 124 -8.53 11.40 21.66
CA ASN L 124 -7.15 11.24 22.08
C ASN L 124 -6.49 10.27 21.12
N LYS L 125 -5.42 10.72 20.47
CA LYS L 125 -4.70 9.85 19.58
C LYS L 125 -3.28 10.34 19.45
N LEU L 126 -2.35 9.42 19.28
CA LEU L 126 -1.00 9.84 18.99
C LEU L 126 -0.80 9.84 17.49
N ASP L 127 -0.65 8.66 16.91
CA ASP L 127 -0.39 8.50 15.49
C ASP L 127 -0.48 7.02 15.16
N ASP L 128 -0.17 6.65 13.93
CA ASP L 128 -0.21 5.26 13.55
C ASP L 128 0.83 4.47 14.34
N THR L 129 0.39 3.35 14.87
CA THR L 129 1.27 2.37 15.47
C THR L 129 1.66 1.25 14.51
N GLU L 130 1.01 1.17 13.35
CA GLU L 130 1.18 0.02 12.48
C GLU L 130 2.53 0.06 11.76
N ASN L 131 2.85 1.18 11.16
CA ASN L 131 4.14 1.34 10.51
C ASN L 131 4.64 2.75 10.75
N ALA L 132 5.87 2.88 11.23
CA ALA L 132 6.47 4.18 11.47
C ALA L 132 7.89 4.17 10.93
N SER L 133 8.16 5.08 10.00
CA SER L 133 9.51 5.18 9.46
C SER L 133 10.49 5.64 10.52
N ALA L 134 10.14 6.69 11.24
CA ALA L 134 11.00 7.28 12.26
C ALA L 134 10.22 7.38 13.56
N TYR L 135 10.94 7.65 14.63
CA TYR L 135 10.27 7.81 15.90
C TYR L 135 9.33 9.02 15.85
N ALA L 136 8.33 9.01 16.72
CA ALA L 136 7.27 9.99 16.64
C ALA L 136 7.78 11.36 17.06
N ALA L 137 6.89 12.34 16.99
CA ALA L 137 7.25 13.70 17.34
C ALA L 137 7.04 13.92 18.83
N ASN L 138 7.28 15.14 19.28
CA ASN L 138 7.04 15.49 20.67
C ASN L 138 5.57 15.71 20.91
N ALA L 139 5.12 15.34 22.09
CA ALA L 139 3.72 15.48 22.43
C ALA L 139 3.44 16.93 22.80
N GLY L 140 2.57 17.57 22.03
CA GLY L 140 2.14 18.92 22.33
C GLY L 140 0.98 18.89 23.28
N VAL L 141 0.09 19.86 23.13
CA VAL L 141 -1.17 19.87 23.86
C VAL L 141 -2.29 19.60 22.87
N ASP L 142 -3.12 18.60 23.18
CA ASP L 142 -4.33 18.32 22.42
C ASP L 142 -4.05 18.05 20.95
N ASN L 143 -3.55 16.87 20.65
CA ASN L 143 -3.44 16.46 19.27
C ASN L 143 -4.70 15.81 18.75
N ARG L 144 -5.79 15.86 19.53
CA ARG L 144 -7.01 15.13 19.18
C ARG L 144 -7.43 15.41 17.74
N GLU L 145 -7.95 14.38 17.10
CA GLU L 145 -8.26 14.44 15.69
C GLU L 145 -9.68 13.94 15.44
N CYS L 146 -10.18 14.18 14.24
CA CYS L 146 -11.52 13.77 13.86
C CYS L 146 -11.41 12.46 13.09
N ILE L 147 -11.89 11.38 13.71
CA ILE L 147 -11.81 10.04 13.16
C ILE L 147 -13.05 9.28 13.59
N SER L 148 -13.47 8.32 12.78
CA SER L 148 -14.66 7.55 13.09
C SER L 148 -14.40 6.08 12.86
N MET L 149 -15.37 5.26 13.25
CA MET L 149 -15.22 3.81 13.17
C MET L 149 -16.60 3.19 13.16
N ASP L 150 -16.64 1.91 12.84
CA ASP L 150 -17.89 1.15 12.83
C ASP L 150 -18.01 0.30 14.08
N TYR L 151 -19.22 0.17 14.58
CA TYR L 151 -19.43 -0.65 15.77
C TYR L 151 -19.60 -2.11 15.43
N LYS L 152 -19.35 -2.95 16.43
CA LYS L 152 -19.49 -4.39 16.24
C LYS L 152 -20.90 -4.74 15.82
N GLN L 153 -20.99 -5.46 14.72
CA GLN L 153 -22.28 -5.96 14.29
C GLN L 153 -22.82 -6.93 15.32
N THR L 154 -24.12 -6.85 15.60
CA THR L 154 -24.68 -7.72 16.62
C THR L 154 -26.17 -7.95 16.38
N GLN L 155 -26.64 -9.12 16.76
CA GLN L 155 -28.07 -9.40 16.81
C GLN L 155 -28.38 -10.22 18.05
N LEU L 156 -29.52 -9.93 18.69
CA LEU L 156 -29.93 -10.66 19.89
C LEU L 156 -31.43 -10.57 20.06
N CYS L 157 -31.96 -11.42 20.94
CA CYS L 157 -33.39 -11.40 21.21
C CYS L 157 -33.65 -11.85 22.64
N LEU L 158 -34.64 -11.23 23.29
CA LEU L 158 -34.91 -11.47 24.71
C LEU L 158 -36.40 -11.52 24.98
N ILE L 159 -36.84 -12.53 25.71
CA ILE L 159 -38.26 -12.74 25.96
C ILE L 159 -38.47 -13.29 27.37
N GLY L 160 -39.40 -12.70 28.11
CA GLY L 160 -39.71 -13.21 29.44
C GLY L 160 -40.68 -12.28 30.14
N CYS L 161 -41.04 -12.69 31.35
CA CYS L 161 -41.97 -11.93 32.18
C CYS L 161 -41.30 -11.04 33.20
N LYS L 162 -39.98 -11.08 33.31
CA LYS L 162 -39.34 -10.16 34.21
C LYS L 162 -38.28 -9.38 33.47
N PRO L 163 -38.03 -8.13 33.85
CA PRO L 163 -37.23 -7.28 33.00
C PRO L 163 -35.84 -7.83 32.86
N PRO L 164 -35.20 -7.62 31.72
CA PRO L 164 -33.85 -8.14 31.53
C PRO L 164 -32.88 -7.50 32.48
N ILE L 165 -32.00 -8.31 33.05
CA ILE L 165 -31.07 -7.86 34.07
C ILE L 165 -29.73 -7.57 33.42
N GLY L 166 -29.19 -6.39 33.70
CA GLY L 166 -27.94 -5.97 33.12
C GLY L 166 -26.77 -6.00 34.10
N GLU L 167 -25.62 -5.66 33.55
CA GLU L 167 -24.39 -5.57 34.33
C GLU L 167 -23.43 -4.62 33.62
N HIS L 168 -22.56 -4.01 34.41
CA HIS L 168 -21.61 -3.07 33.86
C HIS L 168 -20.49 -2.90 34.85
N TRP L 169 -19.36 -2.44 34.35
CA TRP L 169 -18.33 -2.00 35.26
C TRP L 169 -18.75 -0.65 35.85
N GLY L 170 -18.14 -0.32 36.98
CA GLY L 170 -18.44 0.93 37.65
C GLY L 170 -17.58 1.11 38.87
N LYS L 171 -17.48 2.36 39.31
CA LYS L 171 -16.64 2.70 40.43
C LYS L 171 -17.41 2.64 41.72
N GLY L 172 -16.78 2.03 42.73
CA GLY L 172 -17.29 2.00 44.07
C GLY L 172 -16.47 2.85 45.03
N SER L 173 -16.59 2.54 46.30
CA SER L 173 -15.87 3.29 47.32
C SER L 173 -14.56 2.58 47.66
N PRO L 174 -13.43 3.27 47.59
CA PRO L 174 -12.17 2.64 48.00
C PRO L 174 -12.16 2.35 49.49
N CYS L 175 -11.66 1.18 49.84
CA CYS L 175 -11.43 0.87 51.24
C CYS L 175 -10.55 1.93 51.85
N THR L 176 -10.83 2.31 53.09
CA THR L 176 -10.16 3.46 53.67
C THR L 176 -8.92 2.96 54.41
N ASN L 177 -7.77 3.17 53.80
CA ASN L 177 -6.48 3.16 54.46
C ASN L 177 -5.74 4.38 53.95
N VAL L 178 -5.39 4.36 52.67
CA VAL L 178 -4.80 5.49 52.01
C VAL L 178 -5.90 6.45 51.57
N ALA L 179 -5.71 7.73 51.85
CA ALA L 179 -6.62 8.73 51.35
C ALA L 179 -6.41 8.91 49.86
N VAL L 180 -7.51 8.90 49.11
CA VAL L 180 -7.41 9.03 47.66
C VAL L 180 -6.97 10.44 47.32
N ASN L 181 -5.91 10.55 46.66
CA ASN L 181 -5.54 11.83 46.07
C ASN L 181 -6.07 11.91 44.65
N PRO L 182 -6.28 13.12 44.14
CA PRO L 182 -6.63 13.25 42.72
C PRO L 182 -5.57 12.57 41.87
N GLY L 183 -6.02 11.82 40.88
CA GLY L 183 -5.12 11.12 39.98
C GLY L 183 -4.90 9.67 40.32
N ASP L 184 -5.43 9.19 41.44
CA ASP L 184 -5.29 7.79 41.77
C ASP L 184 -6.16 6.91 40.87
N CYS L 185 -5.85 5.63 40.87
CA CYS L 185 -6.66 4.67 40.14
C CYS L 185 -7.91 4.35 40.93
N PRO L 186 -9.08 4.77 40.47
CA PRO L 186 -10.29 4.45 41.17
C PRO L 186 -10.56 2.96 41.10
N PRO L 187 -10.91 2.33 42.22
CA PRO L 187 -11.19 0.90 42.19
C PRO L 187 -12.43 0.62 41.38
N LEU L 188 -12.62 -0.65 41.07
CA LEU L 188 -13.71 -1.07 40.20
C LEU L 188 -14.70 -1.93 40.96
N GLU L 189 -15.92 -1.95 40.46
CA GLU L 189 -16.95 -2.77 41.08
C GLU L 189 -17.88 -3.29 40.01
N LEU L 190 -18.32 -4.52 40.17
CA LEU L 190 -19.25 -5.14 39.25
C LEU L 190 -20.67 -4.92 39.74
N ILE L 191 -21.54 -4.41 38.86
CA ILE L 191 -22.84 -3.92 39.29
C ILE L 191 -23.93 -4.43 38.38
N ASN L 192 -24.91 -5.11 38.96
CA ASN L 192 -26.14 -5.42 38.26
C ASN L 192 -27.11 -4.26 38.31
N THR L 193 -27.94 -4.15 37.28
CA THR L 193 -29.02 -3.18 37.31
C THR L 193 -30.12 -3.60 36.35
N VAL L 194 -31.29 -2.99 36.54
CA VAL L 194 -32.36 -3.12 35.57
C VAL L 194 -31.94 -2.41 34.29
N ILE L 195 -32.44 -2.90 33.17
CA ILE L 195 -32.09 -2.38 31.85
C ILE L 195 -33.17 -1.43 31.39
N GLN L 196 -32.77 -0.25 30.94
CA GLN L 196 -33.71 0.77 30.51
C GLN L 196 -33.50 1.08 29.03
N ASP L 197 -34.55 1.62 28.43
CA ASP L 197 -34.49 1.96 27.02
C ASP L 197 -33.49 3.09 26.81
N GLY L 198 -33.07 3.24 25.55
CA GLY L 198 -32.08 4.23 25.19
C GLY L 198 -30.68 3.88 25.61
N ASP L 199 -30.49 2.81 26.36
CA ASP L 199 -29.17 2.43 26.77
C ASP L 199 -28.41 1.81 25.60
N MET L 200 -27.10 1.75 25.75
CA MET L 200 -26.19 1.53 24.64
C MET L 200 -25.58 0.13 24.67
N VAL L 201 -25.50 -0.47 23.48
CA VAL L 201 -24.75 -1.71 23.27
C VAL L 201 -23.28 -1.47 23.55
N ASP L 202 -22.56 -2.55 23.84
CA ASP L 202 -21.11 -2.47 23.79
C ASP L 202 -20.65 -2.09 22.39
N THR L 203 -19.58 -1.33 22.33
CA THR L 203 -18.86 -1.18 21.08
C THR L 203 -17.71 -2.16 21.00
N GLY L 204 -17.60 -3.04 21.97
CA GLY L 204 -16.35 -3.72 22.21
C GLY L 204 -15.49 -3.05 23.24
N PHE L 205 -15.97 -1.99 23.87
CA PHE L 205 -15.27 -1.40 24.99
C PHE L 205 -15.83 -1.83 26.34
N GLY L 206 -16.84 -2.68 26.36
CA GLY L 206 -17.18 -3.21 27.67
C GLY L 206 -18.12 -2.31 28.44
N ALA L 207 -18.93 -2.94 29.27
CA ALA L 207 -19.98 -2.23 29.99
C ALA L 207 -19.38 -1.54 31.20
N MET L 208 -19.48 -0.22 31.21
CA MET L 208 -18.97 0.61 32.31
C MET L 208 -19.57 2.00 32.15
N ASP L 209 -19.27 2.86 33.11
CA ASP L 209 -19.67 4.26 33.03
C ASP L 209 -18.47 5.07 32.61
N PHE L 210 -18.51 5.54 31.37
CA PHE L 210 -17.49 6.48 30.94
C PHE L 210 -17.60 7.78 31.71
N THR L 211 -18.84 8.26 31.91
CA THR L 211 -19.04 9.56 32.53
C THR L 211 -18.24 9.65 33.81
N THR L 212 -18.38 8.67 34.69
CA THR L 212 -17.64 8.74 35.93
C THR L 212 -16.19 8.32 35.72
N LEU L 213 -15.97 7.20 35.06
CA LEU L 213 -14.62 6.67 35.01
C LEU L 213 -13.75 7.33 33.95
N GLN L 214 -14.33 7.98 32.96
CA GLN L 214 -13.55 8.68 31.95
C GLN L 214 -13.79 10.16 32.11
N ALA L 215 -12.77 10.88 32.57
CA ALA L 215 -12.90 12.32 32.73
C ALA L 215 -12.67 13.05 31.40
N ASN L 216 -11.77 12.53 30.58
CA ASN L 216 -11.47 13.18 29.30
C ASN L 216 -12.75 13.42 28.51
N LYS L 217 -13.66 12.46 28.54
CA LYS L 217 -14.94 12.59 27.85
C LYS L 217 -14.74 12.55 26.34
N SER L 218 -13.49 12.63 25.89
CA SER L 218 -13.17 12.52 24.48
C SER L 218 -12.65 11.15 24.06
N GLU L 219 -12.61 10.17 24.97
CA GLU L 219 -11.90 8.93 24.67
C GLU L 219 -12.67 7.99 23.76
N VAL L 220 -13.94 8.25 23.49
CA VAL L 220 -14.76 7.35 22.68
C VAL L 220 -15.68 8.19 21.81
N PRO L 221 -16.22 7.59 20.75
CA PRO L 221 -17.18 8.33 19.94
C PRO L 221 -18.40 8.73 20.76
N LEU L 222 -19.10 9.76 20.27
CA LEU L 222 -20.06 10.49 21.08
C LEU L 222 -21.05 9.57 21.75
N ASP L 223 -21.77 8.79 20.95
CA ASP L 223 -23.03 8.18 21.38
C ASP L 223 -22.90 7.54 22.74
N ILE L 224 -21.77 6.89 22.99
CA ILE L 224 -21.59 6.18 24.23
C ILE L 224 -20.99 7.04 25.33
N CYS L 225 -20.54 8.25 25.01
CA CYS L 225 -19.81 9.02 26.00
C CYS L 225 -20.69 9.34 27.20
N THR L 226 -21.96 9.61 26.96
CA THR L 226 -22.83 10.03 28.05
C THR L 226 -23.13 8.88 28.99
N SER L 227 -23.71 7.82 28.46
CA SER L 227 -24.40 6.86 29.29
C SER L 227 -23.51 5.66 29.61
N ILE L 228 -24.11 4.64 30.20
CA ILE L 228 -23.41 3.42 30.56
C ILE L 228 -23.84 2.35 29.58
N CYS L 229 -22.94 1.95 28.68
CA CYS L 229 -23.21 0.77 27.88
C CYS L 229 -23.38 -0.42 28.81
N LYS L 230 -24.26 -1.33 28.45
CA LYS L 230 -24.51 -2.47 29.32
C LYS L 230 -24.59 -3.72 28.47
N TYR L 231 -24.51 -4.86 29.14
CA TYR L 231 -24.48 -6.10 28.44
C TYR L 231 -25.16 -7.15 29.29
N PRO L 232 -25.87 -8.08 28.69
CA PRO L 232 -26.58 -9.09 29.47
C PRO L 232 -25.65 -10.13 30.04
N ASP L 233 -25.96 -10.58 31.26
CA ASP L 233 -25.25 -11.71 31.87
C ASP L 233 -26.14 -12.94 31.85
N TYR L 234 -25.85 -13.86 30.94
CA TYR L 234 -26.63 -15.07 30.87
C TYR L 234 -26.63 -15.79 32.21
N ILE L 235 -25.48 -15.81 32.86
CA ILE L 235 -25.32 -16.55 34.10
C ILE L 235 -26.37 -16.11 35.09
N LYS L 236 -26.17 -14.91 35.64
CA LYS L 236 -27.00 -14.47 36.75
C LYS L 236 -28.46 -14.54 36.37
N MET L 237 -28.78 -14.14 35.14
CA MET L 237 -30.14 -14.26 34.68
C MET L 237 -30.57 -15.72 34.74
N VAL L 238 -29.97 -16.58 33.91
CA VAL L 238 -30.41 -17.96 33.90
C VAL L 238 -30.31 -18.58 35.27
N SER L 239 -29.46 -18.03 36.13
CA SER L 239 -29.36 -18.56 37.47
C SER L 239 -30.64 -18.36 38.29
N GLU L 240 -31.62 -17.63 37.77
CA GLU L 240 -32.83 -17.41 38.53
C GLU L 240 -33.45 -18.74 38.96
N PRO L 241 -33.95 -18.84 40.18
CA PRO L 241 -34.61 -20.10 40.55
C PRO L 241 -35.83 -20.38 39.72
N TYR L 242 -36.64 -19.38 39.47
CA TYR L 242 -37.81 -19.59 38.64
C TYR L 242 -37.52 -19.43 37.16
N GLY L 243 -36.39 -18.85 36.80
CA GLY L 243 -36.12 -18.59 35.41
C GLY L 243 -37.02 -17.56 34.76
N ASP L 244 -37.93 -16.98 35.50
CA ASP L 244 -38.92 -16.13 34.87
C ASP L 244 -38.38 -14.78 34.46
N SER L 245 -37.11 -14.49 34.76
CA SER L 245 -36.49 -13.35 34.12
C SER L 245 -36.64 -13.52 32.63
N LEU L 246 -35.90 -14.47 32.07
CA LEU L 246 -35.96 -14.80 30.66
C LEU L 246 -36.12 -16.29 30.54
N PHE L 247 -37.00 -16.73 29.65
CA PHE L 247 -37.05 -18.15 29.38
C PHE L 247 -36.40 -18.54 28.07
N PHE L 248 -35.77 -17.63 27.36
CA PHE L 248 -35.40 -17.96 25.99
C PHE L 248 -34.58 -16.83 25.39
N TYR L 249 -33.82 -17.14 24.34
CA TYR L 249 -32.97 -16.12 23.73
C TYR L 249 -32.21 -16.71 22.55
N LEU L 250 -31.60 -15.82 21.77
CA LEU L 250 -30.67 -16.17 20.70
C LEU L 250 -29.72 -15.00 20.51
N ARG L 251 -28.54 -15.29 20.00
CA ARG L 251 -27.59 -14.22 19.73
C ARG L 251 -26.63 -14.61 18.63
N ARG L 252 -26.17 -13.61 17.88
CA ARG L 252 -25.06 -13.74 16.94
C ARG L 252 -24.31 -12.42 16.94
N GLU L 253 -22.98 -12.50 16.95
CA GLU L 253 -22.20 -11.29 16.79
C GLU L 253 -20.79 -11.63 16.34
N GLN L 254 -20.11 -10.63 15.79
CA GLN L 254 -18.77 -10.82 15.25
C GLN L 254 -18.05 -9.48 15.19
N MET L 255 -16.72 -9.56 15.15
CA MET L 255 -15.89 -8.37 15.09
C MET L 255 -14.50 -8.75 14.60
N PHE L 256 -13.75 -7.76 14.13
CA PHE L 256 -12.33 -7.96 13.84
C PHE L 256 -11.62 -6.62 13.87
N VAL L 257 -10.32 -6.69 13.90
CA VAL L 257 -9.45 -5.54 14.08
C VAL L 257 -9.32 -4.77 12.80
N ARG L 258 -9.03 -3.46 12.92
CA ARG L 258 -8.72 -2.62 11.78
C ARG L 258 -7.45 -1.79 12.00
N HIS L 259 -7.45 -0.93 13.00
CA HIS L 259 -6.30 -0.07 13.27
C HIS L 259 -5.82 -0.20 14.70
N LEU L 260 -4.65 0.36 14.94
CA LEU L 260 -3.96 0.27 16.23
C LEU L 260 -3.42 1.65 16.59
N PHE L 261 -3.85 2.21 17.71
CA PHE L 261 -3.51 3.59 18.06
C PHE L 261 -2.87 3.67 19.43
N ASN L 262 -2.61 4.91 19.86
CA ASN L 262 -2.01 5.21 21.15
C ASN L 262 -2.78 6.31 21.86
N ARG L 263 -3.06 6.10 23.14
CA ARG L 263 -3.46 7.22 23.95
C ARG L 263 -2.32 8.23 24.02
N ALA L 264 -2.66 9.46 24.34
CA ALA L 264 -1.66 10.49 24.59
C ALA L 264 -2.06 11.26 25.82
N GLY L 265 -1.20 11.26 26.83
CA GLY L 265 -1.53 11.94 28.07
C GLY L 265 -0.54 11.56 29.14
N ALA L 266 -0.81 12.05 30.34
CA ALA L 266 0.08 11.81 31.47
C ALA L 266 0.20 10.32 31.72
N VAL L 267 1.45 9.85 31.79
CA VAL L 267 1.69 8.44 32.03
C VAL L 267 1.29 8.11 33.46
N GLY L 268 0.41 7.11 33.60
CA GLY L 268 0.02 6.67 34.92
C GLY L 268 1.17 6.01 35.65
N GLU L 269 1.82 5.06 34.99
CA GLU L 269 2.96 4.38 35.56
C GLU L 269 3.91 3.99 34.45
N ASN L 270 5.20 3.96 34.76
CA ASN L 270 6.20 3.55 33.80
C ASN L 270 6.62 2.13 34.08
N VAL L 271 6.79 1.36 33.00
CA VAL L 271 7.24 -0.02 33.17
C VAL L 271 8.57 -0.02 33.89
N PRO L 272 8.82 -0.93 34.82
CA PRO L 272 10.16 -1.04 35.40
C PRO L 272 11.20 -1.26 34.32
N ASP L 273 12.33 -0.58 34.47
CA ASP L 273 13.34 -0.56 33.43
C ASP L 273 13.75 -1.97 33.01
N ASP L 274 13.91 -2.86 33.99
CA ASP L 274 14.50 -4.16 33.74
C ASP L 274 13.78 -4.93 32.66
N LEU L 275 12.59 -4.50 32.29
CA LEU L 275 11.87 -5.10 31.19
C LEU L 275 12.30 -4.57 29.84
N TYR L 276 13.29 -3.69 29.80
CA TYR L 276 13.87 -3.22 28.55
C TYR L 276 15.23 -2.62 28.86
N ILE L 277 15.80 -1.93 27.89
CA ILE L 277 17.11 -1.34 28.03
C ILE L 277 17.05 0.12 27.64
N LYS L 278 17.83 0.95 28.33
CA LYS L 278 17.79 2.39 28.15
C LYS L 278 18.01 2.77 26.70
N GLY L 279 17.26 3.75 26.23
CA GLY L 279 17.41 4.30 24.91
C GLY L 279 18.40 5.45 24.91
N SER L 280 18.30 6.29 23.88
CA SER L 280 19.16 7.46 23.72
C SER L 280 18.73 8.18 22.45
N GLY L 281 19.11 9.45 22.37
CA GLY L 281 18.77 10.24 21.19
C GLY L 281 17.28 10.23 20.96
N SER L 282 16.89 9.79 19.77
CA SER L 282 15.47 9.57 19.50
C SER L 282 14.84 8.67 20.55
N THR L 283 15.62 7.76 21.11
CA THR L 283 15.14 6.79 22.06
C THR L 283 15.37 7.21 23.50
N ALA L 284 15.84 8.44 23.70
CA ALA L 284 16.03 8.93 25.06
C ALA L 284 14.79 8.77 25.90
N ASN L 285 13.62 8.96 25.30
CA ASN L 285 12.38 8.90 26.05
C ASN L 285 11.51 7.78 25.52
N LEU L 286 10.60 7.33 26.37
CA LEU L 286 9.67 6.27 26.02
C LEU L 286 8.36 6.88 25.57
N ALA L 287 7.88 6.43 24.42
CA ALA L 287 6.55 6.80 23.99
C ALA L 287 5.51 6.20 24.93
N SER L 288 4.30 6.72 24.88
CA SER L 288 3.27 6.21 25.75
C SER L 288 3.08 4.72 25.52
N SER L 289 2.71 4.02 26.59
CA SER L 289 2.57 2.58 26.54
C SER L 289 1.24 2.14 25.97
N ASN L 290 0.23 2.99 25.98
CA ASN L 290 -1.12 2.52 25.75
C ASN L 290 -1.32 2.06 24.30
N TYR L 291 -2.35 1.25 24.14
CA TYR L 291 -2.83 0.87 22.82
C TYR L 291 -4.31 0.58 22.94
N PHE L 292 -5.06 0.87 21.88
CA PHE L 292 -6.39 0.31 21.84
C PHE L 292 -6.77 0.03 20.40
N PRO L 293 -7.50 -1.04 20.16
CA PRO L 293 -7.91 -1.39 18.81
C PRO L 293 -9.05 -0.51 18.34
N THR L 294 -9.29 -0.55 17.04
CA THR L 294 -10.48 0.04 16.45
C THR L 294 -11.35 -1.06 15.89
N PRO L 295 -12.48 -1.37 16.52
CA PRO L 295 -13.29 -2.48 16.05
C PRO L 295 -13.81 -2.21 14.65
N SER L 296 -13.99 -3.26 13.88
CA SER L 296 -14.44 -3.13 12.51
C SER L 296 -15.54 -4.14 12.23
N GLY L 297 -16.72 -3.65 11.88
CA GLY L 297 -17.78 -4.53 11.43
C GLY L 297 -17.36 -5.30 10.19
N SER L 298 -18.08 -6.37 9.94
CA SER L 298 -17.73 -7.23 8.82
C SER L 298 -18.86 -7.27 7.82
N MET L 299 -18.64 -8.07 6.79
CA MET L 299 -19.65 -8.26 5.77
C MET L 299 -20.95 -8.74 6.40
N VAL L 300 -22.00 -8.01 6.15
CA VAL L 300 -23.32 -8.39 6.62
C VAL L 300 -23.96 -9.25 5.55
N THR L 301 -24.69 -10.28 5.95
CA THR L 301 -25.37 -11.12 4.99
C THR L 301 -26.86 -11.17 5.31
N SER L 302 -27.65 -11.41 4.27
CA SER L 302 -29.05 -11.66 4.51
C SER L 302 -29.26 -12.90 5.34
N ASP L 303 -28.28 -13.81 5.35
CA ASP L 303 -28.48 -15.08 6.03
C ASP L 303 -28.51 -14.90 7.54
N ALA L 304 -27.46 -14.30 8.09
CA ALA L 304 -27.34 -14.25 9.55
C ALA L 304 -28.46 -13.49 10.20
N GLN L 305 -29.30 -12.80 9.42
CA GLN L 305 -30.50 -12.22 9.98
C GLN L 305 -31.26 -13.29 10.76
N ILE L 306 -31.60 -12.95 12.00
CA ILE L 306 -32.35 -13.85 12.86
C ILE L 306 -33.83 -13.53 12.88
N PHE L 307 -34.29 -12.59 12.09
CA PHE L 307 -35.64 -12.12 12.22
C PHE L 307 -36.48 -12.49 11.00
N ASN L 308 -37.70 -11.99 11.01
CA ASN L 308 -38.65 -12.28 9.94
C ASN L 308 -38.80 -13.78 9.75
N LYS L 309 -38.56 -14.54 10.80
CA LYS L 309 -38.77 -15.94 10.73
C LYS L 309 -39.42 -16.41 12.02
N PRO L 310 -40.39 -17.29 11.92
CA PRO L 310 -41.16 -17.67 13.10
C PRO L 310 -40.28 -18.38 14.12
N TYR L 311 -40.78 -18.41 15.35
CA TYR L 311 -40.17 -19.20 16.40
C TYR L 311 -41.23 -20.07 17.06
N TRP L 312 -40.75 -21.13 17.67
CA TRP L 312 -41.64 -22.09 18.29
C TRP L 312 -41.02 -22.59 19.57
N LEU L 313 -41.73 -22.39 20.67
CA LEU L 313 -41.24 -22.74 21.99
C LEU L 313 -42.03 -23.91 22.52
N GLN L 314 -41.32 -24.86 23.12
CA GLN L 314 -42.00 -25.83 23.94
C GLN L 314 -41.31 -25.88 25.29
N ARG L 315 -40.03 -26.20 25.33
CA ARG L 315 -39.31 -26.32 26.58
C ARG L 315 -38.23 -25.26 26.68
N ALA L 316 -38.12 -24.65 27.85
CA ALA L 316 -37.15 -23.61 28.11
C ALA L 316 -36.36 -23.97 29.36
N GLN L 317 -35.20 -23.36 29.50
CA GLN L 317 -34.34 -23.72 30.62
C GLN L 317 -35.00 -23.41 31.96
N GLY L 318 -35.86 -22.41 32.00
CA GLY L 318 -36.58 -22.12 33.22
C GLY L 318 -37.81 -22.99 33.37
N HIS L 319 -38.36 -22.99 34.57
CA HIS L 319 -39.51 -23.86 34.79
C HIS L 319 -40.79 -23.27 34.27
N ASN L 320 -40.88 -21.95 34.16
CA ASN L 320 -41.96 -21.39 33.37
C ASN L 320 -41.93 -22.03 32.00
N ASN L 321 -43.08 -22.43 31.53
CA ASN L 321 -43.23 -22.72 30.13
C ASN L 321 -44.20 -21.66 29.64
N GLY L 322 -43.67 -20.62 29.05
CA GLY L 322 -44.48 -19.57 28.48
C GLY L 322 -45.59 -18.99 29.35
N ILE L 323 -45.46 -19.06 30.66
CA ILE L 323 -46.44 -18.42 31.52
C ILE L 323 -46.06 -16.95 31.64
N CYS L 324 -47.03 -16.07 31.44
CA CYS L 324 -46.80 -14.66 31.67
C CYS L 324 -47.69 -14.19 32.80
N TRP L 325 -47.11 -13.95 33.95
CA TRP L 325 -47.90 -13.57 35.08
C TRP L 325 -48.36 -12.13 34.95
N GLY L 326 -49.41 -11.80 35.68
CA GLY L 326 -49.89 -10.44 35.72
C GLY L 326 -50.13 -9.86 34.35
N ASN L 327 -50.59 -10.68 33.41
CA ASN L 327 -50.97 -10.21 32.10
C ASN L 327 -49.85 -9.46 31.41
N GLN L 328 -48.62 -9.71 31.84
CA GLN L 328 -47.50 -8.86 31.48
C GLN L 328 -46.44 -9.68 30.76
N LEU L 329 -45.75 -9.06 29.81
CA LEU L 329 -44.79 -9.78 29.00
C LEU L 329 -43.73 -8.81 28.49
N PHE L 330 -42.49 -9.28 28.38
CA PHE L 330 -41.38 -8.42 28.02
C PHE L 330 -40.65 -8.94 26.80
N VAL L 331 -40.30 -8.03 25.90
CA VAL L 331 -39.47 -8.34 24.75
C VAL L 331 -38.47 -7.23 24.57
N THR L 332 -37.22 -7.61 24.34
CA THR L 332 -36.13 -6.67 24.15
C THR L 332 -35.26 -7.16 23.02
N VAL L 333 -35.07 -6.32 22.02
CA VAL L 333 -34.39 -6.71 20.79
C VAL L 333 -33.52 -5.56 20.35
N VAL L 334 -32.37 -5.87 19.79
CA VAL L 334 -31.47 -4.86 19.27
C VAL L 334 -30.80 -5.38 18.03
N ASP L 335 -30.72 -4.52 17.02
CA ASP L 335 -30.04 -4.87 15.79
C ASP L 335 -29.04 -3.80 15.44
N THR L 336 -27.97 -4.22 14.79
CA THR L 336 -27.02 -3.30 14.19
C THR L 336 -27.22 -3.13 12.70
N THR L 337 -28.07 -3.92 12.08
CA THR L 337 -27.99 -4.02 10.63
C THR L 337 -28.65 -2.87 9.91
N ARG L 338 -29.61 -2.21 10.53
CA ARG L 338 -30.37 -1.17 9.86
C ARG L 338 -29.81 0.21 10.13
N SER L 339 -28.62 0.28 10.70
CA SER L 339 -28.06 1.51 11.25
C SER L 339 -27.87 2.62 10.22
N THR L 340 -28.20 2.35 8.95
CA THR L 340 -27.97 3.33 7.90
C THR L 340 -28.48 4.69 8.28
N ASN L 341 -27.66 5.70 8.07
CA ASN L 341 -28.05 7.08 8.36
C ASN L 341 -28.16 7.85 7.07
N MET L 342 -29.39 8.16 6.68
CA MET L 342 -29.61 9.01 5.53
C MET L 342 -29.28 10.45 5.90
N SER L 343 -28.81 11.20 4.92
CA SER L 343 -28.43 12.58 5.13
C SER L 343 -29.02 13.41 4.01
N LEU L 344 -29.72 14.49 4.37
CA LEU L 344 -30.32 15.35 3.37
C LEU L 344 -29.86 16.78 3.62
N CYS L 345 -30.07 17.62 2.60
CA CYS L 345 -29.63 19.00 2.63
C CYS L 345 -30.77 19.91 2.25
N ALA L 346 -30.83 21.06 2.89
CA ALA L 346 -31.79 22.08 2.56
C ALA L 346 -31.05 23.33 2.12
N ALA L 347 -31.66 24.07 1.19
CA ALA L 347 -31.06 25.26 0.62
C ALA L 347 -31.73 26.49 1.22
N ILE L 348 -30.94 27.37 1.81
CA ILE L 348 -31.55 28.56 2.37
C ILE L 348 -31.82 29.59 1.29
N SER L 349 -31.06 29.57 0.20
CA SER L 349 -31.32 30.47 -0.93
C SER L 349 -31.32 29.67 -2.21
N THR L 350 -32.45 29.65 -2.89
CA THR L 350 -32.62 28.82 -4.08
C THR L 350 -32.20 29.51 -5.36
N SER L 351 -31.80 30.77 -5.30
CA SER L 351 -31.59 31.53 -6.52
C SER L 351 -30.20 31.28 -7.11
N GLU L 352 -29.16 31.66 -6.37
CA GLU L 352 -27.81 31.76 -6.93
C GLU L 352 -27.41 30.47 -7.61
N THR L 353 -26.77 30.62 -8.76
CA THR L 353 -26.39 29.49 -9.60
C THR L 353 -24.93 29.10 -9.45
N THR L 354 -24.18 29.74 -8.57
CA THR L 354 -22.81 29.34 -8.30
C THR L 354 -22.78 28.56 -6.99
N TYR L 355 -22.31 27.32 -7.08
CA TYR L 355 -22.31 26.46 -5.90
C TYR L 355 -21.50 27.10 -4.79
N LYS L 356 -22.02 27.00 -3.57
CA LYS L 356 -21.33 27.54 -2.40
C LYS L 356 -21.63 26.66 -1.21
N ASN L 357 -20.62 26.45 -0.37
CA ASN L 357 -20.84 25.72 0.85
C ASN L 357 -21.72 26.48 1.84
N THR L 358 -21.97 27.76 1.58
CA THR L 358 -22.73 28.54 2.53
C THR L 358 -24.21 28.25 2.47
N ASN L 359 -24.72 27.84 1.32
CA ASN L 359 -26.15 27.83 1.13
C ASN L 359 -26.86 26.64 1.77
N PHE L 360 -26.13 25.63 2.21
CA PHE L 360 -26.75 24.35 2.57
C PHE L 360 -26.48 24.00 4.02
N LYS L 361 -27.53 24.03 4.84
CA LYS L 361 -27.47 23.39 6.13
C LYS L 361 -27.58 21.88 5.96
N GLU L 362 -27.16 21.15 6.99
CA GLU L 362 -27.20 19.68 6.98
C GLU L 362 -27.87 19.17 8.22
N TYR L 363 -28.66 18.11 8.07
CA TYR L 363 -29.31 17.47 9.19
C TYR L 363 -29.14 15.96 9.05
N LEU L 364 -29.42 15.26 10.15
CA LEU L 364 -29.26 13.81 10.20
C LEU L 364 -30.43 13.18 10.92
N ARG L 365 -31.09 12.25 10.27
CA ARG L 365 -32.23 11.56 10.84
C ARG L 365 -32.10 10.08 10.52
N HIS L 366 -32.63 9.24 11.40
CA HIS L 366 -32.44 7.80 11.29
C HIS L 366 -33.74 7.06 11.43
N GLY L 367 -33.91 6.02 10.63
CA GLY L 367 -35.17 5.31 10.56
C GLY L 367 -35.25 4.14 11.51
N GLU L 368 -36.47 3.86 11.95
CA GLU L 368 -36.73 2.75 12.87
C GLU L 368 -38.05 2.09 12.53
N GLU L 369 -38.03 0.77 12.40
CA GLU L 369 -39.19 0.01 11.98
C GLU L 369 -39.29 -1.26 12.78
N TYR L 370 -40.37 -1.44 13.55
CA TYR L 370 -40.57 -2.66 14.29
C TYR L 370 -41.96 -3.20 14.01
N ASP L 371 -42.12 -4.50 14.25
CA ASP L 371 -43.45 -5.07 14.38
C ASP L 371 -43.45 -6.27 15.29
N LEU L 372 -44.56 -6.45 15.99
CA LEU L 372 -44.72 -7.53 16.94
C LEU L 372 -46.00 -8.28 16.66
N GLN L 373 -45.92 -9.60 16.62
CA GLN L 373 -47.08 -10.46 16.47
C GLN L 373 -46.88 -11.65 17.39
N PHE L 374 -47.83 -11.90 18.28
CA PHE L 374 -47.62 -12.91 19.30
C PHE L 374 -48.74 -13.93 19.31
N ILE L 375 -48.40 -15.19 19.11
CA ILE L 375 -49.33 -16.27 19.41
C ILE L 375 -49.61 -16.30 20.91
N PHE L 376 -50.73 -16.89 21.29
CA PHE L 376 -50.97 -17.09 22.71
C PHE L 376 -51.81 -18.33 22.94
N GLN L 377 -51.58 -18.97 24.08
CA GLN L 377 -52.35 -20.12 24.50
C GLN L 377 -53.05 -19.80 25.81
N LEU L 378 -54.08 -20.58 26.10
CA LEU L 378 -55.00 -20.30 27.19
C LEU L 378 -54.93 -21.43 28.20
N CYS L 379 -54.96 -21.09 29.49
CA CYS L 379 -54.76 -22.11 30.51
C CYS L 379 -55.50 -21.75 31.79
N LYS L 380 -55.77 -22.80 32.57
CA LYS L 380 -56.51 -22.72 33.81
C LYS L 380 -55.67 -23.25 34.97
N ILE L 381 -56.08 -22.93 36.19
CA ILE L 381 -55.33 -23.31 37.37
C ILE L 381 -56.29 -23.84 38.43
N THR L 382 -56.00 -25.02 38.94
CA THR L 382 -56.71 -25.54 40.10
C THR L 382 -56.20 -24.87 41.36
N LEU L 383 -57.08 -24.73 42.35
CA LEU L 383 -56.72 -24.11 43.62
C LEU L 383 -56.80 -25.13 44.74
N THR L 384 -55.68 -25.32 45.43
CA THR L 384 -55.68 -25.90 46.77
C THR L 384 -54.73 -25.09 47.62
N ALA L 385 -54.57 -25.51 48.87
CA ALA L 385 -53.67 -24.79 49.76
C ALA L 385 -52.23 -24.89 49.27
N ASP L 386 -51.77 -26.12 48.98
CA ASP L 386 -50.44 -26.29 48.41
C ASP L 386 -50.23 -25.30 47.28
N VAL L 387 -51.17 -25.30 46.34
CA VAL L 387 -51.20 -24.36 45.26
C VAL L 387 -51.01 -22.98 45.84
N MET L 388 -52.03 -22.48 46.53
CA MET L 388 -52.01 -21.11 47.02
C MET L 388 -50.69 -20.80 47.71
N THR L 389 -50.29 -21.68 48.61
CA THR L 389 -49.02 -21.51 49.30
C THR L 389 -47.90 -21.30 48.30
N TYR L 390 -47.74 -22.27 47.41
CA TYR L 390 -46.58 -22.28 46.53
C TYR L 390 -46.49 -20.98 45.75
N ILE L 391 -47.62 -20.49 45.25
CA ILE L 391 -47.59 -19.21 44.56
C ILE L 391 -47.19 -18.11 45.52
N HIS L 392 -47.94 -17.99 46.62
CA HIS L 392 -47.75 -16.88 47.52
C HIS L 392 -46.30 -16.72 47.90
N SER L 393 -45.59 -17.84 47.98
CA SER L 393 -44.15 -17.76 48.13
C SER L 393 -43.53 -17.05 46.94
N MET L 394 -43.85 -17.50 45.73
CA MET L 394 -43.15 -17.02 44.55
C MET L 394 -43.24 -15.52 44.42
N ASN L 395 -44.40 -15.01 44.04
CA ASN L 395 -44.65 -13.58 44.14
C ASN L 395 -46.07 -13.38 44.63
N SER L 396 -46.22 -12.80 45.82
CA SER L 396 -47.54 -12.70 46.42
C SER L 396 -48.35 -11.57 45.79
N THR L 397 -47.68 -10.54 45.27
CA THR L 397 -48.38 -9.47 44.57
C THR L 397 -49.33 -10.03 43.53
N ILE L 398 -48.97 -11.16 42.93
CA ILE L 398 -49.82 -11.78 41.94
C ILE L 398 -51.22 -12.02 42.47
N LEU L 399 -51.32 -12.50 43.70
CA LEU L 399 -52.63 -12.81 44.25
C LEU L 399 -53.54 -11.60 44.27
N GLU L 400 -52.97 -10.40 44.36
CA GLU L 400 -53.78 -9.20 44.44
C GLU L 400 -54.75 -9.11 43.28
N ASP L 401 -54.22 -9.13 42.07
CA ASP L 401 -55.05 -8.90 40.90
C ASP L 401 -56.07 -9.99 40.68
N TRP L 402 -56.03 -11.07 41.42
CA TRP L 402 -57.10 -12.04 41.33
C TRP L 402 -58.09 -11.82 42.46
N ASN L 403 -59.05 -12.73 42.56
CA ASN L 403 -60.23 -12.50 43.37
C ASN L 403 -60.30 -13.45 44.55
N PHE L 404 -60.62 -14.72 44.31
CA PHE L 404 -60.93 -15.64 45.40
C PHE L 404 -59.75 -15.88 46.33
N GLY L 405 -58.54 -15.47 45.99
CA GLY L 405 -57.66 -15.24 47.09
C GLY L 405 -58.18 -14.00 47.80
N LEU L 406 -58.66 -14.13 49.03
CA LEU L 406 -59.26 -13.01 49.72
C LEU L 406 -58.68 -12.94 51.12
N GLN L 407 -58.38 -11.72 51.56
CA GLN L 407 -57.45 -11.47 52.64
C GLN L 407 -57.83 -12.20 53.90
N PRO L 408 -57.03 -13.14 54.34
CA PRO L 408 -57.23 -13.68 55.65
C PRO L 408 -56.98 -12.64 56.75
N PRO L 409 -55.95 -11.80 56.68
CA PRO L 409 -55.56 -11.07 57.89
C PRO L 409 -56.67 -10.15 58.34
N PRO L 410 -57.51 -10.62 59.27
CA PRO L 410 -58.89 -10.12 59.38
C PRO L 410 -58.92 -8.60 59.40
N GLY L 411 -59.98 -8.06 58.80
CA GLY L 411 -60.00 -6.63 58.51
C GLY L 411 -59.59 -5.77 59.68
N GLY L 412 -60.00 -6.14 60.89
CA GLY L 412 -59.64 -5.38 62.07
C GLY L 412 -58.15 -5.48 62.31
N THR L 413 -57.45 -4.34 62.26
CA THR L 413 -56.01 -4.27 62.42
C THR L 413 -55.59 -3.82 63.80
N LEU L 414 -56.54 -3.68 64.73
CA LEU L 414 -56.32 -3.26 66.11
C LEU L 414 -56.20 -1.76 66.28
N GLU L 415 -55.92 -1.05 65.20
CA GLU L 415 -55.60 0.36 65.33
C GLU L 415 -56.85 1.13 65.71
N ASP L 416 -56.79 1.82 66.85
CA ASP L 416 -57.95 2.52 67.38
C ASP L 416 -57.55 3.95 67.71
N THR L 417 -58.00 4.90 66.90
CA THR L 417 -57.74 6.33 67.09
C THR L 417 -58.85 7.12 66.40
N TYR L 418 -59.16 8.28 66.98
CA TYR L 418 -60.13 9.32 66.56
C TYR L 418 -59.65 10.47 67.52
N ARG L 419 -60.34 11.57 67.88
CA ARG L 419 -61.80 11.70 68.11
C ARG L 419 -62.61 12.86 67.62
N PHE L 420 -62.34 14.00 68.25
CA PHE L 420 -63.35 15.00 68.52
C PHE L 420 -63.79 15.78 67.30
N VAL L 421 -64.56 16.83 67.61
CA VAL L 421 -64.41 18.11 66.95
C VAL L 421 -62.95 18.48 67.12
N THR L 422 -62.24 18.65 66.02
CA THR L 422 -60.83 18.95 66.15
C THR L 422 -60.70 20.35 66.73
N SER L 423 -60.03 20.45 67.88
CA SER L 423 -59.85 21.77 68.45
C SER L 423 -58.37 22.04 68.58
N GLN L 424 -57.73 21.52 69.65
CA GLN L 424 -56.30 21.26 69.60
C GLN L 424 -55.99 19.94 70.31
N ALA L 425 -55.82 18.86 69.54
CA ALA L 425 -54.71 17.94 69.74
C ALA L 425 -54.30 17.46 68.36
N ILE L 426 -53.21 18.02 67.83
CA ILE L 426 -52.50 17.56 66.64
C ILE L 426 -53.45 17.22 65.49
N ALA L 427 -53.01 16.33 64.61
CA ALA L 427 -53.68 15.86 63.42
C ALA L 427 -54.58 14.69 63.73
N CYS L 428 -55.53 14.47 62.84
CA CYS L 428 -56.24 13.20 62.78
C CYS L 428 -56.18 12.66 61.37
N GLN L 429 -56.70 13.42 60.41
CA GLN L 429 -56.72 13.00 59.02
C GLN L 429 -55.32 12.72 58.50
N LYS L 430 -55.23 11.74 57.60
CA LYS L 430 -53.98 11.33 57.00
C LYS L 430 -54.04 11.49 55.49
N HIS L 431 -52.88 11.70 54.89
CA HIS L 431 -52.76 12.07 53.49
C HIS L 431 -52.64 10.89 52.55
N THR L 432 -52.79 9.66 53.03
CA THR L 432 -52.65 8.48 52.19
C THR L 432 -53.95 7.70 52.08
N PRO L 433 -55.01 8.28 51.52
CA PRO L 433 -56.01 7.44 50.88
C PRO L 433 -55.53 6.88 49.55
N PRO L 434 -54.81 7.67 48.67
CA PRO L 434 -54.76 7.28 47.26
C PRO L 434 -53.94 6.03 46.95
N ALA L 435 -54.01 5.66 45.68
CA ALA L 435 -53.36 4.47 45.14
C ALA L 435 -51.89 4.41 45.45
N PRO L 436 -51.35 3.14 45.47
CA PRO L 436 -49.93 3.09 45.78
C PRO L 436 -49.04 2.77 44.58
N LYS L 437 -49.30 3.32 43.39
CA LYS L 437 -48.40 2.99 42.29
C LYS L 437 -48.40 1.54 41.85
N GLU L 438 -49.41 1.13 41.08
CA GLU L 438 -49.55 -0.25 40.63
C GLU L 438 -48.22 -0.87 40.20
N ASP L 439 -47.60 -0.34 39.15
CA ASP L 439 -46.25 -0.79 38.81
C ASP L 439 -45.25 -0.14 39.75
N PRO L 440 -44.56 -0.90 40.59
CA PRO L 440 -43.45 -0.34 41.34
C PRO L 440 -42.29 0.06 40.47
N LEU L 441 -42.23 -0.42 39.23
CA LEU L 441 -41.13 -0.10 38.33
C LEU L 441 -41.37 1.18 37.56
N LYS L 442 -42.47 1.89 37.85
CA LYS L 442 -42.77 3.13 37.20
C LYS L 442 -41.60 4.09 37.23
N LYS L 443 -40.71 3.93 38.20
CA LYS L 443 -39.45 4.66 38.16
C LYS L 443 -38.71 4.40 36.85
N TYR L 444 -38.81 3.19 36.32
CA TYR L 444 -38.00 2.78 35.19
C TYR L 444 -38.76 3.06 33.91
N THR L 445 -38.31 4.05 33.15
CA THR L 445 -39.00 4.46 31.94
C THR L 445 -38.58 3.59 30.76
N PHE L 446 -39.53 3.35 29.86
CA PHE L 446 -39.19 2.69 28.61
C PHE L 446 -40.42 2.60 27.72
N TRP L 447 -40.15 2.28 26.45
CA TRP L 447 -41.11 2.32 25.37
C TRP L 447 -42.32 1.44 25.67
N GLU L 448 -43.48 1.87 25.18
CA GLU L 448 -44.74 1.27 25.59
C GLU L 448 -45.65 1.07 24.40
N VAL L 449 -46.39 -0.03 24.42
CA VAL L 449 -47.43 -0.31 23.44
C VAL L 449 -48.57 -1.00 24.18
N ASN L 450 -49.79 -0.66 23.83
CA ASN L 450 -50.94 -1.32 24.37
C ASN L 450 -51.60 -2.16 23.30
N LEU L 451 -51.84 -3.43 23.60
CA LEU L 451 -52.56 -4.30 22.71
C LEU L 451 -54.02 -4.47 23.07
N LYS L 452 -54.48 -3.90 24.19
CA LYS L 452 -55.63 -4.45 24.90
C LYS L 452 -56.79 -4.80 23.99
N GLU L 453 -56.98 -4.03 22.93
CA GLU L 453 -58.18 -4.18 22.13
C GLU L 453 -58.05 -5.20 21.00
N LYS L 454 -56.85 -5.63 20.66
CA LYS L 454 -56.64 -6.11 19.31
C LYS L 454 -56.90 -7.59 19.11
N PHE L 455 -57.26 -8.34 20.13
CA PHE L 455 -57.32 -9.78 19.97
C PHE L 455 -58.31 -10.20 18.90
N SER L 456 -58.06 -11.35 18.29
CA SER L 456 -59.04 -12.00 17.44
C SER L 456 -59.07 -13.48 17.75
N ALA L 457 -60.16 -14.11 17.36
CA ALA L 457 -60.38 -15.52 17.66
C ALA L 457 -60.05 -16.45 16.50
N ASP L 458 -59.65 -15.92 15.35
CA ASP L 458 -59.44 -16.79 14.20
C ASP L 458 -58.07 -16.57 13.59
N LEU L 459 -57.22 -17.57 13.70
CA LEU L 459 -55.88 -17.47 13.13
C LEU L 459 -55.92 -17.22 11.65
N ASP L 460 -56.85 -17.89 10.98
CA ASP L 460 -56.85 -18.00 9.53
C ASP L 460 -56.68 -16.64 8.85
N GLN L 461 -57.20 -15.59 9.46
CA GLN L 461 -57.16 -14.32 8.76
C GLN L 461 -55.83 -13.62 8.87
N PHE L 462 -54.83 -14.20 9.51
CA PHE L 462 -53.60 -13.46 9.64
C PHE L 462 -52.46 -14.15 8.90
N PRO L 463 -51.44 -13.39 8.50
CA PRO L 463 -50.30 -14.03 7.84
C PRO L 463 -49.61 -15.03 8.73
N LEU L 464 -49.31 -14.63 9.95
CA LEU L 464 -48.50 -15.48 10.80
C LEU L 464 -49.21 -16.79 11.10
N GLY L 465 -50.43 -16.68 11.62
CA GLY L 465 -51.05 -17.82 12.27
C GLY L 465 -51.10 -19.05 11.40
N ARG L 466 -51.48 -18.90 10.14
CA ARG L 466 -51.72 -20.08 9.34
C ARG L 466 -50.52 -21.00 9.35
N LYS L 467 -49.33 -20.43 9.51
CA LYS L 467 -48.18 -21.28 9.72
C LYS L 467 -48.36 -22.13 10.97
N PHE L 468 -48.79 -21.51 12.06
CA PHE L 468 -49.10 -22.27 13.28
C PHE L 468 -49.97 -23.46 12.95
N LEU L 469 -50.98 -23.24 12.11
CA LEU L 469 -51.74 -24.36 11.60
C LEU L 469 -50.83 -25.31 10.84
N LEU L 470 -50.15 -24.80 9.83
CA LEU L 470 -49.34 -25.66 8.97
C LEU L 470 -48.41 -26.53 9.80
N GLN L 471 -47.81 -25.94 10.83
CA GLN L 471 -46.90 -26.71 11.66
C GLN L 471 -47.62 -27.89 12.32
N ALA L 472 -48.84 -27.66 12.77
CA ALA L 472 -49.65 -28.74 13.30
C ALA L 472 -50.64 -29.27 12.27
N GLY L 473 -50.63 -28.76 11.05
CA GLY L 473 -51.61 -29.21 10.07
C GLY L 473 -53.02 -28.80 10.40
N LEU L 474 -53.92 -29.79 10.52
CA LEU L 474 -55.23 -29.58 11.14
C LEU L 474 -56.17 -28.60 10.44
N LYS L 475 -57.10 -29.16 9.65
CA LYS L 475 -58.50 -28.71 9.45
C LYS L 475 -58.93 -27.97 8.19
N ALA L 476 -58.03 -27.51 7.33
CA ALA L 476 -58.50 -26.79 6.14
C ALA L 476 -59.53 -25.74 6.56
N LYS L 477 -60.81 -25.90 6.13
CA LYS L 477 -61.84 -24.84 6.18
C LYS L 477 -63.25 -25.35 5.88
N PRO L 478 -64.25 -24.81 6.58
CA PRO L 478 -65.62 -25.28 6.37
C PRO L 478 -66.27 -24.85 5.06
N LYS L 479 -65.98 -23.62 4.59
CA LYS L 479 -66.72 -22.82 3.57
C LYS L 479 -67.63 -21.82 4.28
N TYR M 12 -67.73 -9.74 30.96
CA TYR M 12 -68.57 -10.38 29.95
C TYR M 12 -68.20 -9.97 28.49
N LEU M 13 -67.75 -10.82 27.58
CA LEU M 13 -67.41 -10.33 26.25
C LEU M 13 -68.34 -10.78 25.13
N PRO M 14 -68.81 -9.82 24.33
CA PRO M 14 -69.70 -10.16 23.21
C PRO M 14 -68.97 -9.91 21.89
N PRO M 15 -69.16 -10.75 20.88
CA PRO M 15 -68.46 -10.55 19.59
C PRO M 15 -69.36 -10.16 18.41
N VAL M 16 -68.73 -9.82 17.28
CA VAL M 16 -69.45 -9.42 16.05
C VAL M 16 -69.33 -10.52 14.99
N PRO M 17 -69.31 -10.17 13.70
CA PRO M 17 -69.20 -11.23 12.70
C PRO M 17 -67.89 -11.22 11.89
N VAL M 18 -67.78 -10.25 10.98
CA VAL M 18 -66.61 -10.13 10.09
C VAL M 18 -66.47 -11.25 9.06
N SER M 19 -67.08 -11.09 7.89
CA SER M 19 -66.97 -12.08 6.82
C SER M 19 -65.53 -12.54 6.63
N LYS M 20 -65.34 -13.85 6.58
CA LYS M 20 -64.02 -14.47 6.73
C LYS M 20 -63.49 -14.93 5.38
N VAL M 21 -62.41 -14.31 4.93
CA VAL M 21 -61.74 -14.78 3.73
C VAL M 21 -61.35 -16.24 3.92
N VAL M 22 -61.30 -16.97 2.81
CA VAL M 22 -61.05 -18.40 2.90
C VAL M 22 -59.85 -18.77 2.05
N SER M 23 -59.62 -20.06 1.88
CA SER M 23 -58.54 -20.55 1.04
C SER M 23 -59.08 -20.79 -0.35
N THR M 24 -58.44 -20.17 -1.33
CA THR M 24 -58.86 -20.35 -2.71
C THR M 24 -58.99 -21.81 -3.05
N ASP M 25 -58.14 -22.64 -2.48
CA ASP M 25 -58.20 -24.06 -2.77
C ASP M 25 -59.49 -24.71 -2.31
N GLU M 26 -60.30 -24.03 -1.53
CA GLU M 26 -61.60 -24.57 -1.22
C GLU M 26 -62.43 -24.81 -2.47
N TYR M 27 -62.90 -23.73 -3.09
CA TYR M 27 -63.87 -23.88 -4.16
C TYR M 27 -63.23 -24.22 -5.49
N VAL M 28 -62.01 -23.74 -5.74
CA VAL M 28 -61.34 -24.06 -7.00
C VAL M 28 -61.18 -25.56 -7.13
N ALA M 29 -61.14 -26.04 -8.36
CA ALA M 29 -60.83 -27.43 -8.64
C ALA M 29 -59.72 -27.51 -9.67
N ARG M 30 -58.82 -28.46 -9.48
CA ARG M 30 -57.67 -28.65 -10.35
C ARG M 30 -57.98 -29.68 -11.43
N THR M 31 -57.43 -29.46 -12.61
CA THR M 31 -57.71 -30.29 -13.76
C THR M 31 -56.53 -31.19 -14.07
N ASN M 32 -56.65 -31.93 -15.16
CA ASN M 32 -55.59 -32.83 -15.59
C ASN M 32 -54.61 -32.20 -16.57
N ILE M 33 -54.93 -31.07 -17.15
CA ILE M 33 -54.25 -30.59 -18.34
C ILE M 33 -53.21 -29.55 -17.99
N TYR M 34 -52.10 -29.55 -18.72
CA TYR M 34 -51.05 -28.56 -18.56
C TYR M 34 -50.63 -27.99 -19.91
N TYR M 35 -50.03 -26.81 -19.89
CA TYR M 35 -49.51 -26.16 -21.08
C TYR M 35 -48.19 -25.48 -20.78
N HIS M 36 -47.53 -25.01 -21.83
CA HIS M 36 -46.46 -24.05 -21.64
C HIS M 36 -46.30 -23.14 -22.84
N ALA M 37 -45.76 -21.95 -22.58
CA ALA M 37 -45.27 -21.05 -23.60
C ALA M 37 -44.25 -20.13 -22.96
N GLY M 38 -43.43 -19.52 -23.81
CA GLY M 38 -42.44 -18.57 -23.33
C GLY M 38 -41.94 -17.68 -24.45
N THR M 39 -41.41 -16.53 -24.07
CA THR M 39 -40.84 -15.63 -25.04
C THR M 39 -39.63 -16.25 -25.69
N SER M 40 -39.28 -15.74 -26.85
CA SER M 40 -37.99 -16.09 -27.42
C SER M 40 -36.91 -15.66 -26.46
N ARG M 41 -36.66 -14.36 -26.41
CA ARG M 41 -35.76 -13.76 -25.44
C ARG M 41 -36.03 -12.28 -25.40
N LEU M 42 -35.54 -11.63 -24.37
CA LEU M 42 -35.59 -10.18 -24.30
C LEU M 42 -34.18 -9.62 -24.31
N LEU M 43 -34.05 -8.46 -24.95
CA LEU M 43 -32.76 -7.84 -25.13
C LEU M 43 -32.92 -6.34 -24.97
N ALA M 44 -32.04 -5.71 -24.21
CA ALA M 44 -32.15 -4.29 -23.97
C ALA M 44 -30.78 -3.66 -23.91
N VAL M 45 -30.67 -2.44 -24.40
CA VAL M 45 -29.40 -1.72 -24.37
C VAL M 45 -29.69 -0.28 -24.00
N GLY M 46 -28.84 0.30 -23.16
CA GLY M 46 -29.02 1.67 -22.73
C GLY M 46 -27.78 2.17 -22.00
N HIS M 47 -27.78 3.37 -21.80
CA HIS M 47 -26.66 3.96 -21.08
C HIS M 47 -27.00 4.04 -19.60
N PRO M 48 -26.02 3.80 -18.74
CA PRO M 48 -26.34 3.75 -17.31
C PRO M 48 -26.72 5.09 -16.72
N TYR M 49 -26.00 6.14 -17.03
CA TYR M 49 -25.97 7.32 -16.18
C TYR M 49 -27.08 8.33 -16.40
N PHE M 50 -27.42 8.65 -17.64
CA PHE M 50 -28.52 9.57 -17.88
C PHE M 50 -29.11 9.23 -19.24
N PRO M 51 -30.37 9.60 -19.48
CA PRO M 51 -30.94 9.36 -20.81
C PRO M 51 -30.36 10.31 -21.84
N ILE M 52 -30.47 9.91 -23.10
CA ILE M 52 -29.93 10.66 -24.22
C ILE M 52 -31.09 11.30 -24.98
N LYS M 53 -31.00 12.59 -25.24
CA LYS M 53 -32.00 13.27 -26.02
C LYS M 53 -31.36 14.34 -26.88
N LYS M 54 -32.01 14.65 -27.99
CA LYS M 54 -31.59 15.76 -28.82
C LYS M 54 -31.50 17.03 -27.97
N PRO M 55 -30.46 17.83 -28.12
CA PRO M 55 -30.26 18.94 -27.17
C PRO M 55 -31.37 19.95 -27.18
N ASN M 56 -31.83 20.38 -28.35
CA ASN M 56 -32.94 21.32 -28.39
C ASN M 56 -34.26 20.63 -28.09
N ASN M 57 -34.43 19.43 -28.62
CA ASN M 57 -35.68 18.71 -28.46
C ASN M 57 -35.78 18.18 -27.03
N ASN M 58 -36.94 17.64 -26.69
CA ASN M 58 -37.09 16.81 -25.52
C ASN M 58 -37.11 15.33 -25.86
N LYS M 59 -37.09 14.99 -27.15
CA LYS M 59 -37.26 13.60 -27.54
C LYS M 59 -35.99 12.81 -27.25
N ILE M 60 -36.17 11.64 -26.63
CA ILE M 60 -35.04 10.84 -26.21
C ILE M 60 -34.32 10.28 -27.43
N LEU M 61 -33.00 10.48 -27.48
CA LEU M 61 -32.25 9.82 -28.54
C LEU M 61 -31.92 8.38 -28.17
N VAL M 62 -31.48 8.14 -26.93
CA VAL M 62 -31.18 6.79 -26.49
C VAL M 62 -31.77 6.58 -25.11
N PRO M 63 -32.39 5.44 -24.86
CA PRO M 63 -33.01 5.25 -23.54
C PRO M 63 -31.95 5.01 -22.49
N LYS M 64 -32.21 5.54 -21.30
CA LYS M 64 -31.30 5.33 -20.20
C LYS M 64 -31.59 3.99 -19.56
N VAL M 65 -30.59 3.11 -19.54
CA VAL M 65 -30.77 1.79 -18.95
C VAL M 65 -29.51 1.40 -18.21
N SER M 66 -29.69 0.82 -17.02
CA SER M 66 -28.62 0.13 -16.33
C SER M 66 -29.22 -0.97 -15.48
N GLY M 67 -28.36 -1.88 -15.04
CA GLY M 67 -28.83 -2.97 -14.22
C GLY M 67 -29.58 -2.49 -12.99
N LEU M 68 -29.13 -1.41 -12.40
CA LEU M 68 -29.73 -0.97 -11.14
C LEU M 68 -31.13 -0.44 -11.31
N GLN M 69 -31.57 -0.18 -12.53
CA GLN M 69 -32.98 0.06 -12.74
C GLN M 69 -33.75 -1.20 -12.37
N TYR M 70 -34.87 -1.04 -11.69
CA TYR M 70 -35.73 -2.18 -11.50
C TYR M 70 -36.25 -2.65 -12.85
N ARG M 71 -36.75 -3.86 -12.87
CA ARG M 71 -37.44 -4.37 -14.03
C ARG M 71 -38.87 -4.68 -13.64
N VAL M 72 -39.79 -4.44 -14.56
CA VAL M 72 -41.18 -4.76 -14.33
C VAL M 72 -41.70 -5.49 -15.56
N PHE M 73 -42.13 -6.72 -15.37
CA PHE M 73 -42.71 -7.49 -16.46
C PHE M 73 -44.20 -7.62 -16.24
N ARG M 74 -44.98 -7.24 -17.26
CA ARG M 74 -46.41 -7.49 -17.29
C ARG M 74 -46.70 -8.50 -18.38
N ILE M 75 -47.54 -9.47 -18.07
CA ILE M 75 -47.77 -10.58 -18.95
C ILE M 75 -49.26 -10.82 -19.08
N HIS M 76 -49.75 -10.74 -20.31
CA HIS M 76 -51.14 -11.07 -20.58
C HIS M 76 -51.29 -12.56 -20.85
N LEU M 77 -52.42 -13.09 -20.45
CA LEU M 77 -52.74 -14.39 -20.98
C LEU M 77 -54.02 -14.31 -21.79
N PRO M 78 -54.12 -15.06 -22.87
CA PRO M 78 -55.40 -15.12 -23.56
C PRO M 78 -56.43 -15.78 -22.68
N ASP M 79 -57.65 -15.30 -22.77
CA ASP M 79 -58.74 -15.86 -22.01
C ASP M 79 -58.83 -17.35 -22.31
N PRO M 80 -58.72 -18.20 -21.30
CA PRO M 80 -58.97 -19.61 -21.55
C PRO M 80 -60.34 -19.85 -22.12
N ASN M 81 -61.33 -19.12 -21.64
CA ASN M 81 -62.68 -19.47 -22.00
C ASN M 81 -63.03 -19.08 -23.42
N LYS M 82 -62.16 -18.36 -24.10
CA LYS M 82 -62.27 -18.26 -25.54
C LYS M 82 -61.73 -19.50 -26.23
N PHE M 83 -61.09 -20.38 -25.50
CA PHE M 83 -60.09 -21.26 -26.07
C PHE M 83 -60.47 -22.72 -25.81
N GLY M 84 -60.89 -23.42 -26.87
CA GLY M 84 -61.38 -24.76 -26.74
C GLY M 84 -60.28 -25.75 -26.44
N PHE M 85 -60.67 -27.02 -26.35
CA PHE M 85 -59.81 -28.12 -25.93
C PHE M 85 -59.94 -29.26 -26.92
N PRO M 86 -59.01 -30.23 -26.88
CA PRO M 86 -59.20 -31.40 -27.76
C PRO M 86 -60.49 -32.12 -27.43
N ASP M 87 -60.72 -32.38 -26.16
CA ASP M 87 -62.00 -32.90 -25.70
C ASP M 87 -62.54 -31.92 -24.67
N THR M 88 -63.59 -31.21 -25.03
CA THR M 88 -64.17 -30.18 -24.19
C THR M 88 -65.34 -30.68 -23.35
N SER M 89 -65.70 -31.95 -23.48
CA SER M 89 -66.95 -32.42 -22.91
C SER M 89 -66.95 -32.44 -21.38
N PHE M 90 -65.80 -32.32 -20.74
CA PHE M 90 -65.77 -32.61 -19.32
C PHE M 90 -66.38 -31.52 -18.46
N TYR M 91 -66.79 -30.39 -19.03
CA TYR M 91 -67.43 -29.35 -18.23
C TYR M 91 -68.48 -28.65 -19.07
N ASN M 92 -69.45 -28.06 -18.38
CA ASN M 92 -70.34 -27.14 -19.04
C ASN M 92 -69.67 -25.77 -19.09
N PRO M 93 -69.43 -25.21 -20.27
CA PRO M 93 -68.93 -23.83 -20.34
C PRO M 93 -69.96 -22.80 -19.93
N ASP M 94 -71.24 -23.15 -19.86
CA ASP M 94 -72.23 -22.15 -19.47
C ASP M 94 -72.21 -21.93 -17.97
N THR M 95 -72.55 -22.95 -17.20
CA THR M 95 -72.65 -22.81 -15.76
C THR M 95 -71.32 -22.49 -15.10
N GLN M 96 -70.22 -22.52 -15.84
CA GLN M 96 -68.92 -22.40 -15.21
C GLN M 96 -68.01 -21.54 -16.07
N ARG M 97 -66.75 -21.51 -15.67
CA ARG M 97 -65.72 -20.70 -16.30
C ARG M 97 -64.43 -21.49 -16.28
N LEU M 98 -63.38 -20.91 -16.84
CA LEU M 98 -62.05 -21.48 -16.82
C LEU M 98 -61.06 -20.38 -16.44
N VAL M 99 -60.12 -20.71 -15.55
CA VAL M 99 -59.13 -19.73 -15.12
C VAL M 99 -57.78 -20.38 -14.96
N TRP M 100 -56.75 -19.69 -15.44
CA TRP M 100 -55.38 -20.18 -15.41
C TRP M 100 -54.82 -20.17 -14.00
N ALA M 101 -53.84 -21.05 -13.78
CA ALA M 101 -53.08 -21.09 -12.53
C ALA M 101 -51.62 -21.35 -12.83
N CYS M 102 -50.75 -20.77 -12.01
CA CYS M 102 -49.32 -20.73 -12.28
C CYS M 102 -48.60 -21.69 -11.34
N VAL M 103 -48.15 -22.83 -11.86
CA VAL M 103 -47.51 -23.82 -11.02
C VAL M 103 -46.05 -23.48 -10.77
N GLY M 104 -45.32 -23.16 -11.82
CA GLY M 104 -43.87 -23.02 -11.71
C GLY M 104 -43.30 -22.05 -12.70
N VAL M 105 -42.15 -21.48 -12.35
CA VAL M 105 -41.65 -20.27 -12.99
C VAL M 105 -40.15 -20.34 -13.09
N GLU M 106 -39.60 -19.78 -14.16
CA GLU M 106 -38.17 -19.75 -14.38
C GLU M 106 -37.75 -18.36 -14.81
N VAL M 107 -36.49 -18.02 -14.53
CA VAL M 107 -35.91 -16.78 -15.00
C VAL M 107 -34.55 -17.11 -15.59
N GLY M 108 -34.42 -16.97 -16.91
CA GLY M 108 -33.13 -17.16 -17.56
C GLY M 108 -32.31 -15.88 -17.62
N ARG M 109 -31.01 -16.03 -17.42
CA ARG M 109 -30.09 -14.91 -17.49
C ARG M 109 -28.80 -15.39 -18.12
N GLY M 110 -28.40 -14.78 -19.23
CA GLY M 110 -27.30 -15.34 -20.00
C GLY M 110 -25.95 -14.65 -20.03
N GLN M 111 -25.84 -13.45 -19.49
CA GLN M 111 -24.60 -12.72 -19.62
C GLN M 111 -23.49 -13.38 -18.81
N PRO M 112 -22.24 -13.14 -19.20
CA PRO M 112 -21.13 -13.50 -18.32
C PRO M 112 -21.11 -12.57 -17.12
N LEU M 113 -20.88 -13.14 -15.95
CA LEU M 113 -21.12 -12.42 -14.72
C LEU M 113 -19.98 -11.50 -14.38
N GLY M 114 -20.31 -10.26 -14.05
CA GLY M 114 -19.29 -9.30 -13.67
C GLY M 114 -19.93 -8.02 -13.15
N VAL M 115 -19.17 -7.32 -12.33
CA VAL M 115 -19.69 -6.19 -11.58
C VAL M 115 -19.41 -4.90 -12.31
N GLY M 116 -20.43 -4.06 -12.42
CA GLY M 116 -20.30 -2.69 -12.88
C GLY M 116 -20.16 -1.74 -11.71
N ILE M 117 -20.43 -0.47 -11.98
CA ILE M 117 -20.04 0.55 -11.03
C ILE M 117 -20.48 1.94 -11.48
N SER M 118 -20.48 2.89 -10.56
CA SER M 118 -20.85 4.26 -10.86
C SER M 118 -20.11 5.20 -9.91
N GLY M 119 -20.12 6.48 -10.27
CA GLY M 119 -19.49 7.49 -9.45
C GLY M 119 -20.13 8.82 -9.71
N HIS M 120 -19.50 9.87 -9.16
CA HIS M 120 -19.94 11.20 -9.50
C HIS M 120 -18.74 12.13 -9.59
N PRO M 121 -18.74 13.05 -10.54
CA PRO M 121 -17.58 13.92 -10.67
C PRO M 121 -17.43 14.89 -9.53
N LEU M 122 -18.53 15.40 -8.99
CA LEU M 122 -18.51 16.31 -7.86
C LEU M 122 -19.20 15.65 -6.68
N LEU M 123 -18.51 15.55 -5.56
CA LEU M 123 -19.12 14.92 -4.40
C LEU M 123 -18.71 15.67 -3.15
N ASN M 124 -19.69 16.04 -2.34
CA ASN M 124 -19.35 16.68 -1.09
C ASN M 124 -18.44 15.73 -0.33
N LYS M 125 -17.25 16.21 -0.01
CA LYS M 125 -16.31 15.41 0.76
C LYS M 125 -15.35 16.34 1.46
N LEU M 126 -14.94 15.94 2.65
CA LEU M 126 -13.90 16.70 3.30
C LEU M 126 -12.56 16.07 2.99
N ASP M 127 -12.28 14.95 3.64
CA ASP M 127 -11.02 14.24 3.47
C ASP M 127 -11.16 12.91 4.21
N ASP M 128 -10.07 12.14 4.20
CA ASP M 128 -10.10 10.88 4.90
C ASP M 128 -10.34 11.09 6.38
N THR M 129 -11.23 10.28 6.94
CA THR M 129 -11.41 10.18 8.38
C THR M 129 -10.65 9.03 9.01
N GLU M 130 -10.08 8.15 8.20
CA GLU M 130 -9.51 6.93 8.74
C GLU M 130 -8.20 7.21 9.45
N ASN M 131 -7.29 7.90 8.80
CA ASN M 131 -6.02 8.25 9.41
C ASN M 131 -5.66 9.67 9.00
N ALA M 132 -5.37 10.51 9.99
CA ALA M 132 -4.94 11.87 9.73
C ALA M 132 -3.77 12.17 10.66
N SER M 133 -2.63 12.53 10.06
CA SER M 133 -1.47 12.91 10.86
C SER M 133 -1.73 14.21 11.62
N ALA M 134 -2.23 15.21 10.92
CA ALA M 134 -2.49 16.52 11.50
C ALA M 134 -3.93 16.90 11.22
N TYR M 135 -4.40 17.92 11.93
CA TYR M 135 -5.78 18.35 11.76
C TYR M 135 -5.98 18.86 10.35
N ALA M 136 -7.24 18.82 9.90
CA ALA M 136 -7.54 19.09 8.51
C ALA M 136 -7.32 20.57 8.19
N ALA M 137 -7.55 20.92 6.94
CA ALA M 137 -7.34 22.27 6.48
C ALA M 137 -8.61 23.09 6.66
N ASN M 138 -8.55 24.36 6.28
CA ASN M 138 -9.72 25.22 6.35
C ASN M 138 -10.67 24.88 5.21
N ALA M 139 -11.95 24.98 5.50
CA ALA M 139 -12.96 24.67 4.49
C ALA M 139 -13.03 25.81 3.50
N GLY M 140 -12.77 25.51 2.24
CA GLY M 140 -12.89 26.48 1.18
C GLY M 140 -14.30 26.53 0.65
N VAL M 141 -14.41 26.79 -0.64
CA VAL M 141 -15.69 26.71 -1.33
C VAL M 141 -15.61 25.58 -2.35
N ASP M 142 -16.53 24.63 -2.23
CA ASP M 142 -16.64 23.52 -3.18
C ASP M 142 -15.37 22.69 -3.25
N ASN M 143 -15.14 21.85 -2.27
CA ASN M 143 -14.03 20.92 -2.31
C ASN M 143 -14.38 19.62 -3.02
N ARG M 144 -15.56 19.54 -3.64
CA ARG M 144 -16.02 18.28 -4.21
C ARG M 144 -14.99 17.69 -5.15
N GLU M 145 -14.97 16.36 -5.21
CA GLU M 145 -13.98 15.63 -5.96
C GLU M 145 -14.64 14.52 -6.75
N CYS M 146 -13.86 13.92 -7.64
CA CYS M 146 -14.35 12.84 -8.48
C CYS M 146 -14.00 11.51 -7.81
N ILE M 147 -15.02 10.80 -7.33
CA ILE M 147 -14.84 9.55 -6.59
C ILE M 147 -16.02 8.65 -6.91
N SER M 148 -15.77 7.34 -6.93
CA SER M 148 -16.82 6.39 -7.25
C SER M 148 -16.83 5.25 -6.26
N MET M 149 -17.85 4.41 -6.35
CA MET M 149 -18.03 3.33 -5.40
C MET M 149 -18.92 2.27 -6.03
N ASP M 150 -18.95 1.10 -5.40
CA ASP M 150 -19.77 -0.01 -5.86
C ASP M 150 -21.04 -0.12 -5.03
N TYR M 151 -22.12 -0.47 -5.69
CA TYR M 151 -23.38 -0.62 -4.98
C TYR M 151 -23.53 -1.99 -4.36
N LYS M 152 -24.38 -2.06 -3.35
CA LYS M 152 -24.61 -3.30 -2.64
C LYS M 152 -25.10 -4.38 -3.59
N GLN M 153 -24.41 -5.50 -3.58
CA GLN M 153 -24.84 -6.63 -4.39
C GLN M 153 -26.18 -7.14 -3.87
N THR M 154 -27.07 -7.48 -4.79
CA THR M 154 -28.41 -7.87 -4.37
C THR M 154 -29.07 -8.77 -5.40
N GLN M 155 -29.91 -9.70 -4.92
CA GLN M 155 -30.78 -10.47 -5.79
C GLN M 155 -32.15 -10.60 -5.13
N LEU M 156 -33.20 -10.58 -5.93
CA LEU M 156 -34.56 -10.71 -5.42
C LEU M 156 -35.46 -11.27 -6.52
N CYS M 157 -36.65 -11.71 -6.14
CA CYS M 157 -37.61 -12.17 -7.12
C CYS M 157 -39.02 -11.92 -6.60
N LEU M 158 -39.94 -11.56 -7.50
CA LEU M 158 -41.30 -11.20 -7.11
C LEU M 158 -42.32 -11.73 -8.10
N ILE M 159 -43.41 -12.27 -7.59
CA ILE M 159 -44.43 -12.89 -8.41
C ILE M 159 -45.78 -12.66 -7.77
N GLY M 160 -46.78 -12.36 -8.60
CA GLY M 160 -48.14 -12.23 -8.11
C GLY M 160 -49.03 -11.55 -9.12
N CYS M 161 -50.30 -11.46 -8.77
CA CYS M 161 -51.28 -10.85 -9.65
C CYS M 161 -51.50 -9.38 -9.38
N LYS M 162 -50.93 -8.85 -8.31
CA LYS M 162 -51.13 -7.43 -8.12
C LYS M 162 -49.77 -6.74 -8.04
N PRO M 163 -49.70 -5.47 -8.43
CA PRO M 163 -48.39 -4.85 -8.60
C PRO M 163 -47.64 -4.83 -7.28
N PRO M 164 -46.33 -4.96 -7.32
CA PRO M 164 -45.56 -4.89 -6.09
C PRO M 164 -45.65 -3.52 -5.47
N ILE M 165 -45.87 -3.48 -4.17
CA ILE M 165 -46.07 -2.23 -3.45
C ILE M 165 -44.74 -1.76 -2.90
N GLY M 166 -44.45 -0.48 -3.12
CA GLY M 166 -43.22 0.11 -2.64
C GLY M 166 -43.42 1.03 -1.45
N GLU M 167 -42.30 1.51 -0.94
CA GLU M 167 -42.28 2.47 0.14
C GLU M 167 -40.99 3.26 0.08
N HIS M 168 -41.03 4.47 0.61
CA HIS M 168 -39.86 5.34 0.57
C HIS M 168 -40.03 6.41 1.63
N TRP M 169 -38.91 7.00 2.01
CA TRP M 169 -39.00 8.21 2.80
C TRP M 169 -39.36 9.36 1.89
N GLY M 170 -39.86 10.44 2.48
CA GLY M 170 -40.29 11.59 1.72
C GLY M 170 -40.84 12.66 2.63
N LYS M 171 -40.96 13.86 2.06
CA LYS M 171 -41.38 15.01 2.84
C LYS M 171 -42.88 15.20 2.77
N GLY M 172 -43.47 15.50 3.92
CA GLY M 172 -44.84 15.93 4.01
C GLY M 172 -44.96 17.40 4.35
N SER M 173 -46.14 17.79 4.80
CA SER M 173 -46.40 19.17 5.18
C SER M 173 -46.20 19.33 6.67
N PRO M 174 -45.35 20.25 7.12
CA PRO M 174 -45.18 20.43 8.56
C PRO M 174 -46.45 20.93 9.20
N CYS M 175 -46.76 20.40 10.37
CA CYS M 175 -47.87 20.95 11.15
C CYS M 175 -47.62 22.42 11.39
N THR M 176 -48.70 23.22 11.35
CA THR M 176 -48.53 24.66 11.35
C THR M 176 -48.58 25.15 12.78
N ASN M 177 -47.41 25.48 13.32
CA ASN M 177 -47.24 26.31 14.49
C ASN M 177 -46.15 27.31 14.15
N VAL M 178 -44.95 26.79 13.93
CA VAL M 178 -43.81 27.58 13.49
C VAL M 178 -43.83 27.68 11.98
N ALA M 179 -43.72 28.90 11.47
CA ALA M 179 -43.61 29.09 10.03
C ALA M 179 -42.22 28.66 9.58
N VAL M 180 -42.17 27.83 8.53
CA VAL M 180 -40.91 27.26 8.09
C VAL M 180 -40.06 28.36 7.47
N ASN M 181 -38.95 28.55 7.97
CA ASN M 181 -37.97 29.40 7.32
C ASN M 181 -37.06 28.57 6.43
N PRO M 182 -36.47 29.18 5.40
CA PRO M 182 -35.48 28.45 4.60
C PRO M 182 -34.35 27.95 5.49
N GLY M 183 -33.97 26.70 5.27
CA GLY M 183 -32.94 26.08 6.07
C GLY M 183 -33.44 25.22 7.20
N ASP M 184 -34.74 25.13 7.40
CA ASP M 184 -35.28 24.29 8.45
C ASP M 184 -35.15 22.82 8.09
N CYS M 185 -35.29 21.98 9.10
CA CYS M 185 -35.33 20.55 8.87
C CYS M 185 -36.71 20.15 8.39
N PRO M 186 -36.84 19.74 7.14
CA PRO M 186 -38.13 19.31 6.65
C PRO M 186 -38.56 18.04 7.36
N PRO M 187 -39.79 17.98 7.82
CA PRO M 187 -40.27 16.77 8.50
C PRO M 187 -40.29 15.61 7.52
N LEU M 188 -40.38 14.41 8.07
CA LEU M 188 -40.32 13.21 7.25
C LEU M 188 -41.65 12.47 7.28
N GLU M 189 -41.89 11.71 6.22
CA GLU M 189 -43.14 11.00 6.07
C GLU M 189 -42.86 9.65 5.40
N LEU M 190 -43.62 8.65 5.81
CA LEU M 190 -43.49 7.32 5.26
C LEU M 190 -44.59 7.10 4.22
N ILE M 191 -44.22 6.76 3.00
CA ILE M 191 -45.15 6.77 1.89
C ILE M 191 -45.08 5.47 1.12
N ASN M 192 -46.21 4.79 1.00
CA ASN M 192 -46.34 3.69 0.08
C ASN M 192 -46.66 4.19 -1.32
N THR M 193 -46.24 3.43 -2.33
CA THR M 193 -46.64 3.73 -3.68
C THR M 193 -46.53 2.50 -4.55
N VAL M 194 -47.18 2.56 -5.71
CA VAL M 194 -46.97 1.56 -6.74
C VAL M 194 -45.55 1.69 -7.25
N ILE M 195 -45.00 0.58 -7.74
CA ILE M 195 -43.62 0.53 -8.19
C ILE M 195 -43.58 0.57 -9.70
N GLN M 196 -42.75 1.44 -10.25
CA GLN M 196 -42.68 1.65 -11.68
C GLN M 196 -41.30 1.26 -12.19
N ASP M 197 -41.26 0.96 -13.49
CA ASP M 197 -40.02 0.56 -14.10
C ASP M 197 -39.04 1.73 -14.09
N GLY M 198 -37.76 1.41 -14.27
CA GLY M 198 -36.72 2.39 -14.23
C GLY M 198 -36.39 2.90 -12.85
N ASP M 199 -37.15 2.52 -11.85
CA ASP M 199 -36.85 2.96 -10.50
C ASP M 199 -35.64 2.23 -9.95
N MET M 200 -35.09 2.80 -8.89
CA MET M 200 -33.75 2.46 -8.43
C MET M 200 -33.77 1.68 -7.12
N VAL M 201 -32.91 0.65 -7.06
CA VAL M 201 -32.64 -0.06 -5.83
C VAL M 201 -32.01 0.89 -4.83
N ASP M 202 -32.10 0.54 -3.56
CA ASP M 202 -31.23 1.20 -2.59
C ASP M 202 -29.78 0.95 -2.95
N THR M 203 -28.95 1.92 -2.66
CA THR M 203 -27.54 1.65 -2.63
C THR M 203 -27.09 1.35 -1.23
N GLY M 204 -28.02 1.35 -0.29
CA GLY M 204 -27.69 1.45 1.10
C GLY M 204 -27.86 2.83 1.66
N PHE M 205 -28.43 3.75 0.91
CA PHE M 205 -28.83 5.04 1.46
C PHE M 205 -30.32 5.14 1.74
N GLY M 206 -31.09 4.09 1.52
CA GLY M 206 -32.47 4.09 1.97
C GLY M 206 -33.41 4.78 1.03
N ALA M 207 -34.66 4.34 1.04
CA ALA M 207 -35.63 4.80 0.06
C ALA M 207 -36.16 6.17 0.46
N MET M 208 -35.95 7.14 -0.41
CA MET M 208 -36.40 8.50 -0.21
C MET M 208 -36.25 9.27 -1.51
N ASP M 209 -36.68 10.51 -1.50
CA ASP M 209 -36.50 11.40 -2.65
C ASP M 209 -35.32 12.29 -2.38
N PHE M 210 -34.25 12.05 -3.10
CA PHE M 210 -33.14 12.98 -3.05
C PHE M 210 -33.53 14.30 -3.66
N THR M 211 -34.23 14.26 -4.80
CA THR M 211 -34.56 15.48 -5.51
C THR M 211 -35.19 16.50 -4.58
N THR M 212 -36.23 16.10 -3.85
CA THR M 212 -36.82 17.05 -2.93
C THR M 212 -35.97 17.23 -1.68
N LEU M 213 -35.55 16.14 -1.06
CA LEU M 213 -34.91 16.28 0.23
C LEU M 213 -33.43 16.62 0.14
N GLN M 214 -32.78 16.38 -0.98
CA GLN M 214 -31.39 16.76 -1.15
C GLN M 214 -31.32 17.88 -2.16
N ALA M 215 -31.00 19.08 -1.68
CA ALA M 215 -30.88 20.21 -2.60
C ALA M 215 -29.54 20.21 -3.30
N ASN M 216 -28.48 19.83 -2.58
CA ASN M 216 -27.14 19.82 -3.16
C ASN M 216 -27.14 19.11 -4.49
N LYS M 217 -27.86 18.00 -4.58
CA LYS M 217 -27.95 17.24 -5.81
C LYS M 217 -26.61 16.60 -6.13
N SER M 218 -25.56 16.95 -5.40
CA SER M 218 -24.27 16.30 -5.55
C SER M 218 -23.96 15.25 -4.49
N GLU M 219 -24.86 15.01 -3.55
CA GLU M 219 -24.50 14.21 -2.40
C GLU M 219 -24.39 12.72 -2.69
N VAL M 220 -24.78 12.26 -3.87
CA VAL M 220 -24.74 10.84 -4.20
C VAL M 220 -24.25 10.69 -5.64
N PRO M 221 -23.85 9.51 -6.08
CA PRO M 221 -23.54 9.34 -7.50
C PRO M 221 -24.79 9.50 -8.34
N LEU M 222 -24.57 9.72 -9.64
CA LEU M 222 -25.59 10.27 -10.52
C LEU M 222 -26.86 9.45 -10.49
N ASP M 223 -26.74 8.17 -10.83
CA ASP M 223 -27.89 7.37 -11.24
C ASP M 223 -29.07 7.55 -10.31
N ILE M 224 -28.81 7.65 -9.02
CA ILE M 224 -29.89 7.77 -8.05
C ILE M 224 -30.27 9.21 -7.78
N CYS M 225 -29.48 10.18 -8.23
CA CYS M 225 -29.74 11.55 -7.82
C CYS M 225 -31.12 12.00 -8.27
N THR M 226 -31.55 11.57 -9.45
CA THR M 226 -32.80 12.05 -10.00
C THR M 226 -33.98 11.50 -9.23
N SER M 227 -34.09 10.19 -9.16
CA SER M 227 -35.35 9.56 -8.82
C SER M 227 -35.41 9.23 -7.34
N ILE M 228 -36.43 8.48 -6.96
CA ILE M 228 -36.62 7.99 -5.60
C ILE M 228 -36.30 6.52 -5.60
N CYS M 229 -35.17 6.14 -5.01
CA CYS M 229 -34.94 4.73 -4.78
C CYS M 229 -36.05 4.20 -3.89
N LYS M 230 -36.48 2.98 -4.15
CA LYS M 230 -37.56 2.43 -3.36
C LYS M 230 -37.20 1.02 -2.91
N TYR M 231 -37.96 0.49 -1.97
CA TYR M 231 -37.64 -0.81 -1.43
C TYR M 231 -38.94 -1.49 -1.04
N PRO M 232 -39.03 -2.79 -1.21
CA PRO M 232 -40.26 -3.50 -0.89
C PRO M 232 -40.45 -3.65 0.60
N ASP M 233 -41.71 -3.52 1.06
CA ASP M 233 -42.07 -3.79 2.44
C ASP M 233 -42.81 -5.12 2.52
N TYR M 234 -42.13 -6.14 2.99
CA TYR M 234 -42.78 -7.44 3.08
C TYR M 234 -44.03 -7.35 3.92
N ILE M 235 -43.97 -6.60 5.00
CA ILE M 235 -45.06 -6.52 5.95
C ILE M 235 -46.33 -6.12 5.25
N LYS M 236 -46.41 -4.85 4.87
CA LYS M 236 -47.66 -4.31 4.35
C LYS M 236 -48.14 -5.13 3.18
N MET M 237 -47.22 -5.55 2.34
CA MET M 237 -47.58 -6.43 1.25
C MET M 237 -48.20 -7.71 1.80
N VAL M 238 -47.40 -8.56 2.44
CA VAL M 238 -47.94 -9.83 2.90
C VAL M 238 -49.10 -9.62 3.84
N SER M 239 -49.21 -8.45 4.43
CA SER M 239 -50.36 -8.19 5.27
C SER M 239 -51.67 -8.13 4.51
N GLU M 240 -51.63 -8.12 3.18
CA GLU M 240 -52.86 -8.02 2.41
C GLU M 240 -53.83 -9.12 2.84
N PRO M 241 -55.12 -8.83 2.90
CA PRO M 241 -56.07 -9.88 3.28
C PRO M 241 -56.12 -11.02 2.28
N TYR M 242 -56.12 -10.71 0.99
CA TYR M 242 -56.10 -11.77 0.01
C TYR M 242 -54.69 -12.25 -0.33
N GLY M 243 -53.66 -11.48 0.04
CA GLY M 243 -52.31 -11.83 -0.34
C GLY M 243 -52.03 -11.73 -1.82
N ASP M 244 -53.02 -11.38 -2.62
CA ASP M 244 -52.85 -11.45 -4.06
C ASP M 244 -51.90 -10.41 -4.59
N SER M 245 -51.38 -9.53 -3.75
CA SER M 245 -50.27 -8.71 -4.16
C SER M 245 -49.18 -9.63 -4.68
N LEU M 246 -48.55 -10.34 -3.76
CA LEU M 246 -47.51 -11.29 -4.09
C LEU M 246 -47.82 -12.56 -3.33
N PHE M 247 -47.65 -13.70 -3.95
CA PHE M 247 -47.76 -14.93 -3.19
C PHE M 247 -46.43 -15.58 -2.88
N PHE M 248 -45.31 -14.96 -3.20
CA PHE M 248 -44.06 -15.72 -3.16
C PHE M 248 -42.89 -14.79 -3.43
N TYR M 249 -41.70 -15.20 -3.02
CA TYR M 249 -40.53 -14.33 -3.19
C TYR M 249 -39.28 -15.02 -2.66
N LEU M 250 -38.12 -14.48 -3.04
CA LEU M 250 -36.82 -14.88 -2.52
C LEU M 250 -35.89 -13.69 -2.58
N ARG M 251 -34.93 -13.63 -1.67
CA ARG M 251 -33.98 -12.53 -1.66
C ARG M 251 -32.67 -12.94 -1.04
N ARG M 252 -31.58 -12.37 -1.56
CA ARG M 252 -30.27 -12.48 -0.95
C ARG M 252 -29.54 -11.16 -1.20
N GLU M 253 -28.86 -10.66 -0.17
CA GLU M 253 -28.03 -9.48 -0.37
C GLU M 253 -27.01 -9.36 0.74
N GLN M 254 -25.96 -8.59 0.47
CA GLN M 254 -24.86 -8.43 1.41
C GLN M 254 -24.12 -7.13 1.11
N MET M 255 -23.42 -6.64 2.13
CA MET M 255 -22.66 -5.40 2.00
C MET M 255 -21.62 -5.33 3.10
N PHE M 256 -20.62 -4.47 2.91
CA PHE M 256 -19.66 -4.20 3.97
C PHE M 256 -19.01 -2.86 3.72
N VAL M 257 -18.38 -2.36 4.75
CA VAL M 257 -17.83 -1.01 4.75
C VAL M 257 -16.53 -0.99 3.97
N ARG M 258 -16.20 0.18 3.43
CA ARG M 258 -14.92 0.40 2.76
C ARG M 258 -14.22 1.65 3.27
N HIS M 259 -14.83 2.81 3.11
CA HIS M 259 -14.20 4.06 3.55
C HIS M 259 -15.15 4.88 4.41
N LEU M 260 -14.59 5.90 5.03
CA LEU M 260 -15.30 6.75 5.98
C LEU M 260 -15.00 8.21 5.66
N PHE M 261 -16.05 8.98 5.34
CA PHE M 261 -15.85 10.34 4.85
C PHE M 261 -16.62 11.35 5.69
N ASN M 262 -16.54 12.61 5.29
CA ASN M 262 -17.20 13.73 5.95
C ASN M 262 -17.95 14.57 4.94
N ARG M 263 -19.19 14.92 5.26
CA ARG M 263 -19.82 16.02 4.57
C ARG M 263 -19.03 17.28 4.84
N ALA M 264 -19.16 18.25 3.96
CA ALA M 264 -18.61 19.58 4.18
C ALA M 264 -19.68 20.59 3.82
N GLY M 265 -20.11 21.36 4.81
CA GLY M 265 -21.18 22.32 4.57
C GLY M 265 -21.56 23.02 5.84
N ALA M 266 -22.57 23.88 5.71
CA ALA M 266 -23.03 24.65 6.84
C ALA M 266 -23.51 23.73 7.94
N VAL M 267 -23.04 23.97 9.15
CA VAL M 267 -23.42 23.12 10.27
C VAL M 267 -24.87 23.38 10.59
N GLY M 268 -25.68 22.32 10.57
CA GLY M 268 -27.07 22.46 10.96
C GLY M 268 -27.21 22.71 12.44
N GLU M 269 -26.48 21.94 13.25
CA GLU M 269 -26.49 22.13 14.69
C GLU M 269 -25.13 21.73 15.24
N ASN M 270 -24.75 22.37 16.34
CA ASN M 270 -23.52 22.01 17.03
C ASN M 270 -23.85 21.21 18.27
N VAL M 271 -23.07 20.17 18.50
CA VAL M 271 -23.25 19.38 19.71
C VAL M 271 -23.12 20.28 20.92
N PRO M 272 -23.96 20.15 21.95
CA PRO M 272 -23.74 20.94 23.16
C PRO M 272 -22.36 20.66 23.73
N ASP M 273 -21.72 21.73 24.22
CA ASP M 273 -20.33 21.65 24.64
C ASP M 273 -20.10 20.53 25.64
N ASP M 274 -21.01 20.40 26.61
CA ASP M 274 -20.82 19.52 27.76
C ASP M 274 -20.48 18.10 27.35
N LEU M 275 -20.73 17.75 26.10
CA LEU M 275 -20.34 16.46 25.58
C LEU M 275 -18.89 16.41 25.17
N TYR M 276 -18.13 17.48 25.38
CA TYR M 276 -16.70 17.47 25.12
C TYR M 276 -16.08 18.64 25.85
N ILE M 277 -14.83 18.93 25.54
CA ILE M 277 -14.11 20.02 26.17
C ILE M 277 -13.55 20.93 25.09
N LYS M 278 -13.49 22.22 25.40
CA LYS M 278 -13.01 23.22 24.45
C LYS M 278 -11.62 22.91 23.96
N GLY M 279 -11.39 23.13 22.67
CA GLY M 279 -10.08 22.97 22.08
C GLY M 279 -9.31 24.27 22.12
N SER M 280 -8.34 24.38 21.21
CA SER M 280 -7.50 25.57 21.11
C SER M 280 -6.53 25.37 19.96
N GLY M 281 -5.98 26.48 19.47
CA GLY M 281 -5.04 26.40 18.38
C GLY M 281 -5.65 25.67 17.22
N SER M 282 -4.98 24.60 16.79
CA SER M 282 -5.57 23.70 15.81
C SER M 282 -6.94 23.23 16.23
N THR M 283 -7.16 23.12 17.54
CA THR M 283 -8.42 22.63 18.08
C THR M 283 -9.38 23.74 18.44
N ALA M 284 -9.04 24.98 18.09
CA ALA M 284 -9.97 26.08 18.32
C ALA M 284 -11.36 25.77 17.78
N ASN M 285 -11.43 25.18 16.60
CA ASN M 285 -12.70 24.97 15.92
C ASN M 285 -12.99 23.48 15.75
N LEU M 286 -14.27 23.16 15.69
CA LEU M 286 -14.71 21.78 15.53
C LEU M 286 -14.90 21.48 14.06
N ALA M 287 -14.33 20.37 13.60
CA ALA M 287 -14.61 19.91 12.26
C ALA M 287 -16.05 19.46 12.14
N SER M 288 -16.53 19.33 10.92
CA SER M 288 -17.90 18.91 10.70
C SER M 288 -18.17 17.59 11.39
N SER M 289 -19.39 17.45 11.91
CA SER M 289 -19.77 16.27 12.64
C SER M 289 -20.09 15.09 11.74
N ASN M 290 -20.43 15.33 10.48
CA ASN M 290 -21.05 14.30 9.68
C ASN M 290 -20.08 13.19 9.33
N TYR M 291 -20.67 12.04 8.99
CA TYR M 291 -19.95 10.93 8.43
C TYR M 291 -20.93 10.14 7.58
N PHE M 292 -20.43 9.50 6.53
CA PHE M 292 -21.24 8.47 5.89
C PHE M 292 -20.34 7.39 5.35
N PRO M 293 -20.77 6.15 5.40
CA PRO M 293 -19.94 5.05 4.91
C PRO M 293 -19.93 5.01 3.40
N THR M 294 -18.99 4.25 2.87
CA THR M 294 -18.97 3.94 1.46
C THR M 294 -19.28 2.47 1.28
N PRO M 295 -20.44 2.11 0.77
CA PRO M 295 -20.77 0.70 0.64
C PRO M 295 -19.86 0.02 -0.34
N SER M 296 -19.52 -1.24 -0.05
CA SER M 296 -18.58 -2.01 -0.86
C SER M 296 -19.14 -3.39 -1.14
N GLY M 297 -19.36 -3.68 -2.41
CA GLY M 297 -19.77 -5.02 -2.80
C GLY M 297 -18.70 -6.04 -2.49
N SER M 298 -19.13 -7.27 -2.36
CA SER M 298 -18.24 -8.34 -1.98
C SER M 298 -17.96 -9.27 -3.14
N MET M 299 -17.20 -10.30 -2.84
CA MET M 299 -16.97 -11.37 -3.79
C MET M 299 -18.30 -11.97 -4.25
N VAL M 300 -18.49 -12.02 -5.54
CA VAL M 300 -19.65 -12.66 -6.13
C VAL M 300 -19.30 -14.10 -6.41
N THR M 301 -20.26 -15.00 -6.25
CA THR M 301 -20.03 -16.38 -6.59
C THR M 301 -21.07 -16.86 -7.56
N SER M 302 -20.75 -17.94 -8.25
CA SER M 302 -21.76 -18.58 -9.06
C SER M 302 -22.83 -19.21 -8.20
N ASP M 303 -22.52 -19.51 -6.95
CA ASP M 303 -23.47 -20.25 -6.12
C ASP M 303 -24.67 -19.38 -5.75
N ALA M 304 -24.44 -18.23 -5.14
CA ALA M 304 -25.55 -17.44 -4.63
C ALA M 304 -26.49 -16.97 -5.73
N GLN M 305 -26.13 -17.17 -6.98
CA GLN M 305 -27.08 -16.95 -8.05
C GLN M 305 -28.35 -17.74 -7.75
N ILE M 306 -29.47 -17.04 -7.78
CA ILE M 306 -30.76 -17.65 -7.50
C ILE M 306 -31.50 -18.02 -8.79
N PHE M 307 -30.86 -17.85 -9.93
CA PHE M 307 -31.56 -17.96 -11.19
C PHE M 307 -31.10 -19.18 -11.96
N ASN M 308 -31.63 -19.31 -13.17
CA ASN M 308 -31.34 -20.44 -14.03
C ASN M 308 -31.64 -21.75 -13.34
N LYS M 309 -32.56 -21.73 -12.39
CA LYS M 309 -32.95 -22.93 -11.73
C LYS M 309 -34.45 -22.91 -11.54
N PRO M 310 -35.11 -24.04 -11.76
CA PRO M 310 -36.57 -24.06 -11.70
C PRO M 310 -37.08 -23.77 -10.30
N TYR M 311 -38.34 -23.40 -10.24
CA TYR M 311 -39.04 -23.26 -8.97
C TYR M 311 -40.33 -24.06 -9.02
N TRP M 312 -40.81 -24.38 -7.84
CA TRP M 312 -42.00 -25.20 -7.71
C TRP M 312 -42.83 -24.70 -6.56
N LEU M 313 -44.07 -24.34 -6.86
CA LEU M 313 -44.95 -23.75 -5.88
C LEU M 313 -46.09 -24.70 -5.60
N GLN M 314 -46.42 -24.86 -4.33
CA GLN M 314 -47.66 -25.50 -4.00
C GLN M 314 -48.44 -24.60 -3.05
N ARG M 315 -47.87 -24.29 -1.89
CA ARG M 315 -48.56 -23.47 -0.92
C ARG M 315 -47.80 -22.17 -0.72
N ALA M 316 -48.55 -21.09 -0.64
CA ALA M 316 -48.00 -19.77 -0.45
C ALA M 316 -48.65 -19.12 0.77
N GLN M 317 -48.00 -18.09 1.29
CA GLN M 317 -48.54 -17.45 2.48
C GLN M 317 -49.91 -16.86 2.25
N GLY M 318 -50.25 -16.54 1.01
CA GLY M 318 -51.56 -16.00 0.71
C GLY M 318 -52.55 -17.07 0.38
N HIS M 319 -53.83 -16.68 0.36
CA HIS M 319 -54.86 -17.68 0.12
C HIS M 319 -54.95 -18.05 -1.34
N ASN M 320 -54.61 -17.13 -2.23
CA ASN M 320 -54.41 -17.53 -3.61
C ASN M 320 -53.44 -18.68 -3.64
N ASN M 321 -53.77 -19.69 -4.41
CA ASN M 321 -52.77 -20.65 -4.81
C ASN M 321 -52.65 -20.46 -6.30
N GLY M 322 -51.62 -19.71 -6.71
CA GLY M 322 -51.33 -19.51 -8.11
C GLY M 322 -52.47 -19.11 -9.01
N ILE M 323 -53.50 -18.50 -8.46
CA ILE M 323 -54.58 -18.01 -9.30
C ILE M 323 -54.14 -16.67 -9.86
N CYS M 324 -54.26 -16.48 -11.15
CA CYS M 324 -54.00 -15.17 -11.73
C CYS M 324 -55.30 -14.67 -12.33
N TRP M 325 -55.91 -13.72 -11.64
CA TRP M 325 -57.18 -13.22 -12.11
C TRP M 325 -56.98 -12.31 -13.30
N GLY M 326 -58.06 -12.13 -14.05
CA GLY M 326 -58.05 -11.25 -15.19
C GLY M 326 -56.94 -11.57 -16.17
N ASN M 327 -56.63 -12.85 -16.30
CA ASN M 327 -55.66 -13.31 -17.28
C ASN M 327 -54.33 -12.61 -17.11
N GLN M 328 -54.07 -12.08 -15.94
CA GLN M 328 -53.00 -11.13 -15.74
C GLN M 328 -52.03 -11.63 -14.68
N LEU M 329 -50.75 -11.33 -14.86
CA LEU M 329 -49.72 -11.85 -13.97
C LEU M 329 -48.52 -10.91 -13.99
N PHE M 330 -47.87 -10.78 -12.84
CA PHE M 330 -46.77 -9.84 -12.67
C PHE M 330 -45.52 -10.55 -12.21
N VAL M 331 -44.39 -10.13 -12.76
CA VAL M 331 -43.09 -10.56 -12.28
C VAL M 331 -42.18 -9.35 -12.26
N THR M 332 -41.40 -9.24 -11.20
CA THR M 332 -40.45 -8.16 -11.02
C THR M 332 -39.18 -8.71 -10.43
N VAL M 333 -38.06 -8.46 -11.09
CA VAL M 333 -36.80 -9.08 -10.74
C VAL M 333 -35.70 -8.06 -10.93
N VAL M 334 -34.71 -8.09 -10.05
CA VAL M 334 -33.59 -7.16 -10.13
C VAL M 334 -32.30 -7.87 -9.76
N ASP M 335 -31.27 -7.67 -10.56
CA ASP M 335 -29.97 -8.27 -10.31
C ASP M 335 -28.90 -7.21 -10.34
N THR M 336 -27.89 -7.39 -9.50
CA THR M 336 -26.68 -6.59 -9.54
C THR M 336 -25.52 -7.29 -10.22
N THR M 337 -25.65 -8.55 -10.58
CA THR M 337 -24.45 -9.31 -10.90
C THR M 337 -23.95 -9.07 -12.33
N ARG M 338 -24.82 -8.64 -13.22
CA ARG M 338 -24.46 -8.46 -14.62
C ARG M 338 -24.10 -7.03 -14.95
N SER M 339 -23.92 -6.19 -13.94
CA SER M 339 -23.81 -4.75 -14.09
C SER M 339 -22.65 -4.30 -14.96
N THR M 340 -21.81 -5.24 -15.41
CA THR M 340 -20.62 -4.88 -16.16
C THR M 340 -20.91 -3.88 -17.26
N ASN M 341 -20.08 -2.86 -17.36
CA ASN M 341 -20.22 -1.83 -18.38
C ASN M 341 -19.04 -1.91 -19.33
N MET M 342 -19.29 -2.35 -20.56
CA MET M 342 -18.24 -2.33 -21.56
C MET M 342 -18.09 -0.92 -22.09
N SER M 343 -16.86 -0.58 -22.43
CA SER M 343 -16.53 0.76 -22.91
C SER M 343 -15.74 0.63 -24.20
N LEU M 344 -16.17 1.35 -25.23
CA LEU M 344 -15.49 1.28 -26.51
C LEU M 344 -15.10 2.67 -26.96
N CYS M 345 -14.19 2.72 -27.92
CA CYS M 345 -13.64 3.96 -28.41
C CYS M 345 -13.73 4.01 -29.93
N ALA M 346 -14.10 5.17 -30.46
CA ALA M 346 -14.14 5.42 -31.89
C ALA M 346 -13.10 6.44 -32.25
N ALA M 347 -12.47 6.26 -33.40
CA ALA M 347 -11.40 7.13 -33.88
C ALA M 347 -11.95 8.06 -34.94
N ILE M 348 -11.89 9.36 -34.69
CA ILE M 348 -12.39 10.27 -35.69
C ILE M 348 -11.41 10.39 -36.85
N SER M 349 -10.12 10.18 -36.59
CA SER M 349 -9.11 10.27 -37.63
C SER M 349 -8.24 9.02 -37.57
N THR M 350 -8.26 8.23 -38.64
CA THR M 350 -7.58 6.95 -38.67
C THR M 350 -6.15 7.05 -39.18
N SER M 351 -5.72 8.22 -39.62
CA SER M 351 -4.44 8.32 -40.31
C SER M 351 -3.28 8.47 -39.33
N GLU M 352 -3.27 9.57 -38.58
CA GLU M 352 -2.09 9.96 -37.81
C GLU M 352 -1.60 8.82 -36.93
N THR M 353 -0.30 8.63 -36.93
CA THR M 353 0.32 7.51 -36.24
C THR M 353 0.84 7.87 -34.86
N THR M 354 0.68 9.11 -34.43
CA THR M 354 1.10 9.50 -33.10
C THR M 354 -0.10 9.54 -32.19
N TYR M 355 -0.04 8.81 -31.08
CA TYR M 355 -1.18 8.72 -30.19
C TYR M 355 -1.48 10.08 -29.58
N LYS M 356 -2.77 10.40 -29.53
CA LYS M 356 -3.24 11.64 -28.94
C LYS M 356 -4.57 11.37 -28.26
N ASN M 357 -4.80 12.01 -27.13
CA ASN M 357 -6.10 11.91 -26.50
C ASN M 357 -7.18 12.64 -27.29
N THR M 358 -6.79 13.40 -28.31
CA THR M 358 -7.77 14.13 -29.08
C THR M 358 -8.59 13.20 -29.97
N ASN M 359 -8.00 12.14 -30.48
CA ASN M 359 -8.61 11.43 -31.59
C ASN M 359 -9.80 10.58 -31.20
N PHE M 360 -10.00 10.30 -29.92
CA PHE M 360 -10.91 9.24 -29.51
C PHE M 360 -12.04 9.77 -28.65
N LYS M 361 -13.26 9.73 -29.19
CA LYS M 361 -14.44 9.86 -28.36
C LYS M 361 -14.67 8.56 -27.58
N GLU M 362 -15.48 8.66 -26.53
CA GLU M 362 -15.81 7.52 -25.69
C GLU M 362 -17.31 7.43 -25.47
N TYR M 363 -17.83 6.21 -25.50
CA TYR M 363 -19.23 5.97 -25.22
C TYR M 363 -19.36 4.79 -24.28
N LEU M 364 -20.56 4.67 -23.70
CA LEU M 364 -20.84 3.64 -22.71
C LEU M 364 -22.20 3.04 -22.99
N ARG M 365 -22.24 1.73 -23.16
CA ARG M 365 -23.48 1.00 -23.33
C ARG M 365 -23.46 -0.22 -22.44
N HIS M 366 -24.64 -0.68 -22.03
CA HIS M 366 -24.72 -1.73 -21.05
C HIS M 366 -25.64 -2.85 -21.51
N GLY M 367 -25.24 -4.09 -21.24
CA GLY M 367 -25.96 -5.23 -21.74
C GLY M 367 -27.08 -5.67 -20.82
N GLU M 368 -28.14 -6.19 -21.41
CA GLU M 368 -29.29 -6.69 -20.68
C GLU M 368 -29.87 -7.91 -21.38
N GLU M 369 -30.12 -8.96 -20.61
CA GLU M 369 -30.59 -10.21 -21.17
C GLU M 369 -31.62 -10.84 -20.23
N TYR M 370 -32.84 -11.06 -20.71
CA TYR M 370 -33.85 -11.73 -19.91
C TYR M 370 -34.46 -12.88 -20.70
N ASP M 371 -35.04 -13.82 -19.96
CA ASP M 371 -35.94 -14.79 -20.54
C ASP M 371 -36.99 -15.21 -19.53
N LEU M 372 -38.16 -15.56 -20.04
CA LEU M 372 -39.26 -15.97 -19.20
C LEU M 372 -39.86 -17.26 -19.74
N GLN M 373 -40.08 -18.22 -18.86
CA GLN M 373 -40.79 -19.44 -19.20
C GLN M 373 -41.70 -19.80 -18.03
N PHE M 374 -42.99 -19.94 -18.30
CA PHE M 374 -43.97 -20.11 -17.24
C PHE M 374 -44.79 -21.35 -17.47
N ILE M 375 -44.74 -22.28 -16.51
CA ILE M 375 -45.72 -23.35 -16.46
C ILE M 375 -47.09 -22.79 -16.15
N PHE M 376 -48.13 -23.53 -16.53
CA PHE M 376 -49.47 -23.11 -16.12
C PHE M 376 -50.36 -24.32 -15.95
N GLN M 377 -51.37 -24.18 -15.09
CA GLN M 377 -52.36 -25.20 -14.87
C GLN M 377 -53.74 -24.61 -15.14
N LEU M 378 -54.71 -25.49 -15.32
CA LEU M 378 -56.02 -25.17 -15.83
C LEU M 378 -57.07 -25.50 -14.78
N CYS M 379 -58.06 -24.63 -14.62
CA CYS M 379 -59.00 -24.81 -13.52
C CYS M 379 -60.36 -24.23 -13.85
N LYS M 380 -61.37 -24.75 -13.17
CA LYS M 380 -62.77 -24.42 -13.37
C LYS M 380 -63.37 -23.89 -12.08
N ILE M 381 -64.53 -23.26 -12.19
CA ILE M 381 -65.21 -22.68 -11.04
C ILE M 381 -66.70 -22.97 -11.13
N THR M 382 -67.26 -23.52 -10.06
CA THR M 382 -68.69 -23.65 -9.93
C THR M 382 -69.28 -22.30 -9.54
N LEU M 383 -70.54 -22.09 -9.88
CA LEU M 383 -71.23 -20.84 -9.55
C LEU M 383 -72.42 -21.11 -8.64
N THR M 384 -72.46 -20.43 -7.51
CA THR M 384 -73.68 -20.27 -6.72
C THR M 384 -73.70 -18.83 -6.23
N ALA M 385 -74.75 -18.50 -5.48
CA ALA M 385 -74.83 -17.17 -4.90
C ALA M 385 -73.63 -16.88 -4.02
N ASP M 386 -73.41 -17.75 -3.04
CA ASP M 386 -72.28 -17.58 -2.13
C ASP M 386 -71.00 -17.33 -2.90
N VAL M 387 -70.75 -18.18 -3.88
CA VAL M 387 -69.68 -17.96 -4.83
C VAL M 387 -69.74 -16.53 -5.31
N MET M 388 -70.74 -16.25 -6.16
CA MET M 388 -70.83 -14.95 -6.79
C MET M 388 -70.65 -13.83 -5.79
N THR M 389 -71.38 -13.91 -4.69
CA THR M 389 -71.23 -12.93 -3.63
C THR M 389 -69.78 -12.78 -3.26
N TYR M 390 -69.16 -13.87 -2.85
CA TYR M 390 -67.83 -13.81 -2.30
C TYR M 390 -66.85 -13.18 -3.28
N ILE M 391 -66.95 -13.54 -4.56
CA ILE M 391 -66.11 -12.89 -5.54
C ILE M 391 -66.41 -11.41 -5.58
N HIS M 392 -67.68 -11.09 -5.83
CA HIS M 392 -68.07 -9.72 -6.06
C HIS M 392 -67.54 -8.81 -4.97
N SER M 393 -67.46 -9.33 -3.75
CA SER M 393 -66.80 -8.59 -2.69
C SER M 393 -65.35 -8.34 -3.04
N MET M 394 -64.62 -9.39 -3.39
CA MET M 394 -63.18 -9.28 -3.53
C MET M 394 -62.80 -8.23 -4.55
N ASN M 395 -62.98 -8.53 -5.83
CA ASN M 395 -62.86 -7.50 -6.86
C ASN M 395 -63.97 -7.72 -7.85
N SER M 396 -64.88 -6.76 -7.95
CA SER M 396 -66.04 -6.96 -8.81
C SER M 396 -65.68 -6.76 -10.28
N THR M 397 -64.71 -5.90 -10.55
CA THR M 397 -64.28 -5.68 -11.94
C THR M 397 -64.00 -6.99 -12.63
N ILE M 398 -63.53 -7.98 -11.88
CA ILE M 398 -63.29 -9.30 -12.44
C ILE M 398 -64.50 -9.80 -13.20
N LEU M 399 -65.69 -9.59 -12.65
CA LEU M 399 -66.86 -10.19 -13.24
C LEU M 399 -67.21 -9.59 -14.59
N GLU M 400 -66.73 -8.40 -14.89
CA GLU M 400 -67.00 -7.79 -16.18
C GLU M 400 -66.50 -8.68 -17.31
N ASP M 401 -65.21 -9.03 -17.27
CA ASP M 401 -64.62 -9.75 -18.37
C ASP M 401 -65.21 -11.14 -18.54
N TRP M 402 -66.00 -11.60 -17.60
CA TRP M 402 -66.75 -12.82 -17.85
C TRP M 402 -68.15 -12.46 -18.23
N ASN M 403 -68.91 -13.49 -18.56
CA ASN M 403 -70.32 -13.30 -18.67
C ASN M 403 -71.06 -13.43 -17.33
N PHE M 404 -70.73 -14.43 -16.51
CA PHE M 404 -71.79 -15.15 -15.76
C PHE M 404 -72.62 -15.68 -16.86
N GLY M 405 -73.70 -14.98 -17.06
CA GLY M 405 -74.04 -14.59 -18.41
C GLY M 405 -74.39 -13.27 -17.83
N LEU M 406 -74.33 -12.14 -18.53
CA LEU M 406 -74.58 -10.89 -17.83
C LEU M 406 -75.79 -10.10 -18.26
N GLN M 407 -76.87 -10.15 -17.54
CA GLN M 407 -77.24 -8.99 -16.81
C GLN M 407 -76.69 -9.20 -15.35
N PRO M 408 -76.50 -10.45 -14.82
CA PRO M 408 -76.91 -10.81 -13.51
C PRO M 408 -76.56 -10.02 -12.22
N PRO M 409 -75.32 -9.66 -11.84
CA PRO M 409 -75.11 -8.67 -10.77
C PRO M 409 -74.62 -7.31 -11.28
N PRO M 410 -75.59 -6.58 -11.76
CA PRO M 410 -75.45 -5.19 -12.15
C PRO M 410 -75.81 -4.22 -10.98
N GLY M 411 -75.19 -4.49 -9.83
CA GLY M 411 -75.54 -3.74 -8.64
C GLY M 411 -76.84 -4.28 -8.08
N GLY M 412 -76.88 -4.45 -6.78
CA GLY M 412 -78.11 -4.79 -6.11
C GLY M 412 -78.62 -3.67 -5.24
N THR M 413 -77.76 -2.70 -4.96
CA THR M 413 -78.01 -1.82 -3.84
C THR M 413 -78.99 -0.74 -4.25
N LEU M 414 -80.13 -0.70 -3.57
CA LEU M 414 -80.93 0.50 -3.59
C LEU M 414 -80.10 1.67 -3.07
N GLU M 415 -80.29 2.83 -3.69
CA GLU M 415 -79.58 4.02 -3.24
C GLU M 415 -80.06 4.46 -1.86
N ASP M 416 -79.26 5.30 -1.23
CA ASP M 416 -79.58 5.90 0.06
C ASP M 416 -80.47 7.13 -0.07
N THR M 417 -80.99 7.37 -1.27
CA THR M 417 -81.89 8.46 -1.61
C THR M 417 -81.26 9.84 -1.48
N TYR M 418 -80.28 10.11 -2.34
CA TYR M 418 -79.90 11.46 -2.72
C TYR M 418 -80.64 11.80 -4.00
N ARG M 419 -81.29 12.97 -4.02
CA ARG M 419 -82.58 13.05 -4.67
C ARG M 419 -82.83 14.13 -5.74
N PHE M 420 -82.70 15.37 -5.32
CA PHE M 420 -83.79 16.30 -5.42
C PHE M 420 -84.25 16.88 -6.78
N VAL M 421 -83.55 17.79 -7.43
CA VAL M 421 -84.02 18.22 -8.73
C VAL M 421 -83.32 17.36 -9.77
N THR M 422 -84.05 17.03 -10.84
CA THR M 422 -83.44 16.39 -11.98
C THR M 422 -83.03 17.34 -13.09
N SER M 423 -83.46 18.60 -13.06
CA SER M 423 -82.91 19.57 -14.00
C SER M 423 -81.97 20.45 -13.23
N GLN M 424 -81.24 21.36 -13.90
CA GLN M 424 -81.21 22.79 -13.53
C GLN M 424 -80.07 23.58 -14.12
N ALA M 425 -80.32 24.89 -14.28
CA ALA M 425 -79.30 25.92 -14.31
C ALA M 425 -79.28 26.85 -13.11
N ILE M 426 -80.19 26.70 -12.14
CA ILE M 426 -80.48 27.78 -11.19
C ILE M 426 -80.25 27.42 -9.73
N ALA M 427 -80.93 26.39 -9.24
CA ALA M 427 -80.76 26.01 -7.84
C ALA M 427 -79.42 25.34 -7.61
N CYS M 428 -79.27 24.62 -6.51
CA CYS M 428 -77.99 24.36 -5.87
C CYS M 428 -77.00 23.59 -6.74
N GLN M 429 -75.74 23.67 -6.31
CA GLN M 429 -74.68 22.86 -6.88
C GLN M 429 -75.05 21.40 -6.86
N LYS M 430 -74.63 20.69 -7.91
CA LYS M 430 -74.80 19.26 -7.99
C LYS M 430 -73.63 18.66 -8.73
N HIS M 431 -73.51 17.34 -8.60
CA HIS M 431 -72.40 16.61 -9.18
C HIS M 431 -72.74 16.16 -10.59
N THR M 432 -71.85 16.47 -11.55
CA THR M 432 -71.73 15.67 -12.77
C THR M 432 -70.26 15.34 -13.09
N PRO M 433 -69.50 14.79 -12.12
CA PRO M 433 -68.22 14.17 -12.51
C PRO M 433 -68.22 12.77 -13.12
N PRO M 434 -69.09 11.86 -12.64
CA PRO M 434 -68.61 10.48 -12.47
C PRO M 434 -68.14 9.70 -13.69
N ALA M 435 -66.90 9.20 -13.64
CA ALA M 435 -66.45 8.00 -14.36
C ALA M 435 -65.36 7.35 -13.53
N PRO M 436 -65.38 6.01 -13.37
CA PRO M 436 -64.24 5.32 -12.76
C PRO M 436 -63.24 4.62 -13.68
N LYS M 437 -62.59 5.34 -14.60
CA LYS M 437 -61.25 4.98 -15.10
C LYS M 437 -61.00 3.50 -15.35
N GLU M 438 -61.58 2.94 -16.41
CA GLU M 438 -61.70 1.49 -16.57
C GLU M 438 -60.40 0.76 -16.89
N ASP M 439 -59.35 1.45 -17.34
CA ASP M 439 -58.06 0.83 -17.59
C ASP M 439 -57.09 1.45 -16.59
N PRO M 440 -57.31 1.16 -15.32
CA PRO M 440 -56.91 2.11 -14.27
C PRO M 440 -55.43 2.38 -14.23
N LEU M 441 -54.61 1.36 -14.40
CA LEU M 441 -53.19 1.49 -14.16
C LEU M 441 -52.43 2.00 -15.37
N LYS M 442 -53.13 2.27 -16.48
CA LYS M 442 -52.47 2.78 -17.66
C LYS M 442 -51.66 4.03 -17.36
N LYS M 443 -52.02 4.77 -16.32
CA LYS M 443 -51.17 5.86 -15.85
C LYS M 443 -49.76 5.35 -15.58
N TYR M 444 -49.64 4.12 -15.10
CA TYR M 444 -48.35 3.60 -14.64
C TYR M 444 -47.66 2.89 -15.78
N THR M 445 -46.59 3.48 -16.28
CA THR M 445 -45.85 2.91 -17.38
C THR M 445 -44.91 1.84 -16.88
N PHE M 446 -44.71 0.81 -17.71
CA PHE M 446 -43.63 -0.14 -17.47
C PHE M 446 -43.57 -1.16 -18.58
N TRP M 447 -42.44 -1.86 -18.62
CA TRP M 447 -42.07 -2.76 -19.69
C TRP M 447 -43.14 -3.80 -19.94
N GLU M 448 -43.28 -4.22 -21.19
CA GLU M 448 -44.41 -5.02 -21.61
C GLU M 448 -43.98 -6.14 -22.54
N VAL M 449 -44.66 -7.27 -22.43
CA VAL M 449 -44.47 -8.39 -23.33
C VAL M 449 -45.82 -9.06 -23.53
N ASN M 450 -46.10 -9.46 -24.76
CA ASN M 450 -47.30 -10.22 -25.06
C ASN M 450 -46.92 -11.66 -25.33
N LEU M 451 -47.56 -12.57 -24.62
CA LEU M 451 -47.41 -13.99 -24.91
C LEU M 451 -48.55 -14.56 -25.74
N LYS M 452 -49.59 -13.78 -26.04
CA LYS M 452 -50.88 -14.36 -26.34
C LYS M 452 -50.79 -15.51 -27.32
N GLU M 453 -49.81 -15.49 -28.18
CA GLU M 453 -49.79 -16.40 -29.31
C GLU M 453 -49.04 -17.69 -29.05
N LYS M 454 -48.31 -17.80 -27.95
CA LYS M 454 -47.22 -18.74 -27.94
C LYS M 454 -47.52 -20.11 -27.33
N PHE M 455 -48.72 -20.34 -26.80
CA PHE M 455 -48.94 -21.56 -26.05
C PHE M 455 -48.70 -22.81 -26.89
N SER M 456 -48.29 -23.89 -26.23
CA SER M 456 -48.22 -25.20 -26.84
C SER M 456 -48.68 -26.25 -25.84
N ALA M 457 -49.16 -27.36 -26.39
CA ALA M 457 -49.89 -28.35 -25.62
C ALA M 457 -49.04 -29.52 -25.19
N ASP M 458 -47.77 -29.56 -25.53
CA ASP M 458 -46.95 -30.72 -25.22
C ASP M 458 -45.68 -30.28 -24.49
N LEU M 459 -45.54 -30.70 -23.25
CA LEU M 459 -44.35 -30.33 -22.50
C LEU M 459 -43.09 -30.83 -23.19
N ASP M 460 -43.15 -32.03 -23.73
CA ASP M 460 -41.96 -32.75 -24.15
C ASP M 460 -41.06 -31.90 -25.03
N GLN M 461 -41.63 -31.03 -25.82
CA GLN M 461 -40.78 -30.35 -26.79
C GLN M 461 -39.99 -29.19 -26.20
N PHE M 462 -40.11 -28.92 -24.90
CA PHE M 462 -39.40 -27.75 -24.41
C PHE M 462 -38.31 -28.14 -23.42
N PRO M 463 -37.27 -27.31 -23.29
CA PRO M 463 -36.23 -27.64 -22.31
C PRO M 463 -36.77 -27.68 -20.89
N LEU M 464 -37.50 -26.65 -20.49
CA LEU M 464 -37.94 -26.55 -19.12
C LEU M 464 -38.84 -27.71 -18.75
N GLY M 465 -39.91 -27.88 -19.51
CA GLY M 465 -41.01 -28.70 -19.05
C GLY M 465 -40.59 -30.07 -18.61
N ARG M 466 -39.78 -30.74 -19.42
CA ARG M 466 -39.54 -32.15 -19.15
C ARG M 466 -39.11 -32.37 -17.71
N LYS M 467 -38.50 -31.36 -17.11
CA LYS M 467 -38.28 -31.41 -15.68
C LYS M 467 -39.61 -31.55 -14.94
N PHE M 468 -40.60 -30.73 -15.30
CA PHE M 468 -41.93 -30.85 -14.69
C PHE M 468 -42.39 -32.28 -14.72
N LEU M 469 -42.20 -32.96 -15.84
CA LEU M 469 -42.41 -34.39 -15.88
C LEU M 469 -41.54 -35.08 -14.84
N LEU M 470 -40.23 -34.85 -14.93
CA LEU M 470 -39.30 -35.58 -14.10
C LEU M 470 -39.64 -35.47 -12.63
N GLN M 471 -40.05 -34.28 -12.20
CA GLN M 471 -40.43 -34.11 -10.81
C GLN M 471 -41.59 -35.00 -10.45
N ALA M 472 -42.57 -35.11 -11.34
CA ALA M 472 -43.67 -36.03 -11.15
C ALA M 472 -43.48 -37.35 -11.86
N GLY M 473 -42.34 -37.53 -12.53
CA GLY M 473 -42.14 -38.77 -13.26
C GLY M 473 -43.15 -38.89 -14.40
N LEU M 474 -43.86 -40.01 -14.39
CA LEU M 474 -44.93 -40.31 -15.37
C LEU M 474 -44.42 -40.18 -16.80
N LYS M 475 -43.58 -41.13 -17.26
CA LYS M 475 -42.84 -40.87 -18.52
C LYS M 475 -43.73 -40.91 -19.76
N ALA M 476 -44.97 -41.37 -19.62
CA ALA M 476 -45.93 -41.40 -20.71
C ALA M 476 -46.76 -40.13 -20.65
N LYS M 477 -46.64 -39.29 -21.67
CA LYS M 477 -47.29 -37.99 -21.67
C LYS M 477 -48.79 -38.14 -21.75
N PRO M 478 -49.56 -37.63 -20.79
CA PRO M 478 -51.03 -37.65 -20.91
C PRO M 478 -51.55 -36.57 -21.84
N TYR N 12 -50.03 -20.48 -30.49
CA TYR N 12 -51.42 -20.67 -30.82
C TYR N 12 -51.61 -22.20 -30.87
N LEU N 13 -52.32 -22.71 -29.86
CA LEU N 13 -52.28 -24.14 -29.55
C LEU N 13 -52.76 -25.06 -30.67
N PRO N 14 -53.73 -24.74 -31.50
CA PRO N 14 -54.27 -25.76 -32.37
C PRO N 14 -53.20 -26.30 -33.29
N PRO N 15 -53.47 -27.45 -33.90
CA PRO N 15 -52.58 -28.26 -34.72
C PRO N 15 -52.08 -27.42 -35.89
N VAL N 16 -51.22 -27.93 -36.76
CA VAL N 16 -50.92 -29.35 -36.86
C VAL N 16 -49.76 -29.91 -36.08
N PRO N 17 -49.80 -31.22 -35.82
CA PRO N 17 -48.62 -31.87 -35.25
C PRO N 17 -47.40 -31.66 -36.12
N VAL N 18 -46.25 -31.65 -35.45
CA VAL N 18 -44.96 -31.54 -36.10
C VAL N 18 -44.23 -32.82 -35.75
N SER N 19 -43.02 -33.00 -36.26
CA SER N 19 -42.19 -34.07 -35.74
C SER N 19 -42.08 -33.86 -34.25
N LYS N 20 -42.57 -34.82 -33.49
CA LYS N 20 -42.50 -34.70 -32.05
C LYS N 20 -41.21 -35.37 -31.65
N VAL N 21 -40.21 -34.57 -31.31
CA VAL N 21 -38.92 -35.15 -31.02
C VAL N 21 -39.10 -36.04 -29.81
N VAL N 22 -38.37 -37.15 -29.80
CA VAL N 22 -38.62 -38.19 -28.81
C VAL N 22 -37.35 -38.40 -28.02
N SER N 23 -37.50 -39.06 -26.89
CA SER N 23 -36.34 -39.43 -26.11
C SER N 23 -35.56 -40.51 -26.83
N THR N 24 -34.27 -40.26 -27.07
CA THR N 24 -33.45 -41.22 -27.78
C THR N 24 -33.54 -42.59 -27.16
N ASP N 25 -33.69 -42.66 -25.84
CA ASP N 25 -33.73 -43.95 -25.18
C ASP N 25 -34.93 -44.78 -25.58
N GLU N 26 -35.85 -44.22 -26.33
CA GLU N 26 -36.93 -45.05 -26.87
C GLU N 26 -36.41 -46.14 -27.79
N TYR N 27 -35.91 -45.77 -28.96
CA TYR N 27 -35.57 -46.80 -29.93
C TYR N 27 -34.22 -47.44 -29.64
N VAL N 28 -33.26 -46.68 -29.13
CA VAL N 28 -31.93 -47.24 -28.87
C VAL N 28 -32.05 -48.41 -27.89
N ALA N 29 -31.14 -49.36 -28.00
CA ALA N 29 -31.00 -50.42 -27.03
C ALA N 29 -29.59 -50.44 -26.49
N ARG N 30 -29.45 -50.76 -25.22
CA ARG N 30 -28.16 -50.81 -24.56
C ARG N 30 -27.64 -52.25 -24.53
N THR N 31 -26.33 -52.38 -24.63
CA THR N 31 -25.70 -53.68 -24.69
C THR N 31 -25.01 -54.02 -23.37
N ASN N 32 -24.32 -55.15 -23.37
CA ASN N 32 -23.62 -55.62 -22.20
C ASN N 32 -22.16 -55.20 -22.15
N ILE N 33 -21.64 -54.63 -23.22
CA ILE N 33 -20.19 -54.49 -23.39
C ILE N 33 -19.75 -53.07 -23.16
N TYR N 34 -18.57 -52.89 -22.56
CA TYR N 34 -17.95 -51.60 -22.38
C TYR N 34 -16.50 -51.67 -22.86
N TYR N 35 -15.93 -50.51 -23.17
CA TYR N 35 -14.52 -50.41 -23.53
C TYR N 35 -13.94 -49.17 -22.90
N HIS N 36 -12.61 -49.05 -22.96
CA HIS N 36 -12.00 -47.78 -22.67
C HIS N 36 -10.70 -47.61 -23.43
N ALA N 37 -10.38 -46.34 -23.71
CA ALA N 37 -9.09 -45.94 -24.21
C ALA N 37 -8.84 -44.51 -23.78
N GLY N 38 -7.57 -44.13 -23.75
CA GLY N 38 -7.21 -42.76 -23.43
C GLY N 38 -5.89 -42.39 -24.05
N THR N 39 -5.69 -41.10 -24.22
CA THR N 39 -4.42 -40.62 -24.68
C THR N 39 -3.36 -40.88 -23.63
N SER N 40 -2.11 -40.87 -24.07
CA SER N 40 -1.04 -40.83 -23.09
C SER N 40 -1.21 -39.60 -22.23
N ARG N 41 -0.84 -38.46 -22.77
CA ARG N 41 -1.08 -37.17 -22.17
C ARG N 41 -0.86 -36.14 -23.27
N LEU N 42 -1.32 -34.93 -23.03
CA LEU N 42 -1.04 -33.84 -23.94
C LEU N 42 -0.19 -32.78 -23.25
N LEU N 43 0.64 -32.13 -24.04
CA LEU N 43 1.60 -31.17 -23.54
C LEU N 43 1.71 -30.03 -24.52
N ALA N 44 1.76 -28.80 -23.99
CA ALA N 44 1.82 -27.64 -24.87
C ALA N 44 2.61 -26.53 -24.20
N VAL N 45 3.32 -25.76 -25.01
CA VAL N 45 4.09 -24.63 -24.53
C VAL N 45 3.88 -23.47 -25.46
N GLY N 46 3.87 -22.26 -24.93
CA GLY N 46 3.66 -21.08 -25.74
C GLY N 46 3.59 -19.79 -24.95
N HIS N 47 4.14 -18.72 -25.52
CA HIS N 47 4.13 -17.42 -24.85
C HIS N 47 2.69 -16.94 -24.70
N PRO N 48 2.40 -16.34 -23.56
CA PRO N 48 1.04 -15.85 -23.28
C PRO N 48 0.60 -14.71 -24.16
N TYR N 49 1.46 -13.72 -24.35
CA TYR N 49 1.04 -12.38 -24.77
C TYR N 49 0.89 -12.17 -26.27
N PHE N 50 1.80 -12.67 -27.09
CA PHE N 50 1.61 -12.61 -28.53
C PHE N 50 2.35 -13.78 -29.15
N PRO N 51 1.99 -14.20 -30.35
CA PRO N 51 2.74 -15.27 -31.01
C PRO N 51 4.08 -14.76 -31.52
N ILE N 52 4.99 -15.69 -31.75
CA ILE N 52 6.35 -15.39 -32.18
C ILE N 52 6.51 -15.77 -33.63
N LYS N 53 7.02 -14.84 -34.44
CA LYS N 53 7.23 -15.08 -35.85
C LYS N 53 8.49 -14.38 -36.31
N LYS N 54 9.10 -14.93 -37.35
CA LYS N 54 10.24 -14.28 -37.98
C LYS N 54 9.86 -12.86 -38.38
N PRO N 55 10.73 -11.87 -38.15
CA PRO N 55 10.29 -10.48 -38.35
C PRO N 55 9.91 -10.17 -39.78
N ASN N 56 10.72 -10.55 -40.76
CA ASN N 56 10.36 -10.30 -42.15
C ASN N 56 9.28 -11.26 -42.60
N ASN N 57 9.38 -12.52 -42.18
CA ASN N 57 8.45 -13.55 -42.61
C ASN N 57 7.11 -13.36 -41.91
N ASN N 58 6.12 -14.11 -42.35
CA ASN N 58 4.89 -14.27 -41.61
C ASN N 58 4.84 -15.59 -40.86
N LYS N 59 5.84 -16.44 -41.02
CA LYS N 59 5.78 -17.77 -40.41
C LYS N 59 6.02 -17.66 -38.92
N ILE N 60 5.16 -18.32 -38.14
CA ILE N 60 5.23 -18.26 -36.69
C ILE N 60 6.50 -18.95 -36.23
N LEU N 61 7.29 -18.27 -35.41
CA LEU N 61 8.42 -18.93 -34.79
C LEU N 61 7.99 -19.72 -33.56
N VAL N 62 7.16 -19.14 -32.71
CA VAL N 62 6.67 -19.85 -31.53
C VAL N 62 5.17 -19.65 -31.40
N PRO N 63 4.40 -20.67 -31.08
CA PRO N 63 2.96 -20.49 -30.98
C PRO N 63 2.61 -19.73 -29.73
N LYS N 64 1.62 -18.85 -29.85
CA LYS N 64 1.14 -18.10 -28.71
C LYS N 64 0.18 -18.96 -27.91
N VAL N 65 0.51 -19.21 -26.65
CA VAL N 65 -0.33 -20.03 -25.80
C VAL N 65 -0.37 -19.43 -24.40
N SER N 66 -1.56 -19.46 -23.80
CA SER N 66 -1.71 -19.16 -22.39
C SER N 66 -2.95 -19.88 -21.88
N GLY N 67 -3.02 -20.04 -20.57
CA GLY N 67 -4.18 -20.68 -19.98
C GLY N 67 -5.47 -20.03 -20.41
N LEU N 68 -5.48 -18.71 -20.54
CA LEU N 68 -6.70 -18.01 -20.85
C LEU N 68 -7.22 -18.33 -22.24
N GLN N 69 -6.38 -18.90 -23.09
CA GLN N 69 -6.91 -19.41 -24.34
C GLN N 69 -7.89 -20.53 -24.05
N TYR N 70 -9.01 -20.51 -24.75
CA TYR N 70 -9.90 -21.66 -24.66
C TYR N 70 -9.18 -22.88 -25.22
N ARG N 71 -9.71 -24.03 -24.87
CA ARG N 71 -9.25 -25.25 -25.47
C ARG N 71 -10.40 -25.92 -26.18
N VAL N 72 -10.10 -26.56 -27.29
CA VAL N 72 -11.12 -27.29 -28.03
C VAL N 72 -10.54 -28.64 -28.38
N PHE N 73 -11.14 -29.71 -27.88
CA PHE N 73 -10.68 -31.05 -28.17
C PHE N 73 -11.68 -31.74 -29.08
N ARG N 74 -11.19 -32.22 -30.20
CA ARG N 74 -11.99 -33.05 -31.09
C ARG N 74 -11.46 -34.47 -31.03
N ILE N 75 -12.37 -35.42 -30.99
CA ILE N 75 -12.02 -36.80 -30.75
C ILE N 75 -12.72 -37.69 -31.76
N HIS N 76 -11.93 -38.43 -32.54
CA HIS N 76 -12.48 -39.35 -33.50
C HIS N 76 -12.62 -40.73 -32.88
N LEU N 77 -13.66 -41.41 -33.24
CA LEU N 77 -13.73 -42.80 -32.90
C LEU N 77 -13.70 -43.63 -34.16
N PRO N 78 -13.10 -44.80 -34.14
CA PRO N 78 -13.24 -45.71 -35.26
C PRO N 78 -14.66 -46.22 -35.34
N ASP N 79 -15.14 -46.41 -36.55
CA ASP N 79 -16.46 -46.94 -36.76
C ASP N 79 -16.60 -48.25 -36.00
N PRO N 80 -17.57 -48.37 -35.13
CA PRO N 80 -17.81 -49.66 -34.52
C PRO N 80 -18.09 -50.71 -35.55
N ASN N 81 -18.77 -50.35 -36.62
CA ASN N 81 -19.28 -51.38 -37.51
C ASN N 81 -18.24 -51.92 -38.46
N LYS N 82 -17.00 -51.43 -38.40
CA LYS N 82 -15.87 -52.20 -38.86
C LYS N 82 -15.31 -53.13 -37.78
N PHE N 83 -15.66 -52.89 -36.51
CA PHE N 83 -14.96 -53.49 -35.39
C PHE N 83 -15.87 -54.42 -34.62
N GLY N 84 -15.51 -55.70 -34.60
CA GLY N 84 -16.27 -56.73 -33.94
C GLY N 84 -15.76 -57.02 -32.55
N PHE N 85 -16.19 -58.17 -32.03
CA PHE N 85 -16.28 -58.46 -30.60
C PHE N 85 -15.77 -59.85 -30.31
N PRO N 86 -15.60 -60.22 -29.04
CA PRO N 86 -15.38 -61.64 -28.76
C PRO N 86 -16.50 -62.52 -29.27
N ASP N 87 -17.75 -62.11 -29.07
CA ASP N 87 -18.91 -62.82 -29.58
C ASP N 87 -19.86 -61.82 -30.26
N THR N 88 -19.97 -61.88 -31.59
CA THR N 88 -20.83 -60.95 -32.34
C THR N 88 -22.18 -61.52 -32.77
N SER N 89 -22.44 -62.80 -32.53
CA SER N 89 -23.64 -63.42 -33.08
C SER N 89 -24.91 -62.73 -32.64
N PHE N 90 -24.85 -61.98 -31.54
CA PHE N 90 -26.07 -61.50 -30.92
C PHE N 90 -26.85 -60.54 -31.81
N TYR N 91 -26.30 -60.14 -32.95
CA TYR N 91 -27.01 -59.21 -33.81
C TYR N 91 -26.77 -59.56 -35.26
N ASN N 92 -27.67 -59.09 -36.10
CA ASN N 92 -27.42 -59.01 -37.52
C ASN N 92 -26.77 -57.67 -37.82
N PRO N 93 -25.55 -57.64 -38.33
CA PRO N 93 -24.97 -56.38 -38.81
C PRO N 93 -25.62 -55.85 -40.08
N ASP N 94 -26.42 -56.65 -40.78
CA ASP N 94 -27.05 -56.12 -41.99
C ASP N 94 -28.25 -55.24 -41.67
N THR N 95 -29.28 -55.83 -41.07
CA THR N 95 -30.50 -55.10 -40.80
C THR N 95 -30.30 -53.95 -39.82
N GLN N 96 -29.14 -53.83 -39.20
CA GLN N 96 -28.98 -52.88 -38.10
C GLN N 96 -27.63 -52.21 -38.23
N ARG N 97 -27.29 -51.44 -37.20
CA ARG N 97 -25.99 -50.79 -37.10
C ARG N 97 -25.55 -50.81 -35.65
N LEU N 98 -24.38 -50.24 -35.41
CA LEU N 98 -23.83 -50.10 -34.08
C LEU N 98 -23.38 -48.67 -33.89
N VAL N 99 -23.62 -48.11 -32.71
CA VAL N 99 -23.14 -46.76 -32.42
C VAL N 99 -22.65 -46.68 -30.99
N TRP N 100 -21.55 -45.96 -30.82
CA TRP N 100 -20.96 -45.72 -29.51
C TRP N 100 -21.86 -44.85 -28.65
N ALA N 101 -21.75 -45.03 -27.34
CA ALA N 101 -22.38 -44.16 -26.36
C ALA N 101 -21.38 -43.81 -25.27
N CYS N 102 -21.50 -42.61 -24.72
CA CYS N 102 -20.53 -42.07 -23.78
C CYS N 102 -21.15 -42.06 -22.39
N VAL N 103 -20.71 -42.99 -21.54
CA VAL N 103 -21.25 -43.05 -20.19
C VAL N 103 -20.55 -42.08 -19.27
N GLY N 104 -19.22 -42.06 -19.28
CA GLY N 104 -18.48 -41.34 -18.26
C GLY N 104 -17.16 -40.81 -18.74
N VAL N 105 -16.71 -39.74 -18.10
CA VAL N 105 -15.68 -38.87 -18.65
C VAL N 105 -14.83 -38.32 -17.52
N GLU N 106 -13.54 -38.13 -17.80
CA GLU N 106 -12.61 -37.60 -16.83
C GLU N 106 -11.73 -36.54 -17.48
N VAL N 107 -11.29 -35.59 -16.69
CA VAL N 107 -10.31 -34.61 -17.15
C VAL N 107 -9.17 -34.58 -16.15
N GLY N 108 -8.01 -35.07 -16.54
CA GLY N 108 -6.83 -35.01 -15.69
C GLY N 108 -6.08 -33.70 -15.85
N ARG N 109 -5.60 -33.16 -14.74
CA ARG N 109 -4.83 -31.94 -14.74
C ARG N 109 -3.73 -32.03 -13.70
N GLY N 110 -2.47 -31.92 -14.14
CA GLY N 110 -1.36 -32.24 -13.25
C GLY N 110 -0.46 -31.15 -12.70
N GLN N 111 -0.58 -29.93 -13.17
CA GLN N 111 0.37 -28.92 -12.77
C GLN N 111 0.20 -28.56 -11.30
N PRO N 112 1.25 -28.04 -10.67
CA PRO N 112 1.08 -27.40 -9.37
C PRO N 112 0.30 -26.11 -9.53
N LEU N 113 -0.71 -25.93 -8.69
CA LEU N 113 -1.71 -24.90 -8.93
C LEU N 113 -1.17 -23.55 -8.53
N GLY N 114 -1.37 -22.56 -9.39
CA GLY N 114 -0.98 -21.20 -9.09
C GLY N 114 -1.45 -20.17 -10.09
N VAL N 115 -1.59 -18.95 -9.66
CA VAL N 115 -2.22 -17.92 -10.49
C VAL N 115 -1.17 -17.21 -11.31
N GLY N 116 -1.48 -17.00 -12.58
CA GLY N 116 -0.73 -16.12 -13.45
C GLY N 116 -1.42 -14.78 -13.61
N ILE N 117 -1.03 -14.06 -14.65
CA ILE N 117 -1.39 -12.65 -14.70
C ILE N 117 -0.93 -11.99 -15.97
N SER N 118 -1.47 -10.82 -16.27
CA SER N 118 -1.15 -10.06 -17.46
C SER N 118 -1.28 -8.58 -17.15
N GLY N 119 -0.77 -7.76 -18.06
CA GLY N 119 -0.88 -6.32 -17.93
C GLY N 119 -0.79 -5.65 -19.28
N HIS N 120 -0.67 -4.32 -19.30
CA HIS N 120 -0.35 -3.66 -20.53
C HIS N 120 0.56 -2.48 -20.23
N PRO N 121 1.54 -2.22 -21.08
CA PRO N 121 2.47 -1.13 -20.78
C PRO N 121 1.83 0.22 -20.91
N LEU N 122 0.90 0.40 -21.83
CA LEU N 122 0.17 1.64 -21.99
C LEU N 122 -1.31 1.39 -21.77
N LEU N 123 -1.90 2.14 -20.86
CA LEU N 123 -3.32 1.95 -20.58
C LEU N 123 -3.96 3.29 -20.33
N ASN N 124 -5.09 3.53 -20.97
CA ASN N 124 -5.81 4.76 -20.69
C ASN N 124 -6.14 4.78 -19.21
N LYS N 125 -5.66 5.81 -18.53
CA LYS N 125 -5.96 5.96 -17.11
C LYS N 125 -5.83 7.43 -16.75
N LEU N 126 -6.67 7.87 -15.82
CA LEU N 126 -6.48 9.21 -15.32
C LEU N 126 -5.66 9.18 -14.06
N ASP N 127 -6.26 8.74 -12.96
CA ASP N 127 -5.61 8.67 -11.66
C ASP N 127 -6.54 7.93 -10.72
N ASP N 128 -6.13 7.85 -9.45
CA ASP N 128 -6.96 7.18 -8.47
C ASP N 128 -8.27 7.91 -8.28
N THR N 129 -9.37 7.16 -8.32
CA THR N 129 -10.68 7.66 -7.95
C THR N 129 -11.05 7.38 -6.50
N GLU N 130 -10.27 6.56 -5.81
CA GLU N 130 -10.67 6.12 -4.49
C GLU N 130 -10.45 7.21 -3.46
N ASN N 131 -9.30 7.85 -3.49
CA ASN N 131 -9.03 8.96 -2.60
C ASN N 131 -8.24 10.02 -3.35
N ALA N 132 -8.68 11.26 -3.27
CA ALA N 132 -7.96 12.37 -3.86
C ALA N 132 -8.01 13.54 -2.89
N SER N 133 -6.83 14.04 -2.49
CA SER N 133 -6.78 15.17 -1.59
C SER N 133 -7.25 16.44 -2.29
N ALA N 134 -6.76 16.67 -3.50
CA ALA N 134 -7.08 17.86 -4.27
C ALA N 134 -7.59 17.44 -5.63
N TYR N 135 -8.18 18.39 -6.35
CA TYR N 135 -8.70 18.07 -7.66
C TYR N 135 -7.55 17.65 -8.58
N ALA N 136 -7.89 16.90 -9.61
CA ALA N 136 -6.89 16.28 -10.47
C ALA N 136 -6.18 17.34 -11.31
N ALA N 137 -5.20 16.89 -12.09
CA ALA N 137 -4.40 17.79 -12.89
C ALA N 137 -5.07 18.00 -14.25
N ASN N 138 -4.46 18.84 -15.06
CA ASN N 138 -4.94 19.02 -16.41
C ASN N 138 -4.56 17.81 -17.26
N ALA N 139 -5.44 17.47 -18.18
CA ALA N 139 -5.23 16.30 -19.01
C ALA N 139 -4.22 16.64 -20.10
N GLY N 140 -3.09 15.96 -20.10
CA GLY N 140 -2.09 16.15 -21.12
C GLY N 140 -2.40 15.30 -22.32
N VAL N 141 -1.35 14.86 -23.01
CA VAL N 141 -1.49 13.89 -24.08
C VAL N 141 -0.84 12.60 -23.63
N ASP N 142 -1.59 11.50 -23.72
CA ASP N 142 -1.07 10.18 -23.43
C ASP N 142 -0.52 10.07 -22.01
N ASN N 143 -1.41 10.00 -21.03
CA ASN N 143 -1.00 9.69 -19.68
C ASN N 143 -0.92 8.21 -19.42
N ARG N 144 -1.06 7.38 -20.46
CA ARG N 144 -1.11 5.94 -20.29
C ARG N 144 0.08 5.44 -19.48
N GLU N 145 -0.17 4.43 -18.67
CA GLU N 145 0.82 3.95 -17.72
C GLU N 145 0.92 2.44 -17.80
N CYS N 146 1.93 1.90 -17.14
CA CYS N 146 2.16 0.47 -17.08
C CYS N 146 1.51 -0.06 -15.81
N ILE N 147 0.45 -0.86 -15.98
CA ILE N 147 -0.32 -1.40 -14.87
C ILE N 147 -0.83 -2.77 -15.29
N SER N 148 -1.03 -3.65 -14.32
CA SER N 148 -1.51 -4.99 -14.60
C SER N 148 -2.57 -5.38 -13.59
N MET N 149 -3.21 -6.51 -13.86
CA MET N 149 -4.35 -6.97 -13.08
C MET N 149 -4.50 -8.47 -13.26
N ASP N 150 -5.29 -9.08 -12.39
CA ASP N 150 -5.58 -10.50 -12.46
C ASP N 150 -6.96 -10.74 -13.07
N TYR N 151 -7.07 -11.79 -13.85
CA TYR N 151 -8.35 -12.09 -14.47
C TYR N 151 -9.26 -12.88 -13.54
N LYS N 152 -10.54 -12.82 -13.83
CA LYS N 152 -11.53 -13.56 -13.05
C LYS N 152 -11.21 -15.04 -13.07
N GLN N 153 -11.18 -15.63 -11.88
CA GLN N 153 -10.98 -17.05 -11.76
C GLN N 153 -12.21 -17.80 -12.27
N THR N 154 -11.99 -18.86 -13.03
CA THR N 154 -13.12 -19.55 -13.65
C THR N 154 -12.79 -21.00 -13.94
N GLN N 155 -13.81 -21.85 -13.88
CA GLN N 155 -13.70 -23.23 -14.31
C GLN N 155 -14.99 -23.63 -15.02
N LEU N 156 -14.88 -24.47 -16.05
CA LEU N 156 -16.05 -24.89 -16.81
C LEU N 156 -15.76 -26.23 -17.48
N CYS N 157 -16.82 -26.88 -17.96
CA CYS N 157 -16.65 -28.11 -18.71
C CYS N 157 -17.79 -28.26 -19.72
N LEU N 158 -17.47 -28.76 -20.92
CA LEU N 158 -18.42 -28.83 -22.03
C LEU N 158 -18.26 -30.13 -22.80
N ILE N 159 -19.38 -30.83 -23.00
CA ILE N 159 -19.37 -32.14 -23.63
C ILE N 159 -20.59 -32.29 -24.52
N GLY N 160 -20.37 -32.77 -25.74
CA GLY N 160 -21.47 -33.00 -26.66
C GLY N 160 -20.94 -33.38 -28.02
N CYS N 161 -21.88 -33.64 -28.92
CA CYS N 161 -21.54 -34.03 -30.29
C CYS N 161 -21.60 -32.90 -31.28
N LYS N 162 -21.99 -31.71 -30.85
CA LYS N 162 -21.97 -30.59 -31.78
C LYS N 162 -21.17 -29.46 -31.17
N PRO N 163 -20.52 -28.65 -32.00
CA PRO N 163 -19.54 -27.71 -31.47
C PRO N 163 -20.22 -26.74 -30.53
N PRO N 164 -19.50 -26.27 -29.52
CA PRO N 164 -20.10 -25.30 -28.60
C PRO N 164 -20.38 -23.99 -29.30
N ILE N 165 -21.57 -23.47 -29.06
CA ILE N 165 -22.01 -22.25 -29.71
C ILE N 165 -21.69 -21.06 -28.84
N GLY N 166 -21.02 -20.06 -29.41
CA GLY N 166 -20.64 -18.88 -28.70
C GLY N 166 -21.48 -17.67 -29.07
N GLU N 167 -21.21 -16.58 -28.36
CA GLU N 167 -21.88 -15.32 -28.60
C GLU N 167 -21.00 -14.19 -28.14
N HIS N 168 -21.21 -13.02 -28.73
CA HIS N 168 -20.38 -11.86 -28.42
C HIS N 168 -21.12 -10.62 -28.84
N TRP N 169 -20.73 -9.50 -28.26
CA TRP N 169 -21.18 -8.26 -28.83
C TRP N 169 -20.40 -7.96 -30.09
N GLY N 170 -20.98 -7.11 -30.93
CA GLY N 170 -20.34 -6.76 -32.18
C GLY N 170 -21.12 -5.69 -32.91
N LYS N 171 -20.42 -5.02 -33.82
CA LYS N 171 -21.01 -3.92 -34.56
C LYS N 171 -21.68 -4.45 -35.82
N GLY N 172 -22.89 -3.96 -36.08
CA GLY N 172 -23.58 -4.21 -37.31
C GLY N 172 -23.67 -2.96 -38.17
N SER N 173 -24.60 -2.98 -39.09
CA SER N 173 -24.77 -1.82 -39.95
C SER N 173 -25.81 -0.89 -39.35
N PRO N 174 -25.51 0.39 -39.18
CA PRO N 174 -26.54 1.32 -38.75
C PRO N 174 -27.57 1.48 -39.83
N CYS N 175 -28.81 1.45 -39.40
CA CYS N 175 -29.95 1.74 -40.24
C CYS N 175 -29.80 3.11 -40.88
N THR N 176 -30.18 3.25 -42.16
CA THR N 176 -29.80 4.45 -42.91
C THR N 176 -30.90 5.51 -42.78
N ASN N 177 -30.62 6.51 -41.96
CA ASN N 177 -31.28 7.80 -41.96
C ASN N 177 -30.19 8.85 -41.87
N VAL N 178 -29.50 8.85 -40.74
CA VAL N 178 -28.36 9.74 -40.52
C VAL N 178 -27.11 9.08 -41.10
N ALA N 179 -26.39 9.83 -41.92
CA ALA N 179 -25.10 9.37 -42.42
C ALA N 179 -24.09 9.36 -41.28
N VAL N 180 -23.40 8.23 -41.12
CA VAL N 180 -22.48 8.11 -40.00
C VAL N 180 -21.29 9.03 -40.24
N ASN N 181 -21.06 9.91 -39.32
CA ASN N 181 -19.82 10.67 -39.32
C ASN N 181 -18.77 9.98 -38.47
N PRO N 182 -17.50 10.27 -38.70
CA PRO N 182 -16.46 9.77 -37.79
C PRO N 182 -16.71 10.30 -36.39
N GLY N 183 -16.65 9.40 -35.41
CA GLY N 183 -16.89 9.75 -34.03
C GLY N 183 -18.25 9.38 -33.50
N ASP N 184 -19.13 8.85 -34.35
CA ASP N 184 -20.45 8.47 -33.91
C ASP N 184 -20.40 7.20 -33.06
N CYS N 185 -21.47 6.98 -32.33
CA CYS N 185 -21.60 5.76 -31.55
C CYS N 185 -22.03 4.63 -32.48
N PRO N 186 -21.16 3.69 -32.76
CA PRO N 186 -21.54 2.59 -33.61
C PRO N 186 -22.56 1.72 -32.91
N PRO N 187 -23.62 1.34 -33.60
CA PRO N 187 -24.65 0.51 -32.98
C PRO N 187 -24.09 -0.85 -32.65
N LEU N 188 -24.83 -1.57 -31.82
CA LEU N 188 -24.39 -2.88 -31.34
C LEU N 188 -25.30 -3.97 -31.88
N GLU N 189 -24.74 -5.17 -31.96
CA GLU N 189 -25.49 -6.30 -32.47
C GLU N 189 -25.04 -7.55 -31.75
N LEU N 190 -25.99 -8.43 -31.47
CA LEU N 190 -25.73 -9.67 -30.77
C LEU N 190 -25.53 -10.78 -31.80
N ILE N 191 -24.41 -11.49 -31.68
CA ILE N 191 -23.97 -12.38 -32.75
C ILE N 191 -23.58 -13.73 -32.18
N ASN N 192 -24.27 -14.78 -32.62
CA ASN N 192 -23.82 -16.13 -32.37
C ASN N 192 -22.73 -16.53 -33.33
N THR N 193 -21.86 -17.43 -32.89
CA THR N 193 -20.87 -18.01 -33.79
C THR N 193 -20.36 -19.31 -33.21
N VAL N 194 -19.74 -20.11 -34.10
CA VAL N 194 -19.02 -21.28 -33.66
C VAL N 194 -17.80 -20.84 -32.85
N ILE N 195 -17.36 -21.70 -31.95
CA ILE N 195 -16.26 -21.39 -31.05
C ILE N 195 -15.00 -22.07 -31.54
N GLN N 196 -13.93 -21.30 -31.64
CA GLN N 196 -12.66 -21.81 -32.15
C GLN N 196 -11.60 -21.74 -31.08
N ASP N 197 -10.58 -22.57 -31.24
CA ASP N 197 -9.48 -22.59 -30.30
C ASP N 197 -8.75 -21.25 -30.32
N GLY N 198 -7.96 -21.02 -29.28
CA GLY N 198 -7.24 -19.77 -29.14
C GLY N 198 -8.09 -18.61 -28.72
N ASP N 199 -9.41 -18.75 -28.73
CA ASP N 199 -10.26 -17.66 -28.34
C ASP N 199 -10.19 -17.44 -26.83
N MET N 200 -10.62 -16.26 -26.42
CA MET N 200 -10.31 -15.76 -25.09
C MET N 200 -11.54 -15.72 -24.18
N VAL N 201 -11.31 -16.10 -22.92
CA VAL N 201 -12.32 -15.96 -21.87
C VAL N 201 -12.63 -14.49 -21.65
N ASP N 202 -13.80 -14.24 -21.09
CA ASP N 202 -14.05 -12.92 -20.54
C ASP N 202 -13.08 -12.62 -19.42
N THR N 203 -12.72 -11.35 -19.29
CA THR N 203 -12.07 -10.90 -18.09
C THR N 203 -13.06 -10.32 -17.12
N GLY N 204 -14.33 -10.35 -17.48
CA GLY N 204 -15.29 -9.45 -16.90
C GLY N 204 -15.53 -8.22 -17.72
N PHE N 205 -14.97 -8.14 -18.92
CA PHE N 205 -15.30 -7.06 -19.83
C PHE N 205 -16.29 -7.46 -20.91
N GLY N 206 -16.76 -8.70 -20.91
CA GLY N 206 -17.86 -9.03 -21.79
C GLY N 206 -17.45 -9.33 -23.20
N ALA N 207 -18.24 -10.17 -23.86
CA ALA N 207 -17.87 -10.71 -25.16
C ALA N 207 -18.18 -9.70 -26.24
N MET N 208 -17.16 -9.27 -26.96
CA MET N 208 -17.29 -8.30 -28.04
C MET N 208 -15.98 -8.30 -28.81
N ASP N 209 -15.94 -7.51 -29.87
CA ASP N 209 -14.70 -7.31 -30.61
C ASP N 209 -14.10 -5.98 -30.20
N PHE N 210 -13.00 -6.06 -29.48
CA PHE N 210 -12.24 -4.85 -29.21
C PHE N 210 -11.64 -4.29 -30.48
N THR N 211 -11.13 -5.16 -31.34
CA THR N 211 -10.47 -4.72 -32.55
C THR N 211 -11.34 -3.75 -33.33
N THR N 212 -12.59 -4.14 -33.57
CA THR N 212 -13.47 -3.24 -34.32
C THR N 212 -14.00 -2.12 -33.43
N LEU N 213 -14.51 -2.47 -32.25
CA LEU N 213 -15.21 -1.46 -31.48
C LEU N 213 -14.28 -0.60 -30.63
N GLN N 214 -13.06 -1.05 -30.36
CA GLN N 214 -12.11 -0.25 -29.59
C GLN N 214 -10.99 0.17 -30.52
N ALA N 215 -10.96 1.46 -30.86
CA ALA N 215 -9.91 1.95 -31.74
C ALA N 215 -8.61 2.16 -30.97
N ASN N 216 -8.70 2.61 -29.72
CA ASN N 216 -7.51 2.89 -28.95
C ASN N 216 -6.58 1.69 -28.95
N LYS N 217 -7.14 0.49 -28.83
CA LYS N 217 -6.35 -0.72 -28.84
C LYS N 217 -5.53 -0.82 -27.54
N SER N 218 -5.48 0.27 -26.78
CA SER N 218 -4.81 0.28 -25.49
C SER N 218 -5.73 0.16 -24.29
N GLU N 219 -7.04 -0.01 -24.50
CA GLU N 219 -7.96 0.07 -23.37
C GLU N 219 -7.98 -1.18 -22.51
N VAL N 220 -7.33 -2.26 -22.92
CA VAL N 220 -7.35 -3.51 -22.17
C VAL N 220 -5.97 -4.14 -22.24
N PRO N 221 -5.64 -5.03 -21.32
CA PRO N 221 -4.35 -5.71 -21.39
C PRO N 221 -4.24 -6.54 -22.64
N LEU N 222 -3.00 -6.84 -23.01
CA LEU N 222 -2.66 -7.29 -24.36
C LEU N 222 -3.54 -8.43 -24.81
N ASP N 223 -3.52 -9.53 -24.05
CA ASP N 223 -3.95 -10.82 -24.56
C ASP N 223 -5.28 -10.73 -25.29
N ILE N 224 -6.21 -9.94 -24.75
CA ILE N 224 -7.54 -9.87 -25.33
C ILE N 224 -7.67 -8.80 -26.38
N CYS N 225 -6.68 -7.92 -26.53
CA CYS N 225 -6.88 -6.78 -27.41
C CYS N 225 -7.12 -7.23 -28.84
N THR N 226 -6.45 -8.30 -29.25
CA THR N 226 -6.55 -8.72 -30.64
C THR N 226 -7.91 -9.29 -30.96
N SER N 227 -8.30 -10.33 -30.25
CA SER N 227 -9.39 -11.18 -30.71
C SER N 227 -10.69 -10.80 -30.04
N ILE N 228 -11.69 -11.64 -30.22
CA ILE N 228 -13.00 -11.44 -29.63
C ILE N 228 -13.16 -12.44 -28.51
N CYS N 229 -13.16 -11.95 -27.27
CA CYS N 229 -13.53 -12.82 -26.17
C CYS N 229 -14.98 -13.24 -26.35
N LYS N 230 -15.28 -14.49 -25.99
CA LYS N 230 -16.61 -15.00 -26.18
C LYS N 230 -17.07 -15.70 -24.91
N TYR N 231 -18.35 -16.01 -24.85
CA TYR N 231 -18.92 -16.63 -23.67
C TYR N 231 -20.05 -17.53 -24.11
N PRO N 232 -20.24 -18.66 -23.45
CA PRO N 232 -21.31 -19.57 -23.86
C PRO N 232 -22.68 -19.06 -23.44
N ASP N 233 -23.69 -19.28 -24.29
CA ASP N 233 -25.08 -18.99 -23.95
C ASP N 233 -25.82 -20.29 -23.68
N TYR N 234 -26.06 -20.55 -22.40
CA TYR N 234 -26.76 -21.77 -22.04
C TYR N 234 -28.11 -21.82 -22.72
N ILE N 235 -28.80 -20.69 -22.79
CA ILE N 235 -30.14 -20.67 -23.33
C ILE N 235 -30.14 -21.23 -24.74
N LYS N 236 -29.61 -20.46 -25.67
CA LYS N 236 -29.73 -20.81 -27.08
C LYS N 236 -29.22 -22.22 -27.31
N MET N 237 -28.11 -22.56 -26.69
CA MET N 237 -27.61 -23.91 -26.78
C MET N 237 -28.66 -24.88 -26.25
N VAL N 238 -28.92 -24.86 -24.95
CA VAL N 238 -29.87 -25.81 -24.40
C VAL N 238 -31.20 -25.72 -25.11
N SER N 239 -31.49 -24.58 -25.73
CA SER N 239 -32.71 -24.47 -26.50
C SER N 239 -32.75 -25.37 -27.73
N GLU N 240 -31.64 -26.03 -28.07
CA GLU N 240 -31.64 -26.86 -29.27
C GLU N 240 -32.72 -27.93 -29.16
N PRO N 241 -33.43 -28.22 -30.25
CA PRO N 241 -34.47 -29.24 -30.15
C PRO N 241 -33.93 -30.61 -29.83
N TYR N 242 -32.81 -30.98 -30.41
CA TYR N 242 -32.22 -32.26 -30.11
C TYR N 242 -31.29 -32.21 -28.91
N GLY N 243 -30.90 -31.02 -28.45
CA GLY N 243 -29.96 -30.94 -27.36
C GLY N 243 -28.56 -31.45 -27.68
N ASP N 244 -28.33 -31.90 -28.89
CA ASP N 244 -27.08 -32.55 -29.22
C ASP N 244 -25.92 -31.58 -29.35
N SER N 245 -26.16 -30.28 -29.25
CA SER N 245 -25.04 -29.37 -29.07
C SER N 245 -24.25 -29.85 -27.88
N LEU N 246 -24.82 -29.66 -26.70
CA LEU N 246 -24.23 -30.10 -25.45
C LEU N 246 -25.30 -30.81 -24.66
N PHE N 247 -24.94 -31.94 -24.06
CA PHE N 247 -25.87 -32.58 -23.16
C PHE N 247 -25.54 -32.37 -21.69
N PHE N 248 -24.53 -31.58 -21.36
CA PHE N 248 -24.05 -31.58 -19.99
C PHE N 248 -23.01 -30.49 -19.80
N TYR N 249 -22.77 -30.11 -18.55
CA TYR N 249 -21.83 -29.03 -18.27
C TYR N 249 -21.74 -28.82 -16.77
N LEU N 250 -20.73 -28.05 -16.36
CA LEU N 250 -20.58 -27.56 -14.99
C LEU N 250 -19.80 -26.25 -15.05
N ARG N 251 -20.01 -25.39 -14.05
CA ARG N 251 -19.28 -24.14 -14.00
C ARG N 251 -19.16 -23.63 -12.57
N ARG N 252 -18.04 -22.99 -12.29
CA ARG N 252 -17.87 -22.23 -11.06
C ARG N 252 -17.02 -21.02 -11.39
N GLU N 253 -17.40 -19.86 -10.89
CA GLU N 253 -16.55 -18.69 -11.06
C GLU N 253 -16.90 -17.65 -10.02
N GLN N 254 -15.98 -16.71 -9.83
CA GLN N 254 -16.15 -15.67 -8.82
C GLN N 254 -15.27 -14.49 -9.19
N MET N 255 -15.62 -13.32 -8.64
CA MET N 255 -14.85 -12.11 -8.88
C MET N 255 -15.15 -11.10 -7.79
N PHE N 256 -14.26 -10.14 -7.62
CA PHE N 256 -14.54 -9.01 -6.74
C PHE N 256 -13.68 -7.83 -7.17
N VAL N 257 -14.05 -6.68 -6.67
CA VAL N 257 -13.46 -5.42 -7.08
C VAL N 257 -12.11 -5.21 -6.40
N ARG N 258 -11.24 -4.43 -7.04
CA ARG N 258 -9.99 -4.01 -6.43
C ARG N 258 -9.78 -2.51 -6.51
N HIS N 259 -9.74 -1.94 -7.72
CA HIS N 259 -9.53 -0.51 -7.89
C HIS N 259 -10.56 0.10 -8.82
N LEU N 260 -10.57 1.44 -8.83
CA LEU N 260 -11.54 2.22 -9.56
C LEU N 260 -10.80 3.33 -10.31
N PHE N 261 -10.90 3.35 -11.64
CA PHE N 261 -10.10 4.26 -12.45
C PHE N 261 -10.98 5.08 -13.37
N ASN N 262 -10.35 5.96 -14.15
CA ASN N 262 -11.02 6.84 -15.09
C ASN N 262 -10.39 6.71 -16.47
N ARG N 263 -11.24 6.62 -17.48
CA ARG N 263 -10.78 6.85 -18.83
C ARG N 263 -10.29 8.28 -18.95
N ALA N 264 -9.45 8.51 -19.94
CA ALA N 264 -8.98 9.86 -20.24
C ALA N 264 -9.04 10.06 -21.75
N GLY N 265 -9.84 11.02 -22.18
CA GLY N 265 -9.96 11.28 -23.60
C GLY N 265 -11.15 12.16 -23.91
N ALA N 266 -11.44 12.26 -25.20
CA ALA N 266 -12.49 13.15 -25.67
C ALA N 266 -13.83 12.71 -25.11
N VAL N 267 -14.53 13.65 -24.49
CA VAL N 267 -15.83 13.36 -23.92
C VAL N 267 -16.82 13.12 -25.06
N GLY N 268 -17.47 11.96 -25.04
CA GLY N 268 -18.50 11.70 -26.02
C GLY N 268 -19.72 12.58 -25.80
N GLU N 269 -20.19 12.66 -24.57
CA GLU N 269 -21.33 13.49 -24.24
C GLU N 269 -21.17 14.02 -22.83
N ASN N 270 -21.69 15.21 -22.60
CA ASN N 270 -21.68 15.79 -21.26
C ASN N 270 -23.05 15.67 -20.63
N VAL N 271 -23.06 15.34 -19.35
CA VAL N 271 -24.32 15.18 -18.64
C VAL N 271 -25.09 16.50 -18.66
N PRO N 272 -26.41 16.49 -18.82
CA PRO N 272 -27.16 17.73 -18.71
C PRO N 272 -26.91 18.39 -17.36
N ASP N 273 -26.72 19.71 -17.40
CA ASP N 273 -26.32 20.45 -16.21
C ASP N 273 -27.27 20.21 -15.04
N ASP N 274 -28.57 20.19 -15.32
CA ASP N 274 -29.59 20.14 -14.28
C ASP N 274 -29.37 18.99 -13.32
N LEU N 275 -28.55 18.02 -13.70
CA LEU N 275 -28.18 16.94 -12.82
C LEU N 275 -27.05 17.32 -11.88
N TYR N 276 -26.59 18.55 -11.91
CA TYR N 276 -25.63 19.02 -10.92
C TYR N 276 -25.65 20.53 -10.92
N ILE N 277 -24.70 21.12 -10.22
CA ILE N 277 -24.60 22.57 -10.12
C ILE N 277 -23.23 23.00 -10.61
N LYS N 278 -23.19 24.17 -11.24
CA LYS N 278 -21.96 24.68 -11.81
C LYS N 278 -20.87 24.84 -10.75
N GLY N 279 -19.66 24.44 -11.10
CA GLY N 279 -18.51 24.62 -10.24
C GLY N 279 -17.84 25.94 -10.49
N SER N 280 -16.55 26.00 -10.15
CA SER N 280 -15.74 27.19 -10.33
C SER N 280 -14.34 26.89 -9.84
N GLY N 281 -13.39 27.71 -10.25
CA GLY N 281 -12.01 27.53 -9.83
C GLY N 281 -11.53 26.15 -10.20
N SER N 282 -11.07 25.42 -9.20
CA SER N 282 -10.77 24.01 -9.41
C SER N 282 -11.94 23.28 -10.03
N THR N 283 -13.15 23.71 -9.71
CA THR N 283 -14.35 23.07 -10.18
C THR N 283 -14.92 23.73 -11.43
N ALA N 284 -14.18 24.67 -12.01
CA ALA N 284 -14.64 25.25 -13.27
C ALA N 284 -14.98 24.18 -14.29
N ASN N 285 -14.17 23.15 -14.39
CA ASN N 285 -14.36 22.14 -15.42
C ASN N 285 -14.74 20.81 -14.79
N LEU N 286 -15.42 19.99 -15.59
CA LEU N 286 -15.81 18.67 -15.15
C LEU N 286 -14.77 17.66 -15.60
N ALA N 287 -14.30 16.85 -14.66
CA ALA N 287 -13.44 15.73 -15.00
C ALA N 287 -14.23 14.68 -15.76
N SER N 288 -13.51 13.77 -16.41
CA SER N 288 -14.16 12.75 -17.21
C SER N 288 -15.17 11.97 -16.39
N SER N 289 -16.24 11.56 -17.05
CA SER N 289 -17.31 10.84 -16.40
C SER N 289 -17.01 9.36 -16.19
N ASN N 290 -16.13 8.80 -16.98
CA ASN N 290 -16.04 7.36 -17.07
C ASN N 290 -15.49 6.74 -15.78
N TYR N 291 -15.77 5.46 -15.63
CA TYR N 291 -15.18 4.63 -14.60
C TYR N 291 -15.15 3.21 -15.12
N PHE N 292 -14.15 2.44 -14.71
CA PHE N 292 -14.24 1.01 -14.91
C PHE N 292 -13.53 0.30 -13.78
N PRO N 293 -14.03 -0.85 -13.37
CA PRO N 293 -13.41 -1.59 -12.28
C PRO N 293 -12.16 -2.33 -12.73
N THR N 294 -11.36 -2.73 -11.76
CA THR N 294 -10.27 -3.65 -12.00
C THR N 294 -10.63 -4.99 -11.37
N PRO N 295 -10.96 -5.99 -12.15
CA PRO N 295 -11.37 -7.26 -11.57
C PRO N 295 -10.22 -7.89 -10.80
N SER N 296 -10.56 -8.62 -9.74
CA SER N 296 -9.56 -9.22 -8.88
C SER N 296 -9.93 -10.66 -8.57
N GLY N 297 -9.07 -11.59 -8.98
CA GLY N 297 -9.25 -12.97 -8.59
C GLY N 297 -9.14 -13.14 -7.09
N SER N 298 -9.77 -14.19 -6.60
CA SER N 298 -9.79 -14.44 -5.17
C SER N 298 -8.92 -15.62 -4.81
N MET N 299 -8.95 -15.94 -3.53
CA MET N 299 -8.24 -17.10 -3.02
C MET N 299 -8.70 -18.36 -3.75
N VAL N 300 -7.76 -19.05 -4.34
CA VAL N 300 -8.02 -20.31 -5.00
C VAL N 300 -7.96 -21.41 -3.95
N THR N 301 -8.79 -22.43 -4.08
CA THR N 301 -8.71 -23.55 -3.17
C THR N 301 -8.60 -24.85 -3.93
N SER N 302 -8.00 -25.83 -3.26
CA SER N 302 -7.98 -27.17 -3.82
C SER N 302 -9.39 -27.71 -3.97
N ASP N 303 -10.32 -27.22 -3.15
CA ASP N 303 -11.66 -27.81 -3.15
C ASP N 303 -12.42 -27.49 -4.42
N ALA N 304 -12.55 -26.21 -4.75
CA ALA N 304 -13.39 -25.81 -5.87
C ALA N 304 -12.90 -26.37 -7.18
N GLN N 305 -11.73 -26.99 -7.20
CA GLN N 305 -11.31 -27.75 -8.36
C GLN N 305 -12.41 -28.73 -8.73
N ILE N 306 -12.84 -28.69 -9.98
CA ILE N 306 -13.88 -29.56 -10.47
C ILE N 306 -13.31 -30.75 -11.21
N PHE N 307 -12.01 -30.91 -11.20
CA PHE N 307 -11.37 -31.89 -12.06
C PHE N 307 -10.77 -33.02 -11.25
N ASN N 308 -10.09 -33.91 -11.96
CA ASN N 308 -9.43 -35.06 -11.36
C ASN N 308 -10.41 -35.87 -10.53
N LYS N 309 -11.68 -35.80 -10.89
CA LYS N 309 -12.69 -36.56 -10.23
C LYS N 309 -13.63 -37.11 -11.27
N PRO N 310 -14.07 -38.35 -11.13
CA PRO N 310 -14.90 -38.96 -12.16
C PRO N 310 -16.26 -38.28 -12.26
N TYR N 311 -16.92 -38.53 -13.38
CA TYR N 311 -18.29 -38.10 -13.59
C TYR N 311 -19.11 -39.27 -14.09
N TRP N 312 -20.41 -39.16 -13.87
CA TRP N 312 -21.33 -40.23 -14.21
C TRP N 312 -22.61 -39.65 -14.77
N LEU N 313 -22.92 -40.03 -15.99
CA LEU N 313 -24.08 -39.51 -16.69
C LEU N 313 -25.11 -40.61 -16.87
N GLN N 314 -26.36 -40.27 -16.65
CA GLN N 314 -27.42 -41.14 -17.10
C GLN N 314 -28.41 -40.31 -17.91
N ARG N 315 -29.04 -39.33 -17.29
CA ARG N 315 -30.02 -38.50 -17.97
C ARG N 315 -29.46 -37.09 -18.12
N ALA N 316 -29.67 -36.52 -19.29
CA ALA N 316 -29.27 -35.15 -19.57
C ALA N 316 -30.48 -34.38 -20.05
N GLN N 317 -30.36 -33.06 -20.01
CA GLN N 317 -31.50 -32.24 -20.38
C GLN N 317 -31.93 -32.50 -21.81
N GLY N 318 -31.01 -32.88 -22.67
CA GLY N 318 -31.34 -33.18 -24.05
C GLY N 318 -31.83 -34.60 -24.22
N HIS N 319 -32.40 -34.87 -25.38
CA HIS N 319 -32.93 -36.20 -25.58
C HIS N 319 -31.85 -37.20 -25.92
N ASN N 320 -30.75 -36.75 -26.51
CA ASN N 320 -29.61 -37.61 -26.59
C ASN N 320 -29.29 -38.12 -25.20
N ASN N 321 -29.06 -39.39 -25.10
CA ASN N 321 -28.41 -39.92 -23.91
C ASN N 321 -27.07 -40.42 -24.42
N GLY N 322 -26.04 -39.62 -24.23
CA GLY N 322 -24.69 -40.02 -24.58
C GLY N 322 -24.49 -40.60 -25.95
N ILE N 323 -25.35 -40.28 -26.90
CA ILE N 323 -25.13 -40.75 -28.26
C ILE N 323 -24.19 -39.78 -28.95
N CYS N 324 -23.14 -40.29 -29.54
CA CYS N 324 -22.27 -39.46 -30.34
C CYS N 324 -22.36 -39.93 -31.78
N TRP N 325 -23.05 -39.14 -32.59
CA TRP N 325 -23.24 -39.50 -33.98
C TRP N 325 -21.96 -39.29 -34.76
N GLY N 326 -21.85 -40.00 -35.88
CA GLY N 326 -20.72 -39.84 -36.75
C GLY N 326 -19.38 -40.08 -36.08
N ASN N 327 -19.34 -41.00 -35.12
CA ASN N 327 -18.08 -41.38 -34.49
C ASN N 327 -17.36 -40.17 -33.90
N GLN N 328 -18.09 -39.11 -33.62
CA GLN N 328 -17.48 -37.84 -33.31
C GLN N 328 -17.96 -37.35 -31.95
N LEU N 329 -17.07 -36.67 -31.23
CA LEU N 329 -17.36 -36.24 -29.88
C LEU N 329 -16.55 -34.99 -29.55
N PHE N 330 -17.13 -34.10 -28.77
CA PHE N 330 -16.52 -32.81 -28.47
C PHE N 330 -16.37 -32.60 -26.98
N VAL N 331 -15.22 -32.08 -26.58
CA VAL N 331 -14.99 -31.65 -25.22
C VAL N 331 -14.32 -30.29 -25.27
N THR N 332 -14.76 -29.39 -24.41
CA THR N 332 -14.17 -28.08 -24.34
C THR N 332 -14.07 -27.66 -22.89
N VAL N 333 -12.87 -27.28 -22.47
CA VAL N 333 -12.59 -27.07 -21.06
C VAL N 333 -11.62 -25.92 -20.93
N VAL N 334 -11.82 -25.10 -19.91
CA VAL N 334 -10.93 -23.97 -19.66
C VAL N 334 -10.73 -23.80 -18.17
N ASP N 335 -9.49 -23.59 -17.78
CA ASP N 335 -9.15 -23.37 -16.39
C ASP N 335 -8.38 -22.06 -16.26
N THR N 336 -8.59 -21.38 -15.13
CA THR N 336 -7.76 -20.26 -14.74
C THR N 336 -6.73 -20.60 -13.69
N THR N 337 -6.75 -21.82 -13.15
CA THR N 337 -6.00 -22.05 -11.94
C THR N 337 -4.52 -22.27 -12.18
N ARG N 338 -4.16 -22.75 -13.36
CA ARG N 338 -2.78 -23.15 -13.64
C ARG N 338 -1.98 -22.06 -14.32
N SER N 339 -2.52 -20.86 -14.37
CA SER N 339 -2.02 -19.78 -15.20
C SER N 339 -0.60 -19.36 -14.89
N THR N 340 0.01 -19.95 -13.88
CA THR N 340 1.34 -19.54 -13.45
C THR N 340 2.30 -19.43 -14.61
N ASN N 341 3.05 -18.33 -14.65
CA ASN N 341 4.03 -18.09 -15.69
C ASN N 341 5.42 -18.09 -15.08
N MET N 342 6.19 -19.11 -15.39
CA MET N 342 7.58 -19.14 -14.95
C MET N 342 8.41 -18.23 -15.84
N SER N 343 9.42 -17.62 -15.24
CA SER N 343 10.26 -16.66 -15.94
C SER N 343 11.71 -17.03 -15.69
N LEU N 344 12.49 -17.16 -16.75
CA LEU N 344 13.90 -17.49 -16.62
C LEU N 344 14.75 -16.46 -17.33
N CYS N 345 16.04 -16.48 -17.00
CA CYS N 345 17.00 -15.54 -17.54
C CYS N 345 18.16 -16.30 -18.14
N ALA N 346 18.64 -15.84 -19.29
CA ALA N 346 19.85 -16.36 -19.91
C ALA N 346 20.90 -15.27 -19.92
N ALA N 347 22.14 -15.66 -19.71
CA ALA N 347 23.25 -14.72 -19.62
C ALA N 347 24.02 -14.74 -20.94
N ILE N 348 24.18 -13.57 -21.55
CA ILE N 348 24.93 -13.54 -22.79
C ILE N 348 26.43 -13.52 -22.52
N SER N 349 26.86 -13.07 -21.36
CA SER N 349 28.27 -13.09 -20.99
C SER N 349 28.40 -13.69 -19.60
N THR N 350 29.10 -14.81 -19.51
CA THR N 350 29.20 -15.55 -18.25
C THR N 350 30.42 -15.14 -17.43
N SER N 351 31.26 -14.25 -17.93
CA SER N 351 32.53 -13.96 -17.28
C SER N 351 32.40 -12.91 -16.19
N GLU N 352 32.01 -11.70 -16.58
CA GLU N 352 32.08 -10.54 -15.68
C GLU N 352 31.38 -10.83 -14.35
N THR N 353 32.03 -10.40 -13.27
CA THR N 353 31.55 -10.65 -11.93
C THR N 353 30.78 -9.49 -11.34
N THR N 354 30.59 -8.40 -12.08
CA THR N 354 29.81 -7.28 -11.60
C THR N 354 28.43 -7.33 -12.22
N TYR N 355 27.40 -7.28 -11.37
CA TYR N 355 26.04 -7.42 -11.84
C TYR N 355 25.65 -6.23 -12.71
N LYS N 356 25.01 -6.52 -13.84
CA LYS N 356 24.56 -5.50 -14.76
C LYS N 356 23.24 -5.91 -15.38
N ASN N 357 22.35 -4.95 -15.56
CA ASN N 357 21.10 -5.23 -16.26
C ASN N 357 21.34 -5.62 -17.70
N THR N 358 22.53 -5.41 -18.22
CA THR N 358 22.78 -5.64 -19.62
C THR N 358 22.83 -7.12 -19.95
N ASN N 359 23.41 -7.92 -19.07
CA ASN N 359 23.84 -9.25 -19.48
C ASN N 359 22.70 -10.23 -19.64
N PHE N 360 21.49 -9.92 -19.21
CA PHE N 360 20.45 -10.92 -19.09
C PHE N 360 19.26 -10.57 -19.97
N LYS N 361 19.04 -11.37 -21.01
CA LYS N 361 17.76 -11.35 -21.70
C LYS N 361 16.71 -12.07 -20.86
N GLU N 362 15.45 -11.82 -21.19
CA GLU N 362 14.33 -12.41 -20.46
C GLU N 362 13.35 -13.04 -21.43
N TYR N 363 12.86 -14.23 -21.08
CA TYR N 363 11.86 -14.91 -21.87
C TYR N 363 10.75 -15.42 -20.96
N LEU N 364 9.61 -15.71 -21.56
CA LEU N 364 8.42 -16.12 -20.84
C LEU N 364 7.78 -17.29 -21.55
N ARG N 365 7.65 -18.41 -20.85
CA ARG N 365 6.96 -19.56 -21.39
C ARG N 365 5.98 -20.07 -20.34
N HIS N 366 4.97 -20.78 -20.81
CA HIS N 366 3.89 -21.18 -19.93
C HIS N 366 3.53 -22.63 -20.16
N GLY N 367 3.27 -23.33 -19.08
CA GLY N 367 3.07 -24.76 -19.15
C GLY N 367 1.61 -25.14 -19.32
N GLU N 368 1.39 -26.29 -19.94
CA GLU N 368 0.05 -26.77 -20.19
C GLU N 368 0.04 -28.28 -20.08
N GLU N 369 -0.95 -28.81 -19.38
CA GLU N 369 -1.02 -30.25 -19.13
C GLU N 369 -2.47 -30.71 -19.20
N TYR N 370 -2.77 -31.64 -20.10
CA TYR N 370 -4.10 -32.19 -20.19
C TYR N 370 -4.02 -33.71 -20.22
N ASP N 371 -5.14 -34.34 -19.90
CA ASP N 371 -5.32 -35.74 -20.24
C ASP N 371 -6.80 -36.03 -20.41
N LEU N 372 -7.09 -37.04 -21.21
CA LEU N 372 -8.46 -37.47 -21.45
C LEU N 372 -8.57 -38.96 -21.31
N GLN N 373 -9.60 -39.40 -20.61
CA GLN N 373 -9.93 -40.81 -20.50
C GLN N 373 -11.43 -40.92 -20.60
N PHE N 374 -11.93 -41.70 -21.55
CA PHE N 374 -13.36 -41.70 -21.84
C PHE N 374 -13.92 -43.10 -21.77
N ILE N 375 -14.89 -43.30 -20.88
CA ILE N 375 -15.71 -44.50 -20.91
C ILE N 375 -16.58 -44.51 -22.16
N PHE N 376 -16.99 -45.70 -22.59
CA PHE N 376 -17.97 -45.76 -23.66
C PHE N 376 -18.83 -46.99 -23.55
N GLN N 377 -20.06 -46.84 -24.05
CA GLN N 377 -21.02 -47.91 -24.11
C GLN N 377 -21.39 -48.13 -25.56
N LEU N 378 -21.96 -49.29 -25.82
CA LEU N 378 -22.12 -49.84 -27.15
C LEU N 378 -23.59 -50.11 -27.41
N CYS N 379 -24.06 -49.74 -28.60
CA CYS N 379 -25.48 -49.80 -28.83
C CYS N 379 -25.79 -50.09 -30.29
N LYS N 380 -26.99 -50.63 -30.50
CA LYS N 380 -27.49 -51.07 -31.80
C LYS N 380 -28.79 -50.33 -32.10
N ILE N 381 -29.20 -50.37 -33.36
CA ILE N 381 -30.38 -49.65 -33.82
C ILE N 381 -31.17 -50.54 -34.76
N THR N 382 -32.44 -50.74 -34.45
CA THR N 382 -33.34 -51.39 -35.38
C THR N 382 -33.73 -50.39 -36.48
N LEU N 383 -34.10 -50.93 -37.64
CA LEU N 383 -34.47 -50.09 -38.78
C LEU N 383 -35.86 -50.41 -39.28
N THR N 384 -36.69 -49.37 -39.36
CA THR N 384 -37.92 -49.40 -40.14
C THR N 384 -38.01 -48.07 -40.85
N ALA N 385 -39.12 -47.85 -41.54
CA ALA N 385 -39.31 -46.57 -42.21
C ALA N 385 -39.31 -45.42 -41.21
N ASP N 386 -40.21 -45.48 -40.23
CA ASP N 386 -40.33 -44.42 -39.23
C ASP N 386 -38.97 -44.09 -38.66
N VAL N 387 -38.23 -45.12 -38.30
CA VAL N 387 -36.84 -44.99 -37.97
C VAL N 387 -36.18 -44.14 -39.04
N MET N 388 -36.02 -44.74 -40.22
CA MET N 388 -35.26 -44.10 -41.28
C MET N 388 -35.71 -42.68 -41.48
N THR N 389 -37.01 -42.48 -41.60
CA THR N 389 -37.55 -41.14 -41.73
C THR N 389 -37.02 -40.23 -40.63
N TYR N 390 -37.26 -40.64 -39.39
CA TYR N 390 -37.00 -39.77 -38.26
C TYR N 390 -35.55 -39.32 -38.24
N ILE N 391 -34.63 -40.24 -38.50
CA ILE N 391 -33.23 -39.85 -38.58
C ILE N 391 -33.04 -38.89 -39.74
N HIS N 392 -33.44 -39.32 -40.93
CA HIS N 392 -33.15 -38.53 -42.12
C HIS N 392 -33.60 -37.10 -41.94
N SER N 393 -34.68 -36.91 -41.18
CA SER N 393 -35.05 -35.57 -40.78
C SER N 393 -33.94 -34.92 -39.99
N MET N 394 -33.48 -35.57 -38.92
CA MET N 394 -32.55 -34.92 -37.99
C MET N 394 -31.29 -34.44 -38.68
N ASN N 395 -30.42 -35.36 -39.06
CA ASN N 395 -29.30 -35.01 -39.92
C ASN N 395 -29.14 -36.11 -40.95
N SER N 396 -29.32 -35.78 -42.22
CA SER N 396 -29.26 -36.79 -43.25
C SER N 396 -27.83 -37.19 -43.58
N THR N 397 -26.86 -36.29 -43.36
CA THR N 397 -25.47 -36.64 -43.61
C THR N 397 -25.07 -37.88 -42.85
N ILE N 398 -25.72 -38.15 -41.73
CA ILE N 398 -25.43 -39.33 -40.95
C ILE N 398 -25.57 -40.59 -41.79
N LEU N 399 -26.61 -40.65 -42.61
CA LEU N 399 -26.87 -41.86 -43.37
C LEU N 399 -25.75 -42.19 -44.34
N GLU N 400 -24.97 -41.18 -44.75
CA GLU N 400 -23.89 -41.42 -45.69
C GLU N 400 -22.90 -42.43 -45.15
N ASP N 401 -22.34 -42.15 -43.99
CA ASP N 401 -21.24 -42.95 -43.48
C ASP N 401 -21.63 -44.37 -43.15
N TRP N 402 -22.90 -44.69 -43.16
CA TRP N 402 -23.29 -46.08 -43.02
C TRP N 402 -23.52 -46.66 -44.39
N ASN N 403 -24.09 -47.85 -44.41
CA ASN N 403 -24.80 -48.28 -45.60
C ASN N 403 -26.11 -47.52 -45.61
N PHE N 404 -27.02 -47.93 -46.47
CA PHE N 404 -28.10 -47.05 -46.89
C PHE N 404 -27.51 -45.80 -47.52
N GLY N 405 -26.70 -46.03 -48.56
CA GLY N 405 -26.56 -45.00 -49.55
C GLY N 405 -27.92 -44.51 -49.98
N LEU N 406 -28.91 -45.40 -49.97
CA LEU N 406 -30.27 -45.10 -50.41
C LEU N 406 -31.28 -45.69 -49.41
N GLN N 407 -32.53 -45.18 -49.49
CA GLN N 407 -33.47 -45.17 -48.37
C GLN N 407 -33.81 -46.53 -47.76
N PRO N 408 -34.46 -47.48 -48.44
CA PRO N 408 -34.59 -48.82 -47.87
C PRO N 408 -33.27 -49.55 -47.97
N PRO N 409 -33.21 -50.85 -47.71
CA PRO N 409 -31.93 -51.56 -47.83
C PRO N 409 -31.62 -52.12 -49.21
N PRO N 410 -31.57 -51.32 -50.30
CA PRO N 410 -30.63 -51.74 -51.36
C PRO N 410 -29.20 -51.46 -51.04
N GLY N 411 -28.88 -50.21 -50.75
CA GLY N 411 -27.52 -49.79 -50.55
C GLY N 411 -26.79 -49.43 -51.84
N GLY N 412 -25.77 -48.59 -51.68
CA GLY N 412 -24.72 -48.35 -52.67
C GLY N 412 -24.83 -47.09 -53.50
N THR N 413 -23.67 -46.49 -53.77
CA THR N 413 -23.56 -45.25 -54.55
C THR N 413 -22.69 -45.58 -55.74
N LEU N 414 -23.31 -45.65 -56.90
CA LEU N 414 -22.85 -46.51 -57.96
C LEU N 414 -22.19 -45.79 -59.15
N GLU N 415 -21.83 -44.52 -59.00
CA GLU N 415 -20.79 -44.05 -59.90
C GLU N 415 -19.44 -44.63 -59.48
N ASP N 416 -18.41 -44.38 -60.27
CA ASP N 416 -17.11 -44.96 -59.96
C ASP N 416 -16.50 -44.30 -58.73
N THR N 417 -15.70 -45.08 -57.99
CA THR N 417 -15.30 -44.66 -56.67
C THR N 417 -13.85 -44.18 -56.59
N TYR N 418 -12.89 -45.11 -56.62
CA TYR N 418 -11.54 -44.82 -56.18
C TYR N 418 -10.59 -44.56 -57.36
N ARG N 419 -9.67 -43.60 -57.17
CA ARG N 419 -8.60 -43.29 -58.10
C ARG N 419 -7.41 -42.73 -57.34
N PHE N 420 -6.20 -43.00 -57.85
CA PHE N 420 -4.97 -42.37 -57.37
C PHE N 420 -4.04 -42.15 -58.55
N VAL N 421 -3.57 -40.91 -58.75
CA VAL N 421 -2.58 -40.62 -59.80
C VAL N 421 -1.38 -39.93 -59.16
N THR N 422 -0.36 -40.72 -58.79
CA THR N 422 1.04 -40.40 -58.47
C THR N 422 1.64 -41.76 -58.18
N SER N 423 2.24 -41.93 -57.00
CA SER N 423 3.52 -42.53 -56.62
C SER N 423 4.60 -41.48 -56.63
N GLN N 424 5.73 -41.72 -57.29
CA GLN N 424 6.80 -40.77 -57.05
C GLN N 424 6.45 -39.43 -57.70
N ALA N 425 7.29 -38.43 -57.48
CA ALA N 425 6.84 -37.05 -57.66
C ALA N 425 7.45 -36.43 -58.93
N ILE N 426 6.63 -36.32 -59.96
CA ILE N 426 6.82 -35.42 -61.10
C ILE N 426 5.50 -34.74 -61.34
N ALA N 427 4.52 -35.54 -61.77
CA ALA N 427 3.27 -35.05 -62.32
C ALA N 427 2.55 -34.20 -61.29
N CYS N 428 1.74 -33.27 -61.80
CA CYS N 428 0.98 -32.43 -60.89
C CYS N 428 0.17 -33.31 -59.96
N GLN N 429 0.38 -33.08 -58.66
CA GLN N 429 0.22 -34.12 -57.65
C GLN N 429 -1.23 -34.55 -57.50
N LYS N 430 -1.37 -35.71 -56.83
CA LYS N 430 -2.70 -36.22 -56.47
C LYS N 430 -3.55 -35.14 -55.83
N HIS N 431 -2.90 -34.18 -55.18
CA HIS N 431 -3.58 -33.12 -54.44
C HIS N 431 -3.75 -31.85 -55.25
N THR N 432 -3.39 -31.86 -56.53
CA THR N 432 -3.82 -30.75 -57.39
C THR N 432 -5.33 -30.60 -57.43
N PRO N 433 -6.13 -31.66 -57.45
CA PRO N 433 -7.56 -31.48 -57.19
C PRO N 433 -7.80 -31.28 -55.71
N PRO N 434 -8.93 -30.69 -55.34
CA PRO N 434 -9.23 -30.52 -53.91
C PRO N 434 -9.63 -31.84 -53.27
N ALA N 435 -9.63 -31.84 -51.95
CA ALA N 435 -10.10 -32.99 -51.19
C ALA N 435 -11.63 -33.01 -51.24
N PRO N 436 -12.24 -34.01 -51.90
CA PRO N 436 -13.71 -34.02 -51.99
C PRO N 436 -14.40 -34.28 -50.65
N LYS N 437 -13.90 -35.23 -49.86
CA LYS N 437 -14.56 -35.60 -48.61
C LYS N 437 -14.27 -34.57 -47.54
N GLU N 438 -15.29 -34.26 -46.74
CA GLU N 438 -15.23 -33.09 -45.87
C GLU N 438 -15.88 -33.34 -44.52
N ASP N 439 -15.22 -32.86 -43.49
CA ASP N 439 -15.97 -32.26 -42.39
C ASP N 439 -16.18 -30.82 -42.86
N PRO N 440 -17.42 -30.42 -43.14
CA PRO N 440 -17.63 -29.07 -43.69
C PRO N 440 -17.10 -27.97 -42.79
N LEU N 441 -16.82 -28.29 -41.53
CA LEU N 441 -16.25 -27.34 -40.58
C LEU N 441 -14.76 -27.20 -40.71
N LYS N 442 -14.16 -27.87 -41.70
CA LYS N 442 -12.73 -27.80 -41.92
C LYS N 442 -12.25 -26.35 -41.98
N LYS N 443 -13.13 -25.42 -42.38
CA LYS N 443 -12.82 -24.02 -42.24
C LYS N 443 -12.42 -23.67 -40.81
N TYR N 444 -13.04 -24.32 -39.84
CA TYR N 444 -12.87 -23.96 -38.44
C TYR N 444 -11.72 -24.77 -37.85
N THR N 445 -10.63 -24.09 -37.54
CA THR N 445 -9.45 -24.74 -37.01
C THR N 445 -9.59 -24.95 -35.51
N PHE N 446 -9.02 -26.06 -35.03
CA PHE N 446 -8.85 -26.23 -33.59
C PHE N 446 -8.09 -27.53 -33.32
N TRP N 447 -7.61 -27.63 -32.09
CA TRP N 447 -6.71 -28.69 -31.64
C TRP N 447 -7.32 -30.07 -31.85
N GLU N 448 -6.45 -31.03 -32.14
CA GLU N 448 -6.90 -32.33 -32.58
C GLU N 448 -6.15 -33.43 -31.87
N VAL N 449 -6.84 -34.56 -31.69
CA VAL N 449 -6.24 -35.78 -31.16
C VAL N 449 -6.92 -36.95 -31.83
N ASN N 450 -6.15 -37.99 -32.10
CA ASN N 450 -6.70 -39.22 -32.65
C ASN N 450 -6.56 -40.34 -31.64
N LEU N 451 -7.67 -40.99 -31.35
CA LEU N 451 -7.65 -42.16 -30.48
C LEU N 451 -7.70 -43.48 -31.23
N LYS N 452 -7.83 -43.46 -32.56
CA LYS N 452 -8.41 -44.61 -33.26
C LYS N 452 -7.83 -45.94 -32.81
N GLU N 453 -6.56 -45.96 -32.42
CA GLU N 453 -5.88 -47.21 -32.16
C GLU N 453 -6.03 -47.72 -30.73
N LYS N 454 -6.48 -46.90 -29.80
CA LYS N 454 -6.10 -47.14 -28.43
C LYS N 454 -7.05 -48.02 -27.63
N PHE N 455 -8.15 -48.47 -28.22
CA PHE N 455 -9.17 -49.13 -27.40
C PHE N 455 -8.62 -50.37 -26.72
N SER N 456 -9.20 -50.70 -25.57
CA SER N 456 -8.93 -51.95 -24.89
C SER N 456 -10.25 -52.52 -24.39
N ALA N 457 -10.27 -53.84 -24.24
CA ALA N 457 -11.48 -54.55 -23.91
C ALA N 457 -11.61 -54.88 -22.43
N ASP N 458 -10.63 -54.53 -21.61
CA ASP N 458 -10.64 -54.93 -20.21
C ASP N 458 -10.43 -53.71 -19.34
N LEU N 459 -11.44 -53.36 -18.56
CA LEU N 459 -11.33 -52.20 -17.69
C LEU N 459 -10.23 -52.39 -16.67
N ASP N 460 -10.09 -53.60 -16.16
CA ASP N 460 -9.30 -53.86 -14.97
C ASP N 460 -7.91 -53.26 -15.08
N GLN N 461 -7.39 -53.17 -16.28
CA GLN N 461 -6.01 -52.73 -16.41
C GLN N 461 -5.86 -51.23 -16.32
N PHE N 462 -6.94 -50.49 -16.11
CA PHE N 462 -6.78 -49.04 -16.14
C PHE N 462 -7.11 -48.41 -14.79
N PRO N 463 -6.49 -47.26 -14.48
CA PRO N 463 -6.84 -46.61 -13.22
C PRO N 463 -8.29 -46.24 -13.14
N LEU N 464 -8.80 -45.58 -14.17
CA LEU N 464 -10.13 -45.02 -14.10
C LEU N 464 -11.18 -46.10 -13.97
N GLY N 465 -11.14 -47.06 -14.89
CA GLY N 465 -12.29 -47.92 -15.09
C GLY N 465 -12.71 -48.68 -13.85
N ARG N 466 -11.75 -49.21 -13.10
CA ARG N 466 -12.12 -50.08 -12.01
C ARG N 466 -13.10 -49.39 -11.08
N LYS N 467 -13.02 -48.07 -11.00
CA LYS N 467 -14.07 -47.35 -10.30
C LYS N 467 -15.41 -47.63 -10.96
N PHE N 468 -15.46 -47.58 -12.29
CA PHE N 468 -16.71 -47.91 -12.99
C PHE N 468 -17.23 -49.24 -12.51
N LEU N 469 -16.35 -50.21 -12.34
CA LEU N 469 -16.74 -51.43 -11.65
C LEU N 469 -17.27 -51.11 -10.27
N LEU N 470 -16.44 -50.44 -9.47
CA LEU N 470 -16.78 -50.23 -8.08
C LEU N 470 -18.15 -49.59 -7.93
N GLN N 471 -18.44 -48.61 -8.77
CA GLN N 471 -19.76 -47.99 -8.71
C GLN N 471 -20.85 -49.02 -8.92
N ALA N 472 -20.64 -49.95 -9.85
CA ALA N 472 -21.57 -51.04 -10.04
C ALA N 472 -21.13 -52.33 -9.37
N GLY N 473 -19.98 -52.33 -8.69
CA GLY N 473 -19.55 -53.56 -8.05
C GLY N 473 -19.15 -54.60 -9.07
N LEU N 474 -19.73 -55.79 -8.96
CA LEU N 474 -19.59 -56.89 -9.92
C LEU N 474 -18.14 -57.36 -10.13
N LYS N 475 -17.64 -58.21 -9.23
CA LYS N 475 -16.20 -58.36 -8.95
C LYS N 475 -15.54 -59.56 -9.62
N ALA N 476 -16.05 -60.76 -9.37
CA ALA N 476 -15.28 -62.02 -9.36
C ALA N 476 -14.56 -62.28 -10.68
N LYS N 477 -13.54 -63.15 -10.61
CA LYS N 477 -12.41 -63.13 -11.53
C LYS N 477 -11.60 -64.40 -11.33
N PRO N 478 -10.77 -64.76 -12.31
CA PRO N 478 -9.92 -65.96 -12.22
C PRO N 478 -8.76 -65.87 -11.25
N LYS N 479 -7.86 -66.85 -11.33
CA LYS N 479 -6.64 -66.88 -10.52
C LYS N 479 -5.42 -66.57 -11.38
#